data_2RMS
#
_entry.id   2RMS
#
loop_
_entity.id
_entity.type
_entity.pdbx_description
1 polymer 'Paired amphipathic helix protein Sin3a'
2 polymer 'MSin3A-binding protein'
#
loop_
_entity_poly.entity_id
_entity_poly.type
_entity_poly.pdbx_seq_one_letter_code
_entity_poly.pdbx_strand_id
1 'polypeptide(L)' QRLKVEDALSYLDQVKLQFGSQPQVYNDFLDIMKEFKSQSIDTPGVISRVSQLFKGHPDLIMGFNTFLPPG A
2 'polypeptide(L)' SSTWLSEAEMIALAGLLQMSQGEQTPNCVASSLPSTSCPDPVSVSEDPGPSGDQSCSGTDT B
#
# COMPACT_ATOMS: atom_id res chain seq x y z
N GLN A 1 3.96 -13.64 -1.86
CA GLN A 1 5.26 -14.32 -1.64
C GLN A 1 6.25 -13.38 -0.96
N ARG A 2 6.02 -12.07 -1.11
CA ARG A 2 6.89 -11.07 -0.53
C ARG A 2 6.13 -10.20 0.47
N LEU A 3 5.04 -9.59 -0.01
CA LEU A 3 4.21 -8.74 0.83
C LEU A 3 2.99 -9.48 1.35
N LYS A 4 2.28 -10.16 0.44
CA LYS A 4 1.08 -10.92 0.79
C LYS A 4 -0.03 -9.99 1.27
N VAL A 5 -1.23 -10.21 0.74
CA VAL A 5 -2.39 -9.39 1.12
C VAL A 5 -3.09 -9.96 2.35
N GLU A 6 -3.09 -11.29 2.48
CA GLU A 6 -3.72 -11.94 3.61
C GLU A 6 -3.14 -11.43 4.93
N ASP A 7 -1.83 -11.20 4.95
CA ASP A 7 -1.16 -10.71 6.14
C ASP A 7 -1.63 -9.30 6.47
N ALA A 8 -1.87 -8.52 5.42
CA ALA A 8 -2.35 -7.15 5.58
C ALA A 8 -3.71 -7.13 6.26
N LEU A 9 -4.59 -8.02 5.80
CA LEU A 9 -5.93 -8.13 6.39
C LEU A 9 -5.83 -8.50 7.86
N SER A 10 -4.96 -9.47 8.16
CA SER A 10 -4.76 -9.89 9.53
C SER A 10 -4.39 -8.68 10.38
N TYR A 11 -3.57 -7.81 9.81
CA TYR A 11 -3.13 -6.59 10.47
C TYR A 11 -4.33 -5.67 10.68
N LEU A 12 -5.25 -5.66 9.71
CA LEU A 12 -6.43 -4.82 9.80
C LEU A 12 -7.26 -5.22 11.00
N ASP A 13 -7.44 -6.53 11.19
CA ASP A 13 -8.21 -7.05 12.31
C ASP A 13 -7.52 -6.69 13.62
N GLN A 14 -6.19 -6.76 13.63
CA GLN A 14 -5.41 -6.44 14.81
C GLN A 14 -5.67 -5.00 15.25
N VAL A 15 -5.74 -4.09 14.27
CA VAL A 15 -5.99 -2.69 14.54
C VAL A 15 -7.40 -2.49 15.09
N LYS A 16 -8.36 -3.20 14.49
CA LYS A 16 -9.75 -3.11 14.93
C LYS A 16 -9.91 -3.67 16.33
N LEU A 17 -9.01 -4.58 16.71
CA LEU A 17 -9.04 -5.20 18.02
C LEU A 17 -8.58 -4.21 19.08
N GLN A 18 -7.35 -3.71 18.92
CA GLN A 18 -6.78 -2.76 19.86
C GLN A 18 -7.66 -1.52 20.02
N PHE A 19 -7.97 -0.89 18.89
CA PHE A 19 -8.80 0.31 18.89
C PHE A 19 -10.29 -0.05 18.83
N GLY A 20 -10.64 -1.18 19.44
CA GLY A 20 -12.03 -1.61 19.44
C GLY A 20 -12.95 -0.62 20.11
N SER A 21 -12.41 0.13 21.07
CA SER A 21 -13.19 1.13 21.79
C SER A 21 -13.14 2.48 21.09
N GLN A 22 -12.29 2.59 20.07
CA GLN A 22 -12.14 3.83 19.32
C GLN A 22 -12.13 3.54 17.82
N PRO A 23 -13.31 3.33 17.21
CA PRO A 23 -13.44 3.05 15.79
C PRO A 23 -13.13 4.27 14.92
N GLN A 24 -12.73 5.36 15.56
CA GLN A 24 -12.41 6.59 14.85
C GLN A 24 -11.14 6.43 14.02
N VAL A 25 -10.05 6.04 14.68
CA VAL A 25 -8.76 5.86 14.01
C VAL A 25 -8.89 4.90 12.83
N TYR A 26 -9.76 3.91 12.96
CA TYR A 26 -9.98 2.93 11.91
C TYR A 26 -10.55 3.60 10.65
N ASN A 27 -11.70 4.24 10.80
CA ASN A 27 -12.35 4.92 9.69
C ASN A 27 -11.42 5.93 9.02
N ASP A 28 -10.64 6.65 9.83
CA ASP A 28 -9.72 7.64 9.29
C ASP A 28 -8.61 6.99 8.48
N PHE A 29 -8.15 5.83 8.94
CA PHE A 29 -7.09 5.10 8.25
C PHE A 29 -7.54 4.65 6.86
N LEU A 30 -8.60 3.84 6.81
CA LEU A 30 -9.12 3.35 5.54
C LEU A 30 -9.54 4.50 4.62
N ASP A 31 -10.14 5.53 5.21
CA ASP A 31 -10.58 6.68 4.43
C ASP A 31 -9.40 7.28 3.68
N ILE A 32 -8.29 7.44 4.40
CA ILE A 32 -7.07 7.99 3.82
C ILE A 32 -6.62 7.12 2.65
N MET A 33 -6.57 5.82 2.87
CA MET A 33 -6.16 4.88 1.85
C MET A 33 -6.99 5.04 0.57
N LYS A 34 -8.28 5.30 0.73
CA LYS A 34 -9.17 5.49 -0.42
C LYS A 34 -8.84 6.80 -1.13
N GLU A 35 -8.51 7.83 -0.37
CA GLU A 35 -8.16 9.12 -0.96
C GLU A 35 -6.94 8.97 -1.85
N PHE A 36 -6.00 8.15 -1.41
CA PHE A 36 -4.78 7.88 -2.17
C PHE A 36 -5.09 6.89 -3.29
N LYS A 37 -6.03 6.00 -3.02
CA LYS A 37 -6.44 4.99 -3.99
C LYS A 37 -7.15 5.63 -5.17
N SER A 38 -7.77 6.79 -4.92
CA SER A 38 -8.48 7.51 -5.97
C SER A 38 -7.62 8.62 -6.55
N GLN A 39 -7.56 9.76 -5.85
CA GLN A 39 -6.78 10.91 -6.29
C GLN A 39 -6.87 12.04 -5.27
N SER A 40 -5.81 12.19 -4.47
CA SER A 40 -5.78 13.24 -3.46
C SER A 40 -4.37 13.44 -2.92
N ILE A 41 -3.85 12.44 -2.23
CA ILE A 41 -2.51 12.51 -1.67
C ILE A 41 -1.56 11.51 -2.32
N ASP A 42 -0.30 11.52 -1.89
CA ASP A 42 0.71 10.62 -2.44
C ASP A 42 1.15 9.61 -1.39
N THR A 43 2.15 8.80 -1.75
CA THR A 43 2.68 7.79 -0.84
C THR A 43 3.19 8.39 0.47
N PRO A 44 4.06 9.43 0.41
CA PRO A 44 4.59 10.07 1.62
C PRO A 44 3.47 10.65 2.48
N GLY A 45 2.38 11.03 1.84
CA GLY A 45 1.25 11.59 2.56
C GLY A 45 0.53 10.54 3.38
N VAL A 46 0.39 9.35 2.82
CA VAL A 46 -0.28 8.24 3.50
C VAL A 46 0.55 7.77 4.69
N ILE A 47 1.85 7.63 4.48
CA ILE A 47 2.75 7.18 5.53
C ILE A 47 2.78 8.16 6.70
N SER A 48 2.90 9.45 6.38
CA SER A 48 2.95 10.49 7.40
C SER A 48 1.63 10.60 8.16
N ARG A 49 0.55 10.80 7.43
CA ARG A 49 -0.77 10.93 8.04
C ARG A 49 -1.10 9.74 8.93
N VAL A 50 -0.90 8.53 8.42
CA VAL A 50 -1.19 7.33 9.20
C VAL A 50 -0.30 7.27 10.44
N SER A 51 0.96 7.66 10.29
CA SER A 51 1.90 7.66 11.41
C SER A 51 1.37 8.55 12.53
N GLN A 52 0.78 9.67 12.16
CA GLN A 52 0.22 10.62 13.13
C GLN A 52 -1.19 10.20 13.53
N LEU A 53 -1.80 9.36 12.71
CA LEU A 53 -3.16 8.89 12.95
C LEU A 53 -3.17 7.84 14.07
N PHE A 54 -2.01 7.23 14.30
CA PHE A 54 -1.88 6.21 15.34
C PHE A 54 -1.00 6.71 16.49
N LYS A 55 -0.98 8.03 16.66
CA LYS A 55 -0.18 8.64 17.73
C LYS A 55 -0.58 8.09 19.09
N GLY A 56 0.33 7.35 19.72
CA GLY A 56 0.05 6.78 21.02
C GLY A 56 0.39 5.30 21.10
N HIS A 57 0.24 4.61 19.97
CA HIS A 57 0.53 3.18 19.90
C HIS A 57 1.63 2.90 18.88
N PRO A 58 2.90 2.89 19.30
CA PRO A 58 4.04 2.63 18.41
C PRO A 58 4.08 1.19 17.93
N ASP A 59 3.21 0.35 18.48
CA ASP A 59 3.15 -1.06 18.10
C ASP A 59 2.62 -1.22 16.68
N LEU A 60 1.40 -0.75 16.46
CA LEU A 60 0.78 -0.85 15.15
C LEU A 60 1.64 -0.18 14.09
N ILE A 61 2.19 0.98 14.43
CA ILE A 61 3.05 1.72 13.52
C ILE A 61 4.29 0.91 13.15
N MET A 62 4.92 0.32 14.17
CA MET A 62 6.13 -0.48 13.95
C MET A 62 5.86 -1.62 12.98
N GLY A 63 4.71 -2.27 13.13
CA GLY A 63 4.35 -3.36 12.26
C GLY A 63 3.82 -2.89 10.92
N PHE A 64 3.38 -1.63 10.87
CA PHE A 64 2.84 -1.05 9.63
C PHE A 64 3.95 -0.72 8.64
N ASN A 65 5.05 -0.18 9.15
CA ASN A 65 6.18 0.19 8.30
C ASN A 65 6.81 -1.05 7.66
N THR A 66 6.56 -2.21 8.25
CA THR A 66 7.10 -3.46 7.74
C THR A 66 6.57 -3.75 6.34
N PHE A 67 5.32 -3.39 6.10
CA PHE A 67 4.69 -3.60 4.80
C PHE A 67 5.39 -2.78 3.72
N LEU A 68 5.58 -1.49 4.00
CA LEU A 68 6.23 -0.59 3.06
C LEU A 68 7.65 -1.06 2.75
N PRO A 69 8.17 -0.74 1.55
CA PRO A 69 9.52 -1.15 1.14
C PRO A 69 10.59 -0.56 2.06
N PRO A 70 11.42 -1.43 2.69
CA PRO A 70 12.48 -0.97 3.60
C PRO A 70 13.63 -0.30 2.85
N GLY A 71 14.73 -0.05 3.57
CA GLY A 71 15.88 0.59 2.96
C GLY A 71 15.99 2.05 3.32
N SER B 1 -19.06 -13.72 -7.75
CA SER B 1 -19.13 -15.12 -7.25
C SER B 1 -18.65 -15.19 -5.80
N SER B 2 -17.46 -14.64 -5.55
CA SER B 2 -16.89 -14.64 -4.20
C SER B 2 -17.11 -13.30 -3.50
N THR B 3 -17.94 -13.31 -2.47
CA THR B 3 -18.25 -12.10 -1.72
C THR B 3 -17.37 -11.99 -0.47
N TRP B 4 -16.68 -10.86 -0.34
CA TRP B 4 -15.80 -10.65 0.81
C TRP B 4 -16.39 -9.59 1.75
N LEU B 5 -15.56 -9.07 2.63
CA LEU B 5 -15.99 -8.06 3.59
C LEU B 5 -16.43 -6.78 2.88
N SER B 6 -16.70 -5.74 3.66
CA SER B 6 -17.13 -4.45 3.11
C SER B 6 -16.21 -4.01 1.98
N GLU B 7 -16.76 -3.20 1.07
CA GLU B 7 -15.98 -2.71 -0.07
C GLU B 7 -14.98 -1.64 0.37
N ALA B 8 -15.30 -0.96 1.47
CA ALA B 8 -14.43 0.08 2.00
C ALA B 8 -13.07 -0.48 2.39
N GLU B 9 -13.08 -1.57 3.17
CA GLU B 9 -11.84 -2.19 3.62
C GLU B 9 -11.10 -2.86 2.46
N MET B 10 -11.85 -3.32 1.48
CA MET B 10 -11.26 -3.97 0.32
C MET B 10 -10.49 -2.97 -0.54
N ILE B 11 -11.01 -1.75 -0.62
CA ILE B 11 -10.37 -0.71 -1.40
C ILE B 11 -9.14 -0.16 -0.69
N ALA B 12 -9.29 0.24 0.57
CA ALA B 12 -8.18 0.77 1.35
C ALA B 12 -7.03 -0.23 1.39
N LEU B 13 -7.35 -1.49 1.64
CA LEU B 13 -6.34 -2.53 1.70
C LEU B 13 -5.69 -2.71 0.34
N ALA B 14 -6.49 -2.76 -0.71
CA ALA B 14 -5.96 -2.91 -2.06
C ALA B 14 -4.83 -1.91 -2.29
N GLY B 15 -5.11 -0.65 -1.95
CA GLY B 15 -4.12 0.39 -2.09
C GLY B 15 -2.93 0.17 -1.18
N LEU B 16 -3.18 -0.42 -0.02
CA LEU B 16 -2.11 -0.69 0.94
C LEU B 16 -1.07 -1.63 0.34
N LEU B 17 -1.53 -2.79 -0.13
CA LEU B 17 -0.65 -3.79 -0.72
C LEU B 17 -0.11 -3.31 -2.06
N GLN B 18 -0.82 -2.37 -2.68
CA GLN B 18 -0.41 -1.84 -3.98
C GLN B 18 0.60 -0.70 -3.81
N MET B 19 0.55 -0.04 -2.66
CA MET B 19 1.46 1.06 -2.37
C MET B 19 2.81 0.53 -1.90
N SER B 20 2.77 -0.54 -1.11
CA SER B 20 3.99 -1.15 -0.58
C SER B 20 4.84 -1.73 -1.71
N GLN B 21 4.25 -1.80 -2.90
CA GLN B 21 4.95 -2.34 -4.06
C GLN B 21 4.89 -1.37 -5.24
N GLY B 22 4.04 -0.36 -5.11
CA GLY B 22 3.90 0.63 -6.18
C GLY B 22 4.99 1.66 -6.16
N GLU B 23 6.23 1.22 -6.32
CA GLU B 23 7.38 2.12 -6.32
C GLU B 23 8.48 1.61 -7.25
N GLN B 24 8.15 0.63 -8.08
CA GLN B 24 9.12 0.06 -9.01
C GLN B 24 8.47 -0.30 -10.34
N THR B 25 7.94 -1.50 -10.45
CA THR B 25 7.29 -1.96 -11.69
C THR B 25 5.78 -2.20 -11.53
N PRO B 26 5.29 -2.70 -10.36
CA PRO B 26 3.85 -2.95 -10.17
C PRO B 26 2.98 -1.76 -10.58
N ASN B 27 3.26 -0.60 -10.01
CA ASN B 27 2.50 0.61 -10.32
C ASN B 27 3.41 1.70 -10.87
N CYS B 28 4.45 2.04 -10.10
CA CYS B 28 5.39 3.08 -10.52
C CYS B 28 6.16 2.64 -11.75
N VAL B 29 6.89 3.58 -12.35
CA VAL B 29 7.68 3.29 -13.54
C VAL B 29 9.18 3.47 -13.27
N ALA B 30 9.90 2.36 -13.21
CA ALA B 30 11.34 2.39 -12.96
C ALA B 30 11.97 1.05 -13.29
N SER B 31 13.19 1.09 -13.84
CA SER B 31 13.92 -0.13 -14.20
C SER B 31 13.14 -0.94 -15.21
N SER B 32 13.51 -0.82 -16.48
CA SER B 32 12.84 -1.56 -17.56
C SER B 32 13.46 -2.94 -17.73
N LEU B 33 14.34 -3.30 -16.81
CA LEU B 33 15.02 -4.59 -16.85
C LEU B 33 14.10 -5.72 -16.38
N PRO B 34 13.45 -5.59 -15.19
CA PRO B 34 12.56 -6.62 -14.67
C PRO B 34 11.35 -6.87 -15.57
N SER B 35 10.40 -5.95 -15.55
CA SER B 35 9.19 -6.08 -16.37
C SER B 35 8.46 -4.75 -16.48
N THR B 36 8.64 -4.07 -17.60
CA THR B 36 8.01 -2.78 -17.82
C THR B 36 7.40 -2.70 -19.22
N SER B 37 8.16 -3.18 -20.20
CA SER B 37 7.71 -3.17 -21.59
C SER B 37 6.97 -4.46 -21.93
N CYS B 38 6.95 -5.40 -21.00
CA CYS B 38 6.27 -6.68 -21.21
C CYS B 38 5.37 -7.03 -20.03
N PRO B 39 4.18 -6.39 -19.96
CA PRO B 39 3.22 -6.65 -18.88
C PRO B 39 2.57 -8.02 -19.00
N ASP B 40 2.06 -8.33 -20.19
CA ASP B 40 1.42 -9.61 -20.45
C ASP B 40 1.23 -9.83 -21.95
N PRO B 41 2.34 -9.95 -22.70
CA PRO B 41 2.28 -10.17 -24.15
C PRO B 41 1.53 -11.43 -24.52
N VAL B 42 1.31 -11.63 -25.81
CA VAL B 42 0.59 -12.81 -26.31
C VAL B 42 1.55 -13.97 -26.53
N SER B 43 2.85 -13.65 -26.54
CA SER B 43 3.87 -14.66 -26.75
C SER B 43 3.67 -15.38 -28.08
N VAL B 44 4.24 -14.82 -29.15
CA VAL B 44 4.10 -15.39 -30.48
C VAL B 44 5.17 -14.85 -31.42
N SER B 45 5.67 -15.70 -32.29
CA SER B 45 6.69 -15.31 -33.25
C SER B 45 6.62 -16.16 -34.51
N GLU B 46 7.17 -15.64 -35.60
CA GLU B 46 7.17 -16.35 -36.87
C GLU B 46 7.93 -17.66 -36.75
N ASP B 47 7.44 -18.70 -37.43
CA ASP B 47 8.07 -20.02 -37.40
C ASP B 47 9.57 -19.92 -37.67
N PRO B 48 10.42 -20.08 -36.63
CA PRO B 48 11.86 -20.00 -36.77
C PRO B 48 12.50 -21.37 -37.00
N GLY B 49 12.43 -22.23 -35.99
CA GLY B 49 13.03 -23.56 -36.11
C GLY B 49 12.70 -24.44 -34.91
N PRO B 50 13.51 -25.48 -34.65
CA PRO B 50 13.29 -26.41 -33.54
C PRO B 50 13.02 -25.68 -32.22
N SER B 51 11.76 -25.67 -31.81
CA SER B 51 11.35 -25.02 -30.56
C SER B 51 9.94 -25.43 -30.17
N GLY B 52 9.49 -26.57 -30.70
CA GLY B 52 8.17 -27.06 -30.40
C GLY B 52 7.28 -27.15 -31.62
N ASP B 53 6.38 -28.12 -31.64
CA ASP B 53 5.46 -28.31 -32.76
C ASP B 53 4.19 -27.50 -32.56
N GLN B 54 4.27 -26.49 -31.70
CA GLN B 54 3.12 -25.63 -31.42
C GLN B 54 2.64 -24.91 -32.68
N SER B 55 3.40 -23.89 -33.09
CA SER B 55 3.06 -23.11 -34.28
C SER B 55 4.22 -22.25 -34.72
N CYS B 56 5.42 -22.61 -34.28
CA CYS B 56 6.63 -21.87 -34.62
C CYS B 56 7.83 -22.81 -34.75
N SER B 57 8.28 -23.03 -35.99
CA SER B 57 9.42 -23.90 -36.25
C SER B 57 9.73 -23.96 -37.74
N GLY B 58 10.23 -22.85 -38.28
CA GLY B 58 10.57 -22.80 -39.69
C GLY B 58 9.44 -23.25 -40.60
N THR B 59 9.58 -24.45 -41.16
CA THR B 59 8.58 -25.00 -42.05
C THR B 59 8.63 -26.53 -42.05
N ASP B 60 9.86 -27.07 -42.09
CA ASP B 60 10.05 -28.51 -42.10
C ASP B 60 11.44 -28.88 -41.58
N THR B 61 12.36 -27.92 -41.65
CA THR B 61 13.73 -28.13 -41.19
C THR B 61 14.05 -27.26 -39.98
N GLN A 1 9.53 -13.56 -0.64
CA GLN A 1 9.91 -12.84 -1.88
C GLN A 1 8.99 -11.64 -2.12
N ARG A 2 7.74 -11.93 -2.48
CA ARG A 2 6.75 -10.89 -2.73
C ARG A 2 5.85 -10.68 -1.51
N LEU A 3 5.15 -9.56 -1.49
CA LEU A 3 4.24 -9.24 -0.38
C LEU A 3 3.01 -10.14 -0.40
N LYS A 4 2.23 -10.10 0.67
CA LYS A 4 1.02 -10.89 0.78
C LYS A 4 -0.14 -10.05 1.31
N VAL A 5 -1.28 -10.12 0.62
CA VAL A 5 -2.45 -9.37 1.01
C VAL A 5 -3.06 -9.96 2.29
N GLU A 6 -2.80 -11.24 2.51
CA GLU A 6 -3.31 -11.93 3.69
C GLU A 6 -2.80 -11.27 4.96
N ASP A 7 -1.53 -10.92 4.98
CA ASP A 7 -0.92 -10.27 6.14
C ASP A 7 -1.53 -8.89 6.34
N ALA A 8 -1.91 -8.26 5.22
CA ALA A 8 -2.53 -6.94 5.27
C ALA A 8 -3.84 -6.98 6.03
N LEU A 9 -4.72 -7.87 5.63
CA LEU A 9 -6.02 -8.01 6.28
C LEU A 9 -5.82 -8.37 7.75
N SER A 10 -4.85 -9.23 8.03
CA SER A 10 -4.55 -9.62 9.40
C SER A 10 -4.24 -8.38 10.23
N TYR A 11 -3.50 -7.47 9.62
CA TYR A 11 -3.14 -6.22 10.27
C TYR A 11 -4.40 -5.37 10.50
N LEU A 12 -5.31 -5.43 9.55
CA LEU A 12 -6.56 -4.68 9.65
C LEU A 12 -7.35 -5.12 10.88
N ASP A 13 -7.43 -6.44 11.07
CA ASP A 13 -8.14 -7.00 12.20
C ASP A 13 -7.45 -6.62 13.51
N GLN A 14 -6.12 -6.65 13.51
CA GLN A 14 -5.35 -6.32 14.70
C GLN A 14 -5.68 -4.91 15.19
N VAL A 15 -5.70 -3.96 14.26
CA VAL A 15 -6.02 -2.57 14.59
C VAL A 15 -7.45 -2.45 15.13
N LYS A 16 -8.39 -3.08 14.43
CA LYS A 16 -9.79 -3.04 14.84
C LYS A 16 -10.01 -3.88 16.09
N LEU A 17 -9.02 -4.69 16.44
CA LEU A 17 -9.10 -5.54 17.62
C LEU A 17 -8.77 -4.78 18.89
N GLN A 18 -7.53 -4.30 18.98
CA GLN A 18 -7.06 -3.56 20.15
C GLN A 18 -8.02 -2.41 20.50
N PHE A 19 -8.25 -1.51 19.56
CA PHE A 19 -9.15 -0.38 19.79
C PHE A 19 -10.54 -0.87 20.16
N GLY A 20 -11.23 -1.49 19.19
CA GLY A 20 -12.56 -1.99 19.44
C GLY A 20 -13.56 -0.89 19.73
N SER A 21 -13.65 -0.48 21.00
CA SER A 21 -14.57 0.57 21.42
C SER A 21 -14.23 1.90 20.75
N GLN A 22 -13.05 1.96 20.11
CA GLN A 22 -12.61 3.17 19.43
C GLN A 22 -12.42 2.93 17.94
N PRO A 23 -13.53 2.88 17.17
CA PRO A 23 -13.48 2.65 15.73
C PRO A 23 -13.17 3.93 14.95
N GLN A 24 -12.95 5.02 15.68
CA GLN A 24 -12.64 6.30 15.06
C GLN A 24 -11.33 6.23 14.27
N VAL A 25 -10.24 5.91 14.96
CA VAL A 25 -8.93 5.80 14.33
C VAL A 25 -8.99 4.85 13.15
N TYR A 26 -9.79 3.79 13.28
CA TYR A 26 -9.93 2.81 12.21
C TYR A 26 -10.42 3.45 10.93
N ASN A 27 -11.55 4.16 11.02
CA ASN A 27 -12.13 4.83 9.87
C ASN A 27 -11.15 5.81 9.24
N ASP A 28 -10.40 6.52 10.08
CA ASP A 28 -9.43 7.49 9.60
C ASP A 28 -8.34 6.81 8.77
N PHE A 29 -7.90 5.64 9.21
CA PHE A 29 -6.87 4.89 8.51
C PHE A 29 -7.34 4.46 7.13
N LEU A 30 -8.42 3.68 7.09
CA LEU A 30 -8.97 3.19 5.83
C LEU A 30 -9.39 4.34 4.92
N ASP A 31 -9.88 5.42 5.52
CA ASP A 31 -10.30 6.59 4.75
C ASP A 31 -9.11 7.14 3.98
N ILE A 32 -7.99 7.30 4.67
CA ILE A 32 -6.76 7.79 4.06
C ILE A 32 -6.38 6.92 2.87
N MET A 33 -6.35 5.61 3.11
CA MET A 33 -6.00 4.65 2.07
C MET A 33 -6.85 4.86 0.82
N LYS A 34 -8.15 5.06 1.03
CA LYS A 34 -9.07 5.28 -0.07
C LYS A 34 -8.74 6.55 -0.81
N GLU A 35 -8.29 7.57 -0.08
CA GLU A 35 -7.92 8.84 -0.68
C GLU A 35 -6.73 8.65 -1.63
N PHE A 36 -5.78 7.82 -1.23
CA PHE A 36 -4.60 7.54 -2.03
C PHE A 36 -4.93 6.56 -3.15
N LYS A 37 -5.86 5.65 -2.85
CA LYS A 37 -6.28 4.64 -3.82
C LYS A 37 -6.97 5.31 -5.00
N SER A 38 -7.83 6.28 -4.71
CA SER A 38 -8.56 7.00 -5.76
C SER A 38 -7.66 8.06 -6.40
N GLN A 39 -7.59 9.22 -5.77
CA GLN A 39 -6.77 10.32 -6.28
C GLN A 39 -6.82 11.52 -5.32
N SER A 40 -5.82 11.61 -4.45
CA SER A 40 -5.74 12.70 -3.49
C SER A 40 -4.31 12.98 -3.09
N ILE A 41 -3.77 12.17 -2.18
CA ILE A 41 -2.39 12.35 -1.72
C ILE A 41 -1.47 11.32 -2.35
N ASP A 42 -0.19 11.36 -1.98
CA ASP A 42 0.81 10.44 -2.50
C ASP A 42 1.32 9.51 -1.42
N THR A 43 2.25 8.63 -1.78
CA THR A 43 2.83 7.68 -0.83
C THR A 43 3.39 8.37 0.41
N PRO A 44 4.23 9.41 0.24
CA PRO A 44 4.82 10.14 1.38
C PRO A 44 3.74 10.68 2.32
N GLY A 45 2.67 11.19 1.72
CA GLY A 45 1.58 11.74 2.51
C GLY A 45 0.83 10.68 3.30
N VAL A 46 0.72 9.49 2.73
CA VAL A 46 0.03 8.39 3.39
C VAL A 46 0.83 7.90 4.58
N ILE A 47 2.13 7.73 4.40
CA ILE A 47 3.01 7.25 5.46
C ILE A 47 3.06 8.24 6.62
N SER A 48 3.19 9.52 6.31
CA SER A 48 3.26 10.55 7.33
C SER A 48 1.94 10.68 8.10
N ARG A 49 0.85 10.92 7.36
CA ARG A 49 -0.46 11.08 7.97
C ARG A 49 -0.84 9.86 8.81
N VAL A 50 -0.58 8.68 8.29
CA VAL A 50 -0.89 7.44 9.00
C VAL A 50 -0.01 7.28 10.23
N SER A 51 1.24 7.74 10.12
CA SER A 51 2.19 7.65 11.22
C SER A 51 1.73 8.48 12.41
N GLN A 52 1.21 9.67 12.12
CA GLN A 52 0.72 10.56 13.18
C GLN A 52 -0.71 10.21 13.58
N LEU A 53 -1.39 9.49 12.70
CA LEU A 53 -2.78 9.09 12.96
C LEU A 53 -2.87 8.18 14.17
N PHE A 54 -1.90 7.28 14.30
CA PHE A 54 -1.87 6.34 15.42
C PHE A 54 -1.12 6.93 16.61
N LYS A 55 -1.17 8.25 16.75
CA LYS A 55 -0.49 8.92 17.85
C LYS A 55 -0.96 8.36 19.20
N GLY A 56 -0.15 7.47 19.77
CA GLY A 56 -0.49 6.87 21.04
C GLY A 56 0.01 5.45 21.17
N HIS A 57 0.03 4.74 20.03
CA HIS A 57 0.51 3.36 20.00
C HIS A 57 1.48 3.15 18.84
N PRO A 58 2.79 3.38 19.08
CA PRO A 58 3.82 3.21 18.05
C PRO A 58 3.90 1.79 17.51
N ASP A 59 3.15 0.88 18.14
CA ASP A 59 3.14 -0.53 17.73
C ASP A 59 2.55 -0.68 16.33
N LEU A 60 1.34 -0.19 16.14
CA LEU A 60 0.67 -0.27 14.85
C LEU A 60 1.50 0.42 13.77
N ILE A 61 2.11 1.55 14.15
CA ILE A 61 2.93 2.32 13.23
C ILE A 61 4.13 1.49 12.76
N MET A 62 4.79 0.82 13.71
CA MET A 62 5.95 0.00 13.40
C MET A 62 5.56 -1.15 12.48
N GLY A 63 4.34 -1.67 12.67
CA GLY A 63 3.86 -2.75 11.84
C GLY A 63 3.57 -2.32 10.42
N PHE A 64 2.98 -1.14 10.27
CA PHE A 64 2.64 -0.61 8.95
C PHE A 64 3.90 -0.30 8.15
N ASN A 65 4.90 0.26 8.82
CA ASN A 65 6.16 0.60 8.17
C ASN A 65 6.88 -0.66 7.68
N THR A 66 6.49 -1.80 8.22
CA THR A 66 7.09 -3.07 7.84
C THR A 66 6.61 -3.51 6.46
N PHE A 67 5.32 -3.32 6.21
CA PHE A 67 4.73 -3.69 4.94
C PHE A 67 5.39 -2.93 3.80
N LEU A 68 5.66 -1.65 4.03
CA LEU A 68 6.30 -0.81 3.03
C LEU A 68 7.68 -1.37 2.64
N PRO A 69 8.09 -1.21 1.38
CA PRO A 69 9.39 -1.72 0.91
C PRO A 69 10.55 -1.09 1.67
N PRO A 70 11.32 -1.91 2.42
CA PRO A 70 12.46 -1.42 3.19
C PRO A 70 13.56 -0.82 2.32
N GLY A 71 14.14 0.28 2.78
CA GLY A 71 15.19 0.94 2.04
C GLY A 71 16.54 0.84 2.72
N SER B 1 -12.25 -14.99 2.55
CA SER B 1 -12.16 -13.62 1.98
C SER B 1 -13.14 -12.68 2.69
N SER B 2 -13.84 -13.21 3.69
CA SER B 2 -14.82 -12.43 4.44
C SER B 2 -15.91 -11.88 3.54
N THR B 3 -16.78 -11.03 4.10
CA THR B 3 -17.86 -10.43 3.35
C THR B 3 -18.54 -9.31 4.13
N TRP B 4 -18.46 -9.41 5.46
CA TRP B 4 -19.06 -8.40 6.33
C TRP B 4 -18.41 -7.04 6.13
N LEU B 5 -17.12 -7.05 5.79
CA LEU B 5 -16.38 -5.82 5.57
C LEU B 5 -16.94 -5.05 4.38
N SER B 6 -17.12 -3.74 4.55
CA SER B 6 -17.66 -2.90 3.49
C SER B 6 -16.64 -2.71 2.36
N GLU B 7 -16.99 -1.88 1.39
CA GLU B 7 -16.11 -1.63 0.26
C GLU B 7 -14.87 -0.84 0.68
N ALA B 8 -15.06 0.12 1.59
CA ALA B 8 -13.96 0.95 2.07
C ALA B 8 -12.81 0.09 2.60
N GLU B 9 -13.13 -1.13 3.02
CA GLU B 9 -12.13 -2.04 3.56
C GLU B 9 -11.28 -2.65 2.44
N MET B 10 -11.94 -3.31 1.49
CA MET B 10 -11.23 -3.93 0.37
C MET B 10 -10.48 -2.90 -0.45
N ILE B 11 -11.00 -1.67 -0.46
CA ILE B 11 -10.37 -0.59 -1.21
C ILE B 11 -9.13 -0.08 -0.50
N ALA B 12 -9.29 0.24 0.78
CA ALA B 12 -8.17 0.74 1.58
C ALA B 12 -7.02 -0.26 1.54
N LEU B 13 -7.34 -1.52 1.79
CA LEU B 13 -6.33 -2.57 1.78
C LEU B 13 -5.71 -2.67 0.39
N ALA B 14 -6.55 -2.59 -0.63
CA ALA B 14 -6.07 -2.63 -2.01
C ALA B 14 -4.92 -1.65 -2.18
N GLY B 15 -5.11 -0.44 -1.65
CA GLY B 15 -4.08 0.57 -1.72
C GLY B 15 -2.88 0.20 -0.86
N LEU B 16 -3.14 -0.54 0.21
CA LEU B 16 -2.07 -0.96 1.12
C LEU B 16 -1.05 -1.85 0.41
N LEU B 17 -1.50 -2.95 -0.18
CA LEU B 17 -0.58 -3.85 -0.87
C LEU B 17 -0.22 -3.31 -2.26
N GLN B 18 -0.99 -2.32 -2.73
CA GLN B 18 -0.71 -1.72 -4.03
C GLN B 18 0.38 -0.65 -3.88
N MET B 19 0.48 -0.08 -2.68
CA MET B 19 1.48 0.94 -2.39
C MET B 19 2.79 0.29 -1.97
N SER B 20 2.70 -0.75 -1.15
CA SER B 20 3.88 -1.46 -0.68
C SER B 20 4.27 -2.58 -1.64
N GLN B 21 5.03 -2.24 -2.67
CA GLN B 21 5.48 -3.21 -3.65
C GLN B 21 6.95 -3.05 -3.94
N GLY B 22 7.29 -1.95 -4.61
CA GLY B 22 8.68 -1.68 -4.95
C GLY B 22 8.99 -0.20 -5.01
N GLU B 23 9.17 0.42 -3.86
CA GLU B 23 9.47 1.84 -3.80
C GLU B 23 10.96 2.10 -3.99
N GLN B 24 11.31 2.59 -5.18
CA GLN B 24 12.71 2.89 -5.50
C GLN B 24 13.58 1.65 -5.38
N THR B 25 12.95 0.47 -5.41
CA THR B 25 13.68 -0.79 -5.29
C THR B 25 13.23 -1.77 -6.37
N PRO B 26 14.18 -2.53 -6.96
CA PRO B 26 13.86 -3.51 -8.01
C PRO B 26 12.82 -4.53 -7.54
N ASN B 27 11.57 -4.28 -7.86
CA ASN B 27 10.48 -5.18 -7.48
C ASN B 27 9.25 -4.93 -8.35
N CYS B 28 8.70 -3.71 -8.27
CA CYS B 28 7.52 -3.34 -9.04
C CYS B 28 7.93 -2.70 -10.36
N VAL B 29 8.23 -1.40 -10.32
CA VAL B 29 8.62 -0.67 -11.52
C VAL B 29 9.00 0.76 -11.16
N ALA B 30 8.48 1.25 -10.04
CA ALA B 30 8.75 2.60 -9.59
C ALA B 30 10.24 2.80 -9.32
N SER B 31 10.89 3.58 -10.17
CA SER B 31 12.31 3.85 -10.03
C SER B 31 12.66 5.21 -10.66
N SER B 32 13.88 5.68 -10.39
CA SER B 32 14.33 6.96 -10.92
C SER B 32 15.85 6.98 -11.06
N LEU B 33 16.53 6.17 -10.25
CA LEU B 33 17.98 6.09 -10.28
C LEU B 33 18.48 5.34 -11.52
N PRO B 34 17.94 4.13 -11.80
CA PRO B 34 18.36 3.35 -12.96
C PRO B 34 17.77 3.88 -14.26
N SER B 35 17.09 5.02 -14.18
CA SER B 35 16.47 5.65 -15.34
C SER B 35 15.37 4.77 -15.91
N THR B 36 14.13 5.25 -15.83
CA THR B 36 12.99 4.52 -16.35
C THR B 36 13.14 4.23 -17.84
N SER B 37 12.62 3.09 -18.29
CA SER B 37 12.71 2.70 -19.69
C SER B 37 11.33 2.45 -20.28
N CYS B 38 11.28 2.28 -21.60
CA CYS B 38 10.02 2.02 -22.29
C CYS B 38 10.19 0.96 -23.36
N PRO B 39 10.18 -0.34 -22.97
CA PRO B 39 10.33 -1.45 -23.90
C PRO B 39 9.01 -1.88 -24.52
N ASP B 40 7.92 -1.36 -23.98
CA ASP B 40 6.59 -1.70 -24.48
C ASP B 40 6.10 -0.72 -25.55
N PRO B 41 6.21 0.61 -25.31
CA PRO B 41 5.78 1.63 -26.28
C PRO B 41 6.74 1.77 -27.46
N VAL B 42 7.52 0.73 -27.72
CA VAL B 42 8.48 0.75 -28.83
C VAL B 42 7.76 0.66 -30.18
N SER B 43 7.15 -0.49 -30.43
CA SER B 43 6.42 -0.71 -31.69
C SER B 43 5.31 -1.73 -31.50
N VAL B 44 5.02 -2.06 -30.24
CA VAL B 44 3.98 -3.03 -29.93
C VAL B 44 2.60 -2.49 -30.27
N SER B 45 2.12 -1.53 -29.48
CA SER B 45 0.82 -0.93 -29.69
C SER B 45 0.90 0.59 -29.67
N GLU B 46 1.80 1.11 -28.84
CA GLU B 46 1.98 2.56 -28.71
C GLU B 46 0.69 3.25 -28.26
N ASP B 47 0.61 3.54 -26.96
CA ASP B 47 -0.56 4.22 -26.40
C ASP B 47 -1.84 3.42 -26.67
N PRO B 48 -2.27 2.57 -25.72
CA PRO B 48 -3.48 1.75 -25.88
C PRO B 48 -4.73 2.61 -25.96
N GLY B 49 -4.68 3.78 -25.35
CA GLY B 49 -5.83 4.68 -25.36
C GLY B 49 -5.62 5.88 -24.45
N PRO B 50 -5.74 5.69 -23.13
CA PRO B 50 -5.57 6.77 -22.15
C PRO B 50 -4.09 7.06 -21.88
N SER B 51 -3.83 7.88 -20.86
CA SER B 51 -2.46 8.23 -20.49
C SER B 51 -1.95 7.31 -19.39
N GLY B 52 -0.67 6.94 -19.48
CA GLY B 52 -0.08 6.07 -18.49
C GLY B 52 0.95 5.12 -19.10
N ASP B 53 2.19 5.57 -19.17
CA ASP B 53 3.27 4.75 -19.73
C ASP B 53 3.61 3.59 -18.80
N GLN B 54 3.24 2.39 -19.22
CA GLN B 54 3.50 1.19 -18.43
C GLN B 54 3.46 -0.07 -19.30
N SER B 55 2.28 -0.36 -19.84
CA SER B 55 2.11 -1.53 -20.70
C SER B 55 1.02 -1.27 -21.75
N CYS B 56 0.87 -2.21 -22.67
CA CYS B 56 -0.13 -2.10 -23.72
C CYS B 56 -1.41 -2.82 -23.33
N SER B 57 -2.55 -2.20 -23.64
CA SER B 57 -3.84 -2.79 -23.31
C SER B 57 -4.81 -2.69 -24.50
N GLY B 58 -4.29 -2.24 -25.64
CA GLY B 58 -5.12 -2.10 -26.82
C GLY B 58 -5.00 -3.30 -27.75
N THR B 59 -5.78 -4.35 -27.47
CA THR B 59 -5.76 -5.55 -28.29
C THR B 59 -6.99 -5.64 -29.17
N ASP B 60 -7.89 -4.66 -29.01
CA ASP B 60 -9.12 -4.62 -29.80
C ASP B 60 -9.11 -3.44 -30.77
N THR B 61 -8.77 -2.26 -30.24
CA THR B 61 -8.73 -1.06 -31.05
C THR B 61 -7.75 -0.03 -30.48
N GLN A 1 8.01 -11.10 -2.12
CA GLN A 1 7.38 -12.34 -2.62
C GLN A 1 6.58 -13.03 -1.52
N ARG A 2 7.20 -13.16 -0.34
CA ARG A 2 6.55 -13.80 0.79
C ARG A 2 5.45 -12.91 1.36
N LEU A 3 5.48 -11.63 1.00
CA LEU A 3 4.48 -10.69 1.48
C LEU A 3 3.11 -11.02 0.91
N LYS A 4 2.26 -11.63 1.73
CA LYS A 4 0.92 -12.00 1.31
C LYS A 4 -0.11 -10.97 1.80
N VAL A 5 -1.07 -10.64 0.94
CA VAL A 5 -2.10 -9.68 1.30
C VAL A 5 -2.85 -10.13 2.55
N GLU A 6 -2.88 -11.44 2.77
CA GLU A 6 -3.54 -12.01 3.94
C GLU A 6 -2.95 -11.44 5.22
N ASP A 7 -1.65 -11.14 5.19
CA ASP A 7 -0.97 -10.58 6.35
C ASP A 7 -1.48 -9.17 6.62
N ALA A 8 -1.86 -8.48 5.55
CA ALA A 8 -2.38 -7.12 5.67
C ALA A 8 -3.75 -7.15 6.33
N LEU A 9 -4.59 -8.09 5.89
CA LEU A 9 -5.93 -8.23 6.45
C LEU A 9 -5.84 -8.60 7.92
N SER A 10 -4.95 -9.55 8.24
CA SER A 10 -4.77 -9.96 9.63
C SER A 10 -4.36 -8.76 10.46
N TYR A 11 -3.50 -7.92 9.87
CA TYR A 11 -3.06 -6.71 10.53
C TYR A 11 -4.24 -5.77 10.74
N LEU A 12 -5.17 -5.78 9.78
CA LEU A 12 -6.36 -4.94 9.88
C LEU A 12 -7.17 -5.32 11.11
N ASP A 13 -7.30 -6.63 11.33
CA ASP A 13 -8.03 -7.13 12.48
C ASP A 13 -7.32 -6.72 13.76
N GLN A 14 -5.99 -6.77 13.73
CA GLN A 14 -5.18 -6.38 14.88
C GLN A 14 -5.46 -4.93 15.26
N VAL A 15 -5.59 -4.07 14.26
CA VAL A 15 -5.87 -2.66 14.49
C VAL A 15 -7.23 -2.47 15.14
N LYS A 16 -8.26 -3.06 14.54
CA LYS A 16 -9.61 -2.97 15.07
C LYS A 16 -9.70 -3.61 16.45
N LEU A 17 -8.75 -4.50 16.73
CA LEU A 17 -8.71 -5.19 18.01
C LEU A 17 -8.14 -4.28 19.11
N GLN A 18 -6.97 -3.72 18.84
CA GLN A 18 -6.30 -2.83 19.80
C GLN A 18 -7.23 -1.69 20.24
N PHE A 19 -7.49 -0.76 19.32
CA PHE A 19 -8.35 0.37 19.62
C PHE A 19 -9.74 -0.09 20.00
N GLY A 20 -10.49 -0.58 19.02
CA GLY A 20 -11.85 -1.06 19.28
C GLY A 20 -12.79 0.05 19.66
N SER A 21 -12.75 0.45 20.93
CA SER A 21 -13.61 1.51 21.43
C SER A 21 -13.36 2.82 20.68
N GLN A 22 -12.25 2.88 19.95
CA GLN A 22 -11.89 4.06 19.19
C GLN A 22 -11.90 3.75 17.69
N PRO A 23 -13.09 3.75 17.07
CA PRO A 23 -13.22 3.48 15.63
C PRO A 23 -12.89 4.69 14.78
N GLN A 24 -12.40 5.75 15.42
CA GLN A 24 -12.05 6.98 14.71
C GLN A 24 -10.75 6.80 13.93
N VAL A 25 -9.85 5.99 14.47
CA VAL A 25 -8.57 5.73 13.81
C VAL A 25 -8.74 4.78 12.64
N TYR A 26 -9.55 3.75 12.83
CA TYR A 26 -9.81 2.76 11.79
C TYR A 26 -10.50 3.39 10.59
N ASN A 27 -11.64 4.01 10.83
CA ASN A 27 -12.41 4.65 9.77
C ASN A 27 -11.56 5.70 9.04
N ASP A 28 -10.79 6.47 9.79
CA ASP A 28 -9.95 7.50 9.20
C ASP A 28 -8.79 6.89 8.41
N PHE A 29 -8.37 5.69 8.83
CA PHE A 29 -7.28 4.99 8.16
C PHE A 29 -7.68 4.55 6.76
N LEU A 30 -8.73 3.72 6.69
CA LEU A 30 -9.21 3.22 5.41
C LEU A 30 -9.70 4.38 4.54
N ASP A 31 -10.30 5.39 5.16
CA ASP A 31 -10.77 6.55 4.44
C ASP A 31 -9.61 7.22 3.72
N ILE A 32 -8.50 7.37 4.45
CA ILE A 32 -7.30 7.96 3.90
C ILE A 32 -6.85 7.17 2.68
N MET A 33 -6.88 5.85 2.81
CA MET A 33 -6.51 4.97 1.72
C MET A 33 -7.34 5.27 0.48
N LYS A 34 -8.63 5.53 0.69
CA LYS A 34 -9.54 5.85 -0.40
C LYS A 34 -9.08 7.12 -1.09
N GLU A 35 -8.69 8.12 -0.30
CA GLU A 35 -8.20 9.37 -0.84
C GLU A 35 -7.03 9.10 -1.79
N PHE A 36 -6.10 8.27 -1.33
CA PHE A 36 -4.94 7.90 -2.13
C PHE A 36 -5.38 7.00 -3.28
N LYS A 37 -6.52 6.35 -3.09
CA LYS A 37 -7.07 5.45 -4.10
C LYS A 37 -7.92 6.23 -5.10
N SER A 38 -8.22 7.47 -4.76
CA SER A 38 -9.02 8.34 -5.63
C SER A 38 -8.22 9.55 -6.09
N GLN A 39 -6.89 9.43 -6.03
CA GLN A 39 -6.00 10.50 -6.44
C GLN A 39 -6.20 11.74 -5.58
N SER A 40 -5.38 11.85 -4.54
CA SER A 40 -5.46 12.99 -3.62
C SER A 40 -4.10 13.30 -3.02
N ILE A 41 -3.56 12.34 -2.27
CA ILE A 41 -2.25 12.51 -1.63
C ILE A 41 -1.26 11.47 -2.15
N ASP A 42 0.01 11.67 -1.83
CA ASP A 42 1.06 10.75 -2.26
C ASP A 42 1.40 9.76 -1.15
N THR A 43 2.36 8.87 -1.43
CA THR A 43 2.78 7.88 -0.45
C THR A 43 3.20 8.53 0.87
N PRO A 44 4.12 9.53 0.85
CA PRO A 44 4.57 10.21 2.06
C PRO A 44 3.41 10.80 2.84
N GLY A 45 2.35 11.18 2.13
CA GLY A 45 1.19 11.75 2.76
C GLY A 45 0.37 10.72 3.51
N VAL A 46 0.32 9.51 2.96
CA VAL A 46 -0.42 8.41 3.57
C VAL A 46 0.26 7.96 4.86
N ILE A 47 1.58 7.81 4.81
CA ILE A 47 2.35 7.38 5.97
C ILE A 47 2.34 8.46 7.05
N SER A 48 2.44 9.72 6.62
CA SER A 48 2.46 10.84 7.55
C SER A 48 1.15 10.93 8.35
N ARG A 49 0.04 11.05 7.63
CA ARG A 49 -1.27 11.15 8.27
C ARG A 49 -1.55 9.93 9.14
N VAL A 50 -1.33 8.74 8.59
CA VAL A 50 -1.55 7.51 9.33
C VAL A 50 -0.71 7.48 10.60
N SER A 51 0.51 8.02 10.51
CA SER A 51 1.40 8.07 11.65
C SER A 51 0.79 8.91 12.76
N GLN A 52 0.22 10.06 12.37
CA GLN A 52 -0.42 10.96 13.33
C GLN A 52 -1.82 10.46 13.67
N LEU A 53 -2.29 9.49 12.89
CA LEU A 53 -3.61 8.91 13.10
C LEU A 53 -3.55 7.81 14.15
N PHE A 54 -2.42 7.09 14.19
CA PHE A 54 -2.22 6.01 15.13
C PHE A 54 -1.38 6.48 16.32
N LYS A 55 -1.23 7.79 16.45
CA LYS A 55 -0.45 8.37 17.54
C LYS A 55 -0.91 7.83 18.89
N GLY A 56 -0.12 6.94 19.47
CA GLY A 56 -0.46 6.36 20.75
C GLY A 56 0.11 4.96 20.93
N HIS A 57 0.08 4.18 19.86
CA HIS A 57 0.60 2.81 19.89
C HIS A 57 1.65 2.62 18.79
N PRO A 58 2.94 2.75 19.13
CA PRO A 58 4.04 2.59 18.17
C PRO A 58 4.08 1.19 17.57
N ASP A 59 3.50 0.23 18.26
CA ASP A 59 3.48 -1.16 17.79
C ASP A 59 2.84 -1.27 16.41
N LEU A 60 1.67 -0.65 16.24
CA LEU A 60 0.97 -0.68 14.97
C LEU A 60 1.84 -0.11 13.85
N ILE A 61 2.49 1.02 14.13
CA ILE A 61 3.35 1.66 13.16
C ILE A 61 4.60 0.81 12.90
N MET A 62 5.00 0.05 13.92
CA MET A 62 6.16 -0.82 13.81
C MET A 62 5.88 -1.97 12.85
N GLY A 63 4.65 -2.46 12.88
CA GLY A 63 4.27 -3.56 12.00
C GLY A 63 3.78 -3.07 10.65
N PHE A 64 3.40 -1.80 10.58
CA PHE A 64 2.91 -1.21 9.35
C PHE A 64 4.07 -0.87 8.41
N ASN A 65 5.12 -0.28 8.98
CA ASN A 65 6.30 0.10 8.20
C ASN A 65 6.95 -1.14 7.57
N THR A 66 6.65 -2.30 8.13
CA THR A 66 7.19 -3.55 7.62
C THR A 66 6.68 -3.85 6.22
N PHE A 67 5.38 -3.66 6.01
CA PHE A 67 4.77 -3.90 4.71
C PHE A 67 5.44 -3.06 3.63
N LEU A 68 5.61 -1.77 3.93
CA LEU A 68 6.25 -0.85 2.99
C LEU A 68 7.65 -1.33 2.62
N PRO A 69 8.17 -0.90 1.45
CA PRO A 69 9.51 -1.29 1.00
C PRO A 69 10.60 -0.91 2.00
N PRO A 70 11.74 -1.63 1.98
CA PRO A 70 12.85 -1.35 2.90
C PRO A 70 13.60 -0.08 2.54
N GLY A 71 14.29 0.50 3.52
CA GLY A 71 15.04 1.72 3.29
C GLY A 71 16.45 1.64 3.84
N SER B 1 -17.90 -15.59 -2.69
CA SER B 1 -16.78 -15.99 -1.79
C SER B 1 -15.84 -14.81 -1.54
N SER B 2 -16.11 -13.69 -2.21
CA SER B 2 -15.29 -12.49 -2.05
C SER B 2 -16.11 -11.32 -1.56
N THR B 3 -17.36 -11.24 -2.02
CA THR B 3 -18.26 -10.16 -1.62
C THR B 3 -18.82 -10.40 -0.22
N TRP B 4 -18.23 -9.73 0.78
CA TRP B 4 -18.69 -9.87 2.15
C TRP B 4 -18.44 -8.59 2.94
N LEU B 5 -17.18 -8.18 3.03
CA LEU B 5 -16.82 -6.97 3.76
C LEU B 5 -17.23 -5.73 2.97
N SER B 6 -17.19 -4.58 3.63
CA SER B 6 -17.56 -3.32 3.00
C SER B 6 -16.60 -2.99 1.85
N GLU B 7 -16.98 -2.03 1.03
CA GLU B 7 -16.16 -1.62 -0.11
C GLU B 7 -14.84 -1.01 0.35
N ALA B 8 -14.93 -0.04 1.26
CA ALA B 8 -13.75 0.64 1.78
C ALA B 8 -12.74 -0.35 2.35
N GLU B 9 -13.20 -1.55 2.68
CA GLU B 9 -12.33 -2.58 3.23
C GLU B 9 -11.33 -3.07 2.19
N MET B 10 -11.84 -3.78 1.18
CA MET B 10 -10.99 -4.32 0.12
C MET B 10 -10.29 -3.23 -0.68
N ILE B 11 -10.90 -2.03 -0.71
CA ILE B 11 -10.31 -0.93 -1.46
C ILE B 11 -9.11 -0.35 -0.74
N ALA B 12 -9.29 0.01 0.53
CA ALA B 12 -8.20 0.57 1.32
C ALA B 12 -7.03 -0.40 1.36
N LEU B 13 -7.32 -1.66 1.65
CA LEU B 13 -6.29 -2.69 1.70
C LEU B 13 -5.59 -2.79 0.35
N ALA B 14 -6.38 -2.84 -0.72
CA ALA B 14 -5.81 -2.92 -2.06
C ALA B 14 -4.74 -1.87 -2.25
N GLY B 15 -5.04 -0.65 -1.80
CA GLY B 15 -4.10 0.43 -1.92
C GLY B 15 -2.85 0.18 -1.08
N LEU B 16 -3.03 -0.43 0.09
CA LEU B 16 -1.91 -0.73 0.98
C LEU B 16 -0.93 -1.70 0.31
N LEU B 17 -1.44 -2.86 -0.10
CA LEU B 17 -0.61 -3.87 -0.73
C LEU B 17 -0.08 -3.38 -2.08
N GLN B 18 -0.77 -2.43 -2.68
CA GLN B 18 -0.35 -1.88 -3.97
C GLN B 18 0.68 -0.78 -3.78
N MET B 19 0.61 -0.12 -2.62
CA MET B 19 1.53 0.95 -2.30
C MET B 19 2.92 0.42 -1.95
N SER B 20 2.95 -0.66 -1.18
CA SER B 20 4.22 -1.28 -0.78
C SER B 20 4.89 -1.97 -1.96
N GLN B 21 4.10 -2.63 -2.79
CA GLN B 21 4.62 -3.34 -3.95
C GLN B 21 3.80 -3.05 -5.19
N GLY B 22 2.66 -3.74 -5.33
CA GLY B 22 1.81 -3.53 -6.48
C GLY B 22 0.61 -4.47 -6.49
N GLU B 23 0.88 -5.77 -6.60
CA GLU B 23 -0.17 -6.79 -6.61
C GLU B 23 -1.12 -6.54 -7.78
N GLN B 24 -0.66 -5.83 -8.79
CA GLN B 24 -1.47 -5.55 -9.97
C GLN B 24 -1.75 -6.82 -10.76
N THR B 25 -0.73 -7.67 -10.88
CA THR B 25 -0.87 -8.92 -11.60
C THR B 25 0.33 -9.87 -11.37
N PRO B 26 1.58 -9.37 -11.33
CA PRO B 26 2.74 -10.24 -11.10
C PRO B 26 2.99 -10.51 -9.61
N ASN B 27 4.00 -9.84 -9.04
CA ASN B 27 4.34 -10.01 -7.64
C ASN B 27 5.50 -9.09 -7.24
N CYS B 28 5.15 -7.90 -6.74
CA CYS B 28 6.16 -6.92 -6.31
C CYS B 28 6.99 -6.45 -7.50
N VAL B 29 6.55 -6.79 -8.71
CA VAL B 29 7.27 -6.40 -9.92
C VAL B 29 6.63 -5.16 -10.55
N ALA B 30 5.63 -4.61 -9.87
CA ALA B 30 4.92 -3.44 -10.35
C ALA B 30 4.17 -3.72 -11.65
N SER B 31 4.90 -3.67 -12.76
CA SER B 31 4.30 -3.93 -14.07
C SER B 31 5.27 -4.68 -14.97
N SER B 32 4.75 -5.66 -15.72
CA SER B 32 5.56 -6.44 -16.63
C SER B 32 4.77 -6.86 -17.86
N LEU B 33 3.53 -7.29 -17.62
CA LEU B 33 2.64 -7.72 -18.72
C LEU B 33 2.12 -6.52 -19.51
N PRO B 34 1.55 -5.49 -18.85
CA PRO B 34 1.01 -4.32 -19.54
C PRO B 34 2.11 -3.47 -20.18
N SER B 35 3.06 -3.02 -19.37
CA SER B 35 4.17 -2.21 -19.87
C SER B 35 5.32 -2.19 -18.86
N THR B 36 6.40 -2.89 -19.18
CA THR B 36 7.56 -2.94 -18.31
C THR B 36 8.37 -1.66 -18.41
N SER B 37 8.20 -0.93 -19.51
CA SER B 37 8.92 0.33 -19.72
C SER B 37 8.58 1.33 -18.64
N CYS B 38 9.41 2.36 -18.52
CA CYS B 38 9.21 3.42 -17.52
C CYS B 38 9.15 2.81 -16.11
N PRO B 39 10.33 2.50 -15.53
CA PRO B 39 10.40 1.92 -14.19
C PRO B 39 9.92 2.89 -13.10
N ASP B 40 10.59 4.03 -13.00
CA ASP B 40 10.24 5.04 -12.02
C ASP B 40 10.60 6.44 -12.52
N PRO B 41 9.88 6.94 -13.53
CA PRO B 41 10.13 8.27 -14.11
C PRO B 41 9.92 9.39 -13.08
N VAL B 42 10.57 10.53 -13.31
CA VAL B 42 10.45 11.67 -12.42
C VAL B 42 9.64 12.78 -13.06
N SER B 43 9.06 12.48 -14.22
CA SER B 43 8.25 13.44 -14.95
C SER B 43 9.03 14.71 -15.27
N VAL B 44 9.56 14.79 -16.48
CA VAL B 44 10.34 15.94 -16.90
C VAL B 44 9.70 16.61 -18.11
N SER B 45 8.66 17.40 -17.85
CA SER B 45 7.96 18.11 -18.90
C SER B 45 7.72 19.57 -18.53
N GLU B 46 7.90 19.87 -17.24
CA GLU B 46 7.72 21.23 -16.74
C GLU B 46 8.80 21.59 -15.73
N ASP B 47 9.80 20.72 -15.60
CA ASP B 47 10.89 20.95 -14.67
C ASP B 47 12.25 20.87 -15.38
N PRO B 48 12.75 22.01 -15.88
CA PRO B 48 14.05 22.06 -16.57
C PRO B 48 15.21 21.91 -15.61
N GLY B 49 16.38 21.56 -16.15
CA GLY B 49 17.55 21.39 -15.32
C GLY B 49 18.84 21.28 -16.13
N PRO B 50 19.24 20.07 -16.52
CA PRO B 50 20.47 19.85 -17.30
C PRO B 50 20.29 20.17 -18.78
N SER B 51 21.37 20.57 -19.44
CA SER B 51 21.33 20.90 -20.86
C SER B 51 20.34 22.02 -21.15
N GLY B 52 20.21 22.38 -22.43
CA GLY B 52 19.29 23.43 -22.81
C GLY B 52 18.76 23.24 -24.22
N ASP B 53 17.60 22.61 -24.34
CA ASP B 53 16.99 22.36 -25.63
C ASP B 53 16.00 23.48 -26.00
N GLN B 54 14.85 23.48 -25.34
CA GLN B 54 13.82 24.50 -25.60
C GLN B 54 12.75 24.46 -24.52
N SER B 55 12.40 23.26 -24.08
CA SER B 55 11.38 23.07 -23.06
C SER B 55 11.81 22.00 -22.06
N CYS B 56 11.30 22.12 -20.83
CA CYS B 56 11.60 21.17 -19.75
C CYS B 56 13.10 20.85 -19.70
N SER B 57 13.92 21.79 -20.15
CA SER B 57 15.37 21.61 -20.15
C SER B 57 16.08 22.93 -20.37
N GLY B 58 16.71 23.44 -19.32
CA GLY B 58 17.43 24.70 -19.42
C GLY B 58 16.52 25.85 -19.81
N THR B 59 15.55 26.15 -18.96
CA THR B 59 14.60 27.23 -19.22
C THR B 59 14.84 28.41 -18.29
N ASP B 60 15.23 28.12 -17.06
CA ASP B 60 15.48 29.17 -16.07
C ASP B 60 16.73 28.86 -15.26
N THR B 61 17.46 27.81 -15.65
CA THR B 61 18.67 27.42 -14.96
C THR B 61 19.75 26.98 -15.95
N GLN A 1 2.39 -15.09 3.71
CA GLN A 1 3.86 -15.17 3.51
C GLN A 1 4.24 -14.62 2.14
N ARG A 2 5.54 -14.35 1.97
CA ARG A 2 6.05 -13.81 0.71
C ARG A 2 5.31 -12.53 0.33
N LEU A 3 4.87 -11.79 1.34
CA LEU A 3 4.14 -10.53 1.13
C LEU A 3 2.85 -10.80 0.35
N LYS A 4 1.75 -10.90 1.07
CA LYS A 4 0.44 -11.14 0.45
C LYS A 4 -0.61 -10.18 1.00
N VAL A 5 -1.75 -10.11 0.34
CA VAL A 5 -2.83 -9.23 0.77
C VAL A 5 -3.45 -9.70 2.08
N GLU A 6 -3.55 -11.02 2.25
CA GLU A 6 -4.13 -11.60 3.46
C GLU A 6 -3.37 -11.14 4.69
N ASP A 7 -2.08 -10.86 4.53
CA ASP A 7 -1.26 -10.40 5.65
C ASP A 7 -1.74 -9.03 6.09
N ALA A 8 -2.00 -8.17 5.11
CA ALA A 8 -2.50 -6.83 5.39
C ALA A 8 -3.85 -6.94 6.09
N LEU A 9 -4.61 -7.95 5.71
CA LEU A 9 -5.92 -8.20 6.31
C LEU A 9 -5.73 -8.53 7.79
N SER A 10 -4.74 -9.37 8.07
CA SER A 10 -4.42 -9.76 9.43
C SER A 10 -4.12 -8.50 10.24
N TYR A 11 -3.43 -7.57 9.60
CA TYR A 11 -3.09 -6.30 10.23
C TYR A 11 -4.36 -5.47 10.42
N LEU A 12 -5.33 -5.64 9.52
CA LEU A 12 -6.58 -4.91 9.61
C LEU A 12 -7.35 -5.32 10.85
N ASP A 13 -7.33 -6.62 11.13
CA ASP A 13 -8.01 -7.16 12.31
C ASP A 13 -7.30 -6.70 13.58
N GLN A 14 -5.98 -6.69 13.54
CA GLN A 14 -5.18 -6.27 14.69
C GLN A 14 -5.54 -4.85 15.10
N VAL A 15 -5.62 -3.95 14.11
CA VAL A 15 -5.97 -2.56 14.37
C VAL A 15 -7.38 -2.46 14.94
N LYS A 16 -8.32 -3.16 14.31
CA LYS A 16 -9.70 -3.15 14.75
C LYS A 16 -9.83 -3.68 16.17
N LEU A 17 -8.87 -4.52 16.57
CA LEU A 17 -8.87 -5.11 17.89
C LEU A 17 -8.37 -4.10 18.94
N GLN A 18 -7.12 -3.67 18.79
CA GLN A 18 -6.51 -2.72 19.71
C GLN A 18 -7.41 -1.49 19.92
N PHE A 19 -7.85 -0.89 18.82
CA PHE A 19 -8.69 0.29 18.88
C PHE A 19 -10.17 -0.07 18.93
N GLY A 20 -10.49 -1.11 19.72
CA GLY A 20 -11.87 -1.54 19.84
C GLY A 20 -12.75 -0.52 20.54
N SER A 21 -12.11 0.39 21.28
CA SER A 21 -12.84 1.43 22.00
C SER A 21 -12.86 2.73 21.20
N GLN A 22 -12.05 2.78 20.14
CA GLN A 22 -11.97 3.97 19.29
C GLN A 22 -12.12 3.59 17.82
N PRO A 23 -13.35 3.35 17.35
CA PRO A 23 -13.62 2.98 15.96
C PRO A 23 -13.33 4.12 15.00
N GLN A 24 -13.16 5.33 15.55
CA GLN A 24 -12.89 6.50 14.74
C GLN A 24 -11.56 6.36 14.00
N VAL A 25 -10.51 6.03 14.74
CA VAL A 25 -9.18 5.86 14.16
C VAL A 25 -9.22 4.87 12.99
N TYR A 26 -10.02 3.82 13.14
CA TYR A 26 -10.16 2.80 12.11
C TYR A 26 -10.69 3.40 10.82
N ASN A 27 -11.84 4.08 10.92
CA ASN A 27 -12.46 4.70 9.77
C ASN A 27 -11.54 5.73 9.12
N ASP A 28 -10.89 6.54 9.94
CA ASP A 28 -9.98 7.57 9.44
C ASP A 28 -8.83 6.94 8.66
N PHE A 29 -8.37 5.78 9.12
CA PHE A 29 -7.28 5.09 8.46
C PHE A 29 -7.69 4.61 7.07
N LEU A 30 -8.72 3.78 7.01
CA LEU A 30 -9.19 3.25 5.74
C LEU A 30 -9.65 4.37 4.81
N ASP A 31 -10.13 5.46 5.41
CA ASP A 31 -10.58 6.61 4.63
C ASP A 31 -9.40 7.20 3.87
N ILE A 32 -8.31 7.44 4.60
CA ILE A 32 -7.10 7.99 4.00
C ILE A 32 -6.63 7.12 2.85
N MET A 33 -6.52 5.81 3.12
CA MET A 33 -6.09 4.85 2.11
C MET A 33 -6.95 4.97 0.87
N LYS A 34 -8.25 5.07 1.07
CA LYS A 34 -9.21 5.21 -0.02
C LYS A 34 -8.90 6.44 -0.85
N GLU A 35 -8.50 7.53 -0.18
CA GLU A 35 -8.17 8.76 -0.87
C GLU A 35 -6.97 8.55 -1.80
N PHE A 36 -5.95 7.90 -1.27
CA PHE A 36 -4.74 7.61 -2.03
C PHE A 36 -5.08 6.71 -3.23
N LYS A 37 -5.93 5.72 -2.99
CA LYS A 37 -6.35 4.80 -4.04
C LYS A 37 -7.27 5.49 -5.02
N SER A 38 -7.93 6.55 -4.55
CA SER A 38 -8.84 7.31 -5.39
C SER A 38 -8.15 8.56 -5.96
N GLN A 39 -6.82 8.52 -5.95
CA GLN A 39 -6.01 9.64 -6.45
C GLN A 39 -6.29 10.91 -5.66
N SER A 40 -5.47 11.14 -4.63
CA SER A 40 -5.61 12.32 -3.78
C SER A 40 -4.27 12.76 -3.23
N ILE A 41 -3.71 11.94 -2.34
CA ILE A 41 -2.42 12.23 -1.73
C ILE A 41 -1.35 11.25 -2.21
N ASP A 42 -0.09 11.53 -1.86
CA ASP A 42 1.01 10.67 -2.25
C ASP A 42 1.36 9.68 -1.14
N THR A 43 2.30 8.78 -1.42
CA THR A 43 2.74 7.80 -0.45
C THR A 43 3.18 8.45 0.86
N PRO A 44 4.09 9.45 0.81
CA PRO A 44 4.56 10.15 2.02
C PRO A 44 3.41 10.74 2.82
N GLY A 45 2.38 11.19 2.11
CA GLY A 45 1.23 11.79 2.75
C GLY A 45 0.43 10.77 3.54
N VAL A 46 0.33 9.56 2.98
CA VAL A 46 -0.41 8.48 3.64
C VAL A 46 0.31 8.00 4.89
N ILE A 47 1.62 7.80 4.77
CA ILE A 47 2.44 7.32 5.87
C ILE A 47 2.49 8.35 7.00
N SER A 48 2.57 9.63 6.63
CA SER A 48 2.64 10.71 7.61
C SER A 48 1.31 10.84 8.38
N ARG A 49 0.23 11.02 7.63
CA ARG A 49 -1.09 11.15 8.22
C ARG A 49 -1.42 9.97 9.13
N VAL A 50 -1.17 8.76 8.63
CA VAL A 50 -1.43 7.55 9.40
C VAL A 50 -0.58 7.53 10.67
N SER A 51 0.67 7.96 10.54
CA SER A 51 1.58 8.00 11.69
C SER A 51 1.01 8.89 12.79
N GLN A 52 0.40 10.00 12.40
CA GLN A 52 -0.20 10.94 13.34
C GLN A 52 -1.60 10.50 13.72
N LEU A 53 -2.19 9.62 12.90
CA LEU A 53 -3.54 9.12 13.14
C LEU A 53 -3.54 8.06 14.22
N PHE A 54 -2.43 7.33 14.32
CA PHE A 54 -2.28 6.26 15.31
C PHE A 54 -1.44 6.73 16.49
N LYS A 55 -1.38 8.04 16.69
CA LYS A 55 -0.62 8.61 17.79
C LYS A 55 -1.03 8.03 19.13
N GLY A 56 -0.16 7.19 19.70
CA GLY A 56 -0.47 6.57 20.99
C GLY A 56 0.19 5.22 21.13
N HIS A 57 0.16 4.42 20.07
CA HIS A 57 0.76 3.09 20.09
C HIS A 57 1.76 2.91 18.95
N PRO A 58 3.08 2.97 19.25
CA PRO A 58 4.12 2.82 18.24
C PRO A 58 4.26 1.38 17.76
N ASP A 59 3.42 0.50 18.31
CA ASP A 59 3.45 -0.91 17.94
C ASP A 59 2.92 -1.11 16.52
N LEU A 60 1.68 -0.70 16.29
CA LEU A 60 1.06 -0.84 14.98
C LEU A 60 1.87 -0.10 13.93
N ILE A 61 2.38 1.07 14.30
CA ILE A 61 3.19 1.87 13.38
C ILE A 61 4.49 1.14 13.03
N MET A 62 5.13 0.57 14.04
CA MET A 62 6.38 -0.16 13.83
C MET A 62 6.17 -1.32 12.86
N GLY A 63 5.03 -1.99 12.98
CA GLY A 63 4.72 -3.10 12.11
C GLY A 63 4.19 -2.63 10.77
N PHE A 64 3.70 -1.40 10.72
CA PHE A 64 3.16 -0.84 9.50
C PHE A 64 4.28 -0.47 8.53
N ASN A 65 5.38 0.05 9.08
CA ASN A 65 6.52 0.45 8.28
C ASN A 65 7.22 -0.77 7.70
N THR A 66 6.99 -1.92 8.30
CA THR A 66 7.60 -3.17 7.86
C THR A 66 7.04 -3.61 6.51
N PHE A 67 5.76 -3.32 6.28
CA PHE A 67 5.10 -3.69 5.03
C PHE A 67 5.78 -3.01 3.84
N LEU A 68 5.98 -1.71 3.95
CA LEU A 68 6.61 -0.93 2.89
C LEU A 68 7.97 -1.54 2.51
N PRO A 69 8.34 -1.47 1.22
CA PRO A 69 9.62 -2.03 0.75
C PRO A 69 10.82 -1.47 1.52
N PRO A 70 11.83 -2.31 1.83
CA PRO A 70 13.01 -1.88 2.58
C PRO A 70 13.70 -0.69 1.92
N GLY A 71 14.27 0.19 2.74
CA GLY A 71 14.95 1.36 2.22
C GLY A 71 15.70 2.13 3.30
N SER B 1 -16.44 -14.09 -7.91
CA SER B 1 -15.88 -13.43 -6.71
C SER B 1 -16.93 -12.58 -6.00
N SER B 2 -17.24 -12.94 -4.76
CA SER B 2 -18.24 -12.22 -3.97
C SER B 2 -17.61 -11.02 -3.28
N THR B 3 -18.43 -10.26 -2.57
CA THR B 3 -17.96 -9.08 -1.86
C THR B 3 -17.53 -9.43 -0.44
N TRP B 4 -18.28 -10.33 0.20
CA TRP B 4 -17.99 -10.76 1.56
C TRP B 4 -17.99 -9.57 2.53
N LEU B 5 -16.86 -8.87 2.59
CA LEU B 5 -16.73 -7.72 3.48
C LEU B 5 -17.08 -6.44 2.74
N SER B 6 -17.07 -5.32 3.46
CA SER B 6 -17.39 -4.02 2.87
C SER B 6 -16.42 -3.69 1.75
N GLU B 7 -16.86 -2.86 0.81
CA GLU B 7 -16.03 -2.46 -0.32
C GLU B 7 -14.98 -1.44 0.10
N ALA B 8 -15.32 -0.63 1.11
CA ALA B 8 -14.41 0.40 1.60
C ALA B 8 -13.08 -0.20 2.06
N GLU B 9 -13.15 -1.30 2.80
CA GLU B 9 -11.96 -1.96 3.31
C GLU B 9 -11.18 -2.61 2.17
N MET B 10 -11.89 -3.00 1.13
CA MET B 10 -11.26 -3.64 -0.03
C MET B 10 -10.44 -2.63 -0.82
N ILE B 11 -10.93 -1.40 -0.89
CA ILE B 11 -10.25 -0.34 -1.62
C ILE B 11 -9.05 0.17 -0.84
N ALA B 12 -9.27 0.50 0.43
CA ALA B 12 -8.19 1.00 1.28
C ALA B 12 -7.06 -0.01 1.33
N LEU B 13 -7.39 -1.26 1.60
CA LEU B 13 -6.39 -2.31 1.67
C LEU B 13 -5.73 -2.48 0.31
N ALA B 14 -6.52 -2.43 -0.75
CA ALA B 14 -5.98 -2.56 -2.10
C ALA B 14 -4.81 -1.61 -2.26
N GLY B 15 -5.00 -0.36 -1.84
CA GLY B 15 -3.94 0.62 -1.93
C GLY B 15 -2.74 0.24 -1.08
N LEU B 16 -3.00 -0.30 0.11
CA LEU B 16 -1.93 -0.72 1.01
C LEU B 16 -1.00 -1.71 0.32
N LEU B 17 -1.58 -2.80 -0.17
CA LEU B 17 -0.81 -3.83 -0.86
C LEU B 17 -0.21 -3.28 -2.14
N GLN B 18 -0.85 -2.25 -2.69
CA GLN B 18 -0.36 -1.62 -3.91
C GLN B 18 0.81 -0.71 -3.60
N MET B 19 0.85 -0.21 -2.36
CA MET B 19 1.93 0.65 -1.91
C MET B 19 3.17 -0.17 -1.65
N SER B 20 2.98 -1.36 -1.09
CA SER B 20 4.09 -2.26 -0.79
C SER B 20 3.95 -3.57 -1.56
N GLN B 21 4.78 -3.75 -2.59
CA GLN B 21 4.75 -4.95 -3.40
C GLN B 21 6.14 -5.53 -3.61
N GLY B 22 6.86 -5.00 -4.60
CA GLY B 22 8.20 -5.48 -4.88
C GLY B 22 9.13 -4.37 -5.37
N GLU B 23 9.52 -4.46 -6.64
CA GLU B 23 10.41 -3.46 -7.23
C GLU B 23 9.67 -2.58 -8.23
N GLN B 24 9.37 -3.13 -9.40
CA GLN B 24 8.67 -2.40 -10.44
C GLN B 24 7.45 -3.18 -10.93
N THR B 25 7.70 -4.26 -11.66
CA THR B 25 6.63 -5.10 -12.19
C THR B 25 5.85 -5.77 -11.05
N PRO B 26 4.53 -5.95 -11.21
CA PRO B 26 3.67 -6.59 -10.20
C PRO B 26 4.25 -7.91 -9.70
N ASN B 27 3.95 -8.24 -8.44
CA ASN B 27 4.43 -9.48 -7.84
C ASN B 27 5.96 -9.56 -7.88
N CYS B 28 6.61 -8.46 -7.49
CA CYS B 28 8.07 -8.41 -7.47
C CYS B 28 8.64 -8.65 -8.86
N VAL B 29 9.97 -8.73 -8.95
CA VAL B 29 10.64 -8.97 -10.23
C VAL B 29 10.24 -10.31 -10.82
N ALA B 30 9.47 -10.28 -11.91
CA ALA B 30 9.02 -11.49 -12.57
C ALA B 30 8.78 -11.25 -14.06
N SER B 31 8.15 -10.12 -14.38
CA SER B 31 7.86 -9.76 -15.77
C SER B 31 6.90 -10.74 -16.40
N SER B 32 5.70 -10.26 -16.74
CA SER B 32 4.68 -11.09 -17.37
C SER B 32 3.92 -10.30 -18.44
N LEU B 33 3.65 -9.03 -18.14
CA LEU B 33 2.93 -8.17 -19.07
C LEU B 33 3.81 -7.80 -20.28
N PRO B 34 5.05 -7.33 -20.05
CA PRO B 34 5.95 -6.95 -21.14
C PRO B 34 6.42 -8.16 -21.95
N SER B 35 6.98 -9.15 -21.26
CA SER B 35 7.47 -10.36 -21.92
C SER B 35 7.63 -11.50 -20.92
N THR B 36 6.80 -12.53 -21.07
CA THR B 36 6.86 -13.69 -20.18
C THR B 36 7.86 -14.71 -20.71
N SER B 37 8.59 -15.34 -19.80
CA SER B 37 9.58 -16.34 -20.17
C SER B 37 9.18 -17.73 -19.69
N CYS B 38 9.74 -18.76 -20.34
CA CYS B 38 9.44 -20.14 -19.98
C CYS B 38 7.93 -20.42 -20.05
N PRO B 39 7.43 -20.80 -21.24
CA PRO B 39 6.00 -21.10 -21.44
C PRO B 39 5.54 -22.27 -20.57
N ASP B 40 6.12 -23.44 -20.80
CA ASP B 40 5.76 -24.63 -20.05
C ASP B 40 6.73 -24.90 -18.90
N PRO B 41 8.06 -24.87 -19.16
CA PRO B 41 9.06 -25.11 -18.11
C PRO B 41 8.90 -24.17 -16.92
N VAL B 42 8.91 -24.74 -15.72
CA VAL B 42 8.77 -23.96 -14.50
C VAL B 42 9.79 -24.38 -13.45
N SER B 43 9.77 -25.67 -13.10
CA SER B 43 10.70 -26.21 -12.11
C SER B 43 10.93 -27.70 -12.35
N VAL B 44 10.86 -28.11 -13.60
CA VAL B 44 11.06 -29.52 -13.96
C VAL B 44 12.52 -29.93 -13.74
N SER B 45 12.72 -31.16 -13.31
CA SER B 45 14.06 -31.68 -13.06
C SER B 45 14.80 -30.85 -12.02
N GLU B 46 14.04 -30.18 -11.15
CA GLU B 46 14.63 -29.34 -10.12
C GLU B 46 15.06 -30.18 -8.92
N ASP B 47 14.12 -30.94 -8.37
CA ASP B 47 14.41 -31.79 -7.22
C ASP B 47 13.27 -32.80 -6.97
N PRO B 48 13.06 -33.74 -7.91
CA PRO B 48 12.00 -34.75 -7.79
C PRO B 48 12.07 -35.49 -6.45
N GLY B 49 13.07 -36.35 -6.30
CA GLY B 49 13.20 -37.11 -5.06
C GLY B 49 11.96 -37.90 -4.73
N PRO B 50 11.57 -37.96 -3.44
CA PRO B 50 10.37 -38.69 -3.01
C PRO B 50 9.09 -38.05 -3.49
N SER B 51 8.38 -38.74 -4.38
CA SER B 51 7.12 -38.23 -4.93
C SER B 51 7.27 -36.82 -5.48
N GLY B 52 6.15 -36.17 -5.75
CA GLY B 52 6.18 -34.81 -6.27
C GLY B 52 4.81 -34.16 -6.29
N ASP B 53 4.72 -33.02 -6.95
CA ASP B 53 3.45 -32.29 -7.06
C ASP B 53 2.94 -32.29 -8.50
N GLN B 54 3.65 -31.59 -9.37
CA GLN B 54 3.27 -31.50 -10.78
C GLN B 54 4.48 -31.21 -11.66
N SER B 55 5.63 -31.02 -11.01
CA SER B 55 6.86 -30.73 -11.72
C SER B 55 7.90 -31.83 -11.49
N CYS B 56 9.17 -31.49 -11.71
CA CYS B 56 10.26 -32.46 -11.52
C CYS B 56 10.10 -33.65 -12.47
N SER B 57 10.97 -34.65 -12.29
CA SER B 57 10.92 -35.85 -13.12
C SER B 57 10.22 -36.99 -12.41
N GLY B 58 10.00 -36.82 -11.10
CA GLY B 58 9.33 -37.86 -10.32
C GLY B 58 7.95 -37.43 -9.86
N THR B 59 6.93 -38.15 -10.30
CA THR B 59 5.55 -37.83 -9.93
C THR B 59 4.75 -39.10 -9.67
N ASP B 60 5.40 -40.25 -9.79
CA ASP B 60 4.74 -41.53 -9.58
C ASP B 60 4.86 -41.97 -8.12
N THR B 61 6.08 -42.33 -7.71
CA THR B 61 6.33 -42.77 -6.35
C THR B 61 7.81 -42.67 -5.99
N GLN A 1 7.99 -12.85 5.87
CA GLN A 1 8.81 -12.26 4.78
C GLN A 1 8.10 -12.36 3.44
N ARG A 2 6.85 -12.83 3.47
CA ARG A 2 6.06 -12.97 2.25
C ARG A 2 5.00 -11.88 2.17
N LEU A 3 5.02 -11.12 1.08
CA LEU A 3 4.06 -10.04 0.88
C LEU A 3 2.74 -10.60 0.36
N LYS A 4 1.72 -10.60 1.22
CA LYS A 4 0.41 -11.11 0.84
C LYS A 4 -0.68 -10.15 1.31
N VAL A 5 -1.83 -10.20 0.65
CA VAL A 5 -2.95 -9.31 0.99
C VAL A 5 -3.66 -9.78 2.25
N GLU A 6 -3.92 -11.08 2.36
CA GLU A 6 -4.60 -11.63 3.52
C GLU A 6 -3.81 -11.31 4.79
N ASP A 7 -2.51 -11.16 4.65
CA ASP A 7 -1.66 -10.82 5.79
C ASP A 7 -2.01 -9.43 6.27
N ALA A 8 -2.24 -8.53 5.32
CA ALA A 8 -2.62 -7.17 5.64
C ALA A 8 -3.98 -7.18 6.33
N LEU A 9 -4.83 -8.11 5.90
CA LEU A 9 -6.16 -8.26 6.49
C LEU A 9 -6.02 -8.66 7.95
N SER A 10 -5.15 -9.63 8.20
CA SER A 10 -4.89 -10.08 9.55
C SER A 10 -4.45 -8.89 10.39
N TYR A 11 -3.67 -8.01 9.75
CA TYR A 11 -3.19 -6.81 10.39
C TYR A 11 -4.34 -5.84 10.62
N LEU A 12 -5.33 -5.87 9.72
CA LEU A 12 -6.49 -5.00 9.84
C LEU A 12 -7.24 -5.33 11.13
N ASP A 13 -7.56 -6.61 11.31
CA ASP A 13 -8.26 -7.05 12.49
C ASP A 13 -7.41 -6.78 13.73
N GLN A 14 -6.10 -6.90 13.56
CA GLN A 14 -5.16 -6.63 14.65
C GLN A 14 -5.36 -5.22 15.18
N VAL A 15 -5.49 -4.26 14.25
CA VAL A 15 -5.70 -2.87 14.61
C VAL A 15 -7.03 -2.70 15.33
N LYS A 16 -8.08 -3.29 14.77
CA LYS A 16 -9.40 -3.22 15.36
C LYS A 16 -9.44 -3.92 16.71
N LEU A 17 -8.46 -4.79 16.95
CA LEU A 17 -8.37 -5.53 18.20
C LEU A 17 -7.66 -4.70 19.27
N GLN A 18 -6.63 -3.98 18.87
CA GLN A 18 -5.87 -3.15 19.80
C GLN A 18 -6.68 -1.95 20.27
N PHE A 19 -6.96 -1.02 19.34
CA PHE A 19 -7.72 0.18 19.66
C PHE A 19 -9.08 -0.17 20.27
N GLY A 20 -9.67 -1.26 19.80
CA GLY A 20 -10.96 -1.68 20.30
C GLY A 20 -12.11 -1.24 19.42
N SER A 21 -11.97 -1.47 18.12
CA SER A 21 -12.99 -1.09 17.16
C SER A 21 -13.25 0.41 17.16
N GLN A 22 -12.30 1.18 17.71
CA GLN A 22 -12.42 2.62 17.76
C GLN A 22 -12.67 3.20 16.38
N PRO A 23 -13.89 3.70 16.11
CA PRO A 23 -14.26 4.27 14.81
C PRO A 23 -13.55 5.60 14.54
N GLN A 24 -12.69 6.01 15.47
CA GLN A 24 -11.96 7.27 15.33
C GLN A 24 -10.70 7.07 14.48
N VAL A 25 -9.87 6.10 14.85
CA VAL A 25 -8.65 5.83 14.11
C VAL A 25 -8.89 4.87 12.96
N TYR A 26 -9.80 3.92 13.16
CA TYR A 26 -10.13 2.94 12.13
C TYR A 26 -10.65 3.63 10.87
N ASN A 27 -11.74 4.37 11.03
CA ASN A 27 -12.36 5.08 9.91
C ASN A 27 -11.38 6.01 9.22
N ASP A 28 -10.62 6.77 10.01
CA ASP A 28 -9.64 7.70 9.46
C ASP A 28 -8.57 6.97 8.67
N PHE A 29 -8.22 5.77 9.12
CA PHE A 29 -7.21 4.97 8.44
C PHE A 29 -7.66 4.54 7.05
N LEU A 30 -8.77 3.80 7.00
CA LEU A 30 -9.30 3.32 5.72
C LEU A 30 -9.68 4.49 4.82
N ASP A 31 -10.17 5.58 5.42
CA ASP A 31 -10.56 6.75 4.65
C ASP A 31 -9.35 7.28 3.88
N ILE A 32 -8.25 7.48 4.61
CA ILE A 32 -7.01 7.95 4.01
C ILE A 32 -6.59 7.04 2.86
N MET A 33 -6.63 5.74 3.11
CA MET A 33 -6.27 4.75 2.10
C MET A 33 -7.04 4.97 0.82
N LYS A 34 -8.34 5.25 0.96
CA LYS A 34 -9.19 5.50 -0.18
C LYS A 34 -8.73 6.73 -0.94
N GLU A 35 -8.38 7.78 -0.19
CA GLU A 35 -7.89 9.01 -0.80
C GLU A 35 -6.66 8.72 -1.66
N PHE A 36 -5.85 7.76 -1.19
CA PHE A 36 -4.64 7.37 -1.90
C PHE A 36 -4.98 6.43 -3.05
N LYS A 37 -5.95 5.55 -2.82
CA LYS A 37 -6.39 4.60 -3.83
C LYS A 37 -7.04 5.35 -4.98
N SER A 38 -7.54 6.54 -4.68
CA SER A 38 -8.19 7.38 -5.68
C SER A 38 -7.23 8.51 -6.10
N GLN A 39 -5.99 8.41 -5.65
CA GLN A 39 -4.96 9.41 -5.96
C GLN A 39 -5.35 10.78 -5.40
N SER A 40 -4.66 11.18 -4.32
CA SER A 40 -4.95 12.46 -3.70
C SER A 40 -3.77 12.97 -2.87
N ILE A 41 -3.27 12.14 -1.96
CA ILE A 41 -2.16 12.53 -1.10
C ILE A 41 -0.91 11.71 -1.37
N ASP A 42 -0.88 11.04 -2.50
CA ASP A 42 0.27 10.22 -2.89
C ASP A 42 0.69 9.27 -1.75
N THR A 43 1.88 8.69 -1.87
CA THR A 43 2.39 7.78 -0.85
C THR A 43 2.89 8.53 0.39
N PRO A 44 3.77 9.55 0.23
CA PRO A 44 4.29 10.30 1.37
C PRO A 44 3.19 10.86 2.26
N GLY A 45 2.07 11.24 1.64
CA GLY A 45 0.95 11.78 2.39
C GLY A 45 0.30 10.74 3.28
N VAL A 46 0.25 9.50 2.80
CA VAL A 46 -0.36 8.41 3.57
C VAL A 46 0.51 8.03 4.75
N ILE A 47 1.81 7.90 4.50
CA ILE A 47 2.76 7.53 5.55
C ILE A 47 2.78 8.58 6.67
N SER A 48 2.81 9.85 6.28
CA SER A 48 2.85 10.94 7.25
C SER A 48 1.54 11.01 8.06
N ARG A 49 0.43 11.17 7.36
CA ARG A 49 -0.88 11.27 8.01
C ARG A 49 -1.13 10.07 8.92
N VAL A 50 -1.02 8.87 8.37
CA VAL A 50 -1.24 7.66 9.14
C VAL A 50 -0.30 7.59 10.34
N SER A 51 0.94 8.06 10.16
CA SER A 51 1.92 8.07 11.24
C SER A 51 1.40 8.85 12.43
N GLN A 52 0.89 10.05 12.17
CA GLN A 52 0.36 10.91 13.23
C GLN A 52 -1.08 10.54 13.57
N LEU A 53 -1.68 9.71 12.73
CA LEU A 53 -3.07 9.28 12.93
C LEU A 53 -3.15 8.18 13.99
N PHE A 54 -2.02 7.54 14.25
CA PHE A 54 -1.96 6.46 15.23
C PHE A 54 -1.19 6.88 16.48
N LYS A 55 -1.25 8.16 16.80
CA LYS A 55 -0.57 8.70 17.97
C LYS A 55 -1.07 8.03 19.26
N GLY A 56 -0.21 7.24 19.88
CA GLY A 56 -0.58 6.56 21.11
C GLY A 56 -0.01 5.15 21.19
N HIS A 57 -0.15 4.40 20.09
CA HIS A 57 0.36 3.03 20.04
C HIS A 57 1.44 2.89 18.97
N PRO A 58 2.72 3.01 19.35
CA PRO A 58 3.84 2.88 18.40
C PRO A 58 4.00 1.46 17.88
N ASP A 59 3.21 0.53 18.42
CA ASP A 59 3.27 -0.87 18.01
C ASP A 59 2.75 -1.05 16.59
N LEU A 60 1.51 -0.63 16.36
CA LEU A 60 0.89 -0.73 15.04
C LEU A 60 1.73 -0.01 13.99
N ILE A 61 2.29 1.14 14.38
CA ILE A 61 3.11 1.93 13.47
C ILE A 61 4.41 1.22 13.15
N MET A 62 4.99 0.56 14.15
CA MET A 62 6.25 -0.16 13.97
C MET A 62 6.07 -1.30 12.97
N GLY A 63 5.00 -2.06 13.11
CA GLY A 63 4.74 -3.17 12.21
C GLY A 63 4.30 -2.70 10.84
N PHE A 64 3.61 -1.55 10.80
CA PHE A 64 3.12 -0.99 9.55
C PHE A 64 4.29 -0.55 8.67
N ASN A 65 5.30 0.04 9.29
CA ASN A 65 6.47 0.52 8.56
C ASN A 65 7.22 -0.65 7.92
N THR A 66 7.02 -1.85 8.46
CA THR A 66 7.67 -3.05 7.95
C THR A 66 7.11 -3.43 6.58
N PHE A 67 5.83 -3.17 6.38
CA PHE A 67 5.18 -3.48 5.10
C PHE A 67 5.75 -2.61 3.99
N LEU A 68 5.80 -1.31 4.22
CA LEU A 68 6.33 -0.36 3.24
C LEU A 68 7.70 -0.81 2.74
N PRO A 69 8.01 -0.59 1.45
CA PRO A 69 9.29 -0.97 0.86
C PRO A 69 10.47 -0.35 1.61
N PRO A 70 11.28 -1.17 2.31
CA PRO A 70 12.44 -0.67 3.06
C PRO A 70 13.48 -0.01 2.16
N GLY A 71 14.20 0.95 2.71
CA GLY A 71 15.23 1.65 1.96
C GLY A 71 14.68 2.88 1.27
N SER B 1 -21.50 -15.78 1.20
CA SER B 1 -20.21 -16.50 1.05
C SER B 1 -19.27 -15.75 0.11
N SER B 2 -19.86 -15.08 -0.88
CA SER B 2 -19.07 -14.33 -1.84
C SER B 2 -18.98 -12.85 -1.44
N THR B 3 -20.11 -12.29 -1.04
CA THR B 3 -20.16 -10.89 -0.62
C THR B 3 -20.54 -10.78 0.86
N TRP B 4 -19.79 -9.97 1.59
CA TRP B 4 -20.04 -9.77 3.02
C TRP B 4 -19.37 -8.50 3.51
N LEU B 5 -18.07 -8.37 3.26
CA LEU B 5 -17.32 -7.21 3.69
C LEU B 5 -17.67 -5.99 2.84
N SER B 6 -17.61 -4.82 3.45
CA SER B 6 -17.93 -3.57 2.76
C SER B 6 -16.92 -3.29 1.64
N GLU B 7 -17.26 -2.35 0.77
CA GLU B 7 -16.40 -1.97 -0.33
C GLU B 7 -15.22 -1.13 0.14
N ALA B 8 -15.50 -0.12 0.95
CA ALA B 8 -14.47 0.77 1.47
C ALA B 8 -13.35 -0.02 2.16
N GLU B 9 -13.68 -1.20 2.65
CA GLU B 9 -12.70 -2.05 3.32
C GLU B 9 -11.70 -2.61 2.34
N MET B 10 -12.20 -3.32 1.33
CA MET B 10 -11.35 -3.92 0.31
C MET B 10 -10.60 -2.87 -0.49
N ILE B 11 -11.16 -1.65 -0.52
CA ILE B 11 -10.53 -0.56 -1.25
C ILE B 11 -9.32 -0.02 -0.50
N ALA B 12 -9.52 0.30 0.78
CA ALA B 12 -8.44 0.80 1.60
C ALA B 12 -7.29 -0.20 1.62
N LEU B 13 -7.61 -1.45 1.91
CA LEU B 13 -6.60 -2.50 1.94
C LEU B 13 -5.93 -2.63 0.57
N ALA B 14 -6.73 -2.54 -0.48
CA ALA B 14 -6.19 -2.62 -1.84
C ALA B 14 -5.04 -1.64 -1.99
N GLY B 15 -5.26 -0.42 -1.50
CA GLY B 15 -4.24 0.59 -1.55
C GLY B 15 -3.04 0.23 -0.69
N LEU B 16 -3.31 -0.44 0.43
CA LEU B 16 -2.24 -0.87 1.33
C LEU B 16 -1.25 -1.79 0.60
N LEU B 17 -1.78 -2.87 0.04
CA LEU B 17 -0.96 -3.84 -0.67
C LEU B 17 -0.44 -3.25 -1.99
N GLN B 18 -1.13 -2.22 -2.47
CA GLN B 18 -0.72 -1.56 -3.71
C GLN B 18 0.40 -0.56 -3.45
N MET B 19 0.44 -0.04 -2.22
CA MET B 19 1.45 0.93 -1.84
C MET B 19 2.76 0.23 -1.47
N SER B 20 2.64 -0.92 -0.80
CA SER B 20 3.80 -1.69 -0.40
C SER B 20 3.77 -3.08 -1.02
N GLN B 21 4.46 -3.24 -2.14
CA GLN B 21 4.50 -4.53 -2.84
C GLN B 21 5.91 -4.84 -3.35
N GLY B 22 6.49 -3.91 -4.08
CA GLY B 22 7.83 -4.10 -4.62
C GLY B 22 7.91 -5.32 -5.53
N GLU B 23 6.78 -5.74 -6.06
CA GLU B 23 6.73 -6.90 -6.96
C GLU B 23 7.28 -6.54 -8.33
N GLN B 24 7.75 -5.31 -8.47
CA GLN B 24 8.30 -4.83 -9.73
C GLN B 24 9.33 -3.73 -9.49
N THR B 25 10.50 -3.87 -10.13
CA THR B 25 11.60 -2.91 -10.01
C THR B 25 12.04 -2.75 -8.55
N PRO B 26 13.34 -2.49 -8.31
CA PRO B 26 13.88 -2.32 -6.95
C PRO B 26 13.05 -1.39 -6.08
N ASN B 27 12.43 -1.96 -5.06
CA ASN B 27 11.59 -1.20 -4.13
C ASN B 27 11.51 -1.89 -2.78
N CYS B 28 10.64 -2.90 -2.67
CA CYS B 28 10.48 -3.63 -1.43
C CYS B 28 11.46 -4.80 -1.34
N VAL B 29 11.19 -5.85 -2.11
CA VAL B 29 12.05 -7.03 -2.11
C VAL B 29 13.28 -6.80 -2.98
N ALA B 30 13.20 -5.83 -3.88
CA ALA B 30 14.31 -5.50 -4.77
C ALA B 30 14.67 -6.70 -5.65
N SER B 31 15.78 -6.57 -6.37
CA SER B 31 16.25 -7.64 -7.25
C SER B 31 16.72 -8.84 -6.44
N SER B 32 17.01 -9.94 -7.14
CA SER B 32 17.48 -11.15 -6.49
C SER B 32 18.28 -12.02 -7.46
N LEU B 33 18.32 -11.59 -8.72
CA LEU B 33 19.06 -12.32 -9.75
C LEU B 33 20.29 -11.55 -10.22
N PRO B 34 20.13 -10.26 -10.65
CA PRO B 34 21.27 -9.46 -11.11
C PRO B 34 22.18 -9.02 -9.97
N SER B 35 21.64 -8.24 -9.05
CA SER B 35 22.41 -7.74 -7.90
C SER B 35 22.26 -8.67 -6.70
N THR B 36 21.02 -8.93 -6.31
CA THR B 36 20.73 -9.80 -5.17
C THR B 36 21.22 -9.18 -3.87
N SER B 37 20.48 -9.44 -2.79
CA SER B 37 20.85 -8.91 -1.48
C SER B 37 21.69 -9.91 -0.70
N CYS B 38 21.64 -11.18 -1.12
CA CYS B 38 22.39 -12.23 -0.45
C CYS B 38 22.59 -13.43 -1.38
N PRO B 39 23.65 -13.41 -2.20
CA PRO B 39 23.94 -14.51 -3.13
C PRO B 39 24.36 -15.77 -2.40
N ASP B 40 25.23 -15.61 -1.41
CA ASP B 40 25.71 -16.74 -0.62
C ASP B 40 26.28 -16.25 0.71
N PRO B 41 25.42 -15.74 1.62
CA PRO B 41 25.85 -15.24 2.93
C PRO B 41 26.32 -16.36 3.85
N VAL B 42 26.89 -15.98 4.99
CA VAL B 42 27.38 -16.94 5.96
C VAL B 42 27.13 -16.44 7.38
N SER B 43 26.06 -16.92 7.99
CA SER B 43 25.69 -16.51 9.34
C SER B 43 25.48 -15.01 9.40
N VAL B 44 25.28 -14.41 8.22
CA VAL B 44 25.06 -12.96 8.11
C VAL B 44 26.28 -12.19 8.63
N SER B 45 27.17 -11.83 7.71
CA SER B 45 28.38 -11.08 8.06
C SER B 45 29.04 -10.51 6.81
N GLU B 46 29.75 -11.36 6.08
CA GLU B 46 30.43 -10.95 4.86
C GLU B 46 31.41 -9.80 5.13
N ASP B 47 30.92 -8.57 5.06
CA ASP B 47 31.74 -7.39 5.29
C ASP B 47 30.87 -6.14 5.48
N PRO B 48 30.56 -5.78 6.73
CA PRO B 48 29.74 -4.61 7.03
C PRO B 48 30.47 -3.30 6.76
N GLY B 49 29.86 -2.19 7.15
CA GLY B 49 30.47 -0.88 6.94
C GLY B 49 31.47 -0.52 8.03
N PRO B 50 32.22 0.59 7.85
CA PRO B 50 33.20 1.05 8.83
C PRO B 50 32.57 1.73 10.03
N SER B 51 32.69 1.11 11.21
CA SER B 51 32.13 1.64 12.44
C SER B 51 30.61 1.78 12.33
N GLY B 52 29.99 2.20 13.42
CA GLY B 52 28.55 2.37 13.43
C GLY B 52 27.83 1.19 14.06
N ASP B 53 28.58 0.12 14.31
CA ASP B 53 28.02 -1.09 14.91
C ASP B 53 26.85 -1.64 14.09
N GLN B 54 27.14 -2.63 13.26
CA GLN B 54 26.12 -3.25 12.42
C GLN B 54 26.58 -4.61 11.91
N SER B 55 25.65 -5.56 11.87
CA SER B 55 25.96 -6.91 11.40
C SER B 55 25.65 -7.05 9.91
N CYS B 56 26.70 -7.24 9.11
CA CYS B 56 26.56 -7.39 7.67
C CYS B 56 25.90 -6.16 7.05
N SER B 57 24.56 -6.17 7.01
CA SER B 57 23.80 -5.05 6.45
C SER B 57 24.17 -4.82 4.98
N GLY B 58 25.25 -4.09 4.75
CA GLY B 58 25.68 -3.80 3.39
C GLY B 58 25.31 -2.40 2.94
N THR B 59 26.03 -1.90 1.94
CA THR B 59 25.78 -0.56 1.42
C THR B 59 25.84 -0.55 -0.11
N ASP B 60 26.92 -1.12 -0.65
CA ASP B 60 27.12 -1.17 -2.09
C ASP B 60 26.63 -2.49 -2.66
N THR B 61 26.03 -3.32 -1.81
CA THR B 61 25.52 -4.62 -2.23
C THR B 61 24.23 -4.47 -3.02
N GLN A 1 8.65 -14.62 -0.76
CA GLN A 1 8.30 -13.26 -0.28
C GLN A 1 7.46 -13.33 1.00
N ARG A 2 7.73 -12.42 1.92
CA ARG A 2 7.00 -12.38 3.19
C ARG A 2 5.81 -11.43 3.11
N LEU A 3 5.83 -10.54 2.12
CA LEU A 3 4.75 -9.58 1.95
C LEU A 3 3.56 -10.23 1.25
N LYS A 4 2.41 -10.24 1.93
CA LYS A 4 1.21 -10.83 1.38
C LYS A 4 -0.01 -9.97 1.68
N VAL A 5 -0.99 -9.98 0.79
CA VAL A 5 -2.21 -9.20 0.98
C VAL A 5 -2.96 -9.69 2.21
N GLU A 6 -3.11 -11.01 2.32
CA GLU A 6 -3.81 -11.60 3.46
C GLU A 6 -3.15 -11.19 4.77
N ASP A 7 -1.83 -10.97 4.72
CA ASP A 7 -1.10 -10.54 5.90
C ASP A 7 -1.58 -9.16 6.32
N ALA A 8 -1.81 -8.32 5.31
CA ALA A 8 -2.29 -6.98 5.55
C ALA A 8 -3.67 -7.03 6.20
N LEU A 9 -4.48 -7.98 5.76
CA LEU A 9 -5.81 -8.16 6.31
C LEU A 9 -5.72 -8.51 7.79
N SER A 10 -4.79 -9.41 8.12
CA SER A 10 -4.59 -9.81 9.51
C SER A 10 -4.25 -8.58 10.34
N TYR A 11 -3.42 -7.71 9.77
CA TYR A 11 -3.03 -6.48 10.44
C TYR A 11 -4.26 -5.60 10.67
N LEU A 12 -5.18 -5.63 9.72
CA LEU A 12 -6.41 -4.84 9.83
C LEU A 12 -7.22 -5.30 11.03
N ASP A 13 -7.38 -6.62 11.16
CA ASP A 13 -8.12 -7.20 12.26
C ASP A 13 -7.44 -6.86 13.59
N GLN A 14 -6.11 -6.82 13.56
CA GLN A 14 -5.34 -6.48 14.75
C GLN A 14 -5.67 -5.08 15.23
N VAL A 15 -5.76 -4.15 14.27
CA VAL A 15 -6.08 -2.77 14.59
C VAL A 15 -7.49 -2.65 15.14
N LYS A 16 -8.41 -3.44 14.58
CA LYS A 16 -9.80 -3.43 15.03
C LYS A 16 -9.92 -3.98 16.44
N LEU A 17 -9.06 -4.94 16.77
CA LEU A 17 -9.06 -5.55 18.10
C LEU A 17 -8.53 -4.57 19.13
N GLN A 18 -7.38 -3.99 18.85
CA GLN A 18 -6.76 -3.03 19.76
C GLN A 18 -7.63 -1.78 19.88
N PHE A 19 -7.72 -1.03 18.80
CA PHE A 19 -8.52 0.19 18.77
C PHE A 19 -10.00 -0.14 18.63
N GLY A 20 -10.60 -0.59 19.73
CA GLY A 20 -12.01 -0.95 19.72
C GLY A 20 -12.90 0.25 20.00
N SER A 21 -12.66 0.91 21.13
CA SER A 21 -13.44 2.07 21.52
C SER A 21 -12.99 3.30 20.74
N GLN A 22 -12.12 3.08 19.76
CA GLN A 22 -11.60 4.16 18.93
C GLN A 22 -11.95 3.92 17.45
N PRO A 23 -13.22 4.09 17.08
CA PRO A 23 -13.67 3.88 15.70
C PRO A 23 -13.21 5.01 14.77
N GLN A 24 -12.65 6.05 15.37
CA GLN A 24 -12.16 7.19 14.60
C GLN A 24 -10.95 6.80 13.76
N VAL A 25 -9.89 6.35 14.43
CA VAL A 25 -8.67 5.94 13.76
C VAL A 25 -8.95 4.94 12.64
N TYR A 26 -9.89 4.04 12.86
CA TYR A 26 -10.24 3.03 11.87
C TYR A 26 -10.74 3.68 10.58
N ASN A 27 -11.83 4.45 10.71
CA ASN A 27 -12.41 5.14 9.56
C ASN A 27 -11.40 6.06 8.89
N ASP A 28 -10.61 6.76 9.72
CA ASP A 28 -9.60 7.67 9.19
C ASP A 28 -8.53 6.93 8.41
N PHE A 29 -8.21 5.71 8.87
CA PHE A 29 -7.20 4.90 8.21
C PHE A 29 -7.65 4.47 6.82
N LEU A 30 -8.75 3.74 6.75
CA LEU A 30 -9.27 3.25 5.48
C LEU A 30 -9.63 4.41 4.55
N ASP A 31 -10.23 5.47 5.11
CA ASP A 31 -10.59 6.63 4.32
C ASP A 31 -9.36 7.19 3.62
N ILE A 32 -8.29 7.33 4.39
CA ILE A 32 -7.02 7.82 3.85
C ILE A 32 -6.58 6.94 2.68
N MET A 33 -6.66 5.64 2.89
CA MET A 33 -6.27 4.68 1.86
C MET A 33 -7.03 4.94 0.57
N LYS A 34 -8.32 5.26 0.68
CA LYS A 34 -9.14 5.55 -0.48
C LYS A 34 -8.66 6.82 -1.16
N GLU A 35 -8.23 7.79 -0.37
CA GLU A 35 -7.71 9.05 -0.90
C GLU A 35 -6.50 8.78 -1.80
N PHE A 36 -5.63 7.90 -1.33
CA PHE A 36 -4.43 7.55 -2.08
C PHE A 36 -4.77 6.53 -3.17
N LYS A 37 -5.86 5.81 -2.97
CA LYS A 37 -6.31 4.80 -3.92
C LYS A 37 -6.81 5.46 -5.20
N SER A 38 -7.78 6.35 -5.07
CA SER A 38 -8.35 7.05 -6.21
C SER A 38 -7.37 8.10 -6.74
N GLN A 39 -7.38 9.27 -6.10
CA GLN A 39 -6.50 10.37 -6.50
C GLN A 39 -6.65 11.54 -5.55
N SER A 40 -5.69 11.70 -4.64
CA SER A 40 -5.73 12.79 -3.67
C SER A 40 -4.33 13.12 -3.16
N ILE A 41 -3.83 12.29 -2.24
CA ILE A 41 -2.51 12.50 -1.66
C ILE A 41 -1.51 11.48 -2.19
N ASP A 42 -0.24 11.68 -1.87
CA ASP A 42 0.83 10.78 -2.31
C ASP A 42 1.24 9.84 -1.18
N THR A 43 2.25 9.01 -1.45
CA THR A 43 2.74 8.06 -0.46
C THR A 43 3.16 8.77 0.83
N PRO A 44 4.00 9.82 0.75
CA PRO A 44 4.45 10.55 1.94
C PRO A 44 3.28 11.03 2.80
N GLY A 45 2.18 11.36 2.14
CA GLY A 45 1.00 11.82 2.86
C GLY A 45 0.33 10.71 3.66
N VAL A 46 0.35 9.51 3.09
CA VAL A 46 -0.26 8.35 3.74
C VAL A 46 0.54 7.95 4.99
N ILE A 47 1.86 7.90 4.84
CA ILE A 47 2.73 7.53 5.96
C ILE A 47 2.67 8.56 7.08
N SER A 48 2.73 9.84 6.71
CA SER A 48 2.69 10.93 7.68
C SER A 48 1.38 10.92 8.47
N ARG A 49 0.26 10.98 7.75
CA ARG A 49 -1.05 10.99 8.38
C ARG A 49 -1.26 9.76 9.26
N VAL A 50 -1.10 8.58 8.68
CA VAL A 50 -1.27 7.34 9.42
C VAL A 50 -0.37 7.30 10.65
N SER A 51 0.81 7.92 10.55
CA SER A 51 1.75 7.96 11.67
C SER A 51 1.16 8.74 12.83
N GLN A 52 0.66 9.93 12.54
CA GLN A 52 0.07 10.78 13.58
C GLN A 52 -1.34 10.31 13.93
N LEU A 53 -1.88 9.41 13.10
CA LEU A 53 -3.23 8.89 13.32
C LEU A 53 -3.23 7.88 14.47
N PHE A 54 -2.25 6.99 14.47
CA PHE A 54 -2.13 5.97 15.51
C PHE A 54 -1.25 6.47 16.66
N LYS A 55 -1.22 7.78 16.86
CA LYS A 55 -0.42 8.38 17.92
C LYS A 55 -0.80 7.79 19.28
N GLY A 56 0.06 6.92 19.80
CA GLY A 56 -0.20 6.30 21.09
C GLY A 56 0.38 4.91 21.19
N HIS A 57 0.20 4.12 20.13
CA HIS A 57 0.70 2.75 20.09
C HIS A 57 1.73 2.58 18.98
N PRO A 58 3.04 2.65 19.30
CA PRO A 58 4.11 2.50 18.31
C PRO A 58 4.21 1.08 17.77
N ASP A 59 3.47 0.16 18.40
CA ASP A 59 3.47 -1.23 17.97
C ASP A 59 2.87 -1.38 16.58
N LEU A 60 1.63 -0.91 16.42
CA LEU A 60 0.95 -0.99 15.14
C LEU A 60 1.75 -0.28 14.05
N ILE A 61 2.30 0.89 14.41
CA ILE A 61 3.09 1.67 13.46
C ILE A 61 4.34 0.91 13.04
N MET A 62 4.94 0.19 13.98
CA MET A 62 6.14 -0.60 13.70
C MET A 62 5.84 -1.70 12.70
N GLY A 63 4.72 -2.38 12.90
CA GLY A 63 4.34 -3.46 12.00
C GLY A 63 3.82 -2.96 10.67
N PHE A 64 3.35 -1.71 10.65
CA PHE A 64 2.82 -1.12 9.43
C PHE A 64 3.96 -0.72 8.49
N ASN A 65 4.98 -0.06 9.04
CA ASN A 65 6.13 0.38 8.26
C ASN A 65 6.83 -0.81 7.60
N THR A 66 6.64 -1.99 8.18
CA THR A 66 7.25 -3.21 7.66
C THR A 66 6.67 -3.57 6.29
N PHE A 67 5.37 -3.31 6.12
CA PHE A 67 4.70 -3.60 4.86
C PHE A 67 5.35 -2.84 3.70
N LEU A 68 5.65 -1.57 3.94
CA LEU A 68 6.28 -0.74 2.92
C LEU A 68 7.65 -1.31 2.52
N PRO A 69 8.06 -1.07 1.26
CA PRO A 69 9.36 -1.58 0.77
C PRO A 69 10.54 -0.98 1.52
N PRO A 70 11.41 -1.82 2.10
CA PRO A 70 12.57 -1.35 2.86
C PRO A 70 13.51 -0.50 2.02
N GLY A 71 14.23 0.41 2.67
CA GLY A 71 15.15 1.29 1.97
C GLY A 71 15.84 2.27 2.89
N SER B 1 -15.19 -16.56 -4.25
CA SER B 1 -15.96 -15.65 -5.12
C SER B 1 -17.01 -14.87 -4.32
N SER B 2 -17.28 -15.35 -3.11
CA SER B 2 -18.27 -14.69 -2.25
C SER B 2 -17.58 -13.86 -1.18
N THR B 3 -17.97 -12.59 -1.07
CA THR B 3 -17.39 -11.69 -0.08
C THR B 3 -18.37 -11.41 1.05
N TRP B 4 -17.83 -11.23 2.25
CA TRP B 4 -18.64 -10.96 3.43
C TRP B 4 -18.23 -9.64 4.08
N LEU B 5 -16.98 -9.26 3.86
CA LEU B 5 -16.44 -8.02 4.42
C LEU B 5 -17.04 -6.80 3.73
N SER B 6 -16.67 -5.62 4.19
CA SER B 6 -17.16 -4.37 3.62
C SER B 6 -16.28 -3.93 2.46
N GLU B 7 -16.87 -3.24 1.49
CA GLU B 7 -16.14 -2.76 0.33
C GLU B 7 -15.03 -1.80 0.73
N ALA B 8 -15.28 -1.01 1.78
CA ALA B 8 -14.31 -0.05 2.26
C ALA B 8 -13.00 -0.74 2.66
N GLU B 9 -13.11 -1.97 3.13
CA GLU B 9 -11.93 -2.73 3.54
C GLU B 9 -11.14 -3.23 2.34
N MET B 10 -11.85 -3.71 1.33
CA MET B 10 -11.20 -4.22 0.12
C MET B 10 -10.50 -3.09 -0.63
N ILE B 11 -11.06 -1.89 -0.56
CA ILE B 11 -10.48 -0.74 -1.25
C ILE B 11 -9.24 -0.22 -0.53
N ALA B 12 -9.40 0.05 0.77
CA ALA B 12 -8.28 0.54 1.56
C ALA B 12 -7.10 -0.42 1.47
N LEU B 13 -7.36 -1.70 1.67
CA LEU B 13 -6.31 -2.71 1.60
C LEU B 13 -5.72 -2.77 0.20
N ALA B 14 -6.58 -2.65 -0.82
CA ALA B 14 -6.12 -2.67 -2.20
C ALA B 14 -4.99 -1.68 -2.37
N GLY B 15 -5.23 -0.43 -1.94
CA GLY B 15 -4.21 0.59 -2.03
C GLY B 15 -3.04 0.31 -1.14
N LEU B 16 -3.28 -0.39 -0.03
CA LEU B 16 -2.22 -0.74 0.91
C LEU B 16 -1.16 -1.61 0.23
N LEU B 17 -1.60 -2.74 -0.32
CA LEU B 17 -0.71 -3.65 -1.00
C LEU B 17 -0.27 -3.09 -2.34
N GLN B 18 -1.04 -2.14 -2.86
CA GLN B 18 -0.72 -1.51 -4.14
C GLN B 18 0.36 -0.45 -3.95
N MET B 19 0.44 0.10 -2.75
CA MET B 19 1.42 1.13 -2.43
C MET B 19 2.74 0.50 -2.03
N SER B 20 2.68 -0.57 -1.25
CA SER B 20 3.89 -1.26 -0.80
C SER B 20 4.44 -2.17 -1.90
N GLN B 21 5.18 -1.58 -2.83
CA GLN B 21 5.79 -2.34 -3.93
C GLN B 21 7.21 -1.86 -4.18
N GLY B 22 7.32 -0.64 -4.68
CA GLY B 22 8.62 -0.07 -4.96
C GLY B 22 8.98 -0.15 -6.43
N GLU B 23 8.78 0.95 -7.15
CA GLU B 23 9.08 1.01 -8.57
C GLU B 23 10.32 1.86 -8.84
N GLN B 24 10.22 3.15 -8.53
CA GLN B 24 11.34 4.07 -8.74
C GLN B 24 12.16 4.22 -7.46
N THR B 25 13.21 5.04 -7.51
CA THR B 25 14.08 5.24 -6.36
C THR B 25 13.35 5.85 -5.16
N PRO B 26 12.48 6.88 -5.35
CA PRO B 26 11.75 7.50 -4.23
C PRO B 26 10.76 6.53 -3.58
N ASN B 27 9.70 6.19 -4.32
CA ASN B 27 8.69 5.28 -3.82
C ASN B 27 7.97 4.60 -4.99
N CYS B 28 6.93 3.83 -4.67
CA CYS B 28 6.16 3.13 -5.69
C CYS B 28 5.44 4.12 -6.61
N VAL B 29 6.12 4.59 -7.64
CA VAL B 29 5.54 5.54 -8.59
C VAL B 29 6.48 5.75 -9.78
N ALA B 30 5.89 5.94 -10.95
CA ALA B 30 6.65 6.16 -12.17
C ALA B 30 6.73 7.63 -12.53
N SER B 31 7.92 8.10 -12.90
CA SER B 31 8.13 9.49 -13.26
C SER B 31 9.03 9.61 -14.49
N SER B 32 9.00 10.77 -15.13
CA SER B 32 9.80 11.02 -16.32
C SER B 32 10.58 12.32 -16.19
N LEU B 33 10.63 12.86 -14.98
CA LEU B 33 11.35 14.10 -14.71
C LEU B 33 12.76 13.89 -14.15
N PRO B 34 13.04 12.77 -13.42
CA PRO B 34 14.37 12.54 -12.86
C PRO B 34 15.43 12.30 -13.93
N SER B 35 15.32 11.19 -14.64
CA SER B 35 16.26 10.84 -15.70
C SER B 35 15.58 10.08 -16.83
N THR B 36 14.39 9.57 -16.56
CA THR B 36 13.63 8.82 -17.55
C THR B 36 13.01 9.75 -18.59
N SER B 37 12.99 9.31 -19.84
CA SER B 37 12.43 10.10 -20.93
C SER B 37 11.48 9.26 -21.77
N CYS B 38 11.23 8.03 -21.34
CA CYS B 38 10.34 7.12 -22.06
C CYS B 38 10.81 6.90 -23.49
N PRO B 39 11.84 6.05 -23.68
CA PRO B 39 12.37 5.75 -25.02
C PRO B 39 11.37 4.97 -25.87
N ASP B 40 10.72 4.00 -25.25
CA ASP B 40 9.72 3.18 -25.94
C ASP B 40 8.92 2.35 -24.93
N PRO B 41 8.03 3.00 -24.16
CA PRO B 41 7.20 2.31 -23.16
C PRO B 41 6.00 1.59 -23.78
N VAL B 42 6.17 1.12 -25.01
CA VAL B 42 5.10 0.41 -25.71
C VAL B 42 5.22 -1.09 -25.51
N SER B 43 6.30 -1.68 -26.04
CA SER B 43 6.53 -3.11 -25.92
C SER B 43 7.87 -3.38 -25.23
N VAL B 44 8.84 -2.51 -25.49
CA VAL B 44 10.18 -2.65 -24.91
C VAL B 44 10.88 -3.91 -25.41
N SER B 45 12.19 -3.81 -25.63
CA SER B 45 12.98 -4.93 -26.10
C SER B 45 13.31 -5.89 -24.96
N GLU B 46 13.97 -6.98 -25.30
CA GLU B 46 14.35 -7.97 -24.30
C GLU B 46 15.69 -7.62 -23.66
N ASP B 47 16.64 -7.23 -24.49
CA ASP B 47 17.97 -6.86 -24.01
C ASP B 47 18.63 -5.84 -24.94
N PRO B 48 19.27 -4.79 -24.39
CA PRO B 48 19.92 -3.76 -25.18
C PRO B 48 21.24 -4.22 -25.80
N GLY B 49 22.13 -4.73 -24.95
CA GLY B 49 23.42 -5.22 -25.42
C GLY B 49 24.06 -6.19 -24.45
N PRO B 50 25.25 -6.73 -24.79
CA PRO B 50 25.95 -7.69 -23.94
C PRO B 50 26.49 -7.05 -22.67
N SER B 51 27.23 -5.95 -22.83
CA SER B 51 27.80 -5.23 -21.68
C SER B 51 27.17 -3.85 -21.53
N GLY B 52 26.58 -3.60 -20.38
CA GLY B 52 25.95 -2.32 -20.12
C GLY B 52 25.20 -2.29 -18.80
N ASP B 53 24.18 -1.44 -18.72
CA ASP B 53 23.38 -1.31 -17.51
C ASP B 53 22.30 -2.39 -17.45
N GLN B 54 21.84 -2.69 -16.24
CA GLN B 54 20.82 -3.70 -16.03
C GLN B 54 19.43 -3.12 -16.32
N SER B 55 19.07 -3.07 -17.59
CA SER B 55 17.77 -2.54 -18.01
C SER B 55 17.51 -2.83 -19.48
N CYS B 56 16.24 -2.76 -19.88
CA CYS B 56 15.86 -3.01 -21.26
C CYS B 56 15.63 -1.70 -22.00
N SER B 57 16.43 -1.45 -23.03
CA SER B 57 16.31 -0.24 -23.82
C SER B 57 16.44 -0.54 -25.31
N GLY B 58 17.68 -0.74 -25.76
CA GLY B 58 17.92 -1.03 -27.16
C GLY B 58 17.47 0.09 -28.08
N THR B 59 17.87 1.31 -27.76
CA THR B 59 17.50 2.48 -28.55
C THR B 59 18.61 2.89 -29.50
N ASP B 60 19.85 2.61 -29.10
CA ASP B 60 21.00 2.95 -29.93
C ASP B 60 21.79 1.71 -30.32
N THR B 61 22.05 0.85 -29.34
CA THR B 61 22.80 -0.39 -29.58
C THR B 61 21.85 -1.55 -29.85
N GLN A 1 8.02 -10.14 -2.39
CA GLN A 1 7.92 -11.49 -1.77
C GLN A 1 7.78 -11.38 -0.26
N ARG A 2 7.23 -12.42 0.36
CA ARG A 2 7.04 -12.45 1.81
C ARG A 2 6.10 -11.35 2.27
N LEU A 3 5.38 -10.75 1.31
CA LEU A 3 4.44 -9.68 1.62
C LEU A 3 3.05 -10.26 1.92
N LYS A 4 2.38 -10.72 0.88
CA LYS A 4 1.05 -11.30 1.00
C LYS A 4 0.04 -10.27 1.51
N VAL A 5 -1.22 -10.45 1.11
CA VAL A 5 -2.29 -9.55 1.52
C VAL A 5 -3.02 -10.12 2.73
N GLU A 6 -2.99 -11.44 2.86
CA GLU A 6 -3.65 -12.13 3.97
C GLU A 6 -3.09 -11.63 5.30
N ASP A 7 -1.78 -11.45 5.36
CA ASP A 7 -1.13 -10.96 6.57
C ASP A 7 -1.59 -9.54 6.87
N ALA A 8 -1.85 -8.79 5.81
CA ALA A 8 -2.32 -7.41 5.94
C ALA A 8 -3.69 -7.38 6.59
N LEU A 9 -4.56 -8.30 6.18
CA LEU A 9 -5.90 -8.38 6.74
C LEU A 9 -5.83 -8.73 8.22
N SER A 10 -4.98 -9.69 8.56
CA SER A 10 -4.81 -10.08 9.95
C SER A 10 -4.41 -8.85 10.76
N TYR A 11 -3.53 -8.04 10.18
CA TYR A 11 -3.09 -6.81 10.81
C TYR A 11 -4.26 -5.85 10.97
N LEU A 12 -5.14 -5.84 9.96
CA LEU A 12 -6.31 -4.99 9.98
C LEU A 12 -7.17 -5.31 11.20
N ASP A 13 -7.37 -6.61 11.43
CA ASP A 13 -8.16 -7.07 12.55
C ASP A 13 -7.49 -6.68 13.86
N GLN A 14 -6.15 -6.73 13.87
CA GLN A 14 -5.40 -6.36 15.06
C GLN A 14 -5.65 -4.90 15.42
N VAL A 15 -5.71 -4.04 14.41
CA VAL A 15 -5.95 -2.62 14.63
C VAL A 15 -7.34 -2.40 15.21
N LYS A 16 -8.35 -2.94 14.55
CA LYS A 16 -9.73 -2.79 14.99
C LYS A 16 -9.95 -3.46 16.34
N LEU A 17 -9.11 -4.45 16.65
CA LEU A 17 -9.21 -5.18 17.91
C LEU A 17 -8.75 -4.31 19.08
N GLN A 18 -7.51 -3.84 19.01
CA GLN A 18 -6.93 -3.00 20.06
C GLN A 18 -7.86 -1.82 20.38
N PHE A 19 -8.10 -0.98 19.38
CA PHE A 19 -8.97 0.19 19.58
C PHE A 19 -10.37 -0.25 19.97
N GLY A 20 -11.07 -0.90 19.05
CA GLY A 20 -12.43 -1.36 19.31
C GLY A 20 -13.39 -0.22 19.58
N SER A 21 -13.45 0.22 20.83
CA SER A 21 -14.33 1.31 21.23
C SER A 21 -13.91 2.61 20.56
N GLN A 22 -12.78 2.59 19.89
CA GLN A 22 -12.26 3.77 19.19
C GLN A 22 -12.17 3.53 17.69
N PRO A 23 -13.33 3.55 16.99
CA PRO A 23 -13.38 3.33 15.55
C PRO A 23 -13.04 4.60 14.75
N GLN A 24 -12.79 5.69 15.46
CA GLN A 24 -12.46 6.95 14.82
C GLN A 24 -11.09 6.89 14.16
N VAL A 25 -10.21 6.05 14.70
CA VAL A 25 -8.86 5.90 14.16
C VAL A 25 -8.85 4.93 12.99
N TYR A 26 -9.47 3.77 13.20
CA TYR A 26 -9.54 2.74 12.16
C TYR A 26 -10.18 3.29 10.90
N ASN A 27 -11.34 3.90 11.06
CA ASN A 27 -12.07 4.49 9.93
C ASN A 27 -11.22 5.55 9.25
N ASP A 28 -10.49 6.33 10.04
CA ASP A 28 -9.64 7.39 9.50
C ASP A 28 -8.51 6.78 8.67
N PHE A 29 -8.07 5.59 9.06
CA PHE A 29 -7.00 4.91 8.36
C PHE A 29 -7.46 4.48 6.97
N LEU A 30 -8.50 3.66 6.91
CA LEU A 30 -9.03 3.18 5.63
C LEU A 30 -9.56 4.34 4.79
N ASP A 31 -10.04 5.38 5.46
CA ASP A 31 -10.55 6.55 4.76
C ASP A 31 -9.43 7.19 3.95
N ILE A 32 -8.31 7.45 4.63
CA ILE A 32 -7.15 8.03 3.99
C ILE A 32 -6.74 7.19 2.80
N MET A 33 -6.65 5.88 3.00
CA MET A 33 -6.29 4.95 1.95
C MET A 33 -7.18 5.15 0.73
N LYS A 34 -8.48 5.25 0.99
CA LYS A 34 -9.46 5.45 -0.07
C LYS A 34 -9.13 6.71 -0.86
N GLU A 35 -8.72 7.76 -0.14
CA GLU A 35 -8.35 9.01 -0.79
C GLU A 35 -7.16 8.78 -1.72
N PHE A 36 -6.25 7.92 -1.28
CA PHE A 36 -5.07 7.58 -2.07
C PHE A 36 -5.48 6.89 -3.36
N LYS A 37 -6.37 5.91 -3.24
CA LYS A 37 -6.86 5.16 -4.39
C LYS A 37 -7.83 6.01 -5.21
N SER A 38 -8.34 7.06 -4.59
CA SER A 38 -9.29 7.95 -5.27
C SER A 38 -8.56 9.18 -5.80
N GLN A 39 -7.23 9.11 -5.81
CA GLN A 39 -6.39 10.21 -6.28
C GLN A 39 -6.59 11.47 -5.44
N SER A 40 -5.66 11.70 -4.52
CA SER A 40 -5.72 12.87 -3.64
C SER A 40 -4.36 13.14 -3.01
N ILE A 41 -3.86 12.18 -2.26
CA ILE A 41 -2.57 12.31 -1.60
C ILE A 41 -1.57 11.28 -2.13
N ASP A 42 -0.29 11.62 -2.04
CA ASP A 42 0.77 10.73 -2.51
C ASP A 42 1.21 9.77 -1.41
N THR A 43 2.17 8.91 -1.74
CA THR A 43 2.68 7.93 -0.78
C THR A 43 3.17 8.61 0.52
N PRO A 44 4.03 9.65 0.41
CA PRO A 44 4.55 10.35 1.59
C PRO A 44 3.45 10.89 2.48
N GLY A 45 2.39 11.40 1.85
CA GLY A 45 1.27 11.94 2.61
C GLY A 45 0.57 10.88 3.43
N VAL A 46 0.42 9.69 2.85
CA VAL A 46 -0.24 8.59 3.54
C VAL A 46 0.59 8.11 4.73
N ILE A 47 1.90 8.01 4.54
CA ILE A 47 2.80 7.57 5.59
C ILE A 47 2.77 8.52 6.78
N SER A 48 2.79 9.82 6.49
CA SER A 48 2.78 10.84 7.54
C SER A 48 1.48 10.82 8.34
N ARG A 49 0.36 10.93 7.64
CA ARG A 49 -0.95 10.94 8.28
C ARG A 49 -1.19 9.66 9.07
N VAL A 50 -0.96 8.51 8.43
CA VAL A 50 -1.16 7.22 9.07
C VAL A 50 -0.30 7.07 10.32
N SER A 51 0.96 7.49 10.23
CA SER A 51 1.88 7.40 11.36
C SER A 51 1.37 8.20 12.55
N GLN A 52 0.92 9.42 12.29
CA GLN A 52 0.41 10.29 13.34
C GLN A 52 -1.02 9.92 13.71
N LEU A 53 -1.65 9.07 12.88
CA LEU A 53 -3.01 8.63 13.13
C LEU A 53 -3.06 7.65 14.30
N PHE A 54 -2.03 6.83 14.42
CA PHE A 54 -1.95 5.85 15.50
C PHE A 54 -1.12 6.38 16.66
N LYS A 55 -1.21 7.69 16.88
CA LYS A 55 -0.46 8.33 17.96
C LYS A 55 -0.71 7.62 19.30
N GLY A 56 0.37 7.29 19.98
CA GLY A 56 0.26 6.61 21.26
C GLY A 56 0.64 5.14 21.17
N HIS A 57 0.25 4.51 20.06
CA HIS A 57 0.55 3.10 19.85
C HIS A 57 1.55 2.93 18.71
N PRO A 58 2.85 2.82 19.03
CA PRO A 58 3.91 2.66 18.02
C PRO A 58 3.96 1.24 17.45
N ASP A 59 3.13 0.36 18.00
CA ASP A 59 3.09 -1.03 17.55
C ASP A 59 2.52 -1.13 16.13
N LEU A 60 1.38 -0.47 15.91
CA LEU A 60 0.74 -0.48 14.60
C LEU A 60 1.60 0.25 13.57
N ILE A 61 2.28 1.30 14.01
CA ILE A 61 3.14 2.08 13.13
C ILE A 61 4.33 1.26 12.65
N MET A 62 4.94 0.53 13.58
CA MET A 62 6.09 -0.30 13.25
C MET A 62 5.68 -1.45 12.35
N GLY A 63 4.50 -2.01 12.61
CA GLY A 63 4.01 -3.11 11.81
C GLY A 63 3.65 -2.71 10.39
N PHE A 64 3.14 -1.49 10.24
CA PHE A 64 2.76 -0.98 8.93
C PHE A 64 3.99 -0.54 8.14
N ASN A 65 4.99 -0.02 8.84
CA ASN A 65 6.21 0.44 8.21
C ASN A 65 6.97 -0.73 7.58
N THR A 66 6.69 -1.93 8.08
CA THR A 66 7.34 -3.13 7.57
C THR A 66 6.84 -3.49 6.17
N PHE A 67 5.55 -3.26 5.94
CA PHE A 67 4.94 -3.56 4.65
C PHE A 67 5.64 -2.79 3.53
N LEU A 68 5.88 -1.51 3.78
CA LEU A 68 6.55 -0.66 2.79
C LEU A 68 7.91 -1.25 2.41
N PRO A 69 8.37 -1.00 1.17
CA PRO A 69 9.66 -1.51 0.70
C PRO A 69 10.84 -0.92 1.46
N PRO A 70 11.56 -1.76 2.24
CA PRO A 70 12.71 -1.30 3.03
C PRO A 70 13.84 -0.75 2.16
N GLY A 71 14.65 0.12 2.73
CA GLY A 71 15.75 0.71 1.99
C GLY A 71 16.71 1.48 2.87
N SER B 1 -21.02 -17.55 -4.40
CA SER B 1 -20.61 -16.14 -4.14
C SER B 1 -20.81 -15.78 -2.67
N SER B 2 -19.78 -15.18 -2.06
CA SER B 2 -19.86 -14.77 -0.67
C SER B 2 -19.17 -13.44 -0.45
N THR B 3 -19.76 -12.59 0.40
CA THR B 3 -19.21 -11.28 0.71
C THR B 3 -19.23 -11.02 2.20
N TRP B 4 -18.11 -10.52 2.74
CA TRP B 4 -18.01 -10.23 4.15
C TRP B 4 -17.43 -8.85 4.40
N LEU B 5 -16.55 -8.42 3.49
CA LEU B 5 -15.91 -7.11 3.61
C LEU B 5 -16.59 -6.08 2.69
N SER B 6 -16.61 -4.84 3.13
CA SER B 6 -17.22 -3.76 2.37
C SER B 6 -16.29 -3.29 1.25
N GLU B 7 -16.77 -2.37 0.42
CA GLU B 7 -15.99 -1.83 -0.68
C GLU B 7 -14.79 -1.03 -0.17
N ALA B 8 -15.06 -0.06 0.70
CA ALA B 8 -14.01 0.78 1.26
C ALA B 8 -12.91 -0.07 1.90
N GLU B 9 -13.26 -1.27 2.33
CA GLU B 9 -12.30 -2.17 2.96
C GLU B 9 -11.32 -2.72 1.94
N MET B 10 -11.84 -3.34 0.89
CA MET B 10 -11.00 -3.93 -0.16
C MET B 10 -10.21 -2.86 -0.90
N ILE B 11 -10.72 -1.63 -0.91
CA ILE B 11 -10.07 -0.53 -1.60
C ILE B 11 -8.87 -0.02 -0.81
N ALA B 12 -9.11 0.32 0.46
CA ALA B 12 -8.05 0.80 1.33
C ALA B 12 -6.92 -0.21 1.39
N LEU B 13 -7.27 -1.46 1.67
CA LEU B 13 -6.27 -2.53 1.75
C LEU B 13 -5.52 -2.65 0.44
N ALA B 14 -6.25 -2.79 -0.67
CA ALA B 14 -5.62 -2.89 -1.97
C ALA B 14 -4.65 -1.73 -2.17
N GLY B 15 -4.97 -0.61 -1.53
CA GLY B 15 -4.14 0.57 -1.64
C GLY B 15 -2.79 0.39 -0.97
N LEU B 16 -2.78 -0.06 0.28
CA LEU B 16 -1.51 -0.25 1.00
C LEU B 16 -0.72 -1.41 0.40
N LEU B 17 -1.38 -2.53 0.16
CA LEU B 17 -0.72 -3.70 -0.43
C LEU B 17 -0.10 -3.36 -1.79
N GLN B 18 -0.75 -2.45 -2.53
CA GLN B 18 -0.24 -2.06 -3.85
C GLN B 18 0.81 -0.96 -3.71
N MET B 19 0.66 -0.12 -2.69
CA MET B 19 1.59 0.98 -2.45
C MET B 19 2.92 0.46 -1.91
N SER B 20 2.89 -0.72 -1.30
CA SER B 20 4.09 -1.31 -0.72
C SER B 20 4.86 -2.12 -1.77
N GLN B 21 4.32 -2.18 -2.99
CA GLN B 21 4.97 -2.92 -4.07
C GLN B 21 5.14 -2.06 -5.30
N GLY B 22 4.55 -0.87 -5.28
CA GLY B 22 4.65 0.05 -6.40
C GLY B 22 3.36 0.80 -6.66
N GLU B 23 3.41 2.13 -6.49
CA GLU B 23 2.25 2.98 -6.70
C GLU B 23 1.79 2.93 -8.16
N GLN B 24 2.76 2.86 -9.07
CA GLN B 24 2.47 2.81 -10.49
C GLN B 24 3.43 1.87 -11.20
N THR B 25 4.72 2.05 -10.92
CA THR B 25 5.76 1.22 -11.53
C THR B 25 6.03 -0.02 -10.67
N PRO B 26 6.44 -1.15 -11.30
CA PRO B 26 6.73 -2.39 -10.57
C PRO B 26 7.54 -2.15 -9.31
N ASN B 27 8.34 -1.08 -9.31
CA ASN B 27 9.16 -0.73 -8.16
C ASN B 27 9.04 0.75 -7.84
N CYS B 28 8.34 1.06 -6.74
CA CYS B 28 8.14 2.44 -6.32
C CYS B 28 9.45 3.22 -6.31
N VAL B 29 9.67 4.00 -7.36
CA VAL B 29 10.88 4.80 -7.49
C VAL B 29 10.59 6.12 -8.18
N ALA B 30 9.31 6.47 -8.28
CA ALA B 30 8.88 7.70 -8.93
C ALA B 30 9.24 7.68 -10.41
N SER B 31 8.24 7.39 -11.25
CA SER B 31 8.44 7.34 -12.69
C SER B 31 8.84 8.70 -13.25
N SER B 32 9.56 8.68 -14.37
CA SER B 32 9.99 9.92 -15.01
C SER B 32 10.50 9.63 -16.43
N LEU B 33 10.47 8.36 -16.82
CA LEU B 33 10.93 7.95 -18.15
C LEU B 33 9.78 7.43 -19.03
N PRO B 34 8.98 6.45 -18.55
CA PRO B 34 7.87 5.87 -19.32
C PRO B 34 7.10 6.91 -20.14
N SER B 35 6.28 7.71 -19.48
CA SER B 35 5.50 8.72 -20.18
C SER B 35 5.42 10.02 -19.37
N THR B 36 6.01 10.01 -18.18
CA THR B 36 6.01 11.19 -17.32
C THR B 36 6.65 12.38 -18.02
N SER B 37 7.58 12.10 -18.93
CA SER B 37 8.27 13.14 -19.68
C SER B 37 7.97 13.03 -21.17
N CYS B 38 8.72 13.78 -21.98
CA CYS B 38 8.53 13.75 -23.43
C CYS B 38 8.64 12.33 -23.97
N PRO B 39 7.53 11.73 -24.43
CA PRO B 39 7.53 10.36 -24.97
C PRO B 39 8.15 10.30 -26.37
N ASP B 40 7.63 11.11 -27.28
CA ASP B 40 8.13 11.14 -28.65
C ASP B 40 9.23 12.20 -28.83
N PRO B 41 9.00 13.45 -28.37
CA PRO B 41 10.00 14.52 -28.49
C PRO B 41 11.36 14.12 -27.93
N VAL B 42 12.39 14.19 -28.77
CA VAL B 42 13.75 13.84 -28.35
C VAL B 42 14.60 15.08 -28.17
N SER B 43 15.46 15.06 -27.16
CA SER B 43 16.34 16.18 -26.87
C SER B 43 17.41 16.32 -27.96
N VAL B 44 17.18 17.25 -28.88
CA VAL B 44 18.12 17.49 -29.97
C VAL B 44 18.42 18.98 -30.12
N SER B 45 19.63 19.37 -29.76
CA SER B 45 20.06 20.76 -29.85
C SER B 45 21.00 20.98 -31.02
N GLU B 46 22.14 20.29 -30.99
CA GLU B 46 23.13 20.41 -32.05
C GLU B 46 24.09 19.21 -32.02
N ASP B 47 23.86 18.29 -31.09
CA ASP B 47 24.69 17.11 -30.93
C ASP B 47 26.15 17.50 -30.71
N PRO B 48 26.55 17.77 -29.45
CA PRO B 48 27.91 18.15 -29.11
C PRO B 48 28.80 16.95 -28.76
N GLY B 49 28.47 16.28 -27.66
CA GLY B 49 29.24 15.12 -27.24
C GLY B 49 28.46 14.21 -26.32
N PRO B 50 29.09 13.11 -25.84
CA PRO B 50 28.44 12.15 -24.95
C PRO B 50 28.09 12.77 -23.60
N SER B 51 26.81 12.72 -23.24
CA SER B 51 26.34 13.27 -21.97
C SER B 51 24.96 12.74 -21.63
N GLY B 52 24.83 12.16 -20.44
CA GLY B 52 23.56 11.62 -20.01
C GLY B 52 23.15 10.40 -20.81
N ASP B 53 21.94 10.42 -21.37
CA ASP B 53 21.43 9.31 -22.16
C ASP B 53 20.65 9.81 -23.37
N GLN B 54 20.80 11.09 -23.69
CA GLN B 54 20.10 11.67 -24.84
C GLN B 54 20.85 11.39 -26.14
N SER B 55 20.30 11.87 -27.25
CA SER B 55 20.90 11.68 -28.56
C SER B 55 21.94 12.76 -28.85
N CYS B 56 22.09 13.70 -27.92
CA CYS B 56 23.05 14.79 -28.09
C CYS B 56 24.48 14.25 -28.10
N SER B 57 25.13 14.34 -29.25
CA SER B 57 26.51 13.86 -29.40
C SER B 57 26.99 14.04 -30.84
N GLY B 58 27.98 14.90 -31.03
CA GLY B 58 28.52 15.13 -32.36
C GLY B 58 29.52 14.07 -32.76
N THR B 59 29.35 13.52 -33.96
CA THR B 59 30.25 12.49 -34.46
C THR B 59 31.30 13.08 -35.40
N ASP B 60 31.13 14.36 -35.73
CA ASP B 60 32.06 15.06 -36.61
C ASP B 60 32.31 16.48 -36.14
N THR B 61 31.24 17.27 -36.01
CA THR B 61 31.34 18.65 -35.56
C THR B 61 30.83 18.80 -34.14
N GLN A 1 7.88 -13.56 5.55
CA GLN A 1 8.88 -13.00 4.61
C GLN A 1 8.25 -12.68 3.26
N ARG A 2 7.28 -13.50 2.86
CA ARG A 2 6.61 -13.31 1.59
C ARG A 2 5.52 -12.26 1.71
N LEU A 3 5.58 -11.25 0.84
CA LEU A 3 4.60 -10.17 0.85
C LEU A 3 3.27 -10.64 0.27
N LYS A 4 2.23 -10.64 1.10
CA LYS A 4 0.90 -11.07 0.67
C LYS A 4 -0.15 -10.07 1.12
N VAL A 5 -1.39 -10.28 0.66
CA VAL A 5 -2.50 -9.40 1.01
C VAL A 5 -3.19 -9.88 2.28
N GLU A 6 -3.26 -11.20 2.45
CA GLU A 6 -3.90 -11.79 3.62
C GLU A 6 -3.24 -11.30 4.91
N ASP A 7 -1.92 -11.08 4.85
CA ASP A 7 -1.19 -10.62 6.02
C ASP A 7 -1.62 -9.21 6.38
N ALA A 8 -1.87 -8.41 5.36
CA ALA A 8 -2.32 -7.03 5.57
C ALA A 8 -3.69 -7.01 6.22
N LEU A 9 -4.57 -7.88 5.74
CA LEU A 9 -5.92 -7.97 6.28
C LEU A 9 -5.87 -8.41 7.73
N SER A 10 -4.91 -9.27 8.05
CA SER A 10 -4.74 -9.74 9.42
C SER A 10 -4.40 -8.56 10.32
N TYR A 11 -3.44 -7.76 9.88
CA TYR A 11 -3.02 -6.57 10.61
C TYR A 11 -4.21 -5.62 10.75
N LEU A 12 -5.08 -5.62 9.75
CA LEU A 12 -6.28 -4.78 9.77
C LEU A 12 -7.14 -5.15 10.97
N ASP A 13 -7.41 -6.45 11.11
CA ASP A 13 -8.20 -6.95 12.22
C ASP A 13 -7.45 -6.71 13.52
N GLN A 14 -6.12 -6.62 13.42
CA GLN A 14 -5.28 -6.37 14.57
C GLN A 14 -5.56 -4.98 15.14
N VAL A 15 -5.72 -4.02 14.23
CA VAL A 15 -6.01 -2.64 14.62
C VAL A 15 -7.42 -2.52 15.20
N LYS A 16 -8.37 -3.13 14.50
CA LYS A 16 -9.77 -3.09 14.94
C LYS A 16 -9.91 -3.65 16.35
N LEU A 17 -9.24 -4.77 16.61
CA LEU A 17 -9.28 -5.41 17.91
C LEU A 17 -8.52 -4.56 18.94
N GLN A 18 -7.45 -3.93 18.49
CA GLN A 18 -6.63 -3.09 19.37
C GLN A 18 -7.48 -2.00 20.02
N PHE A 19 -7.90 -1.02 19.22
CA PHE A 19 -8.73 0.08 19.72
C PHE A 19 -10.08 -0.44 20.18
N GLY A 20 -10.94 -0.80 19.23
CA GLY A 20 -12.26 -1.30 19.56
C GLY A 20 -13.22 -0.21 19.97
N SER A 21 -13.07 0.27 21.21
CA SER A 21 -13.94 1.32 21.74
C SER A 21 -13.88 2.58 20.88
N GLN A 22 -12.86 2.68 20.05
CA GLN A 22 -12.68 3.84 19.17
C GLN A 22 -12.77 3.43 17.70
N PRO A 23 -13.99 3.27 17.16
CA PRO A 23 -14.19 2.89 15.76
C PRO A 23 -13.89 4.04 14.81
N GLN A 24 -13.76 5.24 15.36
CA GLN A 24 -13.47 6.43 14.56
C GLN A 24 -12.05 6.36 14.00
N VAL A 25 -11.12 5.90 14.84
CA VAL A 25 -9.72 5.79 14.44
C VAL A 25 -9.56 4.86 13.24
N TYR A 26 -10.03 3.63 13.39
CA TYR A 26 -9.95 2.63 12.31
C TYR A 26 -10.48 3.18 11.00
N ASN A 27 -11.71 3.70 11.04
CA ASN A 27 -12.34 4.26 9.85
C ASN A 27 -11.46 5.32 9.20
N ASP A 28 -11.03 6.30 9.98
CA ASP A 28 -10.19 7.39 9.48
C ASP A 28 -8.97 6.84 8.74
N PHE A 29 -8.35 5.81 9.30
CA PHE A 29 -7.18 5.20 8.69
C PHE A 29 -7.49 4.66 7.29
N LEU A 30 -8.49 3.79 7.21
CA LEU A 30 -8.87 3.20 5.93
C LEU A 30 -9.40 4.28 4.99
N ASP A 31 -9.93 5.36 5.55
CA ASP A 31 -10.45 6.46 4.73
C ASP A 31 -9.30 7.05 3.93
N ILE A 32 -8.21 7.35 4.63
CA ILE A 32 -7.02 7.90 3.99
C ILE A 32 -6.54 6.94 2.91
N MET A 33 -6.45 5.67 3.27
CA MET A 33 -6.01 4.64 2.34
C MET A 33 -6.86 4.67 1.06
N LYS A 34 -8.15 4.94 1.23
CA LYS A 34 -9.06 5.00 0.11
C LYS A 34 -8.81 6.25 -0.73
N GLU A 35 -8.39 7.33 -0.08
CA GLU A 35 -8.08 8.57 -0.78
C GLU A 35 -6.88 8.37 -1.70
N PHE A 36 -5.85 7.69 -1.18
CA PHE A 36 -4.66 7.41 -1.97
C PHE A 36 -5.00 6.46 -3.11
N LYS A 37 -5.79 5.44 -2.81
CA LYS A 37 -6.22 4.46 -3.80
C LYS A 37 -7.03 5.13 -4.89
N SER A 38 -7.89 6.07 -4.48
CA SER A 38 -8.73 6.80 -5.42
C SER A 38 -8.00 8.01 -5.99
N GLN A 39 -6.67 8.03 -5.79
CA GLN A 39 -5.83 9.12 -6.27
C GLN A 39 -6.19 10.44 -5.59
N SER A 40 -5.36 10.84 -4.62
CA SER A 40 -5.57 12.07 -3.87
C SER A 40 -4.25 12.62 -3.35
N ILE A 41 -3.63 11.87 -2.45
CA ILE A 41 -2.35 12.28 -1.87
C ILE A 41 -1.23 11.36 -2.33
N ASP A 42 0.01 11.76 -2.07
CA ASP A 42 1.18 10.98 -2.46
C ASP A 42 1.58 10.01 -1.35
N THR A 43 2.59 9.19 -1.61
CA THR A 43 3.06 8.21 -0.62
C THR A 43 3.47 8.89 0.70
N PRO A 44 4.34 9.93 0.64
CA PRO A 44 4.79 10.62 1.85
C PRO A 44 3.62 11.14 2.69
N GLY A 45 2.53 11.52 2.02
CA GLY A 45 1.37 12.01 2.72
C GLY A 45 0.67 10.93 3.51
N VAL A 46 0.62 9.73 2.95
CA VAL A 46 -0.03 8.61 3.61
C VAL A 46 0.77 8.15 4.82
N ILE A 47 2.08 8.03 4.65
CA ILE A 47 2.96 7.59 5.73
C ILE A 47 3.00 8.62 6.85
N SER A 48 2.92 9.89 6.49
CA SER A 48 2.96 10.97 7.49
C SER A 48 1.68 11.00 8.33
N ARG A 49 0.54 11.14 7.66
CA ARG A 49 -0.74 11.20 8.34
C ARG A 49 -1.01 9.93 9.14
N VAL A 50 -0.72 8.77 8.56
CA VAL A 50 -0.93 7.49 9.25
C VAL A 50 -0.05 7.39 10.49
N SER A 51 1.24 7.70 10.34
CA SER A 51 2.16 7.65 11.47
C SER A 51 1.72 8.63 12.55
N GLN A 52 1.05 9.69 12.10
CA GLN A 52 0.54 10.72 13.01
C GLN A 52 -0.82 10.29 13.56
N LEU A 53 -1.45 9.34 12.88
CA LEU A 53 -2.76 8.84 13.27
C LEU A 53 -2.62 7.82 14.41
N PHE A 54 -1.64 6.94 14.29
CA PHE A 54 -1.40 5.91 15.30
C PHE A 54 -0.35 6.38 16.31
N LYS A 55 -0.29 7.69 16.54
CA LYS A 55 0.67 8.26 17.49
C LYS A 55 0.47 7.67 18.88
N GLY A 56 -0.76 7.27 19.18
CA GLY A 56 -1.05 6.68 20.48
C GLY A 56 -0.33 5.37 20.71
N HIS A 57 -0.41 4.47 19.74
CA HIS A 57 0.23 3.17 19.84
C HIS A 57 1.30 3.00 18.76
N PRO A 58 2.57 3.34 19.08
CA PRO A 58 3.68 3.22 18.12
C PRO A 58 3.88 1.79 17.63
N ASP A 59 3.26 0.84 18.30
CA ASP A 59 3.37 -0.57 17.92
C ASP A 59 2.83 -0.80 16.51
N LEU A 60 1.59 -0.41 16.28
CA LEU A 60 0.96 -0.58 14.97
C LEU A 60 1.80 0.11 13.88
N ILE A 61 2.44 1.21 14.25
CA ILE A 61 3.27 1.96 13.30
C ILE A 61 4.50 1.16 12.92
N MET A 62 5.09 0.48 13.90
CA MET A 62 6.27 -0.33 13.65
C MET A 62 5.97 -1.48 12.70
N GLY A 63 4.87 -2.18 12.97
CA GLY A 63 4.48 -3.29 12.13
C GLY A 63 4.01 -2.84 10.76
N PHE A 64 3.43 -1.64 10.69
CA PHE A 64 2.94 -1.10 9.44
C PHE A 64 4.10 -0.70 8.52
N ASN A 65 5.17 -0.19 9.13
CA ASN A 65 6.34 0.23 8.37
C ASN A 65 7.00 -0.95 7.65
N THR A 66 6.66 -2.16 8.09
CA THR A 66 7.21 -3.37 7.50
C THR A 66 6.64 -3.61 6.10
N PHE A 67 5.35 -3.36 5.95
CA PHE A 67 4.68 -3.55 4.66
C PHE A 67 5.35 -2.71 3.57
N LEU A 68 5.55 -1.42 3.86
CA LEU A 68 6.18 -0.52 2.90
C LEU A 68 7.52 -1.08 2.44
N PRO A 69 7.97 -0.73 1.21
CA PRO A 69 9.24 -1.22 0.67
C PRO A 69 10.44 -0.74 1.49
N PRO A 70 11.40 -1.64 1.79
CA PRO A 70 12.59 -1.29 2.57
C PRO A 70 13.42 -0.19 1.92
N GLY A 71 14.10 0.60 2.75
CA GLY A 71 14.92 1.68 2.23
C GLY A 71 16.14 1.95 3.09
N SER B 1 -19.35 -13.53 4.65
CA SER B 1 -19.17 -13.94 6.06
C SER B 1 -17.77 -13.58 6.55
N SER B 2 -16.80 -13.64 5.65
CA SER B 2 -15.41 -13.33 5.99
C SER B 2 -14.63 -12.91 4.75
N THR B 3 -15.01 -13.46 3.60
CA THR B 3 -14.35 -13.13 2.34
C THR B 3 -14.94 -11.88 1.71
N TRP B 4 -16.15 -11.53 2.13
CA TRP B 4 -16.83 -10.35 1.62
C TRP B 4 -16.97 -9.29 2.71
N LEU B 5 -16.10 -8.28 2.67
CA LEU B 5 -16.11 -7.21 3.66
C LEU B 5 -16.59 -5.90 3.04
N SER B 6 -16.57 -4.83 3.84
CA SER B 6 -16.99 -3.52 3.38
C SER B 6 -16.17 -3.07 2.18
N GLU B 7 -16.75 -2.18 1.36
CA GLU B 7 -16.07 -1.67 0.18
C GLU B 7 -14.88 -0.82 0.57
N ALA B 8 -15.05 0.02 1.58
CA ALA B 8 -13.98 0.90 2.05
C ALA B 8 -12.78 0.08 2.51
N GLU B 9 -13.04 -1.14 2.96
CA GLU B 9 -11.97 -2.02 3.45
C GLU B 9 -11.21 -2.63 2.28
N MET B 10 -11.95 -3.13 1.29
CA MET B 10 -11.32 -3.74 0.11
C MET B 10 -10.51 -2.72 -0.68
N ILE B 11 -11.01 -1.49 -0.74
CA ILE B 11 -10.33 -0.43 -1.47
C ILE B 11 -9.10 0.06 -0.72
N ALA B 12 -9.29 0.44 0.54
CA ALA B 12 -8.19 0.92 1.35
C ALA B 12 -7.05 -0.10 1.35
N LEU B 13 -7.40 -1.37 1.55
CA LEU B 13 -6.41 -2.43 1.55
C LEU B 13 -5.82 -2.62 0.16
N ALA B 14 -6.64 -2.42 -0.87
CA ALA B 14 -6.17 -2.55 -2.24
C ALA B 14 -4.99 -1.63 -2.47
N GLY B 15 -5.19 -0.35 -2.16
CA GLY B 15 -4.12 0.62 -2.30
C GLY B 15 -3.00 0.35 -1.32
N LEU B 16 -3.34 -0.31 -0.22
CA LEU B 16 -2.36 -0.65 0.81
C LEU B 16 -1.32 -1.62 0.25
N LEU B 17 -1.80 -2.75 -0.26
CA LEU B 17 -0.92 -3.76 -0.84
C LEU B 17 -0.33 -3.28 -2.15
N GLN B 18 -0.99 -2.30 -2.76
CA GLN B 18 -0.53 -1.73 -4.03
C GLN B 18 0.54 -0.67 -3.78
N MET B 19 0.49 -0.05 -2.61
CA MET B 19 1.46 0.99 -2.26
C MET B 19 2.76 0.37 -1.77
N SER B 20 2.66 -0.72 -1.01
CA SER B 20 3.84 -1.41 -0.48
C SER B 20 4.72 -1.90 -1.62
N GLN B 21 4.14 -2.01 -2.81
CA GLN B 21 4.88 -2.48 -3.99
C GLN B 21 5.13 -1.32 -4.95
N GLY B 22 4.05 -0.84 -5.57
CA GLY B 22 4.16 0.26 -6.50
C GLY B 22 2.91 0.41 -7.36
N GLU B 23 2.84 -0.37 -8.44
CA GLU B 23 1.69 -0.31 -9.34
C GLU B 23 1.40 -1.68 -9.94
N GLN B 24 2.29 -2.15 -10.80
CA GLN B 24 2.13 -3.45 -11.45
C GLN B 24 2.37 -4.59 -10.46
N THR B 25 3.57 -4.60 -9.89
CA THR B 25 3.94 -5.63 -8.91
C THR B 25 5.36 -5.43 -8.34
N PRO B 26 6.35 -4.95 -9.14
CA PRO B 26 7.70 -4.74 -8.63
C PRO B 26 7.85 -3.39 -7.94
N ASN B 27 9.09 -2.97 -7.71
CA ASN B 27 9.37 -1.69 -7.07
C ASN B 27 8.88 -0.54 -7.92
N CYS B 28 7.78 0.08 -7.50
CA CYS B 28 7.20 1.21 -8.23
C CYS B 28 6.70 0.77 -9.61
N VAL B 29 5.97 1.65 -10.28
CA VAL B 29 5.45 1.36 -11.61
C VAL B 29 6.56 0.97 -12.57
N ALA B 30 7.78 1.40 -12.27
CA ALA B 30 8.93 1.11 -13.11
C ALA B 30 9.46 -0.30 -12.84
N SER B 31 10.12 -0.86 -13.84
CA SER B 31 10.67 -2.21 -13.72
C SER B 31 12.13 -2.23 -14.17
N SER B 32 12.89 -3.19 -13.64
CA SER B 32 14.29 -3.34 -13.99
C SER B 32 14.71 -4.81 -13.99
N LEU B 33 13.98 -5.62 -13.24
CA LEU B 33 14.25 -7.05 -13.16
C LEU B 33 14.09 -7.74 -14.52
N PRO B 34 12.96 -7.51 -15.22
CA PRO B 34 12.72 -8.14 -16.53
C PRO B 34 13.57 -7.50 -17.62
N SER B 35 13.08 -7.55 -18.86
CA SER B 35 13.80 -6.99 -20.00
C SER B 35 13.58 -5.48 -20.10
N THR B 36 13.35 -4.85 -18.95
CA THR B 36 13.12 -3.41 -18.89
C THR B 36 11.85 -3.00 -19.64
N SER B 37 11.97 -2.84 -20.96
CA SER B 37 10.83 -2.46 -21.78
C SER B 37 10.37 -3.63 -22.66
N CYS B 38 9.06 -3.84 -22.70
CA CYS B 38 8.48 -4.93 -23.49
C CYS B 38 9.04 -6.29 -23.05
N PRO B 39 8.35 -6.96 -22.10
CA PRO B 39 8.80 -8.27 -21.61
C PRO B 39 8.61 -9.38 -22.63
N ASP B 40 7.46 -9.38 -23.30
CA ASP B 40 7.16 -10.39 -24.31
C ASP B 40 7.59 -9.94 -25.70
N PRO B 41 7.22 -8.71 -26.14
CA PRO B 41 7.60 -8.21 -27.46
C PRO B 41 9.12 -8.15 -27.65
N VAL B 42 9.62 -8.97 -28.58
CA VAL B 42 11.06 -9.02 -28.85
C VAL B 42 11.42 -8.08 -30.01
N SER B 43 12.71 -7.99 -30.28
CA SER B 43 13.19 -7.12 -31.36
C SER B 43 13.51 -7.94 -32.61
N VAL B 44 12.95 -9.15 -32.67
CA VAL B 44 13.17 -10.03 -33.81
C VAL B 44 11.86 -10.34 -34.53
N SER B 45 11.79 -9.98 -35.80
CA SER B 45 10.59 -10.23 -36.60
C SER B 45 10.80 -11.39 -37.57
N GLU B 46 9.73 -11.79 -38.25
CA GLU B 46 9.80 -12.89 -39.21
C GLU B 46 10.73 -12.55 -40.37
N ASP B 47 10.95 -13.53 -41.24
CA ASP B 47 11.83 -13.34 -42.40
C ASP B 47 11.22 -12.35 -43.38
N PRO B 48 12.05 -11.57 -44.09
CA PRO B 48 11.57 -10.59 -45.06
C PRO B 48 11.16 -11.24 -46.38
N GLY B 49 10.78 -10.41 -47.35
CA GLY B 49 10.38 -10.93 -48.65
C GLY B 49 11.49 -10.86 -49.66
N PRO B 50 11.70 -9.70 -50.30
CA PRO B 50 12.76 -9.53 -51.30
C PRO B 50 14.15 -9.45 -50.67
N SER B 51 15.12 -10.13 -51.28
CA SER B 51 16.48 -10.12 -50.77
C SER B 51 17.07 -8.72 -50.80
N GLY B 52 17.34 -8.16 -49.62
CA GLY B 52 17.90 -6.83 -49.54
C GLY B 52 18.79 -6.65 -48.33
N ASP B 53 19.28 -5.43 -48.14
CA ASP B 53 20.15 -5.12 -47.01
C ASP B 53 19.34 -4.58 -45.83
N GLN B 54 18.02 -4.74 -45.91
CA GLN B 54 17.13 -4.27 -44.85
C GLN B 54 17.09 -5.26 -43.69
N SER B 55 17.96 -6.27 -43.75
CA SER B 55 18.05 -7.29 -42.70
C SER B 55 16.73 -8.05 -42.56
N CYS B 56 15.81 -7.51 -41.76
CA CYS B 56 14.52 -8.15 -41.54
C CYS B 56 13.38 -7.29 -42.08
N SER B 57 12.28 -7.94 -42.44
CA SER B 57 11.10 -7.25 -42.97
C SER B 57 11.45 -6.48 -44.23
N GLY B 58 11.05 -7.03 -45.37
CA GLY B 58 11.33 -6.38 -46.65
C GLY B 58 10.06 -5.82 -47.29
N THR B 59 8.91 -6.18 -46.71
CA THR B 59 7.63 -5.71 -47.23
C THR B 59 7.46 -4.20 -47.02
N ASP B 60 7.49 -3.46 -48.12
CA ASP B 60 7.34 -2.02 -48.06
C ASP B 60 7.06 -1.43 -49.45
N THR B 61 7.58 -2.10 -50.48
CA THR B 61 7.37 -1.65 -51.85
C THR B 61 6.45 -2.59 -52.62
N GLN A 1 7.35 -15.76 -3.11
CA GLN A 1 6.90 -14.36 -3.36
C GLN A 1 7.00 -13.54 -2.08
N ARG A 2 6.67 -12.25 -2.20
CA ARG A 2 6.72 -11.35 -1.05
C ARG A 2 5.55 -10.38 -1.06
N LEU A 3 5.29 -9.76 0.08
CA LEU A 3 4.19 -8.81 0.21
C LEU A 3 2.86 -9.43 -0.18
N LYS A 4 2.19 -10.04 0.78
CA LYS A 4 0.91 -10.70 0.54
C LYS A 4 -0.24 -9.85 1.12
N VAL A 5 -1.42 -9.98 0.52
CA VAL A 5 -2.58 -9.23 0.97
C VAL A 5 -3.19 -9.85 2.22
N GLU A 6 -3.14 -11.17 2.31
CA GLU A 6 -3.69 -11.89 3.46
C GLU A 6 -3.05 -11.39 4.76
N ASP A 7 -1.78 -11.05 4.70
CA ASP A 7 -1.06 -10.55 5.88
C ASP A 7 -1.65 -9.22 6.29
N ALA A 8 -1.98 -8.39 5.30
CA ALA A 8 -2.56 -7.09 5.56
C ALA A 8 -3.92 -7.25 6.21
N LEU A 9 -4.64 -8.31 5.83
CA LEU A 9 -5.95 -8.59 6.41
C LEU A 9 -5.80 -8.89 7.89
N SER A 10 -4.89 -9.80 8.22
CA SER A 10 -4.65 -10.14 9.62
C SER A 10 -4.30 -8.88 10.39
N TYR A 11 -3.58 -7.98 9.71
CA TYR A 11 -3.21 -6.71 10.30
C TYR A 11 -4.44 -5.84 10.49
N LEU A 12 -5.42 -5.99 9.60
CA LEU A 12 -6.66 -5.23 9.68
C LEU A 12 -7.41 -5.61 10.95
N ASP A 13 -7.46 -6.90 11.22
CA ASP A 13 -8.14 -7.42 12.41
C ASP A 13 -7.43 -6.93 13.67
N GLN A 14 -6.10 -6.95 13.63
CA GLN A 14 -5.30 -6.50 14.76
C GLN A 14 -5.63 -5.06 15.13
N VAL A 15 -5.71 -4.20 14.12
CA VAL A 15 -6.02 -2.79 14.33
C VAL A 15 -7.43 -2.65 14.90
N LYS A 16 -8.36 -3.44 14.38
CA LYS A 16 -9.74 -3.40 14.85
C LYS A 16 -9.81 -3.86 16.30
N LEU A 17 -8.87 -4.71 16.70
CA LEU A 17 -8.83 -5.23 18.06
C LEU A 17 -8.38 -4.15 19.03
N GLN A 18 -7.18 -3.63 18.83
CA GLN A 18 -6.64 -2.58 19.69
C GLN A 18 -7.60 -1.41 19.78
N PHE A 19 -8.05 -0.93 18.62
CA PHE A 19 -8.98 0.19 18.55
C PHE A 19 -10.41 -0.31 18.39
N GLY A 20 -10.95 -0.87 19.48
CA GLY A 20 -12.31 -1.39 19.45
C GLY A 20 -13.33 -0.34 19.84
N SER A 21 -13.20 0.18 21.05
CA SER A 21 -14.12 1.20 21.54
C SER A 21 -13.85 2.53 20.86
N GLN A 22 -12.79 2.57 20.07
CA GLN A 22 -12.41 3.78 19.34
C GLN A 22 -12.31 3.53 17.84
N PRO A 23 -13.45 3.64 17.13
CA PRO A 23 -13.51 3.42 15.68
C PRO A 23 -13.11 4.67 14.89
N GLN A 24 -12.52 5.63 15.58
CA GLN A 24 -12.10 6.88 14.95
C GLN A 24 -10.82 6.66 14.14
N VAL A 25 -9.78 6.16 14.81
CA VAL A 25 -8.50 5.92 14.16
C VAL A 25 -8.64 4.94 13.00
N TYR A 26 -9.39 3.87 13.22
CA TYR A 26 -9.61 2.85 12.21
C TYR A 26 -10.22 3.45 10.95
N ASN A 27 -11.38 4.09 11.11
CA ASN A 27 -12.08 4.71 10.00
C ASN A 27 -11.19 5.72 9.28
N ASP A 28 -10.46 6.51 10.05
CA ASP A 28 -9.57 7.52 9.47
C ASP A 28 -8.47 6.86 8.63
N PHE A 29 -8.05 5.68 9.04
CA PHE A 29 -7.01 4.95 8.33
C PHE A 29 -7.50 4.48 6.97
N LEU A 30 -8.56 3.66 6.98
CA LEU A 30 -9.12 3.13 5.74
C LEU A 30 -9.62 4.26 4.84
N ASP A 31 -10.07 5.35 5.45
CA ASP A 31 -10.57 6.50 4.68
C ASP A 31 -9.43 7.11 3.89
N ILE A 32 -8.33 7.42 4.57
CA ILE A 32 -7.17 7.99 3.93
C ILE A 32 -6.72 7.11 2.77
N MET A 33 -6.69 5.81 3.01
CA MET A 33 -6.29 4.86 1.98
C MET A 33 -7.16 5.03 0.74
N LYS A 34 -8.47 5.07 0.95
CA LYS A 34 -9.41 5.24 -0.13
C LYS A 34 -9.11 6.49 -0.92
N GLU A 35 -8.65 7.54 -0.22
CA GLU A 35 -8.30 8.79 -0.87
C GLU A 35 -7.11 8.58 -1.80
N PHE A 36 -6.12 7.84 -1.31
CA PHE A 36 -4.92 7.54 -2.09
C PHE A 36 -5.26 6.66 -3.28
N LYS A 37 -6.23 5.77 -3.09
CA LYS A 37 -6.66 4.87 -4.15
C LYS A 37 -7.56 5.60 -5.15
N SER A 38 -8.24 6.63 -4.65
CA SER A 38 -9.12 7.42 -5.49
C SER A 38 -8.40 8.66 -6.03
N GLN A 39 -7.07 8.62 -5.99
CA GLN A 39 -6.25 9.72 -6.46
C GLN A 39 -6.50 10.98 -5.64
N SER A 40 -5.65 11.22 -4.66
CA SER A 40 -5.78 12.40 -3.79
C SER A 40 -4.43 12.77 -3.18
N ILE A 41 -3.73 11.76 -2.66
CA ILE A 41 -2.42 11.98 -2.04
C ILE A 41 -1.39 11.00 -2.58
N ASP A 42 -0.15 11.12 -2.11
CA ASP A 42 0.92 10.23 -2.54
C ASP A 42 1.41 9.35 -1.40
N THR A 43 2.47 8.60 -1.63
CA THR A 43 3.03 7.71 -0.61
C THR A 43 3.43 8.48 0.65
N PRO A 44 4.21 9.58 0.52
CA PRO A 44 4.63 10.38 1.68
C PRO A 44 3.45 10.86 2.50
N GLY A 45 2.34 11.13 1.83
CA GLY A 45 1.14 11.60 2.51
C GLY A 45 0.53 10.53 3.39
N VAL A 46 0.42 9.31 2.86
CA VAL A 46 -0.16 8.21 3.61
C VAL A 46 0.68 7.85 4.83
N ILE A 47 2.00 7.80 4.63
CA ILE A 47 2.92 7.46 5.72
C ILE A 47 2.86 8.49 6.83
N SER A 48 2.97 9.76 6.47
CA SER A 48 2.95 10.84 7.45
C SER A 48 1.62 10.88 8.21
N ARG A 49 0.53 11.02 7.47
CA ARG A 49 -0.81 11.08 8.06
C ARG A 49 -1.08 9.91 8.99
N VAL A 50 -0.95 8.70 8.46
CA VAL A 50 -1.19 7.49 9.25
C VAL A 50 -0.28 7.44 10.48
N SER A 51 0.94 7.94 10.33
CA SER A 51 1.90 7.96 11.44
C SER A 51 1.35 8.76 12.61
N GLN A 52 0.91 9.98 12.33
CA GLN A 52 0.35 10.85 13.36
C GLN A 52 -1.08 10.47 13.68
N LEU A 53 -1.67 9.62 12.85
CA LEU A 53 -3.04 9.17 13.04
C LEU A 53 -3.13 8.19 14.19
N PHE A 54 -2.13 7.33 14.30
CA PHE A 54 -2.08 6.32 15.37
C PHE A 54 -1.21 6.80 16.52
N LYS A 55 -1.05 8.12 16.63
CA LYS A 55 -0.24 8.71 17.69
C LYS A 55 -0.69 8.22 19.07
N GLY A 56 0.09 7.34 19.67
CA GLY A 56 -0.24 6.80 20.97
C GLY A 56 0.19 5.36 21.13
N HIS A 57 0.16 4.62 20.03
CA HIS A 57 0.54 3.21 20.04
C HIS A 57 1.55 2.92 18.93
N PRO A 58 2.86 2.84 19.26
CA PRO A 58 3.91 2.57 18.28
C PRO A 58 3.93 1.12 17.82
N ASP A 59 3.02 0.32 18.36
CA ASP A 59 2.93 -1.09 17.99
C ASP A 59 2.48 -1.25 16.54
N LEU A 60 1.31 -0.71 16.23
CA LEU A 60 0.76 -0.80 14.88
C LEU A 60 1.68 -0.12 13.88
N ILE A 61 2.27 1.01 14.28
CA ILE A 61 3.17 1.76 13.42
C ILE A 61 4.43 0.94 13.10
N MET A 62 4.94 0.24 14.10
CA MET A 62 6.13 -0.58 13.93
C MET A 62 5.87 -1.72 12.96
N GLY A 63 4.71 -2.36 13.11
CA GLY A 63 4.36 -3.47 12.24
C GLY A 63 3.91 -3.01 10.86
N PHE A 64 3.50 -1.76 10.77
CA PHE A 64 3.05 -1.18 9.50
C PHE A 64 4.23 -0.74 8.64
N ASN A 65 5.28 -0.27 9.29
CA ASN A 65 6.48 0.18 8.60
C ASN A 65 7.14 -0.96 7.83
N THR A 66 6.92 -2.19 8.30
CA THR A 66 7.49 -3.35 7.65
C THR A 66 6.87 -3.59 6.27
N PHE A 67 5.57 -3.34 6.18
CA PHE A 67 4.84 -3.52 4.93
C PHE A 67 5.48 -2.70 3.80
N LEU A 68 5.68 -1.41 4.07
CA LEU A 68 6.27 -0.51 3.08
C LEU A 68 7.65 -1.04 2.65
N PRO A 69 8.12 -0.64 1.45
CA PRO A 69 9.42 -1.08 0.93
C PRO A 69 10.58 -0.52 1.76
N PRO A 70 11.66 -1.31 1.92
CA PRO A 70 12.83 -0.88 2.69
C PRO A 70 13.40 0.45 2.21
N GLY A 71 14.24 1.07 3.04
CA GLY A 71 14.84 2.34 2.68
C GLY A 71 14.44 3.46 3.63
N SER B 1 -16.55 -15.63 1.04
CA SER B 1 -15.35 -15.38 1.90
C SER B 1 -14.62 -14.13 1.46
N SER B 2 -14.29 -13.28 2.42
CA SER B 2 -13.58 -12.03 2.15
C SER B 2 -14.40 -11.14 1.20
N THR B 3 -15.69 -11.43 1.10
CA THR B 3 -16.58 -10.67 0.24
C THR B 3 -17.66 -9.96 1.05
N TRP B 4 -17.76 -10.31 2.32
CA TRP B 4 -18.76 -9.72 3.21
C TRP B 4 -18.25 -8.40 3.80
N LEU B 5 -17.03 -8.03 3.42
CA LEU B 5 -16.43 -6.79 3.92
C LEU B 5 -16.88 -5.60 3.07
N SER B 6 -16.98 -4.43 3.72
CA SER B 6 -17.39 -3.21 3.04
C SER B 6 -16.41 -2.85 1.93
N GLU B 7 -16.86 -2.01 1.00
CA GLU B 7 -16.02 -1.57 -0.11
C GLU B 7 -14.82 -0.78 0.39
N ALA B 8 -15.03 0.02 1.43
CA ALA B 8 -13.96 0.83 2.00
C ALA B 8 -12.79 -0.03 2.48
N GLU B 9 -13.10 -1.27 2.86
CA GLU B 9 -12.07 -2.19 3.34
C GLU B 9 -11.25 -2.76 2.19
N MET B 10 -11.94 -3.27 1.17
CA MET B 10 -11.28 -3.85 0.01
C MET B 10 -10.47 -2.81 -0.74
N ILE B 11 -10.95 -1.57 -0.75
CA ILE B 11 -10.27 -0.48 -1.44
C ILE B 11 -9.06 -0.01 -0.65
N ALA B 12 -9.26 0.31 0.62
CA ALA B 12 -8.18 0.78 1.47
C ALA B 12 -7.05 -0.25 1.50
N LEU B 13 -7.41 -1.51 1.73
CA LEU B 13 -6.43 -2.58 1.76
C LEU B 13 -5.71 -2.70 0.43
N ALA B 14 -6.48 -2.76 -0.66
CA ALA B 14 -5.90 -2.86 -1.99
C ALA B 14 -4.80 -1.82 -2.16
N GLY B 15 -5.12 -0.59 -1.76
CA GLY B 15 -4.16 0.48 -1.87
C GLY B 15 -2.95 0.24 -0.99
N LEU B 16 -3.16 -0.42 0.15
CA LEU B 16 -2.08 -0.72 1.08
C LEU B 16 -1.05 -1.64 0.43
N LEU B 17 -1.51 -2.78 -0.08
CA LEU B 17 -0.62 -3.74 -0.72
C LEU B 17 -0.09 -3.21 -2.04
N GLN B 18 -0.79 -2.25 -2.62
CA GLN B 18 -0.37 -1.64 -3.89
C GLN B 18 0.61 -0.50 -3.66
N MET B 19 0.52 0.14 -2.49
CA MET B 19 1.39 1.26 -2.15
C MET B 19 2.68 0.78 -1.50
N SER B 20 2.63 -0.41 -0.89
CA SER B 20 3.81 -0.98 -0.25
C SER B 20 4.78 -1.54 -1.29
N GLN B 21 4.38 -1.44 -2.56
CA GLN B 21 5.20 -1.94 -3.66
C GLN B 21 5.33 -0.89 -4.75
N GLY B 22 4.29 -0.06 -4.90
CA GLY B 22 4.30 0.98 -5.92
C GLY B 22 3.08 0.94 -6.80
N GLU B 23 3.08 0.05 -7.79
CA GLU B 23 1.97 -0.08 -8.71
C GLU B 23 1.56 -1.55 -8.86
N GLN B 24 2.51 -2.37 -9.31
CA GLN B 24 2.24 -3.80 -9.50
C GLN B 24 3.52 -4.62 -9.33
N THR B 25 4.26 -4.83 -10.43
CA THR B 25 5.48 -5.61 -10.38
C THR B 25 6.76 -4.73 -10.40
N PRO B 26 6.75 -3.54 -11.05
CA PRO B 26 7.94 -2.68 -11.10
C PRO B 26 8.10 -1.84 -9.84
N ASN B 27 9.35 -1.53 -9.49
CA ASN B 27 9.63 -0.73 -8.30
C ASN B 27 8.98 0.65 -8.44
N CYS B 28 7.93 0.88 -7.65
CA CYS B 28 7.20 2.15 -7.66
C CYS B 28 6.51 2.36 -9.01
N VAL B 29 5.38 3.06 -8.98
CA VAL B 29 4.61 3.35 -10.19
C VAL B 29 5.52 3.81 -11.33
N ALA B 30 5.21 3.37 -12.54
CA ALA B 30 5.99 3.73 -13.71
C ALA B 30 5.15 3.67 -14.99
N SER B 31 4.13 2.82 -14.98
CA SER B 31 3.25 2.67 -16.13
C SER B 31 2.13 3.70 -16.10
N SER B 32 1.37 3.78 -17.19
CA SER B 32 0.27 4.72 -17.28
C SER B 32 -0.92 4.11 -18.03
N LEU B 33 -0.77 2.85 -18.41
CA LEU B 33 -1.84 2.15 -19.13
C LEU B 33 -2.32 0.86 -18.43
N PRO B 34 -1.88 0.55 -17.18
CA PRO B 34 -2.33 -0.66 -16.48
C PRO B 34 -3.65 -0.44 -15.76
N SER B 35 -3.79 0.72 -15.10
CA SER B 35 -4.99 1.05 -14.36
C SER B 35 -5.06 2.55 -14.09
N THR B 36 -4.09 3.29 -14.61
CA THR B 36 -4.04 4.74 -14.41
C THR B 36 -4.96 5.46 -15.40
N SER B 37 -5.80 4.69 -16.08
CA SER B 37 -6.73 5.26 -17.05
C SER B 37 -8.00 5.76 -16.38
N CYS B 38 -7.92 5.96 -15.06
CA CYS B 38 -9.07 6.44 -14.29
C CYS B 38 -8.87 7.90 -13.88
N PRO B 39 -9.38 8.85 -14.69
CA PRO B 39 -9.25 10.28 -14.38
C PRO B 39 -9.96 10.66 -13.09
N ASP B 40 -11.25 10.37 -13.03
CA ASP B 40 -12.05 10.67 -11.85
C ASP B 40 -13.45 10.07 -11.98
N PRO B 41 -13.56 8.73 -11.98
CA PRO B 41 -14.85 8.04 -12.09
C PRO B 41 -15.70 8.20 -10.83
N VAL B 42 -16.86 8.82 -10.98
CA VAL B 42 -17.75 9.03 -9.86
C VAL B 42 -19.14 8.44 -10.12
N SER B 43 -20.02 8.55 -9.13
CA SER B 43 -21.37 8.02 -9.25
C SER B 43 -22.28 8.99 -9.98
N VAL B 44 -23.06 8.47 -10.92
CA VAL B 44 -23.98 9.30 -11.70
C VAL B 44 -25.36 8.66 -11.78
N SER B 45 -25.40 7.33 -11.69
CA SER B 45 -26.67 6.60 -11.75
C SER B 45 -26.59 5.29 -10.99
N GLU B 46 -25.57 5.16 -10.13
CA GLU B 46 -25.39 3.95 -9.35
C GLU B 46 -26.51 3.79 -8.32
N ASP B 47 -26.87 2.54 -8.03
CA ASP B 47 -27.91 2.26 -7.06
C ASP B 47 -27.49 2.68 -5.66
N PRO B 48 -28.23 3.60 -5.01
CA PRO B 48 -27.90 4.07 -3.66
C PRO B 48 -28.15 3.00 -2.61
N GLY B 49 -27.89 3.35 -1.35
CA GLY B 49 -28.10 2.41 -0.26
C GLY B 49 -29.56 2.11 0.00
N PRO B 50 -29.90 1.60 1.19
CA PRO B 50 -31.30 1.29 1.55
C PRO B 50 -32.18 2.53 1.55
N SER B 51 -32.90 2.73 0.45
CA SER B 51 -33.79 3.88 0.33
C SER B 51 -34.63 3.78 -0.95
N GLY B 52 -35.38 4.83 -1.25
CA GLY B 52 -36.22 4.84 -2.44
C GLY B 52 -35.75 5.85 -3.46
N ASP B 53 -36.40 7.01 -3.48
CA ASP B 53 -36.05 8.07 -4.42
C ASP B 53 -35.12 9.09 -3.76
N GLN B 54 -33.91 9.21 -4.29
CA GLN B 54 -32.93 10.16 -3.75
C GLN B 54 -32.18 10.87 -4.87
N SER B 55 -31.19 10.18 -5.45
CA SER B 55 -30.41 10.76 -6.53
C SER B 55 -29.51 9.70 -7.16
N CYS B 56 -28.42 9.37 -6.48
CA CYS B 56 -27.48 8.36 -6.97
C CYS B 56 -26.44 8.01 -5.90
N SER B 57 -26.26 6.72 -5.67
CA SER B 57 -25.29 6.25 -4.68
C SER B 57 -25.63 6.76 -3.28
N GLY B 58 -24.86 6.31 -2.30
CA GLY B 58 -25.08 6.74 -0.93
C GLY B 58 -23.80 6.76 -0.12
N THR B 59 -22.84 5.94 -0.51
CA THR B 59 -21.56 5.87 0.17
C THR B 59 -20.68 7.06 -0.18
N ASP B 60 -21.16 7.90 -1.09
CA ASP B 60 -20.41 9.07 -1.53
C ASP B 60 -21.35 10.25 -1.77
N THR B 61 -21.16 11.31 -1.00
CA THR B 61 -21.99 12.51 -1.13
C THR B 61 -21.45 13.43 -2.21
N GLN A 1 11.24 -10.89 2.46
CA GLN A 1 11.31 -11.63 1.16
C GLN A 1 9.97 -12.28 0.84
N ARG A 2 8.97 -12.01 1.68
CA ARG A 2 7.64 -12.57 1.48
C ARG A 2 6.57 -11.60 1.97
N LEU A 3 5.86 -10.98 1.04
CA LEU A 3 4.81 -10.03 1.39
C LEU A 3 3.50 -10.38 0.66
N LYS A 4 2.46 -10.67 1.44
CA LYS A 4 1.16 -11.01 0.88
C LYS A 4 0.08 -10.07 1.41
N VAL A 5 -1.14 -10.24 0.91
CA VAL A 5 -2.26 -9.41 1.32
C VAL A 5 -2.88 -9.92 2.62
N GLU A 6 -2.90 -11.24 2.77
CA GLU A 6 -3.46 -11.88 3.96
C GLU A 6 -2.78 -11.36 5.22
N ASP A 7 -1.52 -10.93 5.08
CA ASP A 7 -0.78 -10.40 6.20
C ASP A 7 -1.40 -9.09 6.65
N ALA A 8 -1.73 -8.26 5.68
CA ALA A 8 -2.35 -6.97 5.95
C ALA A 8 -3.74 -7.18 6.53
N LEU A 9 -4.37 -8.28 6.13
CA LEU A 9 -5.70 -8.63 6.62
C LEU A 9 -5.66 -8.86 8.12
N SER A 10 -4.78 -9.77 8.55
CA SER A 10 -4.62 -10.06 9.96
C SER A 10 -4.30 -8.75 10.68
N TYR A 11 -3.51 -7.92 10.02
CA TYR A 11 -3.13 -6.62 10.56
C TYR A 11 -4.37 -5.75 10.71
N LEU A 12 -5.33 -5.92 9.79
CA LEU A 12 -6.56 -5.14 9.84
C LEU A 12 -7.35 -5.52 11.09
N ASP A 13 -7.41 -6.82 11.36
CA ASP A 13 -8.11 -7.32 12.53
C ASP A 13 -7.47 -6.76 13.80
N GLN A 14 -6.14 -6.68 13.79
CA GLN A 14 -5.41 -6.15 14.94
C GLN A 14 -5.84 -4.71 15.25
N VAL A 15 -5.79 -3.87 14.22
CA VAL A 15 -6.18 -2.46 14.37
C VAL A 15 -7.63 -2.35 14.85
N LYS A 16 -8.48 -3.21 14.32
CA LYS A 16 -9.90 -3.22 14.69
C LYS A 16 -10.09 -3.86 16.05
N LEU A 17 -9.09 -4.59 16.50
CA LEU A 17 -9.15 -5.27 17.80
C LEU A 17 -8.95 -4.27 18.93
N GLN A 18 -7.83 -3.55 18.89
CA GLN A 18 -7.52 -2.57 19.92
C GLN A 18 -8.49 -1.40 19.88
N PHE A 19 -8.66 -0.81 18.70
CA PHE A 19 -9.56 0.33 18.53
C PHE A 19 -10.99 -0.14 18.25
N GLY A 20 -11.37 -1.27 18.84
CA GLY A 20 -12.70 -1.81 18.65
C GLY A 20 -13.76 -1.02 19.40
N SER A 21 -13.35 0.06 20.03
CA SER A 21 -14.28 0.90 20.79
C SER A 21 -14.37 2.30 20.18
N GLN A 22 -13.51 2.57 19.20
CA GLN A 22 -13.49 3.85 18.53
C GLN A 22 -13.46 3.69 17.01
N PRO A 23 -14.64 3.65 16.36
CA PRO A 23 -14.73 3.50 14.90
C PRO A 23 -14.21 4.72 14.16
N GLN A 24 -13.98 5.79 14.89
CA GLN A 24 -13.48 7.03 14.30
C GLN A 24 -12.04 6.85 13.79
N VAL A 25 -11.20 6.24 14.61
CA VAL A 25 -9.81 6.00 14.25
C VAL A 25 -9.71 5.04 13.07
N TYR A 26 -10.36 3.89 13.18
CA TYR A 26 -10.35 2.89 12.12
C TYR A 26 -10.81 3.47 10.80
N ASN A 27 -12.01 4.04 10.79
CA ASN A 27 -12.59 4.63 9.60
C ASN A 27 -11.66 5.72 9.03
N ASP A 28 -10.94 6.40 9.91
CA ASP A 28 -10.02 7.46 9.49
C ASP A 28 -8.88 6.88 8.65
N PHE A 29 -8.22 5.86 9.19
CA PHE A 29 -7.11 5.22 8.50
C PHE A 29 -7.53 4.71 7.12
N LEU A 30 -8.56 3.88 7.09
CA LEU A 30 -9.05 3.34 5.83
C LEU A 30 -9.48 4.47 4.89
N ASP A 31 -10.07 5.51 5.46
CA ASP A 31 -10.50 6.65 4.66
C ASP A 31 -9.29 7.26 3.95
N ILE A 32 -8.18 7.35 4.68
CA ILE A 32 -6.95 7.88 4.12
C ILE A 32 -6.53 7.07 2.90
N MET A 33 -6.52 5.74 3.07
CA MET A 33 -6.16 4.85 1.97
C MET A 33 -7.00 5.16 0.74
N LYS A 34 -8.29 5.39 0.94
CA LYS A 34 -9.20 5.71 -0.17
C LYS A 34 -8.80 7.04 -0.80
N GLU A 35 -8.34 7.98 0.03
CA GLU A 35 -7.90 9.27 -0.47
C GLU A 35 -6.72 9.09 -1.40
N PHE A 36 -5.89 8.08 -1.09
CA PHE A 36 -4.73 7.76 -1.89
C PHE A 36 -5.15 6.95 -3.12
N LYS A 37 -6.25 6.22 -2.97
CA LYS A 37 -6.78 5.41 -4.06
C LYS A 37 -7.40 6.28 -5.13
N SER A 38 -8.40 7.07 -4.75
CA SER A 38 -9.07 7.97 -5.67
C SER A 38 -8.10 9.01 -6.22
N GLN A 39 -7.92 10.10 -5.47
CA GLN A 39 -7.02 11.18 -5.87
C GLN A 39 -7.00 12.28 -4.80
N SER A 40 -5.92 12.34 -4.03
CA SER A 40 -5.79 13.35 -2.99
C SER A 40 -4.35 13.45 -2.50
N ILE A 41 -3.89 12.40 -1.79
CA ILE A 41 -2.53 12.38 -1.26
C ILE A 41 -1.71 11.26 -1.88
N ASP A 42 -0.40 11.39 -1.84
CA ASP A 42 0.50 10.40 -2.40
C ASP A 42 1.09 9.50 -1.31
N THR A 43 2.04 8.65 -1.69
CA THR A 43 2.68 7.73 -0.75
C THR A 43 3.22 8.45 0.49
N PRO A 44 4.03 9.52 0.32
CA PRO A 44 4.58 10.27 1.45
C PRO A 44 3.50 10.83 2.38
N GLY A 45 2.42 11.30 1.78
CA GLY A 45 1.32 11.86 2.55
C GLY A 45 0.63 10.82 3.41
N VAL A 46 0.39 9.64 2.83
CA VAL A 46 -0.27 8.57 3.55
C VAL A 46 0.57 8.09 4.73
N ILE A 47 1.86 7.90 4.50
CA ILE A 47 2.77 7.44 5.55
C ILE A 47 2.86 8.45 6.69
N SER A 48 2.97 9.73 6.35
CA SER A 48 3.07 10.78 7.36
C SER A 48 1.82 10.83 8.23
N ARG A 49 0.65 10.96 7.61
CA ARG A 49 -0.61 11.02 8.33
C ARG A 49 -0.81 9.80 9.22
N VAL A 50 -0.67 8.60 8.64
CA VAL A 50 -0.84 7.37 9.40
C VAL A 50 0.12 7.32 10.58
N SER A 51 1.33 7.84 10.39
CA SER A 51 2.32 7.86 11.45
C SER A 51 1.86 8.73 12.61
N GLN A 52 1.24 9.86 12.27
CA GLN A 52 0.74 10.78 13.28
C GLN A 52 -0.63 10.34 13.78
N LEU A 53 -1.24 9.40 13.07
CA LEU A 53 -2.56 8.87 13.44
C LEU A 53 -2.42 7.83 14.54
N PHE A 54 -1.51 6.89 14.35
CA PHE A 54 -1.28 5.82 15.32
C PHE A 54 -0.10 6.16 16.22
N LYS A 55 0.19 7.45 16.38
CA LYS A 55 1.28 7.90 17.22
C LYS A 55 1.13 7.38 18.65
N GLY A 56 -0.11 7.13 19.04
CA GLY A 56 -0.38 6.63 20.38
C GLY A 56 0.20 5.25 20.61
N HIS A 57 0.24 4.44 19.56
CA HIS A 57 0.77 3.09 19.64
C HIS A 57 1.86 2.87 18.59
N PRO A 58 3.15 2.90 19.00
CA PRO A 58 4.27 2.69 18.07
C PRO A 58 4.33 1.27 17.53
N ASP A 59 3.43 0.42 18.02
CA ASP A 59 3.37 -0.97 17.58
C ASP A 59 2.81 -1.08 16.16
N LEU A 60 1.65 -0.49 15.95
CA LEU A 60 1.01 -0.52 14.64
C LEU A 60 1.89 0.16 13.59
N ILE A 61 2.58 1.22 14.02
CA ILE A 61 3.46 1.97 13.13
C ILE A 61 4.66 1.12 12.72
N MET A 62 5.29 0.48 13.70
CA MET A 62 6.44 -0.36 13.45
C MET A 62 6.10 -1.47 12.46
N GLY A 63 4.92 -2.08 12.65
CA GLY A 63 4.48 -3.14 11.77
C GLY A 63 4.08 -2.63 10.40
N PHE A 64 3.54 -1.40 10.36
CA PHE A 64 3.11 -0.79 9.11
C PHE A 64 4.32 -0.48 8.23
N ASN A 65 5.44 -0.17 8.87
CA ASN A 65 6.67 0.15 8.14
C ASN A 65 7.21 -1.07 7.41
N THR A 66 6.84 -2.26 7.90
CA THR A 66 7.28 -3.51 7.30
C THR A 66 6.70 -3.68 5.89
N PHE A 67 5.44 -3.30 5.73
CA PHE A 67 4.78 -3.41 4.44
C PHE A 67 5.54 -2.62 3.37
N LEU A 68 5.83 -1.36 3.69
CA LEU A 68 6.55 -0.49 2.76
C LEU A 68 7.85 -1.14 2.30
N PRO A 69 8.26 -0.90 1.04
CA PRO A 69 9.50 -1.47 0.49
C PRO A 69 10.73 -1.01 1.26
N PRO A 70 11.43 -1.93 1.95
CA PRO A 70 12.63 -1.60 2.73
C PRO A 70 13.71 -0.94 1.87
N GLY A 71 14.64 -0.26 2.54
CA GLY A 71 15.72 0.41 1.83
C GLY A 71 15.42 1.86 1.54
N SER B 1 -20.77 -17.96 -0.15
CA SER B 1 -21.56 -16.78 0.29
C SER B 1 -21.90 -15.88 -0.89
N SER B 2 -22.78 -14.91 -0.65
CA SER B 2 -23.20 -13.97 -1.69
C SER B 2 -22.56 -12.61 -1.47
N THR B 3 -22.06 -12.38 -0.26
CA THR B 3 -21.42 -11.12 0.09
C THR B 3 -20.19 -11.35 0.94
N TRP B 4 -19.18 -10.51 0.74
CA TRP B 4 -17.93 -10.61 1.50
C TRP B 4 -17.70 -9.35 2.34
N LEU B 5 -16.45 -9.12 2.74
CA LEU B 5 -16.09 -7.97 3.53
C LEU B 5 -16.58 -6.67 2.88
N SER B 6 -16.62 -5.60 3.67
CA SER B 6 -17.07 -4.30 3.18
C SER B 6 -16.14 -3.80 2.06
N GLU B 7 -16.65 -2.85 1.28
CA GLU B 7 -15.87 -2.29 0.17
C GLU B 7 -14.79 -1.33 0.67
N ALA B 8 -15.09 -0.63 1.76
CA ALA B 8 -14.15 0.34 2.32
C ALA B 8 -12.84 -0.32 2.76
N GLU B 9 -12.95 -1.48 3.40
CA GLU B 9 -11.76 -2.19 3.89
C GLU B 9 -11.00 -2.89 2.76
N MET B 10 -11.73 -3.51 1.84
CA MET B 10 -11.09 -4.20 0.73
C MET B 10 -10.32 -3.23 -0.15
N ILE B 11 -10.83 -2.00 -0.27
CA ILE B 11 -10.19 -0.98 -1.07
C ILE B 11 -8.98 -0.41 -0.37
N ALA B 12 -9.18 0.04 0.87
CA ALA B 12 -8.10 0.62 1.65
C ALA B 12 -6.93 -0.36 1.73
N LEU B 13 -7.24 -1.60 2.10
CA LEU B 13 -6.21 -2.62 2.21
C LEU B 13 -5.56 -2.87 0.85
N ALA B 14 -6.38 -2.94 -0.20
CA ALA B 14 -5.85 -3.14 -1.54
C ALA B 14 -4.78 -2.09 -1.81
N GLY B 15 -5.01 -0.89 -1.30
CA GLY B 15 -4.07 0.19 -1.46
C GLY B 15 -2.81 -0.05 -0.66
N LEU B 16 -2.97 -0.61 0.55
CA LEU B 16 -1.82 -0.90 1.40
C LEU B 16 -0.84 -1.80 0.66
N LEU B 17 -1.33 -2.95 0.19
CA LEU B 17 -0.52 -3.90 -0.53
C LEU B 17 -0.11 -3.34 -1.89
N GLN B 18 -0.90 -2.40 -2.39
CA GLN B 18 -0.61 -1.76 -3.68
C GLN B 18 0.52 -0.77 -3.53
N MET B 19 0.66 -0.22 -2.32
CA MET B 19 1.71 0.74 -2.04
C MET B 19 3.03 0.03 -1.80
N SER B 20 2.98 -1.09 -1.09
CA SER B 20 4.18 -1.88 -0.80
C SER B 20 4.85 -2.35 -2.08
N GLN B 21 4.05 -2.57 -3.11
CA GLN B 21 4.56 -3.03 -4.40
C GLN B 21 3.90 -2.27 -5.55
N GLY B 22 3.32 -3.01 -6.51
CA GLY B 22 2.68 -2.36 -7.63
C GLY B 22 3.68 -1.75 -8.60
N GLU B 23 4.87 -2.32 -8.64
CA GLU B 23 5.93 -1.83 -9.53
C GLU B 23 6.69 -2.99 -10.13
N GLN B 24 6.63 -3.11 -11.46
CA GLN B 24 7.32 -4.18 -12.18
C GLN B 24 6.79 -5.54 -11.75
N THR B 25 7.51 -6.60 -12.14
CA THR B 25 7.12 -7.97 -11.81
C THR B 25 5.60 -8.17 -11.86
N PRO B 26 5.06 -8.56 -13.03
CA PRO B 26 3.63 -8.77 -13.22
C PRO B 26 2.96 -9.42 -12.00
N ASN B 27 2.21 -8.61 -11.26
CA ASN B 27 1.51 -9.08 -10.07
C ASN B 27 0.42 -8.11 -9.65
N CYS B 28 0.83 -6.91 -9.22
CA CYS B 28 -0.12 -5.88 -8.80
C CYS B 28 -0.14 -4.72 -9.78
N VAL B 29 0.90 -4.63 -10.61
CA VAL B 29 0.99 -3.57 -11.60
C VAL B 29 -0.16 -3.63 -12.59
N ALA B 30 0.03 -4.39 -13.67
CA ALA B 30 -0.99 -4.53 -14.70
C ALA B 30 -0.64 -5.68 -15.66
N SER B 31 -1.42 -6.75 -15.58
CA SER B 31 -1.21 -7.92 -16.44
C SER B 31 -2.49 -8.73 -16.59
N SER B 32 -2.55 -9.52 -17.64
CA SER B 32 -3.73 -10.36 -17.91
C SER B 32 -3.36 -11.49 -18.86
N LEU B 33 -2.28 -11.32 -19.60
CA LEU B 33 -1.83 -12.33 -20.55
C LEU B 33 -1.04 -13.45 -19.85
N PRO B 34 -0.02 -13.10 -19.02
CA PRO B 34 0.77 -14.12 -18.31
C PRO B 34 -0.03 -14.88 -17.28
N SER B 35 -0.25 -14.26 -16.12
CA SER B 35 -1.02 -14.89 -15.04
C SER B 35 -1.51 -13.84 -14.06
N THR B 36 -2.81 -13.57 -14.09
CA THR B 36 -3.41 -12.58 -13.19
C THR B 36 -4.80 -13.03 -12.74
N SER B 37 -5.70 -13.17 -13.70
CA SER B 37 -7.07 -13.60 -13.41
C SER B 37 -7.11 -15.06 -12.97
N CYS B 38 -8.19 -15.45 -12.33
CA CYS B 38 -8.35 -16.82 -11.85
C CYS B 38 -9.83 -17.19 -11.68
N PRO B 39 -10.55 -17.38 -12.80
CA PRO B 39 -11.97 -17.73 -12.78
C PRO B 39 -12.19 -19.13 -12.20
N ASP B 40 -11.36 -20.07 -12.64
CA ASP B 40 -11.45 -21.45 -12.17
C ASP B 40 -10.19 -22.22 -12.55
N PRO B 41 -9.07 -22.00 -11.82
CA PRO B 41 -7.81 -22.68 -12.09
C PRO B 41 -7.86 -24.17 -11.77
N VAL B 42 -7.55 -25.00 -12.76
CA VAL B 42 -7.56 -26.44 -12.59
C VAL B 42 -6.32 -27.08 -13.23
N SER B 43 -6.06 -26.71 -14.48
CA SER B 43 -4.91 -27.24 -15.21
C SER B 43 -4.61 -26.39 -16.44
N VAL B 44 -5.34 -25.27 -16.57
CA VAL B 44 -5.16 -24.37 -17.70
C VAL B 44 -3.86 -23.58 -17.58
N SER B 45 -3.22 -23.31 -18.71
CA SER B 45 -1.97 -22.56 -18.75
C SER B 45 -0.84 -23.34 -18.07
N GLU B 46 -1.13 -24.58 -17.68
CA GLU B 46 -0.15 -25.43 -17.03
C GLU B 46 0.38 -26.48 -18.01
N ASP B 47 -0.49 -27.39 -18.42
CA ASP B 47 -0.12 -28.43 -19.36
C ASP B 47 -1.36 -29.14 -19.93
N PRO B 48 -2.42 -28.39 -20.32
CA PRO B 48 -3.64 -28.97 -20.86
C PRO B 48 -3.62 -29.06 -22.38
N GLY B 49 -4.73 -29.52 -22.96
CA GLY B 49 -4.84 -29.64 -24.40
C GLY B 49 -5.89 -28.72 -24.98
N PRO B 50 -7.19 -28.99 -24.72
CA PRO B 50 -8.29 -28.16 -25.24
C PRO B 50 -8.21 -26.71 -24.76
N SER B 51 -7.94 -26.53 -23.47
CA SER B 51 -7.82 -25.19 -22.90
C SER B 51 -6.55 -24.50 -23.39
N GLY B 52 -6.71 -23.26 -23.85
CA GLY B 52 -5.57 -22.50 -24.34
C GLY B 52 -5.37 -22.65 -25.84
N ASP B 53 -4.18 -22.28 -26.31
CA ASP B 53 -3.85 -22.38 -27.72
C ASP B 53 -2.36 -22.64 -27.92
N GLN B 54 -1.55 -21.81 -27.28
CA GLN B 54 -0.10 -21.95 -27.38
C GLN B 54 0.48 -22.49 -26.07
N SER B 55 0.30 -21.73 -24.99
CA SER B 55 0.80 -22.13 -23.68
C SER B 55 -0.01 -23.29 -23.10
N CYS B 56 0.32 -24.50 -23.52
CA CYS B 56 -0.38 -25.70 -23.05
C CYS B 56 0.28 -26.96 -23.60
N SER B 57 0.13 -28.07 -22.88
CA SER B 57 0.71 -29.34 -23.30
C SER B 57 -0.34 -30.29 -23.86
N GLY B 58 -1.12 -30.90 -22.97
CA GLY B 58 -2.15 -31.83 -23.40
C GLY B 58 -1.93 -33.23 -22.85
N THR B 59 -2.42 -34.23 -23.58
CA THR B 59 -2.28 -35.62 -23.16
C THR B 59 -1.09 -36.30 -23.84
N ASP B 60 -1.02 -36.15 -25.16
CA ASP B 60 0.06 -36.76 -25.93
C ASP B 60 0.80 -35.70 -26.75
N THR B 61 0.08 -35.05 -27.65
CA THR B 61 0.68 -34.03 -28.50
C THR B 61 -0.38 -33.01 -28.96
N GLN A 1 8.37 -13.41 1.17
CA GLN A 1 9.10 -12.15 0.92
C GLN A 1 8.58 -11.46 -0.34
N ARG A 2 7.50 -12.00 -0.90
CA ARG A 2 6.90 -11.43 -2.12
C ARG A 2 5.79 -10.45 -1.76
N LEU A 3 5.65 -10.16 -0.47
CA LEU A 3 4.62 -9.24 0.01
C LEU A 3 3.23 -9.76 -0.33
N LYS A 4 2.59 -10.38 0.65
CA LYS A 4 1.25 -10.93 0.46
C LYS A 4 0.18 -9.96 0.93
N VAL A 5 -1.07 -10.26 0.59
CA VAL A 5 -2.19 -9.42 0.99
C VAL A 5 -2.84 -9.93 2.26
N GLU A 6 -2.72 -11.24 2.49
CA GLU A 6 -3.29 -11.87 3.68
C GLU A 6 -2.71 -11.27 4.96
N ASP A 7 -1.44 -10.91 4.91
CA ASP A 7 -0.76 -10.34 6.08
C ASP A 7 -1.32 -8.96 6.38
N ALA A 8 -1.60 -8.19 5.32
CA ALA A 8 -2.14 -6.85 5.48
C ALA A 8 -3.52 -6.90 6.12
N LEU A 9 -4.34 -7.83 5.64
CA LEU A 9 -5.68 -8.00 6.18
C LEU A 9 -5.61 -8.38 7.65
N SER A 10 -4.67 -9.25 7.99
CA SER A 10 -4.49 -9.67 9.38
C SER A 10 -4.19 -8.46 10.24
N TYR A 11 -3.34 -7.56 9.72
CA TYR A 11 -2.99 -6.34 10.44
C TYR A 11 -4.24 -5.50 10.67
N LEU A 12 -5.11 -5.45 9.67
CA LEU A 12 -6.35 -4.69 9.77
C LEU A 12 -7.19 -5.23 10.92
N ASP A 13 -7.24 -6.55 11.05
CA ASP A 13 -7.99 -7.18 12.12
C ASP A 13 -7.43 -6.77 13.48
N GLN A 14 -6.11 -6.76 13.59
CA GLN A 14 -5.44 -6.37 14.82
C GLN A 14 -5.85 -4.96 15.22
N VAL A 15 -5.92 -4.08 14.23
CA VAL A 15 -6.30 -2.69 14.47
C VAL A 15 -7.73 -2.61 14.98
N LYS A 16 -8.63 -3.32 14.33
CA LYS A 16 -10.03 -3.33 14.73
C LYS A 16 -10.21 -3.93 16.13
N LEU A 17 -9.27 -4.78 16.50
CA LEU A 17 -9.30 -5.43 17.82
C LEU A 17 -8.96 -4.45 18.93
N GLN A 18 -7.77 -3.87 18.85
CA GLN A 18 -7.31 -2.92 19.86
C GLN A 18 -8.20 -1.68 19.91
N PHE A 19 -8.35 -1.02 18.77
CA PHE A 19 -9.18 0.18 18.69
C PHE A 19 -10.66 -0.16 18.49
N GLY A 20 -11.07 -1.31 19.02
CA GLY A 20 -12.44 -1.74 18.89
C GLY A 20 -13.43 -0.82 19.59
N SER A 21 -12.94 -0.09 20.59
CA SER A 21 -13.79 0.83 21.33
C SER A 21 -13.81 2.21 20.68
N GLN A 22 -12.77 2.49 19.88
CA GLN A 22 -12.67 3.77 19.19
C GLN A 22 -12.58 3.57 17.68
N PRO A 23 -13.71 3.70 16.96
CA PRO A 23 -13.74 3.52 15.50
C PRO A 23 -13.24 4.76 14.75
N GLN A 24 -12.61 5.69 15.48
CA GLN A 24 -12.09 6.91 14.88
C GLN A 24 -10.82 6.62 14.08
N VAL A 25 -9.79 6.14 14.75
CA VAL A 25 -8.52 5.84 14.11
C VAL A 25 -8.72 4.86 12.94
N TYR A 26 -9.62 3.92 13.11
CA TYR A 26 -9.91 2.94 12.08
C TYR A 26 -10.51 3.60 10.84
N ASN A 27 -11.63 4.28 11.03
CA ASN A 27 -12.31 4.97 9.95
C ASN A 27 -11.38 5.96 9.24
N ASP A 28 -10.50 6.59 10.01
CA ASP A 28 -9.56 7.55 9.46
C ASP A 28 -8.49 6.86 8.62
N PHE A 29 -8.08 5.67 9.06
CA PHE A 29 -7.06 4.90 8.36
C PHE A 29 -7.56 4.48 6.97
N LEU A 30 -8.67 3.75 6.95
CA LEU A 30 -9.25 3.28 5.69
C LEU A 30 -9.62 4.46 4.79
N ASP A 31 -10.21 5.50 5.38
CA ASP A 31 -10.60 6.67 4.61
C ASP A 31 -9.38 7.23 3.87
N ILE A 32 -8.26 7.30 4.59
CA ILE A 32 -7.02 7.79 4.01
C ILE A 32 -6.64 6.94 2.81
N MET A 33 -6.68 5.62 2.99
CA MET A 33 -6.34 4.70 1.91
C MET A 33 -7.19 4.98 0.68
N LYS A 34 -8.47 5.23 0.89
CA LYS A 34 -9.39 5.53 -0.21
C LYS A 34 -8.94 6.80 -0.94
N GLU A 35 -8.48 7.79 -0.17
CA GLU A 35 -8.01 9.04 -0.74
C GLU A 35 -6.82 8.77 -1.66
N PHE A 36 -5.95 7.86 -1.22
CA PHE A 36 -4.78 7.49 -2.01
C PHE A 36 -5.19 6.58 -3.16
N LYS A 37 -6.36 5.94 -3.01
CA LYS A 37 -6.88 5.05 -4.02
C LYS A 37 -7.68 5.83 -5.07
N SER A 38 -8.15 7.00 -4.67
CA SER A 38 -8.94 7.85 -5.56
C SER A 38 -8.09 9.01 -6.07
N GLN A 39 -6.77 8.89 -5.92
CA GLN A 39 -5.84 9.93 -6.35
C GLN A 39 -6.09 11.23 -5.61
N SER A 40 -5.36 11.43 -4.51
CA SER A 40 -5.49 12.63 -3.70
C SER A 40 -4.16 13.02 -3.07
N ILE A 41 -3.62 12.12 -2.25
CA ILE A 41 -2.34 12.35 -1.59
C ILE A 41 -1.29 11.36 -2.07
N ASP A 42 -0.02 11.75 -1.97
CA ASP A 42 1.09 10.91 -2.39
C ASP A 42 1.47 9.90 -1.30
N THR A 43 2.35 8.96 -1.65
CA THR A 43 2.79 7.93 -0.70
C THR A 43 3.31 8.56 0.60
N PRO A 44 4.26 9.53 0.52
CA PRO A 44 4.80 10.18 1.71
C PRO A 44 3.70 10.74 2.62
N GLY A 45 2.61 11.17 2.00
CA GLY A 45 1.49 11.71 2.75
C GLY A 45 0.76 10.64 3.52
N VAL A 46 0.61 9.47 2.92
CA VAL A 46 -0.08 8.36 3.57
C VAL A 46 0.70 7.86 4.77
N ILE A 47 2.01 7.73 4.61
CA ILE A 47 2.87 7.26 5.69
C ILE A 47 2.91 8.26 6.84
N SER A 48 3.04 9.54 6.49
CA SER A 48 3.09 10.59 7.50
C SER A 48 1.78 10.71 8.26
N ARG A 49 0.68 10.87 7.52
CA ARG A 49 -0.64 10.99 8.13
C ARG A 49 -0.94 9.81 9.05
N VAL A 50 -0.77 8.59 8.53
CA VAL A 50 -1.03 7.39 9.31
C VAL A 50 -0.12 7.33 10.53
N SER A 51 1.11 7.80 10.38
CA SER A 51 2.07 7.82 11.48
C SER A 51 1.54 8.65 12.64
N GLN A 52 1.01 9.82 12.33
CA GLN A 52 0.46 10.71 13.35
C GLN A 52 -0.99 10.33 13.68
N LEU A 53 -1.56 9.46 12.86
CA LEU A 53 -2.95 9.02 13.06
C LEU A 53 -3.02 8.01 14.20
N PHE A 54 -1.92 7.31 14.44
CA PHE A 54 -1.85 6.31 15.51
C PHE A 54 -0.96 6.79 16.65
N LYS A 55 -0.93 8.11 16.84
CA LYS A 55 -0.12 8.70 17.91
C LYS A 55 -0.48 8.10 19.26
N GLY A 56 0.49 7.46 19.90
CA GLY A 56 0.27 6.84 21.19
C GLY A 56 0.81 5.44 21.26
N HIS A 57 0.37 4.60 20.33
CA HIS A 57 0.82 3.21 20.28
C HIS A 57 1.75 3.00 19.08
N PRO A 58 3.08 3.06 19.29
CA PRO A 58 4.06 2.87 18.22
C PRO A 58 4.11 1.43 17.71
N ASP A 59 3.26 0.58 18.28
CA ASP A 59 3.20 -0.82 17.88
C ASP A 59 2.62 -0.97 16.47
N LEU A 60 1.41 -0.43 16.29
CA LEU A 60 0.75 -0.50 14.99
C LEU A 60 1.59 0.15 13.90
N ILE A 61 2.26 1.25 14.26
CA ILE A 61 3.10 1.97 13.31
C ILE A 61 4.37 1.17 12.99
N MET A 62 4.91 0.50 14.00
CA MET A 62 6.11 -0.30 13.82
C MET A 62 5.87 -1.46 12.85
N GLY A 63 4.68 -2.05 12.95
CA GLY A 63 4.33 -3.17 12.08
C GLY A 63 3.84 -2.71 10.71
N PHE A 64 3.24 -1.53 10.67
CA PHE A 64 2.73 -0.97 9.43
C PHE A 64 3.86 -0.60 8.48
N ASN A 65 4.92 -0.01 9.04
CA ASN A 65 6.07 0.39 8.24
C ASN A 65 6.75 -0.82 7.61
N THR A 66 6.52 -1.99 8.19
CA THR A 66 7.12 -3.23 7.69
C THR A 66 6.57 -3.58 6.31
N PHE A 67 5.27 -3.38 6.13
CA PHE A 67 4.62 -3.67 4.84
C PHE A 67 5.24 -2.85 3.72
N LEU A 68 5.53 -1.58 4.01
CA LEU A 68 6.13 -0.69 3.03
C LEU A 68 7.45 -1.25 2.51
N PRO A 69 7.84 -0.92 1.27
CA PRO A 69 9.10 -1.40 0.68
C PRO A 69 10.32 -0.89 1.45
N PRO A 70 11.05 -1.78 2.15
CA PRO A 70 12.24 -1.39 2.92
C PRO A 70 13.34 -0.85 2.02
N GLY A 71 14.09 0.13 2.54
CA GLY A 71 15.16 0.72 1.78
C GLY A 71 14.67 1.64 0.68
N SER B 1 -19.73 -17.68 0.37
CA SER B 1 -19.18 -16.92 -0.77
C SER B 1 -19.47 -15.43 -0.62
N SER B 2 -20.25 -15.09 0.40
CA SER B 2 -20.60 -13.69 0.66
C SER B 2 -19.65 -13.08 1.69
N THR B 3 -18.90 -12.07 1.25
CA THR B 3 -17.96 -11.39 2.12
C THR B 3 -18.67 -10.66 3.25
N TRP B 4 -18.41 -11.09 4.49
CA TRP B 4 -19.03 -10.48 5.66
C TRP B 4 -18.38 -9.13 5.96
N LEU B 5 -17.36 -8.79 5.20
CA LEU B 5 -16.65 -7.53 5.37
C LEU B 5 -17.26 -6.43 4.50
N SER B 6 -16.78 -5.21 4.67
CA SER B 6 -17.28 -4.08 3.89
C SER B 6 -16.42 -3.86 2.64
N GLU B 7 -16.94 -3.09 1.70
CA GLU B 7 -16.23 -2.80 0.47
C GLU B 7 -15.09 -1.80 0.71
N ALA B 8 -15.35 -0.85 1.61
CA ALA B 8 -14.35 0.16 1.94
C ALA B 8 -13.07 -0.47 2.48
N GLU B 9 -13.22 -1.64 3.11
CA GLU B 9 -12.08 -2.35 3.67
C GLU B 9 -11.26 -3.00 2.57
N MET B 10 -11.94 -3.60 1.59
CA MET B 10 -11.26 -4.26 0.48
C MET B 10 -10.51 -3.24 -0.38
N ILE B 11 -11.07 -2.05 -0.51
CA ILE B 11 -10.45 -1.00 -1.31
C ILE B 11 -9.25 -0.41 -0.59
N ALA B 12 -9.44 -0.01 0.66
CA ALA B 12 -8.34 0.55 1.45
C ALA B 12 -7.16 -0.40 1.44
N LEU B 13 -7.43 -1.67 1.68
CA LEU B 13 -6.37 -2.67 1.68
C LEU B 13 -5.76 -2.80 0.30
N ALA B 14 -6.61 -2.73 -0.73
CA ALA B 14 -6.11 -2.80 -2.10
C ALA B 14 -4.98 -1.81 -2.30
N GLY B 15 -5.21 -0.59 -1.82
CA GLY B 15 -4.19 0.44 -1.91
C GLY B 15 -3.01 0.16 -1.01
N LEU B 16 -3.29 -0.50 0.13
CA LEU B 16 -2.24 -0.86 1.08
C LEU B 16 -1.19 -1.74 0.40
N LEU B 17 -1.65 -2.84 -0.19
CA LEU B 17 -0.75 -3.77 -0.86
C LEU B 17 -0.28 -3.19 -2.19
N GLN B 18 -1.04 -2.23 -2.71
CA GLN B 18 -0.68 -1.58 -3.96
C GLN B 18 0.42 -0.55 -3.74
N MET B 19 0.48 -0.03 -2.52
CA MET B 19 1.48 0.96 -2.16
C MET B 19 2.76 0.29 -1.68
N SER B 20 2.62 -0.85 -1.01
CA SER B 20 3.76 -1.60 -0.51
C SER B 20 4.67 -2.03 -1.66
N GLN B 21 4.13 -1.98 -2.88
CA GLN B 21 4.89 -2.37 -4.07
C GLN B 21 4.84 -1.27 -5.12
N GLY B 22 3.87 -0.36 -4.98
CA GLY B 22 3.74 0.73 -5.93
C GLY B 22 4.29 2.03 -5.41
N GLU B 23 5.52 1.99 -4.91
CA GLU B 23 6.18 3.19 -4.37
C GLU B 23 7.44 3.53 -5.15
N GLN B 24 7.50 4.76 -5.65
CA GLN B 24 8.65 5.23 -6.42
C GLN B 24 8.81 4.41 -7.71
N THR B 25 9.70 4.89 -8.59
CA THR B 25 9.97 4.25 -9.88
C THR B 25 8.71 4.13 -10.74
N PRO B 26 8.86 4.23 -12.08
CA PRO B 26 7.74 4.13 -13.00
C PRO B 26 6.91 2.87 -12.78
N ASN B 27 5.67 3.05 -12.35
CA ASN B 27 4.77 1.91 -12.09
C ASN B 27 3.32 2.37 -12.15
N CYS B 28 2.83 2.94 -11.05
CA CYS B 28 1.46 3.41 -10.98
C CYS B 28 1.31 4.57 -10.00
N VAL B 29 2.42 5.24 -9.70
CA VAL B 29 2.41 6.36 -8.77
C VAL B 29 3.03 7.60 -9.40
N ALA B 30 3.93 7.38 -10.34
CA ALA B 30 4.61 8.49 -11.03
C ALA B 30 5.28 8.00 -12.31
N SER B 31 4.69 8.36 -13.44
CA SER B 31 5.23 7.97 -14.75
C SER B 31 5.27 9.17 -15.69
N SER B 32 6.47 9.62 -16.03
CA SER B 32 6.64 10.75 -16.93
C SER B 32 7.73 10.46 -17.96
N LEU B 33 8.42 9.34 -17.78
CA LEU B 33 9.49 8.95 -18.70
C LEU B 33 8.94 8.16 -19.89
N PRO B 34 8.10 7.14 -19.66
CA PRO B 34 7.53 6.34 -20.74
C PRO B 34 6.35 7.04 -21.41
N SER B 35 6.02 8.23 -20.91
CA SER B 35 4.91 9.01 -21.45
C SER B 35 3.61 8.21 -21.41
N THR B 36 2.84 8.40 -20.34
CA THR B 36 1.58 7.70 -20.19
C THR B 36 0.43 8.48 -20.83
N SER B 37 0.33 9.76 -20.48
CA SER B 37 -0.73 10.61 -21.02
C SER B 37 -0.13 11.79 -21.79
N CYS B 38 0.46 12.73 -21.05
CA CYS B 38 1.06 13.92 -21.65
C CYS B 38 0.06 14.66 -22.53
N PRO B 39 -0.91 15.37 -21.90
CA PRO B 39 -1.93 16.13 -22.63
C PRO B 39 -1.41 17.47 -23.11
N ASP B 40 -0.12 17.52 -23.41
CA ASP B 40 0.52 18.76 -23.86
C ASP B 40 0.35 19.87 -22.82
N PRO B 41 1.09 19.76 -21.70
CA PRO B 41 1.03 20.75 -20.61
C PRO B 41 1.52 22.12 -21.07
N VAL B 42 0.88 23.17 -20.57
CA VAL B 42 1.24 24.54 -20.92
C VAL B 42 2.55 24.95 -20.21
N SER B 43 3.35 25.76 -20.90
CA SER B 43 4.62 26.22 -20.35
C SER B 43 4.39 26.99 -19.05
N VAL B 44 4.89 26.43 -17.95
CA VAL B 44 4.75 27.06 -16.64
C VAL B 44 6.10 27.53 -16.13
N SER B 45 7.17 26.85 -16.55
CA SER B 45 8.52 27.19 -16.13
C SER B 45 9.28 27.87 -17.25
N GLU B 46 10.26 28.71 -16.88
CA GLU B 46 11.07 29.42 -17.85
C GLU B 46 12.42 28.72 -18.06
N ASP B 47 12.89 28.04 -17.02
CA ASP B 47 14.16 27.33 -17.08
C ASP B 47 14.10 26.05 -16.26
N PRO B 48 13.74 24.91 -16.90
CA PRO B 48 13.66 23.61 -16.22
C PRO B 48 15.03 23.07 -15.83
N GLY B 49 15.98 23.20 -16.74
CA GLY B 49 17.33 22.72 -16.50
C GLY B 49 18.34 23.31 -17.45
N PRO B 50 19.53 22.67 -17.61
CA PRO B 50 20.57 23.17 -18.50
C PRO B 50 20.20 23.03 -19.97
N SER B 51 21.04 23.58 -20.85
CA SER B 51 20.79 23.52 -22.28
C SER B 51 21.00 22.11 -22.81
N GLY B 52 19.90 21.41 -23.07
CA GLY B 52 19.99 20.05 -23.58
C GLY B 52 18.62 19.48 -23.91
N ASP B 53 17.58 20.21 -23.57
CA ASP B 53 16.21 19.77 -23.84
C ASP B 53 15.32 20.96 -24.19
N GLN B 54 14.09 20.66 -24.59
CA GLN B 54 13.13 21.70 -24.98
C GLN B 54 11.91 21.68 -24.05
N SER B 55 11.11 22.75 -24.11
CA SER B 55 9.91 22.86 -23.29
C SER B 55 10.25 22.77 -21.81
N CYS B 56 9.22 22.78 -20.97
CA CYS B 56 9.41 22.70 -19.52
C CYS B 56 9.40 21.24 -19.06
N SER B 57 10.21 20.95 -18.05
CA SER B 57 10.30 19.61 -17.50
C SER B 57 10.85 19.62 -16.08
N GLY B 58 11.08 20.82 -15.55
CA GLY B 58 11.60 20.95 -14.20
C GLY B 58 10.49 20.98 -13.16
N THR B 59 9.47 21.81 -13.42
CA THR B 59 8.34 21.95 -12.51
C THR B 59 8.78 22.18 -11.07
N ASP B 60 8.97 21.09 -10.32
CA ASP B 60 9.40 21.18 -8.92
C ASP B 60 10.69 20.40 -8.70
N THR B 61 10.69 19.15 -9.14
CA THR B 61 11.85 18.28 -9.00
C THR B 61 12.21 17.61 -10.32
N GLN A 1 10.27 -15.13 1.81
CA GLN A 1 9.27 -14.03 1.91
C GLN A 1 8.72 -13.68 0.53
N ARG A 2 7.48 -13.19 0.50
CA ARG A 2 6.83 -12.81 -0.75
C ARG A 2 5.76 -11.76 -0.52
N LEU A 3 5.45 -11.51 0.75
CA LEU A 3 4.44 -10.51 1.12
C LEU A 3 3.06 -10.92 0.59
N LYS A 4 2.18 -11.31 1.50
CA LYS A 4 0.83 -11.73 1.13
C LYS A 4 -0.21 -10.75 1.66
N VAL A 5 -1.28 -10.56 0.89
CA VAL A 5 -2.36 -9.67 1.26
C VAL A 5 -3.06 -10.17 2.53
N GLU A 6 -3.08 -11.49 2.68
CA GLU A 6 -3.71 -12.11 3.84
C GLU A 6 -3.09 -11.60 5.14
N ASP A 7 -1.77 -11.35 5.10
CA ASP A 7 -1.06 -10.83 6.26
C ASP A 7 -1.58 -9.44 6.60
N ALA A 8 -1.86 -8.67 5.55
CA ALA A 8 -2.37 -7.32 5.71
C ALA A 8 -3.74 -7.36 6.37
N LEU A 9 -4.53 -8.37 6.02
CA LEU A 9 -5.86 -8.52 6.60
C LEU A 9 -5.75 -8.78 8.10
N SER A 10 -4.89 -9.73 8.46
CA SER A 10 -4.69 -10.05 9.86
C SER A 10 -4.28 -8.79 10.61
N TYR A 11 -3.51 -7.95 9.91
CA TYR A 11 -3.08 -6.68 10.48
C TYR A 11 -4.28 -5.74 10.64
N LEU A 12 -5.24 -5.86 9.72
CA LEU A 12 -6.44 -5.03 9.78
C LEU A 12 -7.21 -5.31 11.06
N ASP A 13 -7.42 -6.60 11.34
CA ASP A 13 -8.14 -7.02 12.53
C ASP A 13 -7.37 -6.60 13.78
N GLN A 14 -6.05 -6.72 13.72
CA GLN A 14 -5.20 -6.34 14.85
C GLN A 14 -5.43 -4.89 15.22
N VAL A 15 -5.48 -4.03 14.21
CA VAL A 15 -5.72 -2.60 14.43
C VAL A 15 -7.06 -2.38 15.09
N LYS A 16 -8.09 -3.03 14.52
CA LYS A 16 -9.44 -2.90 15.06
C LYS A 16 -9.54 -3.58 16.43
N LEU A 17 -8.55 -4.41 16.74
CA LEU A 17 -8.52 -5.14 18.01
C LEU A 17 -8.09 -4.21 19.14
N GLN A 18 -6.93 -3.56 18.98
CA GLN A 18 -6.41 -2.65 19.98
C GLN A 18 -7.44 -1.61 20.40
N PHE A 19 -7.81 -0.74 19.46
CA PHE A 19 -8.79 0.29 19.74
C PHE A 19 -10.14 -0.31 20.12
N GLY A 20 -10.75 -1.01 19.17
CA GLY A 20 -12.04 -1.63 19.43
C GLY A 20 -13.14 -0.62 19.70
N SER A 21 -13.28 -0.23 20.96
CA SER A 21 -14.30 0.74 21.36
C SER A 21 -14.04 2.10 20.71
N GLN A 22 -12.87 2.24 20.09
CA GLN A 22 -12.51 3.48 19.43
C GLN A 22 -12.29 3.27 17.93
N PRO A 23 -13.38 3.15 17.15
CA PRO A 23 -13.29 2.93 15.71
C PRO A 23 -13.04 4.21 14.93
N GLN A 24 -12.83 5.31 15.66
CA GLN A 24 -12.58 6.60 15.04
C GLN A 24 -11.30 6.56 14.22
N VAL A 25 -10.29 5.87 14.73
CA VAL A 25 -9.01 5.75 14.06
C VAL A 25 -9.11 4.84 12.83
N TYR A 26 -9.87 3.76 12.98
CA TYR A 26 -10.06 2.79 11.90
C TYR A 26 -10.62 3.48 10.66
N ASN A 27 -11.75 4.15 10.82
CA ASN A 27 -12.40 4.85 9.71
C ASN A 27 -11.42 5.81 9.03
N ASP A 28 -10.65 6.53 9.83
CA ASP A 28 -9.68 7.50 9.31
C ASP A 28 -8.57 6.79 8.53
N PHE A 29 -8.24 5.58 8.96
CA PHE A 29 -7.19 4.80 8.30
C PHE A 29 -7.60 4.40 6.88
N LEU A 30 -8.69 3.65 6.79
CA LEU A 30 -9.17 3.19 5.49
C LEU A 30 -9.56 4.37 4.61
N ASP A 31 -10.17 5.40 5.21
CA ASP A 31 -10.56 6.58 4.47
C ASP A 31 -9.34 7.18 3.79
N ILE A 32 -8.25 7.29 4.55
CA ILE A 32 -7.00 7.83 4.03
C ILE A 32 -6.56 7.00 2.82
N MET A 33 -6.63 5.69 2.96
CA MET A 33 -6.25 4.77 1.90
C MET A 33 -7.02 5.09 0.63
N LYS A 34 -8.30 5.40 0.78
CA LYS A 34 -9.15 5.74 -0.35
C LYS A 34 -8.67 7.03 -0.99
N GLU A 35 -8.22 7.98 -0.17
CA GLU A 35 -7.72 9.25 -0.67
C GLU A 35 -6.49 9.01 -1.54
N PHE A 36 -5.65 8.08 -1.11
CA PHE A 36 -4.45 7.73 -1.86
C PHE A 36 -4.82 6.91 -3.08
N LYS A 37 -5.82 6.04 -2.90
CA LYS A 37 -6.29 5.19 -3.99
C LYS A 37 -6.93 6.06 -5.07
N SER A 38 -7.43 7.21 -4.64
CA SER A 38 -8.06 8.16 -5.53
C SER A 38 -7.11 9.31 -5.82
N GLN A 39 -7.65 10.47 -6.18
CA GLN A 39 -6.83 11.64 -6.46
C GLN A 39 -6.85 12.62 -5.29
N SER A 40 -5.93 12.42 -4.34
CA SER A 40 -5.85 13.29 -3.17
C SER A 40 -4.41 13.41 -2.67
N ILE A 41 -3.89 12.32 -2.10
CA ILE A 41 -2.54 12.31 -1.57
C ILE A 41 -1.70 11.19 -2.17
N ASP A 42 -0.39 11.26 -1.96
CA ASP A 42 0.53 10.24 -2.48
C ASP A 42 1.08 9.39 -1.33
N THR A 43 2.08 8.56 -1.65
CA THR A 43 2.69 7.69 -0.65
C THR A 43 3.17 8.48 0.57
N PRO A 44 3.97 9.56 0.39
CA PRO A 44 4.46 10.36 1.51
C PRO A 44 3.33 10.84 2.41
N GLY A 45 2.19 11.16 1.80
CA GLY A 45 1.04 11.62 2.55
C GLY A 45 0.45 10.52 3.41
N VAL A 46 0.42 9.31 2.88
CA VAL A 46 -0.12 8.17 3.62
C VAL A 46 0.73 7.85 4.84
N ILE A 47 2.05 7.84 4.67
CA ILE A 47 2.97 7.55 5.76
C ILE A 47 2.86 8.60 6.87
N SER A 48 2.92 9.86 6.49
CA SER A 48 2.85 10.96 7.45
C SER A 48 1.52 10.97 8.20
N ARG A 49 0.43 11.10 7.45
CA ARG A 49 -0.91 11.14 8.03
C ARG A 49 -1.14 9.95 8.96
N VAL A 50 -0.95 8.74 8.45
CA VAL A 50 -1.15 7.54 9.24
C VAL A 50 -0.26 7.53 10.48
N SER A 51 0.94 8.08 10.35
CA SER A 51 1.87 8.14 11.47
C SER A 51 1.28 8.96 12.62
N GLN A 52 0.74 10.13 12.29
CA GLN A 52 0.14 11.00 13.30
C GLN A 52 -1.29 10.59 13.60
N LEU A 53 -1.85 9.70 12.77
CA LEU A 53 -3.21 9.23 12.95
C LEU A 53 -3.28 8.18 14.06
N PHE A 54 -2.15 7.51 14.29
CA PHE A 54 -2.07 6.49 15.33
C PHE A 54 -1.16 6.93 16.47
N LYS A 55 -1.03 8.24 16.65
CA LYS A 55 -0.20 8.79 17.70
C LYS A 55 -0.62 8.25 19.06
N GLY A 56 0.17 7.31 19.58
CA GLY A 56 -0.14 6.72 20.88
C GLY A 56 0.22 5.25 20.95
N HIS A 57 0.22 4.59 19.80
CA HIS A 57 0.55 3.17 19.73
C HIS A 57 1.69 2.91 18.74
N PRO A 58 2.95 2.85 19.23
CA PRO A 58 4.11 2.61 18.38
C PRO A 58 4.16 1.17 17.84
N ASP A 59 3.26 0.34 18.33
CA ASP A 59 3.21 -1.06 17.90
C ASP A 59 2.67 -1.17 16.48
N LEU A 60 1.50 -0.59 16.25
CA LEU A 60 0.87 -0.63 14.93
C LEU A 60 1.75 0.04 13.88
N ILE A 61 2.35 1.18 14.25
CA ILE A 61 3.21 1.93 13.35
C ILE A 61 4.44 1.11 12.97
N MET A 62 5.11 0.57 13.98
CA MET A 62 6.31 -0.23 13.77
C MET A 62 6.00 -1.43 12.88
N GLY A 63 4.81 -1.99 13.03
CA GLY A 63 4.41 -3.14 12.25
C GLY A 63 3.90 -2.74 10.87
N PHE A 64 3.49 -1.48 10.73
CA PHE A 64 2.98 -0.99 9.46
C PHE A 64 4.12 -0.70 8.48
N ASN A 65 5.20 -0.10 9.00
CA ASN A 65 6.35 0.24 8.18
C ASN A 65 6.99 -1.02 7.60
N THR A 66 6.73 -2.15 8.23
CA THR A 66 7.27 -3.42 7.76
C THR A 66 6.72 -3.78 6.39
N PHE A 67 5.46 -3.42 6.16
CA PHE A 67 4.81 -3.70 4.87
C PHE A 67 5.47 -2.90 3.75
N LEU A 68 5.60 -1.59 3.96
CA LEU A 68 6.22 -0.73 2.96
C LEU A 68 7.62 -1.23 2.58
N PRO A 69 8.04 -1.00 1.33
CA PRO A 69 9.36 -1.43 0.87
C PRO A 69 10.49 -0.91 1.75
N PRO A 70 11.57 -1.70 1.93
CA PRO A 70 12.71 -1.31 2.77
C PRO A 70 13.30 0.03 2.34
N GLY A 71 14.15 0.60 3.19
CA GLY A 71 14.76 1.87 2.89
C GLY A 71 14.21 3.00 3.74
N SER B 1 -18.93 -10.89 -6.01
CA SER B 1 -17.87 -10.85 -4.97
C SER B 1 -18.04 -11.99 -3.98
N SER B 2 -17.00 -12.83 -3.86
CA SER B 2 -17.03 -13.96 -2.94
C SER B 2 -16.25 -13.65 -1.67
N THR B 3 -15.74 -12.44 -1.57
CA THR B 3 -14.98 -12.02 -0.40
C THR B 3 -15.90 -11.75 0.78
N TRP B 4 -17.16 -11.47 0.50
CA TRP B 4 -18.14 -11.19 1.54
C TRP B 4 -17.73 -9.97 2.36
N LEU B 5 -16.83 -9.17 1.80
CA LEU B 5 -16.35 -7.97 2.48
C LEU B 5 -16.95 -6.72 1.86
N SER B 6 -16.74 -5.58 2.50
CA SER B 6 -17.27 -4.31 2.01
C SER B 6 -16.32 -3.68 0.99
N GLU B 7 -16.84 -2.75 0.20
CA GLU B 7 -16.04 -2.07 -0.82
C GLU B 7 -14.98 -1.18 -0.19
N ALA B 8 -15.34 -0.54 0.93
CA ALA B 8 -14.42 0.35 1.63
C ALA B 8 -13.16 -0.37 2.08
N GLU B 9 -13.33 -1.57 2.64
CA GLU B 9 -12.20 -2.36 3.13
C GLU B 9 -11.38 -2.91 1.97
N MET B 10 -12.04 -3.33 0.91
CA MET B 10 -11.37 -3.89 -0.26
C MET B 10 -10.53 -2.83 -0.97
N ILE B 11 -11.02 -1.59 -0.97
CA ILE B 11 -10.30 -0.50 -1.64
C ILE B 11 -9.11 -0.05 -0.81
N ALA B 12 -9.34 0.26 0.46
CA ALA B 12 -8.27 0.70 1.34
C ALA B 12 -7.13 -0.30 1.34
N LEU B 13 -7.48 -1.58 1.52
CA LEU B 13 -6.48 -2.63 1.53
C LEU B 13 -5.80 -2.72 0.18
N ALA B 14 -6.58 -2.66 -0.89
CA ALA B 14 -6.04 -2.71 -2.24
C ALA B 14 -4.89 -1.74 -2.37
N GLY B 15 -5.10 -0.51 -1.90
CA GLY B 15 -4.08 0.50 -1.96
C GLY B 15 -2.89 0.15 -1.09
N LEU B 16 -3.17 -0.47 0.07
CA LEU B 16 -2.12 -0.87 0.99
C LEU B 16 -1.15 -1.84 0.33
N LEU B 17 -1.69 -2.93 -0.20
CA LEU B 17 -0.88 -3.95 -0.86
C LEU B 17 -0.38 -3.48 -2.22
N GLN B 18 -1.02 -2.43 -2.76
CA GLN B 18 -0.61 -1.88 -4.05
C GLN B 18 0.53 -0.88 -3.86
N MET B 19 0.57 -0.27 -2.67
CA MET B 19 1.60 0.70 -2.35
C MET B 19 2.88 0.01 -1.92
N SER B 20 2.73 -1.08 -1.16
CA SER B 20 3.87 -1.85 -0.67
C SER B 20 3.92 -3.22 -1.36
N GLN B 21 4.38 -3.22 -2.62
CA GLN B 21 4.49 -4.45 -3.38
C GLN B 21 5.87 -4.58 -4.03
N GLY B 22 6.64 -3.49 -3.97
CA GLY B 22 7.97 -3.51 -4.56
C GLY B 22 9.05 -3.73 -3.52
N GLU B 23 9.05 -4.91 -2.90
CA GLU B 23 10.04 -5.24 -1.89
C GLU B 23 11.45 -5.18 -2.46
N GLN B 24 11.58 -5.46 -3.75
CA GLN B 24 12.87 -5.43 -4.42
C GLN B 24 12.93 -4.30 -5.44
N THR B 25 13.82 -4.42 -6.43
CA THR B 25 13.97 -3.40 -7.46
C THR B 25 12.79 -3.35 -8.44
N PRO B 26 12.12 -4.48 -8.76
CA PRO B 26 10.99 -4.48 -9.68
C PRO B 26 9.72 -3.93 -9.04
N ASN B 27 8.57 -4.24 -9.65
CA ASN B 27 7.29 -3.77 -9.14
C ASN B 27 6.27 -4.90 -9.10
N CYS B 28 5.52 -4.98 -7.99
CA CYS B 28 4.51 -6.01 -7.82
C CYS B 28 5.12 -7.41 -7.87
N VAL B 29 6.44 -7.48 -7.88
CA VAL B 29 7.14 -8.76 -7.92
C VAL B 29 8.64 -8.56 -7.73
N ALA B 30 9.33 -9.63 -7.33
CA ALA B 30 10.77 -9.57 -7.10
C ALA B 30 11.54 -10.15 -8.29
N SER B 31 10.82 -10.74 -9.23
CA SER B 31 11.43 -11.35 -10.42
C SER B 31 12.55 -12.32 -10.04
N SER B 32 13.30 -12.75 -11.04
CA SER B 32 14.41 -13.68 -10.81
C SER B 32 15.25 -13.86 -12.07
N LEU B 33 14.60 -13.74 -13.22
CA LEU B 33 15.27 -13.88 -14.51
C LEU B 33 16.30 -12.77 -14.74
N PRO B 34 15.90 -11.48 -14.59
CA PRO B 34 16.81 -10.35 -14.79
C PRO B 34 17.85 -10.24 -13.67
N SER B 35 17.37 -10.13 -12.44
CA SER B 35 18.26 -10.02 -11.28
C SER B 35 17.64 -10.65 -10.05
N THR B 36 18.07 -11.86 -9.74
CA THR B 36 17.54 -12.58 -8.58
C THR B 36 17.84 -11.83 -7.28
N SER B 37 16.95 -11.98 -6.30
CA SER B 37 17.11 -11.32 -5.01
C SER B 37 18.33 -11.86 -4.28
N CYS B 38 19.09 -10.94 -3.66
CA CYS B 38 20.30 -11.30 -2.91
C CYS B 38 21.09 -12.42 -3.61
N PRO B 39 21.76 -12.09 -4.72
CA PRO B 39 22.55 -13.07 -5.48
C PRO B 39 23.65 -13.69 -4.62
N ASP B 40 24.32 -12.85 -3.84
CA ASP B 40 25.39 -13.31 -2.96
C ASP B 40 25.56 -12.35 -1.78
N PRO B 41 24.58 -12.32 -0.86
CA PRO B 41 24.63 -11.44 0.32
C PRO B 41 25.74 -11.83 1.28
N VAL B 42 26.43 -10.82 1.81
CA VAL B 42 27.51 -11.04 2.75
C VAL B 42 27.17 -10.46 4.11
N SER B 43 27.85 -10.93 5.16
CA SER B 43 27.60 -10.47 6.52
C SER B 43 27.76 -8.95 6.61
N VAL B 44 26.64 -8.24 6.64
CA VAL B 44 26.65 -6.78 6.72
C VAL B 44 25.47 -6.29 7.56
N SER B 45 25.75 -5.34 8.44
CA SER B 45 24.71 -4.79 9.32
C SER B 45 24.43 -3.33 8.97
N GLU B 46 23.15 -2.94 9.04
CA GLU B 46 22.75 -1.58 8.73
C GLU B 46 22.72 -0.73 9.99
N ASP B 47 23.66 0.22 10.08
CA ASP B 47 23.74 1.11 11.24
C ASP B 47 23.91 0.30 12.53
N PRO B 48 25.16 0.00 12.92
CA PRO B 48 25.44 -0.77 14.14
C PRO B 48 25.18 0.05 15.39
N GLY B 49 25.61 -0.49 16.54
CA GLY B 49 25.42 0.20 17.80
C GLY B 49 26.22 1.49 17.89
N PRO B 50 25.91 2.36 18.86
CA PRO B 50 26.62 3.64 19.04
C PRO B 50 28.06 3.43 19.47
N SER B 51 28.33 2.30 20.12
CA SER B 51 29.67 1.98 20.59
C SER B 51 29.83 0.48 20.81
N GLY B 52 30.66 -0.15 19.98
CA GLY B 52 30.89 -1.58 20.11
C GLY B 52 31.98 -2.08 19.17
N ASP B 53 31.91 -1.68 17.91
CA ASP B 53 32.89 -2.09 16.93
C ASP B 53 33.21 -0.95 15.96
N GLN B 54 34.42 -0.97 15.41
CA GLN B 54 34.85 0.07 14.47
C GLN B 54 34.04 0.01 13.18
N SER B 55 33.42 -1.13 12.92
CA SER B 55 32.61 -1.30 11.71
C SER B 55 31.24 -1.89 12.06
N CYS B 56 30.44 -2.15 11.02
CA CYS B 56 29.12 -2.73 11.21
C CYS B 56 29.20 -4.08 11.91
N SER B 57 28.13 -4.45 12.60
CA SER B 57 28.09 -5.72 13.31
C SER B 57 26.65 -6.15 13.57
N GLY B 58 25.91 -5.33 14.31
CA GLY B 58 24.53 -5.65 14.63
C GLY B 58 24.40 -6.73 15.68
N THR B 59 25.46 -6.91 16.48
CA THR B 59 25.46 -7.91 17.53
C THR B 59 24.63 -7.46 18.73
N ASP B 60 24.85 -6.21 19.15
CA ASP B 60 24.12 -5.65 20.29
C ASP B 60 24.05 -4.13 20.18
N THR B 61 22.89 -3.58 20.55
CA THR B 61 22.69 -2.14 20.50
C THR B 61 22.50 -1.57 21.91
N GLN A 1 8.75 -13.12 4.80
CA GLN A 1 9.18 -11.78 4.31
C GLN A 1 8.53 -11.46 2.97
N ARG A 2 7.87 -12.44 2.39
CA ARG A 2 7.20 -12.25 1.10
C ARG A 2 5.98 -11.35 1.24
N LEU A 3 5.57 -10.73 0.15
CA LEU A 3 4.41 -9.84 0.16
C LEU A 3 3.12 -10.63 0.04
N LYS A 4 2.28 -10.51 1.07
CA LYS A 4 1.00 -11.22 1.09
C LYS A 4 -0.11 -10.31 1.60
N VAL A 5 -1.19 -10.22 0.84
CA VAL A 5 -2.32 -9.39 1.22
C VAL A 5 -3.01 -9.96 2.47
N GLU A 6 -2.91 -11.27 2.63
CA GLU A 6 -3.51 -11.94 3.77
C GLU A 6 -2.95 -11.38 5.09
N ASP A 7 -1.66 -11.10 5.09
CA ASP A 7 -1.01 -10.55 6.28
C ASP A 7 -1.55 -9.16 6.58
N ALA A 8 -1.83 -8.42 5.53
CA ALA A 8 -2.37 -7.07 5.66
C ALA A 8 -3.73 -7.12 6.35
N LEU A 9 -4.57 -8.06 5.93
CA LEU A 9 -5.88 -8.21 6.54
C LEU A 9 -5.74 -8.58 8.01
N SER A 10 -4.79 -9.46 8.29
CA SER A 10 -4.54 -9.87 9.68
C SER A 10 -4.23 -8.64 10.51
N TYR A 11 -3.49 -7.71 9.91
CA TYR A 11 -3.15 -6.46 10.57
C TYR A 11 -4.40 -5.64 10.83
N LEU A 12 -5.30 -5.63 9.84
CA LEU A 12 -6.55 -4.91 9.96
C LEU A 12 -7.34 -5.42 11.16
N ASP A 13 -7.25 -6.73 11.39
CA ASP A 13 -7.93 -7.36 12.51
C ASP A 13 -7.28 -6.93 13.82
N GLN A 14 -5.95 -6.87 13.81
CA GLN A 14 -5.20 -6.47 15.00
C GLN A 14 -5.65 -5.08 15.45
N VAL A 15 -5.90 -4.21 14.48
CA VAL A 15 -6.35 -2.86 14.76
C VAL A 15 -7.80 -2.86 15.25
N LYS A 16 -8.60 -3.72 14.63
CA LYS A 16 -10.01 -3.83 15.01
C LYS A 16 -10.15 -4.42 16.41
N LEU A 17 -9.09 -5.10 16.86
CA LEU A 17 -9.08 -5.72 18.17
C LEU A 17 -8.67 -4.70 19.24
N GLN A 18 -7.50 -4.09 19.05
CA GLN A 18 -6.99 -3.09 19.99
C GLN A 18 -7.74 -1.77 19.85
N PHE A 19 -7.68 -1.18 18.66
CA PHE A 19 -8.34 0.09 18.40
C PHE A 19 -9.82 -0.12 18.04
N GLY A 20 -10.38 -1.23 18.50
CA GLY A 20 -11.77 -1.53 18.23
C GLY A 20 -12.71 -0.51 18.83
N SER A 21 -12.26 0.14 19.90
CA SER A 21 -13.08 1.14 20.58
C SER A 21 -12.83 2.53 20.00
N GLN A 22 -12.02 2.57 18.93
CA GLN A 22 -11.70 3.84 18.28
C GLN A 22 -12.28 3.89 16.86
N PRO A 23 -13.54 4.32 16.72
CA PRO A 23 -14.20 4.42 15.42
C PRO A 23 -13.69 5.61 14.61
N GLN A 24 -12.88 6.45 15.24
CA GLN A 24 -12.33 7.63 14.59
C GLN A 24 -11.08 7.27 13.78
N VAL A 25 -10.05 6.81 14.49
CA VAL A 25 -8.79 6.44 13.86
C VAL A 25 -8.99 5.38 12.79
N TYR A 26 -9.78 4.36 13.10
CA TYR A 26 -10.05 3.28 12.15
C TYR A 26 -10.62 3.83 10.85
N ASN A 27 -11.73 4.56 10.97
CA ASN A 27 -12.39 5.15 9.81
C ASN A 27 -11.44 6.11 9.10
N ASP A 28 -10.63 6.83 9.86
CA ASP A 28 -9.68 7.79 9.31
C ASP A 28 -8.58 7.07 8.53
N PHE A 29 -8.24 5.87 8.98
CA PHE A 29 -7.19 5.09 8.33
C PHE A 29 -7.64 4.59 6.97
N LEU A 30 -8.73 3.82 6.94
CA LEU A 30 -9.25 3.29 5.69
C LEU A 30 -9.68 4.41 4.76
N ASP A 31 -10.27 5.47 5.32
CA ASP A 31 -10.70 6.61 4.52
C ASP A 31 -9.52 7.20 3.78
N ILE A 32 -8.44 7.44 4.52
CA ILE A 32 -7.22 7.99 3.93
C ILE A 32 -6.77 7.12 2.77
N MET A 33 -6.80 5.81 2.98
CA MET A 33 -6.40 4.86 1.96
C MET A 33 -7.24 5.04 0.69
N LYS A 34 -8.53 5.28 0.88
CA LYS A 34 -9.43 5.49 -0.25
C LYS A 34 -9.08 6.77 -0.97
N GLU A 35 -8.56 7.75 -0.22
CA GLU A 35 -8.17 9.02 -0.81
C GLU A 35 -6.97 8.79 -1.73
N PHE A 36 -6.03 7.98 -1.26
CA PHE A 36 -4.84 7.65 -2.03
C PHE A 36 -5.20 6.70 -3.16
N LYS A 37 -6.32 6.00 -2.99
CA LYS A 37 -6.80 5.05 -3.97
C LYS A 37 -7.56 5.75 -5.08
N SER A 38 -8.28 6.81 -4.72
CA SER A 38 -9.05 7.58 -5.69
C SER A 38 -8.26 8.77 -6.19
N GLN A 39 -6.94 8.71 -6.01
CA GLN A 39 -6.04 9.79 -6.45
C GLN A 39 -6.31 11.08 -5.69
N SER A 40 -5.50 11.33 -4.67
CA SER A 40 -5.64 12.55 -3.86
C SER A 40 -4.29 12.93 -3.25
N ILE A 41 -3.75 12.05 -2.42
CA ILE A 41 -2.46 12.30 -1.78
C ILE A 41 -1.41 11.31 -2.27
N ASP A 42 -0.16 11.53 -1.87
CA ASP A 42 0.93 10.66 -2.27
C ASP A 42 1.30 9.67 -1.17
N THR A 43 2.31 8.85 -1.41
CA THR A 43 2.76 7.86 -0.44
C THR A 43 3.22 8.53 0.86
N PRO A 44 4.10 9.55 0.80
CA PRO A 44 4.59 10.25 2.00
C PRO A 44 3.44 10.79 2.85
N GLY A 45 2.36 11.19 2.18
CA GLY A 45 1.21 11.72 2.87
C GLY A 45 0.45 10.65 3.63
N VAL A 46 0.32 9.48 3.01
CA VAL A 46 -0.39 8.36 3.63
C VAL A 46 0.34 7.88 4.87
N ILE A 47 1.66 7.73 4.75
CA ILE A 47 2.48 7.26 5.86
C ILE A 47 2.47 8.26 7.01
N SER A 48 2.72 9.53 6.70
CA SER A 48 2.75 10.58 7.71
C SER A 48 1.41 10.69 8.44
N ARG A 49 0.34 10.82 7.67
CA ARG A 49 -1.00 10.93 8.25
C ARG A 49 -1.31 9.78 9.19
N VAL A 50 -1.12 8.55 8.71
CA VAL A 50 -1.38 7.37 9.51
C VAL A 50 -0.48 7.33 10.74
N SER A 51 0.72 7.88 10.61
CA SER A 51 1.67 7.92 11.72
C SER A 51 1.13 8.76 12.87
N GLN A 52 0.59 9.93 12.53
CA GLN A 52 0.04 10.83 13.54
C GLN A 52 -1.38 10.43 13.92
N LEU A 53 -2.00 9.61 13.08
CA LEU A 53 -3.36 9.14 13.32
C LEU A 53 -3.38 8.08 14.41
N PHE A 54 -2.41 7.16 14.34
CA PHE A 54 -2.31 6.08 15.32
C PHE A 54 -1.32 6.44 16.42
N LYS A 55 -0.99 7.73 16.50
CA LYS A 55 -0.05 8.20 17.51
C LYS A 55 -0.45 7.74 18.90
N GLY A 56 0.44 6.99 19.55
CA GLY A 56 0.16 6.48 20.88
C GLY A 56 0.78 5.12 21.13
N HIS A 57 0.62 4.22 20.16
CA HIS A 57 1.17 2.88 20.27
C HIS A 57 2.15 2.60 19.12
N PRO A 58 3.47 2.69 19.40
CA PRO A 58 4.50 2.44 18.37
C PRO A 58 4.42 1.04 17.78
N ASP A 59 3.62 0.17 18.41
CA ASP A 59 3.47 -1.20 17.94
C ASP A 59 2.98 -1.24 16.50
N LEU A 60 1.76 -0.74 16.28
CA LEU A 60 1.18 -0.70 14.95
C LEU A 60 2.06 0.06 13.97
N ILE A 61 2.83 1.01 14.50
CA ILE A 61 3.73 1.82 13.68
C ILE A 61 4.79 0.96 13.01
N MET A 62 5.53 0.21 13.83
CA MET A 62 6.59 -0.65 13.33
C MET A 62 6.02 -1.76 12.45
N GLY A 63 4.89 -2.33 12.85
CA GLY A 63 4.27 -3.39 12.09
C GLY A 63 3.78 -2.91 10.73
N PHE A 64 3.39 -1.64 10.65
CA PHE A 64 2.89 -1.07 9.41
C PHE A 64 4.06 -0.71 8.47
N ASN A 65 5.15 -0.25 9.07
CA ASN A 65 6.33 0.13 8.29
C ASN A 65 6.92 -1.07 7.57
N THR A 66 6.76 -2.25 8.16
CA THR A 66 7.27 -3.48 7.58
C THR A 66 6.73 -3.69 6.16
N PHE A 67 5.42 -3.61 6.01
CA PHE A 67 4.78 -3.80 4.70
C PHE A 67 5.40 -2.87 3.65
N LEU A 68 5.59 -1.60 4.04
CA LEU A 68 6.18 -0.62 3.13
C LEU A 68 7.57 -1.07 2.67
N PRO A 69 8.02 -0.62 1.48
CA PRO A 69 9.33 -0.99 0.95
C PRO A 69 10.47 -0.57 1.87
N PRO A 70 11.56 -1.36 1.91
CA PRO A 70 12.72 -1.05 2.77
C PRO A 70 13.36 0.29 2.40
N GLY A 71 13.81 1.02 3.41
CA GLY A 71 14.44 2.31 3.18
C GLY A 71 15.79 2.18 2.50
N SER B 1 -17.83 -19.84 0.23
CA SER B 1 -18.40 -18.47 0.17
C SER B 1 -17.34 -17.42 0.46
N SER B 2 -17.10 -16.53 -0.50
CA SER B 2 -16.11 -15.48 -0.35
C SER B 2 -16.77 -14.13 -0.07
N THR B 3 -15.95 -13.12 0.18
CA THR B 3 -16.45 -11.77 0.44
C THR B 3 -17.25 -11.72 1.74
N TRP B 4 -16.92 -10.76 2.60
CA TRP B 4 -17.61 -10.61 3.89
C TRP B 4 -17.49 -9.18 4.40
N LEU B 5 -16.40 -8.51 4.04
CA LEU B 5 -16.16 -7.14 4.47
C LEU B 5 -16.76 -6.15 3.48
N SER B 6 -16.93 -4.91 3.92
CA SER B 6 -17.49 -3.86 3.07
C SER B 6 -16.54 -3.53 1.92
N GLU B 7 -17.03 -2.74 0.98
CA GLU B 7 -16.24 -2.35 -0.19
C GLU B 7 -15.06 -1.46 0.22
N ALA B 8 -15.35 -0.44 1.01
CA ALA B 8 -14.32 0.49 1.48
C ALA B 8 -13.16 -0.25 2.14
N GLU B 9 -13.44 -1.45 2.64
CA GLU B 9 -12.42 -2.26 3.30
C GLU B 9 -11.43 -2.82 2.28
N MET B 10 -11.96 -3.52 1.28
CA MET B 10 -11.13 -4.11 0.23
C MET B 10 -10.42 -3.03 -0.57
N ILE B 11 -11.01 -1.84 -0.61
CA ILE B 11 -10.43 -0.73 -1.36
C ILE B 11 -9.22 -0.16 -0.64
N ALA B 12 -9.39 0.19 0.64
CA ALA B 12 -8.30 0.73 1.43
C ALA B 12 -7.13 -0.24 1.46
N LEU B 13 -7.43 -1.51 1.73
CA LEU B 13 -6.41 -2.54 1.79
C LEU B 13 -5.71 -2.67 0.44
N ALA B 14 -6.50 -2.70 -0.63
CA ALA B 14 -5.93 -2.80 -1.97
C ALA B 14 -4.84 -1.77 -2.16
N GLY B 15 -5.13 -0.54 -1.76
CA GLY B 15 -4.16 0.53 -1.87
C GLY B 15 -2.95 0.27 -0.99
N LEU B 16 -3.18 -0.34 0.17
CA LEU B 16 -2.10 -0.65 1.10
C LEU B 16 -1.08 -1.60 0.45
N LEU B 17 -1.55 -2.74 -0.02
CA LEU B 17 -0.70 -3.73 -0.65
C LEU B 17 -0.18 -3.22 -1.99
N GLN B 18 -0.89 -2.26 -2.58
CA GLN B 18 -0.49 -1.69 -3.86
C GLN B 18 0.57 -0.60 -3.66
N MET B 19 0.56 0.00 -2.48
CA MET B 19 1.51 1.06 -2.15
C MET B 19 2.85 0.45 -1.74
N SER B 20 2.80 -0.65 -1.00
CA SER B 20 4.00 -1.32 -0.55
C SER B 20 4.85 -1.77 -1.73
N GLN B 21 4.21 -1.85 -2.90
CA GLN B 21 4.89 -2.26 -4.12
C GLN B 21 4.84 -1.15 -5.17
N GLY B 22 3.95 -0.18 -4.96
CA GLY B 22 3.80 0.92 -5.89
C GLY B 22 4.98 1.88 -5.87
N GLU B 23 5.75 1.83 -4.78
CA GLU B 23 6.92 2.70 -4.62
C GLU B 23 6.52 4.17 -4.59
N GLN B 24 6.29 4.75 -5.76
CA GLN B 24 5.90 6.15 -5.86
C GLN B 24 4.77 6.34 -6.87
N THR B 25 4.90 5.70 -8.03
CA THR B 25 3.89 5.79 -9.08
C THR B 25 2.75 4.81 -8.82
N PRO B 26 1.50 5.20 -9.14
CA PRO B 26 0.34 4.33 -8.94
C PRO B 26 0.29 3.17 -9.94
N ASN B 27 1.06 3.30 -11.02
CA ASN B 27 1.11 2.27 -12.05
C ASN B 27 2.30 1.33 -11.83
N CYS B 28 2.98 1.52 -10.70
CA CYS B 28 4.15 0.71 -10.34
C CYS B 28 5.30 0.95 -11.32
N VAL B 29 6.52 0.92 -10.79
CA VAL B 29 7.71 1.14 -11.60
C VAL B 29 7.71 2.52 -12.24
N ALA B 30 8.53 3.42 -11.68
CA ALA B 30 8.63 4.78 -12.20
C ALA B 30 9.18 4.80 -13.62
N SER B 31 8.39 5.34 -14.54
CA SER B 31 8.80 5.41 -15.94
C SER B 31 8.30 6.71 -16.58
N SER B 32 9.00 7.14 -17.63
CA SER B 32 8.61 8.36 -18.34
C SER B 32 7.67 8.06 -19.50
N LEU B 33 7.37 6.76 -19.68
CA LEU B 33 6.48 6.32 -20.75
C LEU B 33 5.01 6.64 -20.44
N PRO B 34 4.53 6.31 -19.22
CA PRO B 34 3.13 6.57 -18.83
C PRO B 34 2.74 8.03 -19.01
N SER B 35 3.26 8.88 -18.13
CA SER B 35 2.95 10.31 -18.19
C SER B 35 3.95 11.11 -17.36
N THR B 36 4.76 10.42 -16.57
CA THR B 36 5.76 11.05 -15.72
C THR B 36 5.11 11.89 -14.63
N SER B 37 5.77 11.98 -13.48
CA SER B 37 5.25 12.75 -12.35
C SER B 37 6.33 13.65 -11.77
N CYS B 38 7.48 13.71 -12.43
CA CYS B 38 8.59 14.54 -11.96
C CYS B 38 9.11 15.44 -13.09
N PRO B 39 8.43 16.56 -13.36
CA PRO B 39 8.83 17.50 -14.41
C PRO B 39 9.90 18.47 -13.92
N ASP B 40 10.72 18.01 -12.98
CA ASP B 40 11.79 18.83 -12.41
C ASP B 40 11.23 20.09 -11.78
N PRO B 41 10.46 19.95 -10.68
CA PRO B 41 9.86 21.08 -9.97
C PRO B 41 10.84 21.73 -9.00
N VAL B 42 10.98 23.05 -9.08
CA VAL B 42 11.88 23.78 -8.20
C VAL B 42 11.14 24.91 -7.49
N SER B 43 10.71 24.64 -6.26
CA SER B 43 9.99 25.63 -5.44
C SER B 43 8.84 26.26 -6.22
N VAL B 44 8.39 25.57 -7.25
CA VAL B 44 7.29 26.06 -8.07
C VAL B 44 5.94 25.79 -7.41
N SER B 45 4.95 26.61 -7.76
CA SER B 45 3.62 26.47 -7.21
C SER B 45 2.57 27.09 -8.15
N GLU B 46 3.04 27.92 -9.07
CA GLU B 46 2.16 28.58 -10.03
C GLU B 46 2.95 29.05 -11.25
N ASP B 47 4.28 28.96 -11.15
CA ASP B 47 5.16 29.37 -12.24
C ASP B 47 5.06 30.88 -12.49
N PRO B 48 6.20 31.59 -12.45
CA PRO B 48 6.22 33.04 -12.68
C PRO B 48 5.75 33.43 -14.08
N GLY B 49 5.72 34.73 -14.36
CA GLY B 49 5.28 35.19 -15.66
C GLY B 49 4.57 36.53 -15.59
N PRO B 50 3.53 36.73 -16.42
CA PRO B 50 2.76 37.99 -16.44
C PRO B 50 2.21 38.36 -15.07
N SER B 51 1.94 37.35 -14.24
CA SER B 51 1.41 37.57 -12.89
C SER B 51 2.23 36.83 -11.85
N GLY B 52 2.00 37.16 -10.58
CA GLY B 52 2.72 36.51 -9.50
C GLY B 52 1.80 35.92 -8.47
N ASP B 53 2.28 34.89 -7.76
CA ASP B 53 1.47 34.23 -6.74
C ASP B 53 2.37 33.61 -5.67
N GLN B 54 2.19 34.04 -4.43
CA GLN B 54 2.97 33.54 -3.30
C GLN B 54 4.46 33.78 -3.49
N SER B 55 5.12 32.85 -4.18
CA SER B 55 6.55 32.95 -4.43
C SER B 55 6.85 33.10 -5.92
N CYS B 56 6.23 32.24 -6.73
CA CYS B 56 6.42 32.27 -8.16
C CYS B 56 5.99 33.61 -8.76
N SER B 57 6.96 34.48 -9.02
CA SER B 57 6.68 35.79 -9.58
C SER B 57 7.95 36.40 -10.17
N GLY B 58 7.95 36.59 -11.49
CA GLY B 58 9.10 37.16 -12.16
C GLY B 58 8.93 38.63 -12.48
N THR B 59 9.28 39.01 -13.70
CA THR B 59 9.16 40.40 -14.13
C THR B 59 8.96 40.49 -15.63
N ASP B 60 9.54 39.55 -16.37
CA ASP B 60 9.42 39.53 -17.82
C ASP B 60 9.70 38.14 -18.36
N THR B 61 10.79 37.52 -17.90
CA THR B 61 11.17 36.20 -18.34
C THR B 61 10.30 35.12 -17.69
N GLN A 1 8.29 -13.95 6.31
CA GLN A 1 6.86 -13.56 6.34
C GLN A 1 6.30 -13.47 4.92
N ARG A 2 7.13 -12.96 4.00
CA ARG A 2 6.74 -12.81 2.60
C ARG A 2 5.61 -11.79 2.45
N LEU A 3 5.78 -10.85 1.52
CA LEU A 3 4.78 -9.83 1.27
C LEU A 3 3.48 -10.46 0.81
N LYS A 4 2.50 -10.53 1.71
CA LYS A 4 1.20 -11.12 1.41
C LYS A 4 0.07 -10.22 1.88
N VAL A 5 -1.02 -10.20 1.12
CA VAL A 5 -2.18 -9.39 1.46
C VAL A 5 -2.92 -9.96 2.66
N GLU A 6 -2.89 -11.28 2.81
CA GLU A 6 -3.55 -11.94 3.92
C GLU A 6 -3.01 -11.42 5.25
N ASP A 7 -1.71 -11.19 5.29
CA ASP A 7 -1.06 -10.68 6.50
C ASP A 7 -1.56 -9.27 6.79
N ALA A 8 -1.78 -8.51 5.72
CA ALA A 8 -2.28 -7.15 5.85
C ALA A 8 -3.66 -7.14 6.48
N LEU A 9 -4.50 -8.09 6.07
CA LEU A 9 -5.85 -8.21 6.62
C LEU A 9 -5.76 -8.52 8.11
N SER A 10 -4.88 -9.44 8.46
CA SER A 10 -4.70 -9.81 9.86
C SER A 10 -4.36 -8.56 10.67
N TYR A 11 -3.54 -7.70 10.07
CA TYR A 11 -3.14 -6.45 10.69
C TYR A 11 -4.35 -5.54 10.83
N LEU A 12 -5.26 -5.61 9.87
CA LEU A 12 -6.47 -4.79 9.89
C LEU A 12 -7.30 -5.14 11.11
N ASP A 13 -7.53 -6.43 11.32
CA ASP A 13 -8.31 -6.90 12.46
C ASP A 13 -7.59 -6.61 13.76
N GLN A 14 -6.26 -6.61 13.71
CA GLN A 14 -5.45 -6.32 14.89
C GLN A 14 -5.67 -4.89 15.36
N VAL A 15 -5.70 -3.96 14.42
CA VAL A 15 -5.91 -2.55 14.73
C VAL A 15 -7.33 -2.32 15.26
N LYS A 16 -8.31 -2.87 14.57
CA LYS A 16 -9.71 -2.72 14.96
C LYS A 16 -9.92 -3.26 16.38
N LEU A 17 -9.25 -4.37 16.67
CA LEU A 17 -9.35 -4.99 17.99
C LEU A 17 -8.58 -4.19 19.03
N GLN A 18 -7.50 -3.56 18.60
CA GLN A 18 -6.67 -2.76 19.50
C GLN A 18 -7.50 -1.71 20.23
N PHE A 19 -8.21 -0.89 19.45
CA PHE A 19 -9.05 0.15 20.03
C PHE A 19 -10.40 -0.43 20.47
N GLY A 20 -11.16 -0.94 19.50
CA GLY A 20 -12.45 -1.54 19.81
C GLY A 20 -13.50 -0.51 20.17
N SER A 21 -13.46 -0.05 21.42
CA SER A 21 -14.42 0.94 21.90
C SER A 21 -14.35 2.22 21.07
N GLN A 22 -13.24 2.41 20.35
CA GLN A 22 -13.06 3.59 19.52
C GLN A 22 -12.81 3.19 18.06
N PRO A 23 -13.88 2.89 17.30
CA PRO A 23 -13.77 2.50 15.90
C PRO A 23 -13.47 3.70 14.99
N GLN A 24 -13.24 4.85 15.61
CA GLN A 24 -12.95 6.07 14.86
C GLN A 24 -11.62 5.96 14.11
N VAL A 25 -10.55 5.68 14.85
CA VAL A 25 -9.23 5.56 14.26
C VAL A 25 -9.23 4.62 13.05
N TYR A 26 -10.04 3.56 13.13
CA TYR A 26 -10.14 2.59 12.05
C TYR A 26 -10.60 3.27 10.76
N ASN A 27 -11.77 3.91 10.83
CA ASN A 27 -12.32 4.61 9.67
C ASN A 27 -11.35 5.66 9.15
N ASP A 28 -10.59 6.27 10.06
CA ASP A 28 -9.62 7.29 9.69
C ASP A 28 -8.55 6.71 8.79
N PHE A 29 -7.98 5.59 9.21
CA PHE A 29 -6.94 4.92 8.44
C PHE A 29 -7.42 4.54 7.05
N LEU A 30 -8.49 3.75 6.99
CA LEU A 30 -9.03 3.31 5.70
C LEU A 30 -9.49 4.48 4.85
N ASP A 31 -9.94 5.56 5.50
CA ASP A 31 -10.39 6.75 4.78
C ASP A 31 -9.24 7.31 3.96
N ILE A 32 -8.14 7.59 4.63
CA ILE A 32 -6.94 8.11 3.99
C ILE A 32 -6.52 7.20 2.84
N MET A 33 -6.50 5.91 3.12
CA MET A 33 -6.13 4.91 2.13
C MET A 33 -6.95 5.08 0.85
N LYS A 34 -8.25 5.32 1.04
CA LYS A 34 -9.16 5.51 -0.08
C LYS A 34 -8.80 6.77 -0.85
N GLU A 35 -8.41 7.82 -0.13
CA GLU A 35 -8.03 9.08 -0.75
C GLU A 35 -6.85 8.88 -1.69
N PHE A 36 -5.90 8.06 -1.26
CA PHE A 36 -4.71 7.77 -2.06
C PHE A 36 -5.02 6.77 -3.16
N LYS A 37 -5.86 5.79 -2.84
CA LYS A 37 -6.25 4.77 -3.79
C LYS A 37 -6.99 5.38 -4.97
N SER A 38 -7.70 6.47 -4.71
CA SER A 38 -8.46 7.15 -5.75
C SER A 38 -7.60 8.22 -6.44
N GLN A 39 -7.53 9.40 -5.83
CA GLN A 39 -6.74 10.50 -6.37
C GLN A 39 -6.79 11.71 -5.44
N SER A 40 -5.80 11.82 -4.56
CA SER A 40 -5.75 12.94 -3.62
C SER A 40 -4.32 13.18 -3.13
N ILE A 41 -3.84 12.28 -2.26
CA ILE A 41 -2.49 12.39 -1.72
C ILE A 41 -1.53 11.42 -2.40
N ASP A 42 -0.28 11.41 -1.93
CA ASP A 42 0.74 10.52 -2.50
C ASP A 42 1.30 9.60 -1.42
N THR A 43 2.31 8.82 -1.79
CA THR A 43 2.93 7.87 -0.87
C THR A 43 3.41 8.57 0.41
N PRO A 44 4.20 9.66 0.30
CA PRO A 44 4.70 10.38 1.47
C PRO A 44 3.57 10.89 2.37
N GLY A 45 2.48 11.32 1.75
CA GLY A 45 1.34 11.81 2.50
C GLY A 45 0.67 10.72 3.31
N VAL A 46 0.62 9.51 2.76
CA VAL A 46 0.01 8.38 3.45
C VAL A 46 0.85 7.96 4.64
N ILE A 47 2.17 7.88 4.45
CA ILE A 47 3.07 7.49 5.52
C ILE A 47 3.03 8.47 6.69
N SER A 48 3.08 9.76 6.36
CA SER A 48 3.06 10.82 7.38
C SER A 48 1.75 10.84 8.15
N ARG A 49 0.64 10.95 7.43
CA ARG A 49 -0.68 11.01 8.06
C ARG A 49 -0.95 9.77 8.90
N VAL A 50 -0.79 8.59 8.30
CA VAL A 50 -1.03 7.33 9.01
C VAL A 50 -0.15 7.20 10.24
N SER A 51 1.11 7.59 10.13
CA SER A 51 2.04 7.49 11.26
C SER A 51 1.56 8.34 12.43
N GLN A 52 1.12 9.55 12.15
CA GLN A 52 0.64 10.45 13.20
C GLN A 52 -0.82 10.13 13.57
N LEU A 53 -1.47 9.32 12.74
CA LEU A 53 -2.86 8.94 12.97
C LEU A 53 -2.96 8.02 14.18
N PHE A 54 -2.00 7.11 14.31
CA PHE A 54 -1.99 6.17 15.42
C PHE A 54 -1.15 6.71 16.58
N LYS A 55 -1.16 8.02 16.74
CA LYS A 55 -0.41 8.67 17.80
C LYS A 55 -0.73 8.05 19.16
N GLY A 56 0.26 7.37 19.75
CA GLY A 56 0.07 6.74 21.03
C GLY A 56 0.56 5.31 21.06
N HIS A 57 0.21 4.54 20.04
CA HIS A 57 0.61 3.14 19.95
C HIS A 57 1.55 2.92 18.76
N PRO A 58 2.88 2.96 18.99
CA PRO A 58 3.87 2.77 17.92
C PRO A 58 3.98 1.31 17.49
N ASP A 59 3.14 0.46 18.07
CA ASP A 59 3.15 -0.96 17.74
C ASP A 59 2.62 -1.19 16.32
N LEU A 60 1.38 -0.79 16.08
CA LEU A 60 0.76 -0.96 14.77
C LEU A 60 1.55 -0.19 13.71
N ILE A 61 2.09 0.96 14.09
CA ILE A 61 2.87 1.77 13.17
C ILE A 61 4.12 1.04 12.73
N MET A 62 4.86 0.51 13.68
CA MET A 62 6.08 -0.23 13.39
C MET A 62 5.78 -1.43 12.48
N GLY A 63 4.65 -2.08 12.73
CA GLY A 63 4.26 -3.23 11.93
C GLY A 63 3.79 -2.83 10.55
N PHE A 64 3.30 -1.60 10.42
CA PHE A 64 2.81 -1.10 9.14
C PHE A 64 3.98 -0.71 8.23
N ASN A 65 5.04 -0.18 8.82
CA ASN A 65 6.22 0.23 8.06
C ASN A 65 6.90 -0.97 7.41
N THR A 66 6.58 -2.17 7.89
CA THR A 66 7.16 -3.39 7.35
C THR A 66 6.64 -3.67 5.95
N PHE A 67 5.38 -3.33 5.70
CA PHE A 67 4.76 -3.55 4.40
C PHE A 67 5.47 -2.76 3.31
N LEU A 68 5.79 -1.50 3.61
CA LEU A 68 6.47 -0.63 2.65
C LEU A 68 7.81 -1.23 2.24
N PRO A 69 8.32 -0.87 1.04
CA PRO A 69 9.59 -1.38 0.54
C PRO A 69 10.76 -0.99 1.43
N PRO A 70 11.61 -1.96 1.83
CA PRO A 70 12.77 -1.70 2.69
C PRO A 70 13.84 -0.88 1.98
N GLY A 71 14.85 -0.45 2.72
CA GLY A 71 15.92 0.33 2.15
C GLY A 71 16.80 -0.48 1.22
N SER B 1 -14.06 -18.41 4.13
CA SER B 1 -13.08 -18.31 3.01
C SER B 1 -13.42 -17.12 2.11
N SER B 2 -12.48 -16.76 1.24
CA SER B 2 -12.66 -15.65 0.32
C SER B 2 -12.94 -14.35 1.06
N THR B 3 -13.06 -13.26 0.30
CA THR B 3 -13.32 -11.95 0.88
C THR B 3 -14.80 -11.79 1.21
N TRP B 4 -15.08 -11.07 2.31
CA TRP B 4 -16.47 -10.85 2.73
C TRP B 4 -16.67 -9.41 3.18
N LEU B 5 -15.58 -8.73 3.51
CA LEU B 5 -15.64 -7.35 3.96
C LEU B 5 -16.28 -6.45 2.91
N SER B 6 -16.67 -5.25 3.33
CA SER B 6 -17.31 -4.30 2.42
C SER B 6 -16.33 -3.83 1.34
N GLU B 7 -16.80 -2.94 0.48
CA GLU B 7 -15.99 -2.41 -0.61
C GLU B 7 -14.94 -1.43 -0.09
N ALA B 8 -15.35 -0.57 0.84
CA ALA B 8 -14.47 0.43 1.42
C ALA B 8 -13.20 -0.21 1.97
N GLU B 9 -13.36 -1.37 2.61
CA GLU B 9 -12.23 -2.09 3.20
C GLU B 9 -11.31 -2.63 2.10
N MET B 10 -11.91 -3.26 1.09
CA MET B 10 -11.13 -3.83 -0.02
C MET B 10 -10.37 -2.73 -0.77
N ILE B 11 -10.90 -1.52 -0.76
CA ILE B 11 -10.27 -0.40 -1.44
C ILE B 11 -9.05 0.10 -0.69
N ALA B 12 -9.25 0.43 0.58
CA ALA B 12 -8.14 0.91 1.42
C ALA B 12 -7.02 -0.11 1.43
N LEU B 13 -7.36 -1.36 1.70
CA LEU B 13 -6.38 -2.43 1.73
C LEU B 13 -5.64 -2.51 0.40
N ALA B 14 -6.39 -2.58 -0.69
CA ALA B 14 -5.78 -2.64 -2.02
C ALA B 14 -4.79 -1.48 -2.16
N GLY B 15 -5.09 -0.38 -1.49
CA GLY B 15 -4.23 0.79 -1.55
C GLY B 15 -2.88 0.55 -0.91
N LEU B 16 -2.87 0.05 0.33
CA LEU B 16 -1.60 -0.20 1.02
C LEU B 16 -0.84 -1.34 0.37
N LEU B 17 -1.51 -2.45 0.09
CA LEU B 17 -0.86 -3.60 -0.55
C LEU B 17 -0.27 -3.22 -1.90
N GLN B 18 -0.91 -2.28 -2.59
CA GLN B 18 -0.42 -1.85 -3.90
C GLN B 18 0.63 -0.75 -3.77
N MET B 19 0.54 0.04 -2.70
CA MET B 19 1.48 1.12 -2.47
C MET B 19 2.83 0.57 -2.03
N SER B 20 2.80 -0.62 -1.43
CA SER B 20 4.03 -1.27 -0.97
C SER B 20 4.88 -1.75 -2.14
N GLN B 21 4.24 -1.86 -3.31
CA GLN B 21 4.94 -2.30 -4.52
C GLN B 21 5.07 -1.17 -5.53
N GLY B 22 4.21 -0.16 -5.38
CA GLY B 22 4.23 0.97 -6.29
C GLY B 22 3.05 0.99 -7.22
N GLU B 23 2.99 0.04 -8.15
CA GLU B 23 1.90 -0.03 -9.11
C GLU B 23 1.77 -1.44 -9.69
N GLN B 24 2.75 -1.83 -10.51
CA GLN B 24 2.75 -3.15 -11.12
C GLN B 24 3.92 -3.98 -10.61
N THR B 25 5.14 -3.57 -10.98
CA THR B 25 6.34 -4.28 -10.56
C THR B 25 6.51 -4.21 -9.04
N PRO B 26 7.08 -5.27 -8.42
CA PRO B 26 7.29 -5.31 -6.97
C PRO B 26 8.00 -4.07 -6.41
N ASN B 27 8.68 -3.34 -7.28
CA ASN B 27 9.40 -2.14 -6.86
C ASN B 27 9.09 -0.96 -7.77
N CYS B 28 8.38 0.03 -7.23
CA CYS B 28 8.01 1.22 -7.99
C CYS B 28 7.17 0.84 -9.21
N VAL B 29 7.19 1.69 -10.23
CA VAL B 29 6.42 1.44 -11.45
C VAL B 29 7.26 1.71 -12.69
N ALA B 30 7.21 0.79 -13.64
CA ALA B 30 7.96 0.92 -14.89
C ALA B 30 7.56 -0.14 -15.89
N SER B 31 6.98 -1.24 -15.40
CA SER B 31 6.55 -2.33 -16.26
C SER B 31 5.29 -1.96 -17.03
N SER B 32 5.07 -2.63 -18.15
CA SER B 32 3.91 -2.37 -18.99
C SER B 32 3.72 -3.49 -20.02
N LEU B 33 4.54 -4.54 -19.90
CA LEU B 33 4.47 -5.67 -20.81
C LEU B 33 3.54 -6.77 -20.28
N PRO B 34 3.71 -7.21 -19.01
CA PRO B 34 2.86 -8.26 -18.42
C PRO B 34 1.38 -7.86 -18.36
N SER B 35 1.04 -7.01 -17.40
CA SER B 35 -0.33 -6.57 -17.24
C SER B 35 -0.73 -5.60 -18.35
N THR B 36 0.16 -4.65 -18.64
CA THR B 36 -0.08 -3.65 -19.69
C THR B 36 -1.27 -2.77 -19.35
N SER B 37 -2.48 -3.26 -19.64
CA SER B 37 -3.70 -2.51 -19.36
C SER B 37 -4.75 -3.40 -18.70
N CYS B 38 -5.48 -2.82 -17.75
CA CYS B 38 -6.52 -3.55 -17.03
C CYS B 38 -7.89 -2.89 -17.22
N PRO B 39 -8.54 -3.16 -18.36
CA PRO B 39 -9.86 -2.58 -18.67
C PRO B 39 -11.02 -3.40 -18.09
N ASP B 40 -10.71 -4.57 -17.56
CA ASP B 40 -11.73 -5.44 -16.98
C ASP B 40 -12.06 -5.03 -15.54
N PRO B 41 -11.06 -4.92 -14.65
CA PRO B 41 -11.29 -4.54 -13.25
C PRO B 41 -11.43 -3.03 -13.08
N VAL B 42 -12.65 -2.53 -13.27
CA VAL B 42 -12.93 -1.11 -13.14
C VAL B 42 -14.25 -0.88 -12.42
N SER B 43 -15.35 -1.24 -13.08
CA SER B 43 -16.68 -1.08 -12.50
C SER B 43 -17.72 -1.87 -13.29
N VAL B 44 -17.24 -2.74 -14.16
CA VAL B 44 -18.12 -3.57 -14.99
C VAL B 44 -19.06 -4.39 -14.13
N SER B 45 -20.27 -4.64 -14.65
CA SER B 45 -21.26 -5.42 -13.93
C SER B 45 -22.27 -6.04 -14.89
N GLU B 46 -22.25 -7.36 -14.98
CA GLU B 46 -23.17 -8.08 -15.86
C GLU B 46 -23.15 -9.58 -15.55
N ASP B 47 -23.91 -10.35 -16.34
CA ASP B 47 -23.98 -11.79 -16.15
C ASP B 47 -22.71 -12.48 -16.65
N PRO B 48 -21.97 -13.18 -15.77
CA PRO B 48 -20.73 -13.86 -16.16
C PRO B 48 -20.97 -14.90 -17.24
N GLY B 49 -21.89 -15.82 -17.00
CA GLY B 49 -22.19 -16.87 -17.96
C GLY B 49 -23.64 -17.31 -17.90
N PRO B 50 -23.98 -18.25 -17.00
CA PRO B 50 -25.35 -18.75 -16.86
C PRO B 50 -26.28 -17.71 -16.22
N SER B 51 -27.52 -18.11 -15.98
CA SER B 51 -28.51 -17.21 -15.39
C SER B 51 -28.23 -17.03 -13.89
N GLY B 52 -28.07 -15.77 -13.48
CA GLY B 52 -27.81 -15.48 -12.09
C GLY B 52 -28.26 -14.08 -11.69
N ASP B 53 -27.78 -13.61 -10.56
CA ASP B 53 -28.15 -12.28 -10.06
C ASP B 53 -26.94 -11.59 -9.44
N GLN B 54 -25.82 -12.30 -9.38
CA GLN B 54 -24.59 -11.74 -8.81
C GLN B 54 -23.96 -10.72 -9.75
N SER B 55 -22.88 -10.09 -9.29
CA SER B 55 -22.18 -9.09 -10.10
C SER B 55 -21.29 -9.75 -11.14
N CYS B 56 -20.54 -8.94 -11.87
CA CYS B 56 -19.63 -9.44 -12.90
C CYS B 56 -18.58 -10.37 -12.28
N SER B 57 -18.50 -11.58 -12.82
CA SER B 57 -17.52 -12.56 -12.33
C SER B 57 -16.91 -13.34 -13.49
N GLY B 58 -17.27 -12.96 -14.71
CA GLY B 58 -16.73 -13.64 -15.88
C GLY B 58 -15.39 -13.07 -16.31
N THR B 59 -14.76 -13.73 -17.29
CA THR B 59 -13.46 -13.30 -17.79
C THR B 59 -12.41 -13.27 -16.68
N ASP B 60 -11.63 -14.34 -16.58
CA ASP B 60 -10.58 -14.44 -15.57
C ASP B 60 -11.20 -14.52 -14.19
N THR B 61 -11.45 -15.74 -13.75
CA THR B 61 -12.06 -15.97 -12.44
C THR B 61 -11.23 -15.32 -11.33
N GLN A 1 6.59 -14.32 -4.64
CA GLN A 1 5.23 -13.78 -4.38
C GLN A 1 5.31 -12.33 -3.90
N ARG A 2 6.36 -12.03 -3.14
CA ARG A 2 6.56 -10.68 -2.61
C ARG A 2 5.40 -10.27 -1.71
N LEU A 3 5.56 -10.46 -0.40
CA LEU A 3 4.53 -10.11 0.56
C LEU A 3 3.23 -10.85 0.28
N LYS A 4 2.19 -10.51 1.02
CA LYS A 4 0.88 -11.15 0.85
C LYS A 4 -0.23 -10.29 1.44
N VAL A 5 -1.36 -10.24 0.75
CA VAL A 5 -2.49 -9.44 1.21
C VAL A 5 -3.09 -10.03 2.49
N GLU A 6 -2.92 -11.33 2.67
CA GLU A 6 -3.44 -12.02 3.85
C GLU A 6 -2.87 -11.41 5.13
N ASP A 7 -1.58 -11.12 5.12
CA ASP A 7 -0.92 -10.54 6.28
C ASP A 7 -1.48 -9.15 6.56
N ALA A 8 -1.86 -8.45 5.50
CA ALA A 8 -2.42 -7.11 5.61
C ALA A 8 -3.73 -7.16 6.38
N LEU A 9 -4.62 -8.05 5.97
CA LEU A 9 -5.91 -8.20 6.62
C LEU A 9 -5.72 -8.56 8.09
N SER A 10 -4.76 -9.45 8.35
CA SER A 10 -4.46 -9.85 9.72
C SER A 10 -4.14 -8.61 10.54
N TYR A 11 -3.35 -7.72 9.94
CA TYR A 11 -2.98 -6.47 10.59
C TYR A 11 -4.22 -5.61 10.82
N LEU A 12 -5.17 -5.67 9.88
CA LEU A 12 -6.41 -4.91 10.00
C LEU A 12 -7.14 -5.30 11.28
N ASP A 13 -7.22 -6.60 11.52
CA ASP A 13 -7.87 -7.10 12.73
C ASP A 13 -7.12 -6.64 13.96
N GLN A 14 -5.78 -6.66 13.87
CA GLN A 14 -4.94 -6.22 14.98
C GLN A 14 -5.32 -4.79 15.39
N VAL A 15 -5.54 -3.94 14.40
CA VAL A 15 -5.92 -2.56 14.65
C VAL A 15 -7.28 -2.48 15.34
N LYS A 16 -8.24 -3.22 14.80
CA LYS A 16 -9.59 -3.25 15.35
C LYS A 16 -9.57 -3.75 16.79
N LEU A 17 -8.55 -4.54 17.12
CA LEU A 17 -8.40 -5.11 18.45
C LEU A 17 -7.92 -4.04 19.45
N GLN A 18 -6.70 -3.57 19.24
CA GLN A 18 -6.11 -2.56 20.12
C GLN A 18 -7.04 -1.37 20.30
N PHE A 19 -7.60 -0.89 19.19
CA PHE A 19 -8.51 0.26 19.22
C PHE A 19 -9.96 -0.21 19.33
N GLY A 20 -10.18 -1.26 20.11
CA GLY A 20 -11.52 -1.79 20.29
C GLY A 20 -12.48 -0.74 20.86
N SER A 21 -13.76 -0.88 20.52
CA SER A 21 -14.78 0.05 20.98
C SER A 21 -14.48 1.47 20.52
N GLN A 22 -13.54 1.61 19.60
CA GLN A 22 -13.16 2.91 19.07
C GLN A 22 -12.94 2.84 17.57
N PRO A 23 -14.03 2.87 16.77
CA PRO A 23 -13.95 2.80 15.31
C PRO A 23 -13.58 4.14 14.69
N GLN A 24 -13.18 5.10 15.53
CA GLN A 24 -12.80 6.42 15.05
C GLN A 24 -11.53 6.35 14.22
N VAL A 25 -10.44 5.90 14.82
CA VAL A 25 -9.16 5.79 14.14
C VAL A 25 -9.25 4.86 12.93
N TYR A 26 -10.07 3.82 13.06
CA TYR A 26 -10.26 2.84 12.00
C TYR A 26 -10.75 3.51 10.72
N ASN A 27 -11.85 4.23 10.82
CA ASN A 27 -12.43 4.93 9.67
C ASN A 27 -11.41 5.88 9.04
N ASP A 28 -10.79 6.70 9.86
CA ASP A 28 -9.79 7.66 9.37
C ASP A 28 -8.68 6.96 8.59
N PHE A 29 -8.31 5.77 9.04
CA PHE A 29 -7.25 5.00 8.39
C PHE A 29 -7.66 4.55 6.99
N LEU A 30 -8.71 3.75 6.91
CA LEU A 30 -9.19 3.24 5.62
C LEU A 30 -9.59 4.38 4.68
N ASP A 31 -10.21 5.42 5.24
CA ASP A 31 -10.62 6.56 4.45
C ASP A 31 -9.40 7.18 3.76
N ILE A 32 -8.35 7.41 4.53
CA ILE A 32 -7.12 7.96 4.00
C ILE A 32 -6.62 7.10 2.84
N MET A 33 -6.58 5.80 3.07
CA MET A 33 -6.14 4.85 2.07
C MET A 33 -6.91 5.04 0.77
N LYS A 34 -8.22 5.20 0.89
CA LYS A 34 -9.09 5.41 -0.26
C LYS A 34 -8.70 6.69 -0.99
N GLU A 35 -8.33 7.72 -0.23
CA GLU A 35 -7.93 8.98 -0.81
C GLU A 35 -6.71 8.78 -1.71
N PHE A 36 -5.78 7.96 -1.23
CA PHE A 36 -4.56 7.65 -1.97
C PHE A 36 -4.89 6.78 -3.19
N LYS A 37 -5.78 5.82 -2.99
CA LYS A 37 -6.19 4.92 -4.05
C LYS A 37 -6.93 5.66 -5.15
N SER A 38 -7.61 6.75 -4.76
CA SER A 38 -8.36 7.55 -5.70
C SER A 38 -7.49 8.65 -6.31
N GLN A 39 -7.38 9.77 -5.61
CA GLN A 39 -6.57 10.90 -6.07
C GLN A 39 -6.61 12.04 -5.05
N SER A 40 -5.55 12.15 -4.26
CA SER A 40 -5.46 13.19 -3.25
C SER A 40 -4.03 13.34 -2.74
N ILE A 41 -3.56 12.33 -2.00
CA ILE A 41 -2.21 12.36 -1.45
C ILE A 41 -1.34 11.28 -2.09
N ASP A 42 -0.06 11.27 -1.72
CA ASP A 42 0.88 10.29 -2.26
C ASP A 42 1.39 9.36 -1.17
N THR A 43 2.38 8.54 -1.51
CA THR A 43 2.96 7.60 -0.55
C THR A 43 3.42 8.31 0.72
N PRO A 44 4.23 9.38 0.61
CA PRO A 44 4.72 10.11 1.79
C PRO A 44 3.56 10.73 2.59
N GLY A 45 2.52 11.14 1.87
CA GLY A 45 1.37 11.73 2.51
C GLY A 45 0.62 10.73 3.37
N VAL A 46 0.53 9.49 2.88
CA VAL A 46 -0.16 8.43 3.61
C VAL A 46 0.62 8.04 4.86
N ILE A 47 1.93 7.88 4.71
CA ILE A 47 2.79 7.52 5.83
C ILE A 47 2.73 8.56 6.94
N SER A 48 2.73 9.84 6.55
CA SER A 48 2.68 10.93 7.51
C SER A 48 1.35 10.97 8.24
N ARG A 49 0.26 11.06 7.49
CA ARG A 49 -1.08 11.11 8.08
C ARG A 49 -1.33 9.91 8.99
N VAL A 50 -1.04 8.72 8.50
CA VAL A 50 -1.24 7.51 9.29
C VAL A 50 -0.33 7.52 10.52
N SER A 51 0.85 8.09 10.37
CA SER A 51 1.80 8.18 11.48
C SER A 51 1.19 8.95 12.64
N GLN A 52 0.59 10.10 12.34
CA GLN A 52 -0.04 10.94 13.36
C GLN A 52 -1.42 10.39 13.71
N LEU A 53 -1.93 9.51 12.85
CA LEU A 53 -3.24 8.91 13.07
C LEU A 53 -3.16 7.80 14.11
N PHE A 54 -2.01 7.14 14.18
CA PHE A 54 -1.77 6.06 15.13
C PHE A 54 -0.62 6.39 16.06
N LYS A 55 -0.37 7.69 16.23
CA LYS A 55 0.71 8.17 17.09
C LYS A 55 0.52 7.68 18.52
N GLY A 56 -0.73 7.38 18.88
CA GLY A 56 -1.04 6.91 20.22
C GLY A 56 -0.29 5.64 20.59
N HIS A 57 -0.06 4.79 19.59
CA HIS A 57 0.64 3.53 19.82
C HIS A 57 1.70 3.28 18.73
N PRO A 58 2.99 3.40 19.08
CA PRO A 58 4.08 3.19 18.12
C PRO A 58 4.15 1.75 17.62
N ASP A 59 3.47 0.85 18.32
CA ASP A 59 3.45 -0.57 17.95
C ASP A 59 2.90 -0.74 16.54
N LEU A 60 1.72 -0.18 16.30
CA LEU A 60 1.08 -0.28 14.98
C LEU A 60 1.99 0.32 13.91
N ILE A 61 2.73 1.35 14.28
CA ILE A 61 3.63 2.02 13.36
C ILE A 61 4.73 1.07 12.89
N MET A 62 5.34 0.36 13.84
CA MET A 62 6.40 -0.59 13.54
C MET A 62 5.89 -1.69 12.61
N GLY A 63 4.74 -2.26 12.97
CA GLY A 63 4.16 -3.32 12.18
C GLY A 63 3.71 -2.85 10.80
N PHE A 64 3.40 -1.55 10.71
CA PHE A 64 2.95 -0.97 9.45
C PHE A 64 4.13 -0.71 8.52
N ASN A 65 5.25 -0.28 9.08
CA ASN A 65 6.44 0.02 8.30
C ASN A 65 6.96 -1.23 7.60
N THR A 66 6.73 -2.39 8.22
CA THR A 66 7.17 -3.66 7.66
C THR A 66 6.53 -3.92 6.30
N PHE A 67 5.25 -3.58 6.17
CA PHE A 67 4.53 -3.77 4.93
C PHE A 67 5.20 -3.01 3.79
N LEU A 68 5.46 -1.72 4.01
CA LEU A 68 6.10 -0.89 3.00
C LEU A 68 7.43 -1.52 2.56
N PRO A 69 7.83 -1.30 1.30
CA PRO A 69 9.08 -1.85 0.77
C PRO A 69 10.30 -1.34 1.55
N PRO A 70 11.30 -2.22 1.79
CA PRO A 70 12.51 -1.85 2.53
C PRO A 70 13.30 -0.75 1.82
N GLY A 71 14.07 0.00 2.60
CA GLY A 71 14.85 1.08 2.03
C GLY A 71 16.33 0.73 1.91
N SER B 1 -8.96 -11.62 -1.15
CA SER B 1 -10.39 -11.40 -1.47
C SER B 1 -11.26 -11.43 -0.21
N SER B 2 -12.34 -10.66 -0.22
CA SER B 2 -13.24 -10.60 0.93
C SER B 2 -14.69 -10.57 0.48
N THR B 3 -15.60 -10.86 1.40
CA THR B 3 -17.02 -10.87 1.09
C THR B 3 -17.85 -10.32 2.25
N TRP B 4 -17.34 -10.48 3.47
CA TRP B 4 -18.03 -9.99 4.65
C TRP B 4 -17.91 -8.48 4.77
N LEU B 5 -16.79 -7.94 4.31
CA LEU B 5 -16.54 -6.50 4.36
C LEU B 5 -17.20 -5.81 3.18
N SER B 6 -17.07 -4.48 3.12
CA SER B 6 -17.65 -3.70 2.04
C SER B 6 -16.57 -3.25 1.05
N GLU B 7 -16.95 -2.36 0.13
CA GLU B 7 -16.02 -1.85 -0.87
C GLU B 7 -14.95 -0.97 -0.24
N ALA B 8 -15.36 -0.17 0.74
CA ALA B 8 -14.43 0.74 1.42
C ALA B 8 -13.22 0.00 1.96
N GLU B 9 -13.44 -1.18 2.55
CA GLU B 9 -12.36 -1.98 3.10
C GLU B 9 -11.48 -2.55 1.99
N MET B 10 -12.12 -3.14 0.98
CA MET B 10 -11.39 -3.73 -0.13
C MET B 10 -10.55 -2.70 -0.88
N ILE B 11 -11.01 -1.46 -0.90
CA ILE B 11 -10.30 -0.39 -1.59
C ILE B 11 -9.09 0.09 -0.78
N ALA B 12 -9.33 0.44 0.48
CA ALA B 12 -8.25 0.91 1.35
C ALA B 12 -7.12 -0.11 1.38
N LEU B 13 -7.49 -1.38 1.57
CA LEU B 13 -6.50 -2.45 1.62
C LEU B 13 -5.86 -2.63 0.24
N ALA B 14 -6.65 -2.48 -0.81
CA ALA B 14 -6.14 -2.62 -2.17
C ALA B 14 -4.93 -1.71 -2.35
N GLY B 15 -5.12 -0.43 -2.02
CA GLY B 15 -4.04 0.54 -2.13
C GLY B 15 -2.91 0.21 -1.18
N LEU B 16 -3.26 -0.38 -0.03
CA LEU B 16 -2.27 -0.76 0.96
C LEU B 16 -1.23 -1.72 0.38
N LEU B 17 -1.72 -2.82 -0.17
CA LEU B 17 -0.85 -3.83 -0.77
C LEU B 17 -0.34 -3.36 -2.12
N GLN B 18 -1.01 -2.36 -2.69
CA GLN B 18 -0.62 -1.81 -3.99
C GLN B 18 0.51 -0.79 -3.83
N MET B 19 0.57 -0.17 -2.65
CA MET B 19 1.58 0.84 -2.36
C MET B 19 2.82 0.20 -1.74
N SER B 20 2.62 -0.86 -0.97
CA SER B 20 3.72 -1.56 -0.32
C SER B 20 4.44 -2.50 -1.28
N GLN B 21 4.19 -2.32 -2.58
CA GLN B 21 4.83 -3.15 -3.60
C GLN B 21 5.52 -2.27 -4.64
N GLY B 22 5.28 -2.56 -5.92
CA GLY B 22 5.90 -1.78 -6.99
C GLY B 22 7.41 -1.88 -6.98
N GLU B 23 7.94 -2.84 -7.72
CA GLU B 23 9.39 -3.03 -7.80
C GLU B 23 10.05 -1.89 -8.55
N GLN B 24 9.66 -1.70 -9.80
CA GLN B 24 10.22 -0.63 -10.63
C GLN B 24 9.14 0.01 -11.49
N THR B 25 7.89 -0.23 -11.14
CA THR B 25 6.75 0.32 -11.88
C THR B 25 5.44 0.06 -11.14
N PRO B 26 4.48 1.01 -11.23
CA PRO B 26 3.17 0.87 -10.58
C PRO B 26 2.53 -0.48 -10.86
N ASN B 27 2.15 -1.19 -9.80
CA ASN B 27 1.52 -2.50 -9.92
C ASN B 27 2.48 -3.51 -10.53
N CYS B 28 2.78 -4.56 -9.77
CA CYS B 28 3.70 -5.61 -10.23
C CYS B 28 3.29 -6.12 -11.60
N VAL B 29 4.15 -5.91 -12.59
CA VAL B 29 3.88 -6.34 -13.95
C VAL B 29 5.17 -6.63 -14.70
N ALA B 30 6.28 -6.11 -14.18
CA ALA B 30 7.60 -6.30 -14.79
C ALA B 30 7.66 -5.67 -16.19
N SER B 31 8.38 -4.57 -16.31
CA SER B 31 8.51 -3.87 -17.58
C SER B 31 9.98 -3.70 -17.95
N SER B 32 10.22 -3.34 -19.21
CA SER B 32 11.58 -3.14 -19.70
C SER B 32 11.60 -2.11 -20.83
N LEU B 33 10.44 -1.52 -21.09
CA LEU B 33 10.31 -0.52 -22.14
C LEU B 33 10.33 0.91 -21.58
N PRO B 34 9.52 1.21 -20.54
CA PRO B 34 9.49 2.56 -19.95
C PRO B 34 10.78 2.93 -19.25
N SER B 35 11.09 2.20 -18.17
CA SER B 35 12.30 2.46 -17.40
C SER B 35 13.43 1.50 -17.78
N THR B 36 13.05 0.33 -18.29
CA THR B 36 14.03 -0.68 -18.70
C THR B 36 14.79 -1.23 -17.48
N SER B 37 15.16 -2.51 -17.55
CA SER B 37 15.87 -3.15 -16.44
C SER B 37 17.02 -4.01 -16.95
N CYS B 38 17.38 -3.82 -18.22
CA CYS B 38 18.47 -4.59 -18.85
C CYS B 38 18.15 -6.08 -18.86
N PRO B 39 17.72 -6.62 -20.02
CA PRO B 39 17.37 -8.05 -20.14
C PRO B 39 18.54 -8.97 -19.79
N ASP B 40 19.69 -8.75 -20.40
CA ASP B 40 20.86 -9.58 -20.16
C ASP B 40 21.76 -8.99 -19.05
N PRO B 41 22.12 -7.70 -19.13
CA PRO B 41 22.97 -7.06 -18.12
C PRO B 41 22.35 -7.09 -16.72
N VAL B 42 22.76 -8.05 -15.91
CA VAL B 42 22.25 -8.19 -14.56
C VAL B 42 23.36 -8.49 -13.57
N SER B 43 23.97 -9.67 -13.69
CA SER B 43 25.04 -10.08 -12.79
C SER B 43 25.77 -11.32 -13.33
N VAL B 44 25.36 -11.77 -14.51
CA VAL B 44 25.97 -12.94 -15.12
C VAL B 44 27.42 -12.67 -15.51
N SER B 45 28.28 -13.67 -15.34
CA SER B 45 29.70 -13.53 -15.68
C SER B 45 30.05 -14.29 -16.96
N GLU B 46 31.34 -14.38 -17.25
CA GLU B 46 31.80 -15.07 -18.44
C GLU B 46 32.96 -16.02 -18.12
N ASP B 47 33.08 -17.08 -18.90
CA ASP B 47 34.14 -18.07 -18.70
C ASP B 47 34.11 -18.63 -17.27
N PRO B 48 33.29 -19.67 -17.03
CA PRO B 48 33.19 -20.29 -15.71
C PRO B 48 34.45 -21.06 -15.31
N GLY B 49 34.95 -21.88 -16.23
CA GLY B 49 36.14 -22.65 -15.96
C GLY B 49 36.48 -23.63 -17.07
N PRO B 50 37.21 -24.72 -16.77
CA PRO B 50 37.58 -25.72 -17.77
C PRO B 50 36.39 -26.57 -18.20
N SER B 51 35.39 -26.66 -17.34
CA SER B 51 34.19 -27.44 -17.64
C SER B 51 32.96 -26.83 -16.97
N GLY B 52 31.93 -26.57 -17.76
CA GLY B 52 30.71 -25.99 -17.23
C GLY B 52 29.61 -25.88 -18.25
N ASP B 53 29.61 -26.80 -19.22
CA ASP B 53 28.61 -26.81 -20.27
C ASP B 53 28.54 -25.46 -21.01
N GLN B 54 27.71 -24.55 -20.51
CA GLN B 54 27.58 -23.23 -21.11
C GLN B 54 27.18 -22.20 -20.07
N SER B 55 26.78 -22.67 -18.88
CA SER B 55 26.38 -21.78 -17.80
C SER B 55 27.58 -21.35 -16.97
N CYS B 56 27.50 -20.16 -16.39
CA CYS B 56 28.58 -19.63 -15.57
C CYS B 56 28.58 -20.27 -14.17
N SER B 57 29.77 -20.43 -13.60
CA SER B 57 29.90 -21.03 -12.28
C SER B 57 31.10 -20.44 -11.53
N GLY B 58 31.57 -19.28 -12.01
CA GLY B 58 32.70 -18.62 -11.38
C GLY B 58 32.47 -18.31 -9.92
N THR B 59 31.22 -18.01 -9.57
CA THR B 59 30.87 -17.70 -8.20
C THR B 59 30.80 -18.95 -7.34
N ASP B 60 31.74 -19.08 -6.40
CA ASP B 60 31.78 -20.23 -5.52
C ASP B 60 32.52 -19.92 -4.23
N THR B 61 33.56 -19.09 -4.32
CA THR B 61 34.34 -18.70 -3.16
C THR B 61 33.70 -17.53 -2.42
N GLN A 1 6.85 -15.40 -2.73
CA GLN A 1 7.03 -15.45 -1.26
C GLN A 1 6.86 -14.06 -0.64
N ARG A 2 6.34 -14.03 0.59
CA ARG A 2 6.11 -12.78 1.30
C ARG A 2 5.11 -11.90 0.55
N LEU A 3 4.76 -10.77 1.17
CA LEU A 3 3.80 -9.84 0.58
C LEU A 3 2.49 -10.54 0.24
N LYS A 4 1.55 -10.51 1.18
CA LYS A 4 0.25 -11.14 0.99
C LYS A 4 -0.87 -10.24 1.50
N VAL A 5 -1.86 -9.99 0.64
CA VAL A 5 -3.00 -9.15 1.00
C VAL A 5 -3.71 -9.71 2.23
N GLU A 6 -3.84 -11.03 2.29
CA GLU A 6 -4.50 -11.69 3.41
C GLU A 6 -3.82 -11.31 4.73
N ASP A 7 -2.50 -11.24 4.71
CA ASP A 7 -1.74 -10.90 5.90
C ASP A 7 -2.07 -9.46 6.31
N ALA A 8 -2.27 -8.61 5.32
CA ALA A 8 -2.61 -7.22 5.57
C ALA A 8 -3.93 -7.13 6.30
N LEU A 9 -4.88 -7.96 5.88
CA LEU A 9 -6.20 -7.99 6.53
C LEU A 9 -6.05 -8.39 7.98
N SER A 10 -5.21 -9.40 8.23
CA SER A 10 -4.96 -9.85 9.59
C SER A 10 -4.51 -8.68 10.44
N TYR A 11 -3.62 -7.88 9.87
CA TYR A 11 -3.12 -6.68 10.55
C TYR A 11 -4.27 -5.72 10.84
N LEU A 12 -5.20 -5.62 9.89
CA LEU A 12 -6.35 -4.74 10.06
C LEU A 12 -7.13 -5.13 11.30
N ASP A 13 -7.34 -6.43 11.47
CA ASP A 13 -8.07 -6.95 12.62
C ASP A 13 -7.30 -6.63 13.90
N GLN A 14 -5.97 -6.69 13.81
CA GLN A 14 -5.12 -6.40 14.96
C GLN A 14 -5.28 -4.94 15.38
N VAL A 15 -5.48 -4.07 14.39
CA VAL A 15 -5.66 -2.65 14.65
C VAL A 15 -6.97 -2.39 15.38
N LYS A 16 -8.07 -2.86 14.80
CA LYS A 16 -9.38 -2.69 15.41
C LYS A 16 -9.42 -3.29 16.81
N LEU A 17 -8.79 -4.45 16.96
CA LEU A 17 -8.75 -5.15 18.24
C LEU A 17 -7.96 -4.34 19.28
N GLN A 18 -6.88 -3.71 18.82
CA GLN A 18 -6.04 -2.92 19.71
C GLN A 18 -6.85 -1.82 20.39
N PHE A 19 -7.42 -0.92 19.59
CA PHE A 19 -8.22 0.18 20.13
C PHE A 19 -9.60 -0.31 20.55
N GLY A 20 -9.86 -1.60 20.34
CA GLY A 20 -11.15 -2.17 20.71
C GLY A 20 -12.16 -2.10 19.60
N SER A 21 -12.81 -0.95 19.47
CA SER A 21 -13.82 -0.75 18.43
C SER A 21 -13.81 0.70 17.96
N GLN A 22 -12.67 1.35 18.13
CA GLN A 22 -12.51 2.74 17.73
C GLN A 22 -13.05 3.00 16.32
N PRO A 23 -14.05 3.88 16.19
CA PRO A 23 -14.65 4.22 14.92
C PRO A 23 -13.99 5.46 14.30
N GLN A 24 -13.19 6.14 15.11
CA GLN A 24 -12.49 7.33 14.65
C GLN A 24 -11.19 6.99 13.95
N VAL A 25 -10.26 6.38 14.68
CA VAL A 25 -8.96 6.01 14.12
C VAL A 25 -9.12 5.06 12.93
N TYR A 26 -9.91 4.01 13.12
CA TYR A 26 -10.15 3.03 12.07
C TYR A 26 -10.62 3.70 10.78
N ASN A 27 -11.73 4.43 10.88
CA ASN A 27 -12.30 5.12 9.72
C ASN A 27 -11.28 6.04 9.07
N ASP A 28 -10.52 6.76 9.89
CA ASP A 28 -9.50 7.68 9.38
C ASP A 28 -8.42 6.94 8.59
N PHE A 29 -8.05 5.76 9.06
CA PHE A 29 -7.02 4.97 8.39
C PHE A 29 -7.48 4.51 7.01
N LEU A 30 -8.58 3.77 6.97
CA LEU A 30 -9.10 3.27 5.70
C LEU A 30 -9.53 4.41 4.78
N ASP A 31 -10.03 5.49 5.37
CA ASP A 31 -10.45 6.65 4.57
C ASP A 31 -9.27 7.19 3.79
N ILE A 32 -8.16 7.43 4.49
CA ILE A 32 -6.95 7.94 3.86
C ILE A 32 -6.52 7.00 2.75
N MET A 33 -6.48 5.71 3.05
CA MET A 33 -6.08 4.70 2.09
C MET A 33 -6.94 4.79 0.83
N LYS A 34 -8.22 5.13 1.01
CA LYS A 34 -9.14 5.25 -0.09
C LYS A 34 -8.83 6.50 -0.92
N GLU A 35 -8.37 7.54 -0.23
CA GLU A 35 -8.01 8.79 -0.91
C GLU A 35 -6.84 8.54 -1.85
N PHE A 36 -5.85 7.81 -1.36
CA PHE A 36 -4.67 7.48 -2.15
C PHE A 36 -5.05 6.49 -3.26
N LYS A 37 -6.02 5.64 -2.95
CA LYS A 37 -6.50 4.64 -3.90
C LYS A 37 -7.39 5.30 -4.95
N SER A 38 -7.91 6.47 -4.62
CA SER A 38 -8.77 7.21 -5.54
C SER A 38 -8.05 8.43 -6.09
N GLN A 39 -6.72 8.41 -5.98
CA GLN A 39 -5.89 9.53 -6.45
C GLN A 39 -6.21 10.81 -5.70
N SER A 40 -5.38 11.14 -4.72
CA SER A 40 -5.58 12.33 -3.92
C SER A 40 -4.24 12.82 -3.34
N ILE A 41 -3.67 12.01 -2.46
CA ILE A 41 -2.39 12.35 -1.84
C ILE A 41 -1.28 11.42 -2.31
N ASP A 42 -0.03 11.82 -2.05
CA ASP A 42 1.12 11.01 -2.44
C ASP A 42 1.48 10.00 -1.37
N THR A 43 2.52 9.21 -1.62
CA THR A 43 2.97 8.20 -0.67
C THR A 43 3.40 8.83 0.67
N PRO A 44 4.27 9.87 0.65
CA PRO A 44 4.72 10.53 1.87
C PRO A 44 3.55 11.06 2.70
N GLY A 45 2.47 11.42 2.02
CA GLY A 45 1.30 11.93 2.71
C GLY A 45 0.59 10.86 3.49
N VAL A 46 0.51 9.66 2.91
CA VAL A 46 -0.15 8.54 3.56
C VAL A 46 0.65 8.05 4.76
N ILE A 47 1.97 7.94 4.58
CA ILE A 47 2.85 7.49 5.65
C ILE A 47 2.85 8.45 6.82
N SER A 48 2.93 9.75 6.52
CA SER A 48 2.95 10.77 7.55
C SER A 48 1.64 10.80 8.32
N ARG A 49 0.53 10.96 7.60
CA ARG A 49 -0.79 11.00 8.23
C ARG A 49 -1.03 9.76 9.09
N VAL A 50 -0.87 8.59 8.50
CA VAL A 50 -1.07 7.33 9.22
C VAL A 50 -0.16 7.26 10.44
N SER A 51 1.05 7.78 10.31
CA SER A 51 2.00 7.77 11.42
C SER A 51 1.45 8.51 12.63
N GLN A 52 0.95 9.72 12.39
CA GLN A 52 0.38 10.54 13.46
C GLN A 52 -1.04 10.10 13.79
N LEU A 53 -1.61 9.27 12.92
CA LEU A 53 -2.97 8.78 13.12
C LEU A 53 -3.00 7.68 14.18
N PHE A 54 -1.83 7.09 14.42
CA PHE A 54 -1.70 6.03 15.41
C PHE A 54 -0.62 6.35 16.43
N LYS A 55 -0.41 7.64 16.66
CA LYS A 55 0.60 8.10 17.61
C LYS A 55 0.37 7.47 18.99
N GLY A 56 -0.85 7.03 19.23
CA GLY A 56 -1.19 6.42 20.51
C GLY A 56 -0.38 5.16 20.77
N HIS A 57 -0.40 4.23 19.82
CA HIS A 57 0.34 2.98 19.96
C HIS A 57 1.36 2.82 18.82
N PRO A 58 2.63 3.16 19.08
CA PRO A 58 3.70 3.04 18.07
C PRO A 58 3.85 1.61 17.56
N ASP A 59 3.27 0.65 18.28
CA ASP A 59 3.34 -0.75 17.88
C ASP A 59 2.76 -0.96 16.49
N LEU A 60 1.53 -0.51 16.29
CA LEU A 60 0.86 -0.64 15.00
C LEU A 60 1.69 0.02 13.90
N ILE A 61 2.23 1.20 14.21
CA ILE A 61 3.05 1.93 13.26
C ILE A 61 4.29 1.14 12.89
N MET A 62 4.84 0.42 13.86
CA MET A 62 6.03 -0.39 13.65
C MET A 62 5.76 -1.49 12.64
N GLY A 63 4.70 -2.28 12.90
CA GLY A 63 4.33 -3.35 12.00
C GLY A 63 3.85 -2.84 10.66
N PHE A 64 3.38 -1.60 10.64
CA PHE A 64 2.88 -0.98 9.42
C PHE A 64 4.02 -0.63 8.47
N ASN A 65 5.07 -0.01 9.01
CA ASN A 65 6.23 0.37 8.21
C ASN A 65 6.92 -0.86 7.64
N THR A 66 6.67 -2.01 8.26
CA THR A 66 7.27 -3.26 7.82
C THR A 66 6.84 -3.59 6.39
N PHE A 67 5.59 -3.26 6.06
CA PHE A 67 5.05 -3.51 4.73
C PHE A 67 5.69 -2.58 3.71
N LEU A 68 5.71 -1.28 4.02
CA LEU A 68 6.28 -0.28 3.14
C LEU A 68 7.70 -0.67 2.71
N PRO A 69 8.11 -0.30 1.49
CA PRO A 69 9.45 -0.62 0.96
C PRO A 69 10.56 -0.21 1.92
N PRO A 70 11.42 -1.16 2.32
CA PRO A 70 12.53 -0.88 3.25
C PRO A 70 13.63 -0.04 2.60
N GLY A 71 14.75 0.09 3.30
CA GLY A 71 15.86 0.87 2.77
C GLY A 71 17.21 0.35 3.23
N SER B 1 -17.10 -17.59 -2.29
CA SER B 1 -16.24 -16.73 -1.45
C SER B 1 -17.08 -15.91 -0.47
N SER B 2 -16.75 -16.00 0.81
CA SER B 2 -17.47 -15.27 1.85
C SER B 2 -16.67 -14.05 2.30
N THR B 3 -17.37 -12.95 2.57
CA THR B 3 -16.72 -11.72 3.02
C THR B 3 -17.56 -11.03 4.09
N TRP B 4 -16.90 -10.60 5.16
CA TRP B 4 -17.58 -9.93 6.26
C TRP B 4 -17.20 -8.45 6.30
N LEU B 5 -16.31 -8.04 5.40
CA LEU B 5 -15.87 -6.67 5.34
C LEU B 5 -16.58 -5.90 4.23
N SER B 6 -16.79 -4.61 4.43
CA SER B 6 -17.46 -3.77 3.45
C SER B 6 -16.53 -3.46 2.29
N GLU B 7 -16.99 -2.61 1.37
CA GLU B 7 -16.20 -2.23 0.22
C GLU B 7 -15.04 -1.31 0.63
N ALA B 8 -15.29 -0.46 1.61
CA ALA B 8 -14.28 0.47 2.10
C ALA B 8 -13.03 -0.26 2.58
N GLU B 9 -13.22 -1.45 3.14
CA GLU B 9 -12.11 -2.24 3.66
C GLU B 9 -11.27 -2.82 2.52
N MET B 10 -11.92 -3.39 1.52
CA MET B 10 -11.24 -3.99 0.39
C MET B 10 -10.49 -2.93 -0.43
N ILE B 11 -11.04 -1.71 -0.46
CA ILE B 11 -10.43 -0.63 -1.22
C ILE B 11 -9.20 -0.09 -0.51
N ALA B 12 -9.36 0.28 0.75
CA ALA B 12 -8.25 0.82 1.54
C ALA B 12 -7.09 -0.16 1.55
N LEU B 13 -7.40 -1.42 1.86
CA LEU B 13 -6.37 -2.46 1.90
C LEU B 13 -5.73 -2.64 0.53
N ALA B 14 -6.55 -2.65 -0.52
CA ALA B 14 -6.05 -2.79 -1.87
C ALA B 14 -4.93 -1.79 -2.10
N GLY B 15 -5.18 -0.55 -1.67
CA GLY B 15 -4.19 0.50 -1.82
C GLY B 15 -2.97 0.24 -0.96
N LEU B 16 -3.19 -0.40 0.19
CA LEU B 16 -2.10 -0.73 1.10
C LEU B 16 -1.08 -1.64 0.42
N LEU B 17 -1.56 -2.77 -0.07
CA LEU B 17 -0.69 -3.73 -0.75
C LEU B 17 -0.22 -3.18 -2.09
N GLN B 18 -0.96 -2.23 -2.63
CA GLN B 18 -0.60 -1.61 -3.91
C GLN B 18 0.45 -0.53 -3.72
N MET B 19 0.47 0.06 -2.52
CA MET B 19 1.42 1.12 -2.21
C MET B 19 2.78 0.53 -1.83
N SER B 20 2.76 -0.56 -1.07
CA SER B 20 4.00 -1.21 -0.65
C SER B 20 4.25 -2.48 -1.45
N GLN B 21 5.10 -2.37 -2.48
CA GLN B 21 5.43 -3.51 -3.31
C GLN B 21 6.86 -3.97 -3.05
N GLY B 22 7.83 -3.18 -3.50
CA GLY B 22 9.22 -3.53 -3.30
C GLY B 22 10.14 -2.33 -3.43
N GLU B 23 10.28 -1.81 -4.64
CA GLU B 23 11.13 -0.65 -4.89
C GLU B 23 12.54 -0.87 -4.33
N GLN B 24 13.31 -1.72 -5.00
CA GLN B 24 14.68 -2.03 -4.58
C GLN B 24 15.36 -2.94 -5.59
N THR B 25 14.93 -4.21 -5.61
CA THR B 25 15.49 -5.20 -6.53
C THR B 25 14.89 -6.61 -6.34
N PRO B 26 14.53 -7.03 -5.10
CA PRO B 26 13.96 -8.37 -4.89
C PRO B 26 12.55 -8.49 -5.46
N ASN B 27 11.68 -7.55 -5.06
CA ASN B 27 10.30 -7.55 -5.53
C ASN B 27 10.19 -6.80 -6.86
N CYS B 28 10.10 -5.48 -6.80
CA CYS B 28 9.99 -4.66 -8.00
C CYS B 28 11.27 -4.75 -8.83
N VAL B 29 11.25 -4.15 -10.01
CA VAL B 29 12.42 -4.16 -10.89
C VAL B 29 12.74 -2.76 -11.41
N ALA B 30 12.11 -1.75 -10.83
CA ALA B 30 12.33 -0.37 -11.23
C ALA B 30 13.21 0.36 -10.23
N SER B 31 12.63 0.70 -9.07
CA SER B 31 13.36 1.41 -8.02
C SER B 31 13.99 2.69 -8.54
N SER B 32 14.72 3.38 -7.67
CA SER B 32 15.38 4.63 -8.03
C SER B 32 16.43 5.02 -6.99
N LEU B 33 16.19 4.60 -5.75
CA LEU B 33 17.10 4.91 -4.65
C LEU B 33 18.50 4.31 -4.89
N PRO B 34 18.58 3.00 -5.23
CA PRO B 34 19.88 2.35 -5.49
C PRO B 34 20.74 3.13 -6.48
N SER B 35 20.38 3.06 -7.76
CA SER B 35 21.13 3.76 -8.79
C SER B 35 20.41 3.72 -10.13
N THR B 36 19.12 3.36 -10.10
CA THR B 36 18.32 3.28 -11.32
C THR B 36 18.22 4.65 -11.99
N SER B 37 17.91 5.67 -11.20
CA SER B 37 17.79 7.03 -11.71
C SER B 37 18.36 8.04 -10.72
N CYS B 38 19.36 8.80 -11.17
CA CYS B 38 20.00 9.80 -10.34
C CYS B 38 20.55 9.19 -9.05
N PRO B 39 21.74 8.55 -9.11
CA PRO B 39 22.36 7.94 -7.95
C PRO B 39 23.01 8.96 -7.02
N ASP B 40 23.79 9.86 -7.60
CA ASP B 40 24.47 10.90 -6.84
C ASP B 40 23.77 12.26 -7.01
N PRO B 41 23.45 12.68 -8.26
CA PRO B 41 22.79 13.97 -8.50
C PRO B 41 21.43 14.07 -7.81
N VAL B 42 21.33 14.93 -6.80
CA VAL B 42 20.08 15.12 -6.07
C VAL B 42 19.81 16.60 -5.84
N SER B 43 20.84 17.32 -5.38
CA SER B 43 20.71 18.74 -5.12
C SER B 43 22.06 19.45 -5.33
N VAL B 44 23.14 18.68 -5.27
CA VAL B 44 24.48 19.21 -5.46
C VAL B 44 24.81 20.26 -4.40
N SER B 45 24.44 21.51 -4.67
CA SER B 45 24.69 22.60 -3.74
C SER B 45 23.97 23.87 -4.19
N GLU B 46 24.33 24.35 -5.38
CA GLU B 46 23.72 25.55 -5.93
C GLU B 46 23.37 25.36 -7.41
N ASP B 47 22.81 26.39 -8.02
CA ASP B 47 22.43 26.35 -9.43
C ASP B 47 21.42 25.23 -9.69
N PRO B 48 20.11 25.57 -9.76
CA PRO B 48 19.05 24.59 -10.01
C PRO B 48 19.36 23.69 -11.20
N GLY B 49 19.03 22.41 -11.07
CA GLY B 49 19.27 21.46 -12.15
C GLY B 49 18.27 20.33 -12.16
N PRO B 50 18.34 19.40 -11.20
CA PRO B 50 17.42 18.27 -11.12
C PRO B 50 16.00 18.71 -10.78
N SER B 51 15.13 17.74 -10.51
CA SER B 51 13.73 18.03 -10.17
C SER B 51 13.59 18.32 -8.68
N GLY B 52 12.54 19.06 -8.32
CA GLY B 52 12.30 19.39 -6.93
C GLY B 52 11.27 20.48 -6.77
N ASP B 53 11.52 21.40 -5.84
CA ASP B 53 10.59 22.50 -5.58
C ASP B 53 11.32 23.84 -5.66
N GLN B 54 12.26 24.05 -4.75
CA GLN B 54 13.03 25.29 -4.71
C GLN B 54 14.42 25.05 -4.15
N SER B 55 15.21 26.11 -4.04
CA SER B 55 16.56 26.02 -3.50
C SER B 55 17.42 25.06 -4.32
N CYS B 56 18.29 25.64 -5.16
CA CYS B 56 19.18 24.85 -6.02
C CYS B 56 18.46 23.67 -6.66
N SER B 57 17.17 23.86 -6.96
CA SER B 57 16.37 22.82 -7.58
C SER B 57 15.23 23.43 -8.41
N GLY B 58 15.32 23.27 -9.72
CA GLY B 58 14.29 23.81 -10.60
C GLY B 58 14.77 23.95 -12.03
N THR B 59 14.54 22.91 -12.83
CA THR B 59 14.95 22.93 -14.23
C THR B 59 14.04 23.83 -15.05
N ASP B 60 12.84 24.10 -14.54
CA ASP B 60 11.89 24.96 -15.22
C ASP B 60 10.77 25.38 -14.28
N THR B 61 10.58 26.68 -14.13
CA THR B 61 9.55 27.21 -13.26
C THR B 61 8.24 27.41 -14.02
N GLN A 1 10.47 -11.50 3.16
CA GLN A 1 10.77 -12.24 1.90
C GLN A 1 9.52 -12.34 1.03
N ARG A 2 8.49 -13.00 1.56
CA ARG A 2 7.24 -13.17 0.82
C ARG A 2 6.11 -12.43 1.51
N LEU A 3 5.60 -11.39 0.85
CA LEU A 3 4.50 -10.60 1.40
C LEU A 3 3.22 -10.84 0.62
N LYS A 4 2.18 -11.28 1.33
CA LYS A 4 0.88 -11.55 0.71
C LYS A 4 -0.13 -10.47 1.07
N VAL A 5 -1.32 -10.56 0.48
CA VAL A 5 -2.38 -9.60 0.75
C VAL A 5 -3.12 -9.96 2.03
N GLU A 6 -3.44 -11.24 2.19
CA GLU A 6 -4.15 -11.71 3.36
C GLU A 6 -3.40 -11.33 4.64
N ASP A 7 -2.08 -11.16 4.52
CA ASP A 7 -1.26 -10.78 5.67
C ASP A 7 -1.64 -9.38 6.11
N ALA A 8 -1.81 -8.50 5.13
CA ALA A 8 -2.19 -7.12 5.42
C ALA A 8 -3.60 -7.11 6.01
N LEU A 9 -4.44 -8.01 5.52
CA LEU A 9 -5.80 -8.13 6.02
C LEU A 9 -5.79 -8.48 7.50
N SER A 10 -4.91 -9.41 7.87
CA SER A 10 -4.77 -9.81 9.26
C SER A 10 -4.37 -8.61 10.10
N TYR A 11 -3.44 -7.82 9.56
CA TYR A 11 -2.99 -6.61 10.25
C TYR A 11 -4.16 -5.68 10.48
N LEU A 12 -5.06 -5.60 9.50
CA LEU A 12 -6.25 -4.77 9.61
C LEU A 12 -7.07 -5.20 10.82
N ASP A 13 -7.28 -6.50 10.95
CA ASP A 13 -8.03 -7.05 12.06
C ASP A 13 -7.36 -6.70 13.39
N GLN A 14 -6.02 -6.69 13.38
CA GLN A 14 -5.26 -6.37 14.57
C GLN A 14 -5.58 -4.96 15.05
N VAL A 15 -5.50 -4.00 14.13
CA VAL A 15 -5.80 -2.61 14.44
C VAL A 15 -7.23 -2.47 14.97
N LYS A 16 -8.14 -3.21 14.35
CA LYS A 16 -9.55 -3.17 14.74
C LYS A 16 -9.74 -3.81 16.12
N LEU A 17 -8.83 -4.71 16.48
CA LEU A 17 -8.90 -5.38 17.77
C LEU A 17 -8.54 -4.42 18.90
N GLN A 18 -7.38 -3.78 18.78
CA GLN A 18 -6.91 -2.84 19.79
C GLN A 18 -7.88 -1.67 19.94
N PHE A 19 -8.15 -0.97 18.84
CA PHE A 19 -9.05 0.17 18.85
C PHE A 19 -10.50 -0.27 18.69
N GLY A 20 -10.81 -1.46 19.19
CA GLY A 20 -12.16 -1.98 19.09
C GLY A 20 -13.18 -1.09 19.79
N SER A 21 -12.73 -0.38 20.81
CA SER A 21 -13.60 0.51 21.56
C SER A 21 -13.67 1.88 20.89
N GLN A 22 -12.69 2.17 20.03
CA GLN A 22 -12.63 3.44 19.33
C GLN A 22 -12.42 3.23 17.83
N PRO A 23 -13.51 3.03 17.06
CA PRO A 23 -13.43 2.82 15.62
C PRO A 23 -13.13 4.11 14.86
N GLN A 24 -12.78 5.16 15.60
CA GLN A 24 -12.47 6.44 14.99
C GLN A 24 -11.19 6.37 14.17
N VAL A 25 -10.09 5.99 14.83
CA VAL A 25 -8.79 5.88 14.16
C VAL A 25 -8.88 4.94 12.96
N TYR A 26 -9.55 3.80 13.15
CA TYR A 26 -9.70 2.81 12.09
C TYR A 26 -10.37 3.44 10.87
N ASN A 27 -11.51 4.10 11.10
CA ASN A 27 -12.26 4.74 10.03
C ASN A 27 -11.40 5.78 9.32
N ASP A 28 -10.59 6.50 10.10
CA ASP A 28 -9.71 7.53 9.54
C ASP A 28 -8.62 6.90 8.69
N PHE A 29 -8.20 5.70 9.06
CA PHE A 29 -7.17 4.98 8.32
C PHE A 29 -7.65 4.61 6.93
N LEU A 30 -8.73 3.82 6.88
CA LEU A 30 -9.28 3.41 5.59
C LEU A 30 -9.76 4.62 4.80
N ASP A 31 -10.20 5.66 5.51
CA ASP A 31 -10.65 6.88 4.85
C ASP A 31 -9.49 7.46 4.04
N ILE A 32 -8.34 7.55 4.68
CA ILE A 32 -7.13 8.04 4.02
C ILE A 32 -6.84 7.21 2.79
N MET A 33 -6.99 5.90 2.94
CA MET A 33 -6.76 4.97 1.85
C MET A 33 -7.59 5.35 0.64
N LYS A 34 -8.87 5.59 0.85
CA LYS A 34 -9.77 5.98 -0.24
C LYS A 34 -9.25 7.26 -0.91
N GLU A 35 -8.80 8.20 -0.09
CA GLU A 35 -8.26 9.46 -0.60
C GLU A 35 -7.10 9.17 -1.56
N PHE A 36 -6.28 8.19 -1.18
CA PHE A 36 -5.14 7.80 -1.99
C PHE A 36 -5.61 6.94 -3.16
N LYS A 37 -6.78 6.33 -2.99
CA LYS A 37 -7.36 5.48 -4.01
C LYS A 37 -8.14 6.32 -5.01
N SER A 38 -8.39 7.57 -4.64
CA SER A 38 -9.12 8.49 -5.49
C SER A 38 -8.20 9.61 -5.99
N GLN A 39 -6.89 9.38 -5.85
CA GLN A 39 -5.89 10.35 -6.28
C GLN A 39 -6.01 11.65 -5.49
N SER A 40 -5.25 11.74 -4.40
CA SER A 40 -5.26 12.92 -3.54
C SER A 40 -3.89 13.17 -2.94
N ILE A 41 -3.32 12.11 -2.36
CA ILE A 41 -2.00 12.20 -1.76
C ILE A 41 -1.06 11.13 -2.32
N ASP A 42 0.22 11.22 -1.97
CA ASP A 42 1.21 10.26 -2.44
C ASP A 42 1.70 9.39 -1.28
N THR A 43 2.66 8.51 -1.57
CA THR A 43 3.23 7.62 -0.56
C THR A 43 3.67 8.37 0.70
N PRO A 44 4.47 9.46 0.55
CA PRO A 44 4.93 10.23 1.71
C PRO A 44 3.77 10.78 2.54
N GLY A 45 2.71 11.17 1.85
CA GLY A 45 1.54 11.71 2.52
C GLY A 45 0.82 10.67 3.34
N VAL A 46 0.75 9.44 2.82
CA VAL A 46 0.08 8.35 3.52
C VAL A 46 0.84 7.96 4.78
N ILE A 47 2.16 7.86 4.67
CA ILE A 47 3.00 7.48 5.80
C ILE A 47 2.94 8.54 6.90
N SER A 48 3.00 9.82 6.51
CA SER A 48 2.96 10.92 7.47
C SER A 48 1.61 11.01 8.17
N ARG A 49 0.54 11.10 7.37
CA ARG A 49 -0.82 11.20 7.92
C ARG A 49 -1.11 10.06 8.88
N VAL A 50 -0.91 8.83 8.42
CA VAL A 50 -1.16 7.65 9.25
C VAL A 50 -0.28 7.65 10.49
N SER A 51 0.96 8.14 10.33
CA SER A 51 1.90 8.20 11.45
C SER A 51 1.32 9.02 12.61
N GLN A 52 0.84 10.21 12.30
CA GLN A 52 0.26 11.08 13.31
C GLN A 52 -1.16 10.66 13.65
N LEU A 53 -1.77 9.88 12.76
CA LEU A 53 -3.14 9.40 12.97
C LEU A 53 -3.20 8.41 14.12
N PHE A 54 -2.16 7.60 14.26
CA PHE A 54 -2.08 6.59 15.31
C PHE A 54 -1.21 7.07 16.47
N LYS A 55 -1.17 8.39 16.68
CA LYS A 55 -0.36 8.97 17.74
C LYS A 55 -0.78 8.42 19.10
N GLY A 56 0.12 7.68 19.72
CA GLY A 56 -0.16 7.10 21.03
C GLY A 56 0.26 5.65 21.12
N HIS A 57 0.17 4.93 20.00
CA HIS A 57 0.55 3.53 19.96
C HIS A 57 1.59 3.27 18.86
N PRO A 58 2.89 3.31 19.20
CA PRO A 58 3.97 3.08 18.23
C PRO A 58 4.04 1.62 17.79
N ASP A 59 3.20 0.79 18.39
CA ASP A 59 3.16 -0.64 18.06
C ASP A 59 2.63 -0.85 16.64
N LEU A 60 1.44 -0.29 16.37
CA LEU A 60 0.82 -0.43 15.07
C LEU A 60 1.66 0.26 14.00
N ILE A 61 2.22 1.42 14.36
CA ILE A 61 3.04 2.19 13.43
C ILE A 61 4.26 1.38 13.00
N MET A 62 4.96 0.80 13.96
CA MET A 62 6.14 -0.02 13.68
C MET A 62 5.76 -1.21 12.82
N GLY A 63 4.66 -1.86 13.16
CA GLY A 63 4.20 -3.01 12.40
C GLY A 63 3.78 -2.65 11.00
N PHE A 64 3.37 -1.39 10.80
CA PHE A 64 2.94 -0.92 9.49
C PHE A 64 4.14 -0.63 8.60
N ASN A 65 5.21 -0.10 9.20
CA ASN A 65 6.41 0.23 8.46
C ASN A 65 7.07 -1.02 7.88
N THR A 66 6.73 -2.17 8.45
CA THR A 66 7.28 -3.44 7.99
C THR A 66 6.73 -3.82 6.62
N PHE A 67 5.45 -3.54 6.40
CA PHE A 67 4.80 -3.87 5.13
C PHE A 67 5.46 -3.11 3.97
N LEU A 68 5.75 -1.83 4.19
CA LEU A 68 6.36 -1.01 3.16
C LEU A 68 7.71 -1.60 2.71
N PRO A 69 8.13 -1.31 1.47
CA PRO A 69 9.39 -1.82 0.93
C PRO A 69 10.61 -1.34 1.72
N PRO A 70 11.33 -2.25 2.40
CA PRO A 70 12.51 -1.89 3.19
C PRO A 70 13.65 -1.37 2.32
N GLY A 71 14.51 -0.53 2.90
CA GLY A 71 15.62 0.02 2.17
C GLY A 71 16.86 0.18 3.03
N SER B 1 -11.77 -16.35 10.25
CA SER B 1 -10.85 -15.94 9.17
C SER B 1 -11.49 -14.87 8.30
N SER B 2 -12.74 -15.11 7.88
CA SER B 2 -13.47 -14.18 7.03
C SER B 2 -12.82 -14.06 5.66
N THR B 3 -13.63 -14.15 4.61
CA THR B 3 -13.13 -14.05 3.24
C THR B 3 -13.78 -12.88 2.50
N TRP B 4 -14.92 -12.43 3.00
CA TRP B 4 -15.65 -11.32 2.38
C TRP B 4 -16.01 -10.26 3.42
N LEU B 5 -15.56 -9.04 3.18
CA LEU B 5 -15.84 -7.93 4.09
C LEU B 5 -16.43 -6.74 3.34
N SER B 6 -16.52 -5.59 3.99
CA SER B 6 -17.06 -4.40 3.38
C SER B 6 -16.16 -3.92 2.23
N GLU B 7 -16.70 -3.07 1.37
CA GLU B 7 -15.95 -2.55 0.23
C GLU B 7 -14.82 -1.64 0.68
N ALA B 8 -15.09 -0.81 1.68
CA ALA B 8 -14.09 0.12 2.18
C ALA B 8 -12.84 -0.61 2.66
N GLU B 9 -13.01 -1.83 3.15
CA GLU B 9 -11.89 -2.63 3.63
C GLU B 9 -11.09 -3.21 2.46
N MET B 10 -11.79 -3.80 1.49
CA MET B 10 -11.15 -4.39 0.33
C MET B 10 -10.41 -3.32 -0.49
N ILE B 11 -10.96 -2.11 -0.48
CA ILE B 11 -10.37 -1.00 -1.23
C ILE B 11 -9.14 -0.45 -0.52
N ALA B 12 -9.29 -0.12 0.75
CA ALA B 12 -8.18 0.40 1.53
C ALA B 12 -7.00 -0.56 1.47
N LEU B 13 -7.27 -1.84 1.73
CA LEU B 13 -6.23 -2.84 1.69
C LEU B 13 -5.66 -2.96 0.28
N ALA B 14 -6.52 -2.88 -0.72
CA ALA B 14 -6.07 -2.94 -2.10
C ALA B 14 -4.93 -1.94 -2.29
N GLY B 15 -5.15 -0.73 -1.79
CA GLY B 15 -4.16 0.31 -1.88
C GLY B 15 -2.95 0.01 -1.01
N LEU B 16 -3.18 -0.71 0.09
CA LEU B 16 -2.10 -1.08 1.00
C LEU B 16 -1.09 -1.97 0.29
N LEU B 17 -1.56 -3.08 -0.27
CA LEU B 17 -0.70 -4.01 -0.98
C LEU B 17 -0.23 -3.42 -2.30
N GLN B 18 -0.96 -2.43 -2.80
CA GLN B 18 -0.62 -1.78 -4.06
C GLN B 18 0.42 -0.68 -3.83
N MET B 19 0.43 -0.13 -2.63
CA MET B 19 1.38 0.93 -2.27
C MET B 19 2.68 0.33 -1.76
N SER B 20 2.58 -0.89 -1.24
CA SER B 20 3.75 -1.61 -0.73
C SER B 20 4.70 -1.98 -1.87
N GLN B 21 4.18 -1.94 -3.10
CA GLN B 21 4.98 -2.28 -4.28
C GLN B 21 4.72 -1.29 -5.42
N GLY B 22 3.90 -1.70 -6.39
CA GLY B 22 3.59 -0.84 -7.51
C GLY B 22 4.82 -0.36 -8.24
N GLU B 23 5.78 -1.25 -8.43
CA GLU B 23 7.03 -0.92 -9.12
C GLU B 23 7.58 -2.13 -9.85
N GLN B 24 7.42 -2.14 -11.18
CA GLN B 24 7.91 -3.24 -12.01
C GLN B 24 7.41 -4.58 -11.48
N THR B 25 6.11 -4.82 -11.62
CA THR B 25 5.50 -6.07 -11.16
C THR B 25 4.01 -6.11 -11.51
N PRO B 26 3.47 -7.29 -11.83
CA PRO B 26 2.04 -7.43 -12.17
C PRO B 26 1.13 -6.98 -11.03
N ASN B 27 0.72 -5.71 -11.08
CA ASN B 27 -0.15 -5.14 -10.06
C ASN B 27 -0.58 -3.72 -10.43
N CYS B 28 0.33 -2.77 -10.22
CA CYS B 28 0.05 -1.37 -10.52
C CYS B 28 -0.39 -1.20 -11.98
N VAL B 29 0.46 -1.61 -12.91
CA VAL B 29 0.15 -1.50 -14.33
C VAL B 29 1.14 -2.29 -15.17
N ALA B 30 2.33 -2.53 -14.63
CA ALA B 30 3.36 -3.27 -15.32
C ALA B 30 2.91 -4.69 -15.63
N SER B 31 3.62 -5.35 -16.54
CA SER B 31 3.31 -6.72 -16.94
C SER B 31 1.89 -6.80 -17.51
N SER B 32 1.80 -6.84 -18.85
CA SER B 32 0.50 -6.93 -19.52
C SER B 32 0.25 -8.34 -20.03
N LEU B 33 1.17 -9.26 -19.73
CA LEU B 33 1.04 -10.64 -20.16
C LEU B 33 0.22 -11.48 -19.18
N PRO B 34 0.52 -11.41 -17.86
CA PRO B 34 -0.22 -12.17 -16.85
C PRO B 34 -1.73 -11.94 -16.91
N SER B 35 -2.13 -10.71 -16.59
CA SER B 35 -3.55 -10.34 -16.62
C SER B 35 -3.72 -8.83 -16.51
N THR B 36 -2.60 -8.12 -16.34
CA THR B 36 -2.60 -6.67 -16.22
C THR B 36 -3.34 -6.23 -14.96
N SER B 37 -4.66 -6.17 -15.03
CA SER B 37 -5.47 -5.75 -13.90
C SER B 37 -6.96 -6.00 -14.16
N CYS B 38 -7.73 -6.14 -13.08
CA CYS B 38 -9.16 -6.38 -13.21
C CYS B 38 -9.96 -5.42 -12.32
N PRO B 39 -10.45 -4.30 -12.89
CA PRO B 39 -11.22 -3.30 -12.14
C PRO B 39 -12.61 -3.80 -11.76
N ASP B 40 -13.39 -4.20 -12.77
CA ASP B 40 -14.74 -4.70 -12.54
C ASP B 40 -14.77 -6.23 -12.40
N PRO B 41 -14.11 -6.97 -13.32
CA PRO B 41 -14.07 -8.44 -13.26
C PRO B 41 -13.53 -8.96 -11.93
N VAL B 42 -13.48 -10.28 -11.81
CA VAL B 42 -12.98 -10.92 -10.59
C VAL B 42 -12.15 -12.14 -10.95
N SER B 43 -11.55 -12.10 -12.13
CA SER B 43 -10.73 -13.20 -12.63
C SER B 43 -11.62 -14.44 -12.79
N VAL B 44 -11.79 -15.19 -11.70
CA VAL B 44 -12.61 -16.39 -11.69
C VAL B 44 -12.35 -17.23 -10.44
N SER B 45 -13.41 -17.81 -9.88
CA SER B 45 -13.28 -18.64 -8.69
C SER B 45 -12.86 -20.06 -9.07
N GLU B 46 -12.47 -20.84 -8.06
CA GLU B 46 -12.04 -22.22 -8.29
C GLU B 46 -12.91 -23.20 -7.50
N ASP B 47 -14.05 -22.71 -7.02
CA ASP B 47 -14.97 -23.54 -6.26
C ASP B 47 -16.37 -23.52 -6.87
N PRO B 48 -16.58 -24.27 -7.97
CA PRO B 48 -17.88 -24.33 -8.65
C PRO B 48 -18.94 -25.03 -7.81
N GLY B 49 -20.04 -25.42 -8.45
CA GLY B 49 -21.12 -26.08 -7.74
C GLY B 49 -21.15 -27.57 -8.01
N PRO B 50 -22.35 -28.21 -7.94
CA PRO B 50 -22.49 -29.65 -8.17
C PRO B 50 -22.23 -30.03 -9.63
N SER B 51 -22.66 -29.16 -10.54
CA SER B 51 -22.48 -29.41 -11.97
C SER B 51 -21.99 -28.16 -12.68
N GLY B 52 -21.69 -28.30 -13.97
CA GLY B 52 -21.21 -27.17 -14.75
C GLY B 52 -20.50 -27.62 -16.02
N ASP B 53 -19.90 -26.67 -16.72
CA ASP B 53 -19.19 -26.97 -17.95
C ASP B 53 -17.78 -26.37 -17.93
N GLN B 54 -17.64 -25.22 -17.28
CA GLN B 54 -16.35 -24.54 -17.17
C GLN B 54 -15.74 -24.76 -15.79
N SER B 55 -14.63 -24.07 -15.54
CA SER B 55 -13.93 -24.17 -14.27
C SER B 55 -14.85 -23.78 -13.11
N CYS B 56 -15.50 -22.63 -13.22
CA CYS B 56 -16.40 -22.15 -12.18
C CYS B 56 -17.86 -22.42 -12.55
N SER B 57 -18.78 -21.87 -11.77
CA SER B 57 -20.21 -22.05 -12.02
C SER B 57 -21.04 -21.17 -11.08
N GLY B 58 -20.62 -21.11 -9.82
CA GLY B 58 -21.34 -20.31 -8.84
C GLY B 58 -20.70 -18.95 -8.63
N THR B 59 -20.81 -18.08 -9.63
CA THR B 59 -20.24 -16.74 -9.54
C THR B 59 -21.32 -15.71 -9.24
N ASP B 60 -22.57 -16.09 -9.47
CA ASP B 60 -23.70 -15.19 -9.23
C ASP B 60 -24.92 -15.97 -8.74
N THR B 61 -25.02 -17.22 -9.17
CA THR B 61 -26.15 -18.07 -8.77
C THR B 61 -25.78 -19.55 -8.87
N GLN A 1 11.13 -9.75 0.60
CA GLN A 1 11.07 -10.11 -0.84
C GLN A 1 9.70 -10.68 -1.20
N ARG A 2 9.02 -11.24 -0.20
CA ARG A 2 7.70 -11.83 -0.41
C ARG A 2 6.67 -11.17 0.49
N LEU A 3 5.71 -10.47 -0.12
CA LEU A 3 4.66 -9.79 0.63
C LEU A 3 3.29 -10.38 0.31
N LYS A 4 2.58 -10.79 1.36
CA LYS A 4 1.26 -11.39 1.19
C LYS A 4 0.17 -10.43 1.66
N VAL A 5 -0.91 -10.34 0.88
CA VAL A 5 -2.01 -9.46 1.21
C VAL A 5 -2.79 -9.99 2.42
N GLU A 6 -2.84 -11.31 2.53
CA GLU A 6 -3.54 -11.96 3.64
C GLU A 6 -3.02 -11.45 4.98
N ASP A 7 -1.71 -11.20 5.03
CA ASP A 7 -1.08 -10.70 6.24
C ASP A 7 -1.60 -9.31 6.55
N ALA A 8 -1.83 -8.53 5.50
CA ALA A 8 -2.35 -7.17 5.65
C ALA A 8 -3.74 -7.21 6.29
N LEU A 9 -4.56 -8.15 5.82
CA LEU A 9 -5.90 -8.30 6.37
C LEU A 9 -5.83 -8.63 7.85
N SER A 10 -4.95 -9.57 8.20
CA SER A 10 -4.78 -9.96 9.59
C SER A 10 -4.44 -8.71 10.41
N TYR A 11 -3.64 -7.83 9.82
CA TYR A 11 -3.25 -6.60 10.48
C TYR A 11 -4.47 -5.68 10.62
N LEU A 12 -5.36 -5.73 9.64
CA LEU A 12 -6.57 -4.92 9.67
C LEU A 12 -7.41 -5.29 10.88
N ASP A 13 -7.47 -6.59 11.16
CA ASP A 13 -8.23 -7.09 12.29
C ASP A 13 -7.54 -6.72 13.60
N GLN A 14 -6.21 -6.77 13.59
CA GLN A 14 -5.42 -6.42 14.77
C GLN A 14 -5.73 -5.00 15.21
N VAL A 15 -5.84 -4.10 14.24
CA VAL A 15 -6.14 -2.70 14.52
C VAL A 15 -7.62 -2.54 14.90
N LYS A 16 -8.48 -3.29 14.23
CA LYS A 16 -9.91 -3.23 14.49
C LYS A 16 -10.22 -3.65 15.92
N LEU A 17 -9.37 -4.50 16.48
CA LEU A 17 -9.54 -4.99 17.85
C LEU A 17 -8.94 -3.99 18.85
N GLN A 18 -7.69 -3.62 18.61
CA GLN A 18 -6.99 -2.67 19.48
C GLN A 18 -7.79 -1.38 19.65
N PHE A 19 -7.99 -0.68 18.55
CA PHE A 19 -8.75 0.58 18.57
C PHE A 19 -10.23 0.33 18.35
N GLY A 20 -10.70 -0.86 18.75
CA GLY A 20 -12.10 -1.20 18.58
C GLY A 20 -13.01 -0.29 19.37
N SER A 21 -12.51 0.23 20.49
CA SER A 21 -13.29 1.12 21.34
C SER A 21 -13.25 2.54 20.81
N GLN A 22 -12.48 2.76 19.75
CA GLN A 22 -12.36 4.08 19.15
C GLN A 22 -12.34 3.98 17.62
N PRO A 23 -13.50 4.17 16.97
CA PRO A 23 -13.61 4.11 15.51
C PRO A 23 -13.07 5.36 14.83
N GLN A 24 -12.19 6.07 15.52
CA GLN A 24 -11.60 7.29 15.00
C GLN A 24 -10.40 6.98 14.09
N VAL A 25 -9.38 6.38 14.69
CA VAL A 25 -8.17 6.04 13.94
C VAL A 25 -8.46 5.05 12.82
N TYR A 26 -9.15 3.96 13.15
CA TYR A 26 -9.49 2.94 12.16
C TYR A 26 -10.21 3.53 10.96
N ASN A 27 -11.32 4.23 11.23
CA ASN A 27 -12.11 4.85 10.17
C ASN A 27 -11.25 5.82 9.34
N ASP A 28 -10.44 6.62 10.03
CA ASP A 28 -9.59 7.58 9.35
C ASP A 28 -8.50 6.87 8.55
N PHE A 29 -8.17 5.66 8.97
CA PHE A 29 -7.15 4.87 8.28
C PHE A 29 -7.64 4.40 6.92
N LEU A 30 -8.74 3.64 6.93
CA LEU A 30 -9.31 3.13 5.68
C LEU A 30 -9.75 4.29 4.79
N ASP A 31 -10.26 5.35 5.42
CA ASP A 31 -10.71 6.52 4.67
C ASP A 31 -9.54 7.11 3.88
N ILE A 32 -8.40 7.26 4.56
CA ILE A 32 -7.21 7.79 3.94
C ILE A 32 -6.81 6.93 2.74
N MET A 33 -6.81 5.62 2.93
CA MET A 33 -6.46 4.70 1.86
C MET A 33 -7.30 4.95 0.62
N LYS A 34 -8.62 5.05 0.82
CA LYS A 34 -9.53 5.30 -0.30
C LYS A 34 -9.20 6.63 -0.96
N GLU A 35 -8.76 7.60 -0.17
CA GLU A 35 -8.39 8.89 -0.71
C GLU A 35 -7.20 8.73 -1.66
N PHE A 36 -6.30 7.84 -1.30
CA PHE A 36 -5.13 7.56 -2.12
C PHE A 36 -5.53 6.76 -3.35
N LYS A 37 -6.56 5.94 -3.18
CA LYS A 37 -7.08 5.12 -4.27
C LYS A 37 -7.92 5.98 -5.21
N SER A 38 -8.43 7.08 -4.67
CA SER A 38 -9.24 8.01 -5.44
C SER A 38 -8.40 9.18 -5.94
N GLN A 39 -7.08 9.07 -5.79
CA GLN A 39 -6.15 10.11 -6.22
C GLN A 39 -6.37 11.39 -5.42
N SER A 40 -5.58 11.56 -4.36
CA SER A 40 -5.67 12.75 -3.52
C SER A 40 -4.32 13.09 -2.92
N ILE A 41 -3.69 12.10 -2.31
CA ILE A 41 -2.38 12.29 -1.69
C ILE A 41 -1.35 11.32 -2.26
N ASP A 42 -0.09 11.51 -1.90
CA ASP A 42 0.99 10.64 -2.37
C ASP A 42 1.43 9.66 -1.29
N THR A 43 2.46 8.88 -1.61
CA THR A 43 3.00 7.90 -0.67
C THR A 43 3.47 8.56 0.64
N PRO A 44 4.32 9.60 0.56
CA PRO A 44 4.81 10.30 1.77
C PRO A 44 3.67 10.83 2.62
N GLY A 45 2.57 11.21 1.95
CA GLY A 45 1.43 11.74 2.66
C GLY A 45 0.73 10.68 3.49
N VAL A 46 0.52 9.51 2.88
CA VAL A 46 -0.14 8.40 3.57
C VAL A 46 0.69 7.94 4.77
N ILE A 47 2.00 7.87 4.59
CA ILE A 47 2.90 7.44 5.66
C ILE A 47 2.83 8.39 6.85
N SER A 48 3.05 9.67 6.59
CA SER A 48 3.02 10.70 7.64
C SER A 48 1.69 10.72 8.39
N ARG A 49 0.60 10.89 7.63
CA ARG A 49 -0.73 10.95 8.21
C ARG A 49 -1.00 9.75 9.11
N VAL A 50 -0.82 8.55 8.57
CA VAL A 50 -1.05 7.32 9.33
C VAL A 50 -0.16 7.26 10.57
N SER A 51 1.07 7.75 10.44
CA SER A 51 2.02 7.75 11.55
C SER A 51 1.47 8.52 12.74
N GLN A 52 0.94 9.71 12.47
CA GLN A 52 0.37 10.55 13.52
C GLN A 52 -1.08 10.17 13.81
N LEU A 53 -1.66 9.35 12.94
CA LEU A 53 -3.03 8.91 13.10
C LEU A 53 -3.13 7.83 14.18
N PHE A 54 -2.03 7.12 14.39
CA PHE A 54 -1.99 6.06 15.40
C PHE A 54 -1.21 6.51 16.63
N LYS A 55 -1.27 7.80 16.94
CA LYS A 55 -0.58 8.35 18.09
C LYS A 55 -1.05 7.67 19.38
N GLY A 56 -0.19 6.84 19.95
CA GLY A 56 -0.54 6.14 21.17
C GLY A 56 0.18 4.81 21.31
N HIS A 57 0.17 4.01 20.23
CA HIS A 57 0.83 2.72 20.24
C HIS A 57 1.84 2.61 19.09
N PRO A 58 3.15 2.72 19.40
CA PRO A 58 4.20 2.64 18.38
C PRO A 58 4.30 1.25 17.77
N ASP A 59 3.59 0.30 18.36
CA ASP A 59 3.59 -1.08 17.88
C ASP A 59 2.92 -1.19 16.52
N LEU A 60 1.68 -0.69 16.43
CA LEU A 60 0.93 -0.73 15.18
C LEU A 60 1.69 0.00 14.07
N ILE A 61 2.23 1.16 14.40
CA ILE A 61 2.99 1.95 13.44
C ILE A 61 4.21 1.18 12.94
N MET A 62 4.89 0.49 13.86
CA MET A 62 6.07 -0.29 13.51
C MET A 62 5.70 -1.42 12.54
N GLY A 63 4.59 -2.09 12.81
CA GLY A 63 4.14 -3.18 11.96
C GLY A 63 3.71 -2.69 10.60
N PHE A 64 3.19 -1.47 10.53
CA PHE A 64 2.74 -0.89 9.28
C PHE A 64 3.92 -0.53 8.39
N ASN A 65 4.97 0.00 9.02
CA ASN A 65 6.17 0.40 8.28
C ASN A 65 6.81 -0.81 7.59
N THR A 66 6.57 -1.99 8.14
CA THR A 66 7.13 -3.22 7.57
C THR A 66 6.58 -3.48 6.17
N PHE A 67 5.29 -3.20 5.97
CA PHE A 67 4.66 -3.40 4.67
C PHE A 67 5.37 -2.60 3.58
N LEU A 68 5.57 -1.31 3.83
CA LEU A 68 6.24 -0.43 2.87
C LEU A 68 7.59 -1.00 2.46
N PRO A 69 8.09 -0.63 1.27
CA PRO A 69 9.39 -1.10 0.77
C PRO A 69 10.56 -0.59 1.60
N PRO A 70 11.32 -1.49 2.25
CA PRO A 70 12.47 -1.11 3.07
C PRO A 70 13.55 -0.39 2.26
N GLY A 71 14.07 0.70 2.81
CA GLY A 71 15.10 1.46 2.12
C GLY A 71 14.83 2.95 2.12
N SER B 1 -19.25 -17.93 -0.60
CA SER B 1 -20.26 -17.67 -1.64
C SER B 1 -20.14 -16.25 -2.20
N SER B 2 -20.27 -15.27 -1.32
CA SER B 2 -20.16 -13.87 -1.73
C SER B 2 -19.21 -13.11 -0.83
N THR B 3 -19.08 -11.81 -1.05
CA THR B 3 -18.19 -10.97 -0.27
C THR B 3 -18.75 -10.73 1.12
N TRP B 4 -17.90 -10.84 2.14
CA TRP B 4 -18.31 -10.64 3.52
C TRP B 4 -18.00 -9.21 3.96
N LEU B 5 -16.73 -8.85 3.97
CA LEU B 5 -16.30 -7.52 4.38
C LEU B 5 -16.86 -6.45 3.44
N SER B 6 -16.93 -5.22 3.94
CA SER B 6 -17.45 -4.10 3.16
C SER B 6 -16.51 -3.78 1.99
N GLU B 7 -16.97 -2.90 1.11
CA GLU B 7 -16.18 -2.50 -0.05
C GLU B 7 -14.96 -1.69 0.38
N ALA B 8 -15.19 -0.72 1.25
CA ALA B 8 -14.11 0.15 1.75
C ALA B 8 -12.96 -0.67 2.33
N GLU B 9 -13.27 -1.89 2.75
CA GLU B 9 -12.26 -2.77 3.33
C GLU B 9 -11.29 -3.27 2.27
N MET B 10 -11.83 -3.91 1.24
CA MET B 10 -11.02 -4.46 0.16
C MET B 10 -10.32 -3.35 -0.64
N ILE B 11 -10.93 -2.18 -0.67
CA ILE B 11 -10.36 -1.05 -1.41
C ILE B 11 -9.17 -0.45 -0.67
N ALA B 12 -9.39 -0.10 0.59
CA ALA B 12 -8.33 0.49 1.41
C ALA B 12 -7.12 -0.44 1.44
N LEU B 13 -7.37 -1.71 1.73
CA LEU B 13 -6.30 -2.69 1.79
C LEU B 13 -5.62 -2.82 0.43
N ALA B 14 -6.42 -2.83 -0.63
CA ALA B 14 -5.87 -2.92 -1.98
C ALA B 14 -4.79 -1.87 -2.16
N GLY B 15 -5.10 -0.64 -1.73
CA GLY B 15 -4.14 0.43 -1.83
C GLY B 15 -2.94 0.22 -0.93
N LEU B 16 -3.18 -0.44 0.22
CA LEU B 16 -2.11 -0.73 1.16
C LEU B 16 -1.02 -1.58 0.51
N LEU B 17 -1.44 -2.71 -0.07
CA LEU B 17 -0.52 -3.61 -0.74
C LEU B 17 -0.08 -3.07 -2.09
N GLN B 18 -0.86 -2.11 -2.62
CA GLN B 18 -0.53 -1.50 -3.90
C GLN B 18 0.53 -0.42 -3.74
N MET B 19 0.53 0.22 -2.58
CA MET B 19 1.49 1.28 -2.28
C MET B 19 2.80 0.68 -1.78
N SER B 20 2.71 -0.36 -0.97
CA SER B 20 3.88 -1.02 -0.43
C SER B 20 4.71 -1.67 -1.54
N GLN B 21 4.13 -1.76 -2.72
CA GLN B 21 4.82 -2.36 -3.87
C GLN B 21 5.13 -1.30 -4.92
N GLY B 22 4.55 -0.10 -4.74
CA GLY B 22 4.77 0.97 -5.69
C GLY B 22 5.20 2.25 -5.01
N GLU B 23 6.48 2.35 -4.66
CA GLU B 23 7.02 3.53 -4.00
C GLU B 23 6.99 4.73 -4.94
N GLN B 24 7.59 4.57 -6.12
CA GLN B 24 7.64 5.65 -7.10
C GLN B 24 6.26 5.84 -7.75
N THR B 25 6.23 6.53 -8.89
CA THR B 25 4.97 6.80 -9.58
C THR B 25 4.57 5.68 -10.56
N PRO B 26 5.52 4.95 -11.20
CA PRO B 26 5.17 3.89 -12.14
C PRO B 26 4.87 2.57 -11.43
N ASN B 27 5.92 1.89 -10.95
CA ASN B 27 5.77 0.62 -10.26
C ASN B 27 7.10 0.15 -9.69
N CYS B 28 7.09 -0.26 -8.42
CA CYS B 28 8.29 -0.74 -7.75
C CYS B 28 9.35 0.36 -7.68
N VAL B 29 10.41 0.10 -6.91
CA VAL B 29 11.49 1.06 -6.76
C VAL B 29 12.52 0.91 -7.87
N ALA B 30 12.23 0.03 -8.82
CA ALA B 30 13.13 -0.22 -9.94
C ALA B 30 12.93 0.82 -11.05
N SER B 31 14.00 1.50 -11.42
CA SER B 31 13.94 2.52 -12.46
C SER B 31 15.31 2.70 -13.13
N SER B 32 15.32 2.67 -14.45
CA SER B 32 16.57 2.84 -15.20
C SER B 32 16.28 3.35 -16.61
N LEU B 33 15.03 3.72 -16.88
CA LEU B 33 14.63 4.21 -18.18
C LEU B 33 14.53 5.75 -18.20
N PRO B 34 13.80 6.36 -17.25
CA PRO B 34 13.65 7.83 -17.21
C PRO B 34 14.94 8.54 -16.83
N SER B 35 15.45 8.25 -15.64
CA SER B 35 16.68 8.88 -15.16
C SER B 35 17.89 7.97 -15.39
N THR B 36 17.64 6.67 -15.46
CA THR B 36 18.69 5.68 -15.67
C THR B 36 19.56 5.52 -14.43
N SER B 37 19.49 6.50 -13.52
CA SER B 37 20.28 6.47 -12.29
C SER B 37 21.78 6.37 -12.58
N CYS B 38 22.46 7.50 -12.55
CA CYS B 38 23.89 7.55 -12.81
C CYS B 38 24.51 8.86 -12.34
N PRO B 39 24.45 9.14 -11.03
CA PRO B 39 24.99 10.36 -10.45
C PRO B 39 26.49 10.27 -10.17
N ASP B 40 27.07 9.13 -10.50
CA ASP B 40 28.51 8.90 -10.27
C ASP B 40 29.34 9.31 -11.49
N PRO B 41 28.99 8.80 -12.70
CA PRO B 41 29.74 9.13 -13.92
C PRO B 41 29.54 10.57 -14.35
N VAL B 42 30.62 11.34 -14.33
CA VAL B 42 30.58 12.75 -14.71
C VAL B 42 31.68 13.08 -15.71
N SER B 43 31.31 13.74 -16.81
CA SER B 43 32.27 14.11 -17.84
C SER B 43 33.26 15.13 -17.30
N VAL B 44 34.42 14.64 -16.85
CA VAL B 44 35.46 15.50 -16.31
C VAL B 44 36.83 15.12 -16.86
N SER B 45 37.00 13.84 -17.20
CA SER B 45 38.25 13.34 -17.74
C SER B 45 38.01 12.15 -18.67
N GLU B 46 36.75 11.92 -19.01
CA GLU B 46 36.38 10.82 -19.89
C GLU B 46 36.49 11.22 -21.36
N ASP B 47 35.46 11.87 -21.87
CA ASP B 47 35.45 12.32 -23.27
C ASP B 47 34.62 13.59 -23.43
N PRO B 48 35.12 14.58 -24.20
CA PRO B 48 34.41 15.83 -24.44
C PRO B 48 33.37 15.71 -25.54
N GLY B 49 32.95 16.85 -26.09
CA GLY B 49 31.96 16.85 -27.15
C GLY B 49 32.59 17.04 -28.51
N PRO B 50 32.96 18.28 -28.88
CA PRO B 50 33.57 18.59 -30.17
C PRO B 50 35.06 18.26 -30.21
N SER B 51 35.42 17.25 -30.99
CA SER B 51 36.81 16.83 -31.13
C SER B 51 37.39 16.43 -29.77
N GLY B 52 38.65 16.01 -29.78
CA GLY B 52 39.31 15.60 -28.55
C GLY B 52 40.65 16.28 -28.35
N ASP B 53 41.39 15.82 -27.35
CA ASP B 53 42.71 16.38 -27.05
C ASP B 53 42.62 17.88 -26.80
N GLN B 54 41.43 18.34 -26.41
CA GLN B 54 41.22 19.75 -26.14
C GLN B 54 40.53 19.95 -24.79
N SER B 55 39.35 19.36 -24.64
CA SER B 55 38.59 19.46 -23.41
C SER B 55 38.13 18.09 -22.93
N CYS B 56 37.29 18.07 -21.90
CA CYS B 56 36.76 16.83 -21.35
C CYS B 56 35.30 16.98 -20.94
N SER B 57 34.68 18.07 -21.39
CA SER B 57 33.28 18.33 -21.06
C SER B 57 32.42 18.27 -22.32
N GLY B 58 31.55 17.26 -22.39
CA GLY B 58 30.68 17.11 -23.54
C GLY B 58 29.89 15.81 -23.51
N THR B 59 28.57 15.92 -23.53
CA THR B 59 27.71 14.75 -23.53
C THR B 59 27.19 14.43 -24.92
N ASP B 60 26.90 15.48 -25.69
CA ASP B 60 26.40 15.31 -27.05
C ASP B 60 26.52 16.60 -27.85
N THR B 61 26.87 17.69 -27.16
CA THR B 61 27.03 18.99 -27.80
C THR B 61 28.38 19.10 -28.51
N GLN A 1 10.30 -8.37 -1.89
CA GLN A 1 9.77 -8.98 -3.13
C GLN A 1 8.60 -9.91 -2.82
N ARG A 2 8.61 -10.47 -1.61
CA ARG A 2 7.56 -11.39 -1.19
C ARG A 2 6.58 -10.69 -0.23
N LEU A 3 5.33 -10.60 -0.65
CA LEU A 3 4.30 -9.96 0.16
C LEU A 3 2.92 -10.56 -0.12
N LYS A 4 2.13 -10.73 0.93
CA LYS A 4 0.80 -11.30 0.80
C LYS A 4 -0.26 -10.31 1.30
N VAL A 5 -1.42 -10.32 0.65
CA VAL A 5 -2.51 -9.43 1.03
C VAL A 5 -3.20 -9.92 2.30
N GLU A 6 -3.33 -11.23 2.43
CA GLU A 6 -3.96 -11.83 3.60
C GLU A 6 -3.24 -11.41 4.88
N ASP A 7 -1.95 -11.12 4.75
CA ASP A 7 -1.15 -10.69 5.90
C ASP A 7 -1.64 -9.34 6.36
N ALA A 8 -1.88 -8.45 5.40
CA ALA A 8 -2.36 -7.12 5.70
C ALA A 8 -3.75 -7.20 6.33
N LEU A 9 -4.50 -8.23 5.93
CA LEU A 9 -5.83 -8.45 6.46
C LEU A 9 -5.74 -8.78 7.94
N SER A 10 -4.87 -9.72 8.29
CA SER A 10 -4.67 -10.10 9.67
C SER A 10 -4.34 -8.85 10.48
N TYR A 11 -3.53 -7.98 9.87
CA TYR A 11 -3.15 -6.73 10.49
C TYR A 11 -4.36 -5.81 10.62
N LEU A 12 -5.27 -5.89 9.65
CA LEU A 12 -6.48 -5.08 9.68
C LEU A 12 -7.30 -5.39 10.92
N ASP A 13 -7.52 -6.67 11.16
CA ASP A 13 -8.28 -7.11 12.33
C ASP A 13 -7.51 -6.77 13.60
N GLN A 14 -6.18 -6.82 13.51
CA GLN A 14 -5.32 -6.50 14.65
C GLN A 14 -5.62 -5.10 15.15
N VAL A 15 -5.69 -4.15 14.22
CA VAL A 15 -5.97 -2.76 14.56
C VAL A 15 -7.40 -2.61 15.10
N LYS A 16 -8.35 -3.23 14.40
CA LYS A 16 -9.75 -3.18 14.81
C LYS A 16 -9.92 -3.79 16.20
N LEU A 17 -8.97 -4.65 16.58
CA LEU A 17 -9.02 -5.31 17.88
C LEU A 17 -8.54 -4.37 18.98
N GLN A 18 -7.31 -3.89 18.85
CA GLN A 18 -6.73 -2.99 19.83
C GLN A 18 -7.61 -1.76 20.05
N PHE A 19 -7.91 -1.05 18.97
CA PHE A 19 -8.74 0.14 19.04
C PHE A 19 -10.22 -0.21 18.97
N GLY A 20 -10.59 -1.33 19.58
CA GLY A 20 -11.98 -1.77 19.58
C GLY A 20 -12.90 -0.77 20.23
N SER A 21 -12.37 0.02 21.16
CA SER A 21 -13.17 1.01 21.86
C SER A 21 -13.22 2.31 21.07
N GLN A 22 -12.23 2.51 20.20
CA GLN A 22 -12.17 3.71 19.38
C GLN A 22 -12.13 3.36 17.89
N PRO A 23 -13.32 3.27 17.24
CA PRO A 23 -13.40 2.94 15.81
C PRO A 23 -13.12 4.15 14.93
N GLN A 24 -13.12 5.33 15.53
CA GLN A 24 -12.89 6.57 14.81
C GLN A 24 -11.54 6.54 14.09
N VAL A 25 -10.55 5.89 14.69
CA VAL A 25 -9.23 5.79 14.10
C VAL A 25 -9.24 4.83 12.92
N TYR A 26 -10.07 3.79 13.01
CA TYR A 26 -10.19 2.80 11.96
C TYR A 26 -10.69 3.43 10.67
N ASN A 27 -11.85 4.08 10.76
CA ASN A 27 -12.45 4.74 9.59
C ASN A 27 -11.49 5.76 8.99
N ASP A 28 -10.75 6.45 9.85
CA ASP A 28 -9.78 7.45 9.40
C ASP A 28 -8.65 6.81 8.61
N PHE A 29 -8.22 5.62 9.06
CA PHE A 29 -7.13 4.90 8.39
C PHE A 29 -7.55 4.49 6.98
N LEU A 30 -8.62 3.70 6.89
CA LEU A 30 -9.11 3.23 5.60
C LEU A 30 -9.47 4.41 4.70
N ASP A 31 -10.06 5.45 5.29
CA ASP A 31 -10.42 6.64 4.53
C ASP A 31 -9.20 7.19 3.82
N ILE A 32 -8.11 7.32 4.58
CA ILE A 32 -6.86 7.81 4.03
C ILE A 32 -6.43 6.96 2.84
N MET A 33 -6.47 5.65 3.02
CA MET A 33 -6.10 4.73 1.95
C MET A 33 -6.91 5.00 0.69
N LYS A 34 -8.18 5.34 0.87
CA LYS A 34 -9.07 5.63 -0.26
C LYS A 34 -8.64 6.93 -0.92
N GLU A 35 -8.18 7.89 -0.12
CA GLU A 35 -7.73 9.17 -0.65
C GLU A 35 -6.56 8.95 -1.60
N PHE A 36 -5.66 8.06 -1.21
CA PHE A 36 -4.50 7.72 -2.03
C PHE A 36 -4.91 6.79 -3.16
N LYS A 37 -5.96 6.02 -2.93
CA LYS A 37 -6.47 5.08 -3.92
C LYS A 37 -7.19 5.81 -5.05
N SER A 38 -7.75 6.98 -4.73
CA SER A 38 -8.46 7.78 -5.72
C SER A 38 -7.56 8.89 -6.27
N GLN A 39 -7.52 10.02 -5.54
CA GLN A 39 -6.70 11.15 -5.94
C GLN A 39 -6.70 12.23 -4.86
N SER A 40 -5.60 12.33 -4.13
CA SER A 40 -5.48 13.32 -3.06
C SER A 40 -4.03 13.43 -2.57
N ILE A 41 -3.57 12.38 -1.90
CA ILE A 41 -2.22 12.36 -1.36
C ILE A 41 -1.38 11.25 -2.01
N ASP A 42 -0.08 11.31 -1.78
CA ASP A 42 0.85 10.32 -2.33
C ASP A 42 1.37 9.40 -1.23
N THR A 43 2.33 8.55 -1.57
CA THR A 43 2.92 7.62 -0.61
C THR A 43 3.38 8.34 0.66
N PRO A 44 4.18 9.43 0.54
CA PRO A 44 4.66 10.18 1.70
C PRO A 44 3.51 10.73 2.53
N GLY A 45 2.42 11.09 1.85
CA GLY A 45 1.26 11.62 2.53
C GLY A 45 0.55 10.58 3.36
N VAL A 46 0.59 9.33 2.90
CA VAL A 46 -0.05 8.23 3.60
C VAL A 46 0.74 7.85 4.84
N ILE A 47 2.06 7.75 4.69
CA ILE A 47 2.93 7.39 5.82
C ILE A 47 2.88 8.44 6.91
N SER A 48 2.89 9.71 6.51
CA SER A 48 2.86 10.82 7.46
C SER A 48 1.51 10.90 8.19
N ARG A 49 0.43 10.96 7.43
CA ARG A 49 -0.91 11.05 8.00
C ARG A 49 -1.20 9.87 8.92
N VAL A 50 -0.87 8.67 8.46
CA VAL A 50 -1.10 7.46 9.25
C VAL A 50 -0.30 7.50 10.56
N SER A 51 0.97 7.89 10.46
CA SER A 51 1.83 7.96 11.63
C SER A 51 1.26 8.94 12.66
N GLN A 52 0.66 10.02 12.17
CA GLN A 52 0.07 11.03 13.03
C GLN A 52 -1.35 10.63 13.44
N LEU A 53 -1.93 9.69 12.69
CA LEU A 53 -3.28 9.22 12.95
C LEU A 53 -3.30 8.29 14.17
N PHE A 54 -2.25 7.49 14.31
CA PHE A 54 -2.13 6.55 15.41
C PHE A 54 -1.17 7.08 16.47
N LYS A 55 -1.08 8.41 16.57
CA LYS A 55 -0.20 9.04 17.54
C LYS A 55 -0.50 8.55 18.95
N GLY A 56 0.41 7.77 19.51
CA GLY A 56 0.23 7.25 20.86
C GLY A 56 0.69 5.81 20.98
N HIS A 57 0.46 5.02 19.94
CA HIS A 57 0.86 3.61 19.93
C HIS A 57 1.81 3.32 18.77
N PRO A 58 3.13 3.27 19.04
CA PRO A 58 4.13 3.00 18.00
C PRO A 58 4.15 1.52 17.59
N ASP A 59 3.31 0.72 18.24
CA ASP A 59 3.24 -0.70 17.94
C ASP A 59 2.67 -0.94 16.55
N LEU A 60 1.44 -0.48 16.33
CA LEU A 60 0.78 -0.64 15.05
C LEU A 60 1.57 0.06 13.94
N ILE A 61 2.07 1.25 14.24
CA ILE A 61 2.84 2.02 13.28
C ILE A 61 4.10 1.26 12.88
N MET A 62 4.73 0.59 13.84
CA MET A 62 5.94 -0.17 13.59
C MET A 62 5.64 -1.31 12.62
N GLY A 63 4.62 -2.11 12.93
CA GLY A 63 4.26 -3.22 12.07
C GLY A 63 3.78 -2.76 10.72
N PHE A 64 3.27 -1.53 10.65
CA PHE A 64 2.77 -0.96 9.41
C PHE A 64 3.93 -0.55 8.50
N ASN A 65 5.00 -0.04 9.10
CA ASN A 65 6.17 0.39 8.35
C ASN A 65 6.88 -0.82 7.72
N THR A 66 6.54 -2.01 8.21
CA THR A 66 7.14 -3.23 7.70
C THR A 66 6.58 -3.59 6.32
N PHE A 67 5.29 -3.36 6.13
CA PHE A 67 4.64 -3.67 4.85
C PHE A 67 5.32 -2.91 3.72
N LEU A 68 5.67 -1.65 3.97
CA LEU A 68 6.33 -0.83 2.96
C LEU A 68 7.65 -1.46 2.53
N PRO A 69 8.11 -1.14 1.31
CA PRO A 69 9.38 -1.68 0.78
C PRO A 69 10.60 -1.14 1.52
N PRO A 70 11.37 -2.02 2.18
CA PRO A 70 12.57 -1.61 2.92
C PRO A 70 13.54 -0.81 2.05
N GLY A 71 14.29 0.09 2.69
CA GLY A 71 15.25 0.90 1.96
C GLY A 71 14.74 2.31 1.72
N SER B 1 -14.40 -14.79 -4.65
CA SER B 1 -15.87 -14.74 -4.78
C SER B 1 -16.54 -14.66 -3.41
N SER B 2 -15.80 -15.05 -2.37
CA SER B 2 -16.31 -15.03 -1.01
C SER B 2 -15.61 -13.97 -0.18
N THR B 3 -16.38 -13.21 0.59
CA THR B 3 -15.84 -12.15 1.43
C THR B 3 -16.82 -11.77 2.53
N TRP B 4 -16.29 -11.35 3.68
CA TRP B 4 -17.12 -10.95 4.81
C TRP B 4 -17.10 -9.43 4.98
N LEU B 5 -15.97 -8.82 4.65
CA LEU B 5 -15.83 -7.37 4.77
C LEU B 5 -16.55 -6.66 3.64
N SER B 6 -16.70 -5.34 3.77
CA SER B 6 -17.38 -4.55 2.75
C SER B 6 -16.42 -4.16 1.63
N GLU B 7 -16.91 -3.37 0.68
CA GLU B 7 -16.09 -2.94 -0.45
C GLU B 7 -15.05 -1.91 -0.02
N ALA B 8 -15.46 -0.97 0.83
CA ALA B 8 -14.56 0.07 1.31
C ALA B 8 -13.31 -0.53 1.93
N GLU B 9 -13.48 -1.62 2.66
CA GLU B 9 -12.36 -2.29 3.30
C GLU B 9 -11.38 -2.83 2.26
N MET B 10 -11.92 -3.51 1.25
CA MET B 10 -11.11 -4.09 0.19
C MET B 10 -10.37 -2.99 -0.59
N ILE B 11 -10.95 -1.79 -0.62
CA ILE B 11 -10.34 -0.68 -1.33
C ILE B 11 -9.12 -0.14 -0.59
N ALA B 12 -9.31 0.19 0.69
CA ALA B 12 -8.22 0.71 1.50
C ALA B 12 -7.06 -0.27 1.49
N LEU B 13 -7.36 -1.55 1.73
CA LEU B 13 -6.33 -2.57 1.75
C LEU B 13 -5.69 -2.70 0.37
N ALA B 14 -6.50 -2.57 -0.68
CA ALA B 14 -5.99 -2.65 -2.03
C ALA B 14 -4.82 -1.68 -2.19
N GLY B 15 -5.05 -0.44 -1.77
CA GLY B 15 -4.00 0.57 -1.84
C GLY B 15 -2.81 0.20 -0.97
N LEU B 16 -3.09 -0.44 0.17
CA LEU B 16 -2.05 -0.86 1.09
C LEU B 16 -1.05 -1.80 0.40
N LEU B 17 -1.57 -2.89 -0.15
CA LEU B 17 -0.74 -3.88 -0.83
C LEU B 17 -0.25 -3.35 -2.18
N GLN B 18 -0.91 -2.32 -2.68
CA GLN B 18 -0.54 -1.72 -3.96
C GLN B 18 0.58 -0.70 -3.79
N MET B 19 0.64 -0.11 -2.60
CA MET B 19 1.66 0.90 -2.30
C MET B 19 2.94 0.23 -1.81
N SER B 20 2.78 -0.84 -1.04
CA SER B 20 3.93 -1.57 -0.51
C SER B 20 4.82 -2.08 -1.65
N GLN B 21 4.25 -2.12 -2.85
CA GLN B 21 4.98 -2.57 -4.03
C GLN B 21 5.05 -1.46 -5.07
N GLY B 22 4.12 -0.51 -4.99
CA GLY B 22 4.08 0.58 -5.92
C GLY B 22 5.04 1.69 -5.56
N GLU B 23 4.51 2.77 -4.99
CA GLU B 23 5.32 3.91 -4.59
C GLU B 23 6.15 4.42 -5.76
N GLN B 24 5.51 5.18 -6.65
CA GLN B 24 6.18 5.75 -7.81
C GLN B 24 6.87 4.66 -8.64
N THR B 25 6.15 4.16 -9.64
CA THR B 25 6.69 3.10 -10.51
C THR B 25 5.80 2.92 -11.74
N PRO B 26 6.40 2.64 -12.91
CA PRO B 26 5.65 2.44 -14.16
C PRO B 26 5.02 1.06 -14.24
N ASN B 27 4.84 0.42 -13.09
CA ASN B 27 4.25 -0.92 -13.05
C ASN B 27 2.79 -0.84 -12.59
N CYS B 28 2.57 -0.31 -11.40
CA CYS B 28 1.23 -0.19 -10.84
C CYS B 28 0.85 1.28 -10.67
N VAL B 29 1.79 2.08 -10.17
CA VAL B 29 1.55 3.50 -9.95
C VAL B 29 1.46 4.25 -11.28
N ALA B 30 0.60 5.27 -11.32
CA ALA B 30 0.42 6.06 -12.53
C ALA B 30 0.99 7.46 -12.34
N SER B 31 2.11 7.73 -13.00
CA SER B 31 2.76 9.04 -12.91
C SER B 31 2.45 9.90 -14.13
N SER B 32 3.11 11.05 -14.24
CA SER B 32 2.89 11.95 -15.36
C SER B 32 4.22 12.49 -15.89
N LEU B 33 5.27 12.38 -15.09
CA LEU B 33 6.59 12.86 -15.48
C LEU B 33 7.32 11.85 -16.37
N PRO B 34 7.44 10.58 -15.93
CA PRO B 34 8.12 9.54 -16.71
C PRO B 34 7.30 9.06 -17.90
N SER B 35 6.10 8.56 -17.62
CA SER B 35 5.21 8.06 -18.66
C SER B 35 3.77 8.04 -18.17
N THR B 36 2.90 8.80 -18.83
CA THR B 36 1.49 8.87 -18.46
C THR B 36 0.83 7.50 -18.57
N SER B 37 0.44 7.13 -19.78
CA SER B 37 -0.21 5.85 -20.03
C SER B 37 -0.43 5.62 -21.52
N CYS B 38 -1.19 6.51 -22.14
CA CYS B 38 -1.48 6.44 -23.57
C CYS B 38 -2.11 5.09 -23.92
N PRO B 39 -3.40 4.92 -23.61
CA PRO B 39 -4.14 3.68 -23.90
C PRO B 39 -4.56 3.59 -25.36
N ASP B 40 -3.70 4.09 -26.25
CA ASP B 40 -3.97 4.09 -27.69
C ASP B 40 -5.20 4.95 -28.00
N PRO B 41 -5.04 6.29 -27.99
CA PRO B 41 -6.14 7.21 -28.29
C PRO B 41 -6.59 7.12 -29.73
N VAL B 42 -7.89 6.88 -29.92
CA VAL B 42 -8.46 6.78 -31.27
C VAL B 42 -9.43 7.92 -31.54
N SER B 43 -9.08 8.78 -32.50
CA SER B 43 -9.91 9.91 -32.86
C SER B 43 -10.20 10.79 -31.65
N VAL B 44 -9.33 10.71 -30.65
CA VAL B 44 -9.49 11.50 -29.43
C VAL B 44 -9.64 12.99 -29.74
N SER B 45 -10.52 13.65 -29.01
CA SER B 45 -10.76 15.07 -29.22
C SER B 45 -10.12 15.90 -28.10
N GLU B 46 -10.31 17.20 -28.14
CA GLU B 46 -9.75 18.09 -27.12
C GLU B 46 -10.85 18.69 -26.24
N ASP B 47 -12.02 18.94 -26.85
CA ASP B 47 -13.15 19.51 -26.13
C ASP B 47 -14.46 18.90 -26.60
N PRO B 48 -15.05 17.98 -25.80
CA PRO B 48 -16.31 17.32 -26.15
C PRO B 48 -17.41 18.31 -26.50
N GLY B 49 -17.59 19.32 -25.64
CA GLY B 49 -18.61 20.33 -25.88
C GLY B 49 -18.74 21.30 -24.72
N PRO B 50 -19.87 22.03 -24.63
CA PRO B 50 -20.10 23.00 -23.56
C PRO B 50 -20.09 22.35 -22.17
N SER B 51 -21.08 21.50 -21.92
CA SER B 51 -21.19 20.82 -20.64
C SER B 51 -22.13 19.61 -20.75
N GLY B 52 -22.10 18.75 -19.74
CA GLY B 52 -22.94 17.57 -19.73
C GLY B 52 -22.23 16.35 -20.27
N ASP B 53 -21.55 15.63 -19.38
CA ASP B 53 -20.81 14.43 -19.76
C ASP B 53 -19.72 14.74 -20.79
N GLN B 54 -18.48 14.78 -20.33
CA GLN B 54 -17.35 15.09 -21.21
C GLN B 54 -17.17 14.00 -22.27
N SER B 55 -16.50 12.91 -21.89
CA SER B 55 -16.24 11.79 -22.79
C SER B 55 -15.39 12.24 -23.98
N CYS B 56 -16.04 12.79 -25.00
CA CYS B 56 -15.34 13.27 -26.19
C CYS B 56 -16.29 14.07 -27.08
N SER B 57 -15.77 14.56 -28.20
CA SER B 57 -16.57 15.35 -29.13
C SER B 57 -17.79 14.57 -29.60
N GLY B 58 -18.96 14.92 -29.03
CA GLY B 58 -20.18 14.25 -29.39
C GLY B 58 -20.88 13.63 -28.19
N THR B 59 -22.20 13.64 -28.20
CA THR B 59 -22.98 13.08 -27.10
C THR B 59 -23.38 11.64 -27.39
N ASP B 60 -23.83 11.38 -28.61
CA ASP B 60 -24.25 10.04 -29.01
C ASP B 60 -23.27 9.46 -30.03
N THR B 61 -22.22 10.20 -30.34
CA THR B 61 -21.21 9.76 -31.30
C THR B 61 -19.87 10.43 -31.04
N GLN A 1 9.09 -14.00 3.68
CA GLN A 1 9.01 -15.02 2.60
C GLN A 1 8.24 -14.49 1.40
N ARG A 2 6.96 -14.17 1.62
CA ARG A 2 6.10 -13.66 0.56
C ARG A 2 5.07 -12.70 1.12
N LEU A 3 5.09 -11.46 0.66
CA LEU A 3 4.15 -10.45 1.11
C LEU A 3 2.79 -10.62 0.44
N LYS A 4 1.87 -11.27 1.15
CA LYS A 4 0.52 -11.51 0.63
C LYS A 4 -0.46 -10.50 1.20
N VAL A 5 -1.55 -10.25 0.48
CA VAL A 5 -2.58 -9.31 0.92
C VAL A 5 -3.14 -9.73 2.28
N GLU A 6 -3.23 -11.04 2.50
CA GLU A 6 -3.75 -11.58 3.75
C GLU A 6 -2.95 -11.07 4.94
N ASP A 7 -1.70 -10.66 4.69
CA ASP A 7 -0.85 -10.15 5.75
C ASP A 7 -1.37 -8.80 6.23
N ALA A 8 -1.73 -7.95 5.27
CA ALA A 8 -2.26 -6.63 5.58
C ALA A 8 -3.61 -6.77 6.27
N LEU A 9 -4.40 -7.74 5.82
CA LEU A 9 -5.71 -7.98 6.41
C LEU A 9 -5.57 -8.37 7.87
N SER A 10 -4.58 -9.23 8.15
CA SER A 10 -4.32 -9.67 9.51
C SER A 10 -3.92 -8.47 10.36
N TYR A 11 -3.13 -7.59 9.77
CA TYR A 11 -2.67 -6.38 10.44
C TYR A 11 -3.85 -5.52 10.88
N LEU A 12 -4.76 -5.27 9.94
CA LEU A 12 -5.94 -4.47 10.21
C LEU A 12 -6.75 -5.08 11.34
N ASP A 13 -6.85 -6.42 11.34
CA ASP A 13 -7.58 -7.13 12.37
C ASP A 13 -6.94 -6.92 13.75
N GLN A 14 -5.61 -6.90 13.77
CA GLN A 14 -4.87 -6.69 15.01
C GLN A 14 -5.18 -5.32 15.59
N VAL A 15 -5.17 -4.30 14.73
CA VAL A 15 -5.47 -2.94 15.16
C VAL A 15 -6.89 -2.85 15.71
N LYS A 16 -7.82 -3.52 15.04
CA LYS A 16 -9.22 -3.52 15.45
C LYS A 16 -9.38 -4.27 16.77
N LEU A 17 -8.48 -5.21 17.02
CA LEU A 17 -8.52 -6.00 18.25
C LEU A 17 -8.07 -5.16 19.45
N GLN A 18 -6.91 -4.53 19.33
CA GLN A 18 -6.37 -3.70 20.40
C GLN A 18 -7.27 -2.51 20.69
N PHE A 19 -7.32 -1.57 19.75
CA PHE A 19 -8.14 -0.37 19.91
C PHE A 19 -9.59 -0.73 20.19
N GLY A 20 -10.07 -1.81 19.57
CA GLY A 20 -11.44 -2.24 19.77
C GLY A 20 -12.44 -1.29 19.16
N SER A 21 -12.80 -0.25 19.91
CA SER A 21 -13.76 0.74 19.45
C SER A 21 -13.24 1.45 18.20
N GLN A 22 -12.21 2.28 18.37
CA GLN A 22 -11.60 3.04 17.28
C GLN A 22 -12.65 3.49 16.24
N PRO A 23 -13.59 4.35 16.65
CA PRO A 23 -14.64 4.86 15.76
C PRO A 23 -14.07 5.73 14.64
N GLN A 24 -13.36 6.78 15.03
CA GLN A 24 -12.76 7.69 14.07
C GLN A 24 -11.45 7.14 13.51
N VAL A 25 -10.72 6.42 14.35
CA VAL A 25 -9.44 5.84 13.94
C VAL A 25 -9.60 4.93 12.72
N TYR A 26 -10.52 3.97 12.82
CA TYR A 26 -10.76 3.03 11.74
C TYR A 26 -11.22 3.75 10.47
N ASN A 27 -12.34 4.47 10.58
CA ASN A 27 -12.90 5.20 9.45
C ASN A 27 -11.85 6.09 8.77
N ASP A 28 -11.17 6.92 9.56
CA ASP A 28 -10.16 7.83 9.02
C ASP A 28 -9.06 7.07 8.26
N PHE A 29 -8.62 5.95 8.83
CA PHE A 29 -7.57 5.16 8.19
C PHE A 29 -7.99 4.69 6.80
N LEU A 30 -9.07 3.92 6.72
CA LEU A 30 -9.56 3.41 5.45
C LEU A 30 -9.95 4.54 4.51
N ASP A 31 -10.47 5.63 5.08
CA ASP A 31 -10.85 6.78 4.29
C ASP A 31 -9.64 7.35 3.60
N ILE A 32 -8.54 7.46 4.35
CA ILE A 32 -7.29 7.96 3.81
C ILE A 32 -6.85 7.13 2.62
N MET A 33 -6.89 5.82 2.81
CA MET A 33 -6.51 4.89 1.75
C MET A 33 -7.34 5.16 0.50
N LYS A 34 -8.66 5.27 0.69
CA LYS A 34 -9.56 5.53 -0.41
C LYS A 34 -9.18 6.80 -1.15
N GLU A 35 -8.68 7.79 -0.40
CA GLU A 35 -8.24 9.04 -0.99
C GLU A 35 -7.04 8.79 -1.88
N PHE A 36 -6.14 7.91 -1.42
CA PHE A 36 -4.95 7.55 -2.17
C PHE A 36 -5.34 6.80 -3.45
N LYS A 37 -6.37 5.96 -3.32
CA LYS A 37 -6.86 5.18 -4.44
C LYS A 37 -7.66 6.04 -5.40
N SER A 38 -8.26 7.10 -4.86
CA SER A 38 -9.05 8.03 -5.65
C SER A 38 -8.19 9.18 -6.16
N GLN A 39 -6.87 9.00 -6.08
CA GLN A 39 -5.91 10.01 -6.51
C GLN A 39 -6.05 11.29 -5.70
N SER A 40 -5.25 11.40 -4.65
CA SER A 40 -5.26 12.57 -3.79
C SER A 40 -3.88 12.81 -3.16
N ILE A 41 -3.50 11.93 -2.24
CA ILE A 41 -2.21 12.03 -1.57
C ILE A 41 -1.23 10.99 -2.10
N ASP A 42 0.05 11.16 -1.77
CA ASP A 42 1.08 10.23 -2.21
C ASP A 42 1.50 9.32 -1.07
N THR A 43 2.58 8.56 -1.29
CA THR A 43 3.09 7.64 -0.29
C THR A 43 3.42 8.37 1.02
N PRO A 44 4.20 9.47 0.97
CA PRO A 44 4.56 10.22 2.18
C PRO A 44 3.34 10.74 2.91
N GLY A 45 2.26 10.97 2.16
CA GLY A 45 1.03 11.46 2.76
C GLY A 45 0.32 10.40 3.58
N VAL A 46 0.28 9.19 3.06
CA VAL A 46 -0.37 8.08 3.74
C VAL A 46 0.40 7.69 5.01
N ILE A 47 1.72 7.61 4.88
CA ILE A 47 2.57 7.24 6.01
C ILE A 47 2.51 8.29 7.12
N SER A 48 2.61 9.57 6.73
CA SER A 48 2.57 10.67 7.69
C SER A 48 1.23 10.72 8.43
N ARG A 49 0.15 10.85 7.68
CA ARG A 49 -1.19 10.92 8.26
C ARG A 49 -1.46 9.74 9.18
N VAL A 50 -1.33 8.54 8.66
CA VAL A 50 -1.56 7.34 9.46
C VAL A 50 -0.67 7.31 10.69
N SER A 51 0.56 7.82 10.55
CA SER A 51 1.50 7.87 11.66
C SER A 51 0.94 8.73 12.78
N GLN A 52 0.32 9.85 12.40
CA GLN A 52 -0.27 10.77 13.37
C GLN A 52 -1.58 10.20 13.89
N LEU A 53 -2.18 9.29 13.12
CA LEU A 53 -3.44 8.66 13.50
C LEU A 53 -3.19 7.66 14.63
N PHE A 54 -2.07 6.95 14.55
CA PHE A 54 -1.71 5.97 15.56
C PHE A 54 -0.81 6.58 16.62
N LYS A 55 -0.92 7.89 16.79
CA LYS A 55 -0.11 8.61 17.77
C LYS A 55 -0.24 7.97 19.16
N GLY A 56 0.88 7.85 19.86
CA GLY A 56 0.89 7.27 21.18
C GLY A 56 0.98 5.76 21.15
N HIS A 57 1.08 5.19 19.94
CA HIS A 57 1.18 3.75 19.78
C HIS A 57 2.20 3.38 18.71
N PRO A 58 3.49 3.29 19.09
CA PRO A 58 4.56 2.94 18.15
C PRO A 58 4.59 1.45 17.83
N ASP A 59 3.64 0.71 18.39
CA ASP A 59 3.55 -0.73 18.17
C ASP A 59 3.05 -1.03 16.76
N LEU A 60 1.82 -0.63 16.48
CA LEU A 60 1.23 -0.86 15.16
C LEU A 60 2.05 -0.14 14.08
N ILE A 61 2.63 0.99 14.45
CA ILE A 61 3.44 1.78 13.51
C ILE A 61 4.70 1.03 13.12
N MET A 62 5.45 0.56 14.13
CA MET A 62 6.69 -0.18 13.88
C MET A 62 6.39 -1.46 13.10
N GLY A 63 5.21 -2.03 13.36
CA GLY A 63 4.82 -3.25 12.68
C GLY A 63 4.34 -3.00 11.26
N PHE A 64 3.84 -1.79 11.03
CA PHE A 64 3.34 -1.41 9.70
C PHE A 64 4.48 -1.00 8.79
N ASN A 65 5.54 -0.43 9.37
CA ASN A 65 6.69 0.02 8.61
C ASN A 65 7.37 -1.16 7.93
N THR A 66 7.11 -2.36 8.43
CA THR A 66 7.69 -3.58 7.87
C THR A 66 7.08 -3.90 6.51
N PHE A 67 5.77 -3.66 6.38
CA PHE A 67 5.07 -3.93 5.13
C PHE A 67 5.63 -3.09 4.00
N LEU A 68 5.86 -1.81 4.26
CA LEU A 68 6.40 -0.90 3.26
C LEU A 68 7.77 -1.39 2.77
N PRO A 69 8.08 -1.18 1.48
CA PRO A 69 9.35 -1.61 0.88
C PRO A 69 10.56 -1.03 1.64
N PRO A 70 11.42 -1.91 2.21
CA PRO A 70 12.60 -1.47 2.96
C PRO A 70 13.57 -0.68 2.09
N GLY A 71 14.12 0.39 2.65
CA GLY A 71 15.06 1.22 1.90
C GLY A 71 16.32 1.54 2.69
N SER B 1 -20.45 -16.44 -0.19
CA SER B 1 -21.67 -15.89 -0.85
C SER B 1 -21.75 -14.39 -0.70
N SER B 2 -21.52 -13.91 0.53
CA SER B 2 -21.57 -12.48 0.81
C SER B 2 -20.16 -11.90 0.87
N THR B 3 -20.08 -10.57 0.92
CA THR B 3 -18.80 -9.88 0.98
C THR B 3 -18.48 -9.43 2.40
N TRP B 4 -19.51 -9.35 3.24
CA TRP B 4 -19.36 -8.94 4.63
C TRP B 4 -18.86 -7.50 4.71
N LEU B 5 -17.54 -7.31 4.57
CA LEU B 5 -16.95 -5.98 4.62
C LEU B 5 -17.48 -5.09 3.50
N SER B 6 -17.55 -3.79 3.75
CA SER B 6 -18.03 -2.84 2.76
C SER B 6 -17.04 -2.71 1.60
N GLU B 7 -17.40 -1.89 0.61
CA GLU B 7 -16.53 -1.69 -0.55
C GLU B 7 -15.31 -0.88 -0.17
N ALA B 8 -15.51 0.17 0.61
CA ALA B 8 -14.42 1.03 1.05
C ALA B 8 -13.35 0.23 1.77
N GLU B 9 -13.74 -0.94 2.28
CA GLU B 9 -12.82 -1.81 2.99
C GLU B 9 -11.82 -2.45 2.04
N MET B 10 -12.34 -3.22 1.08
CA MET B 10 -11.49 -3.89 0.10
C MET B 10 -10.71 -2.88 -0.73
N ILE B 11 -11.24 -1.67 -0.84
CA ILE B 11 -10.58 -0.62 -1.61
C ILE B 11 -9.39 -0.06 -0.84
N ALA B 12 -9.61 0.28 0.42
CA ALA B 12 -8.55 0.82 1.26
C ALA B 12 -7.38 -0.15 1.32
N LEU B 13 -7.69 -1.42 1.61
CA LEU B 13 -6.65 -2.44 1.70
C LEU B 13 -5.97 -2.61 0.35
N ALA B 14 -6.75 -2.58 -0.72
CA ALA B 14 -6.19 -2.69 -2.06
C ALA B 14 -5.06 -1.70 -2.23
N GLY B 15 -5.30 -0.46 -1.80
CA GLY B 15 -4.28 0.57 -1.88
C GLY B 15 -3.11 0.27 -0.98
N LEU B 16 -3.40 -0.33 0.17
CA LEU B 16 -2.34 -0.69 1.13
C LEU B 16 -1.33 -1.63 0.48
N LEU B 17 -1.82 -2.75 -0.04
CA LEU B 17 -0.96 -3.73 -0.69
C LEU B 17 -0.41 -3.20 -2.00
N GLN B 18 -1.11 -2.22 -2.57
CA GLN B 18 -0.69 -1.62 -3.83
C GLN B 18 0.45 -0.64 -3.59
N MET B 19 0.49 -0.08 -2.38
CA MET B 19 1.53 0.87 -2.00
C MET B 19 2.79 0.14 -1.54
N SER B 20 2.59 -0.99 -0.86
CA SER B 20 3.70 -1.79 -0.37
C SER B 20 3.68 -3.19 -0.98
N GLN B 21 4.43 -3.36 -2.07
CA GLN B 21 4.49 -4.66 -2.74
C GLN B 21 5.92 -4.98 -3.17
N GLY B 22 6.54 -4.05 -3.90
CA GLY B 22 7.90 -4.24 -4.35
C GLY B 22 8.50 -2.99 -4.97
N GLU B 23 7.69 -2.29 -5.77
CA GLU B 23 8.12 -1.06 -6.42
C GLU B 23 9.26 -1.34 -7.40
N GLN B 24 9.57 -2.61 -7.62
CA GLN B 24 10.64 -2.99 -8.53
C GLN B 24 10.49 -4.44 -9.02
N THR B 25 11.14 -5.37 -8.31
CA THR B 25 11.08 -6.77 -8.68
C THR B 25 10.41 -7.67 -7.62
N PRO B 26 10.44 -7.31 -6.31
CA PRO B 26 9.83 -8.15 -5.27
C PRO B 26 8.44 -8.66 -5.64
N ASN B 27 7.50 -7.74 -5.88
CA ASN B 27 6.14 -8.12 -6.24
C ASN B 27 5.54 -7.12 -7.21
N CYS B 28 6.27 -6.04 -7.49
CA CYS B 28 5.79 -5.00 -8.39
C CYS B 28 5.35 -5.61 -9.72
N VAL B 29 6.31 -6.09 -10.50
CA VAL B 29 6.01 -6.68 -11.81
C VAL B 29 6.86 -7.93 -12.04
N ALA B 30 7.83 -8.16 -11.15
CA ALA B 30 8.72 -9.31 -11.26
C ALA B 30 9.49 -9.30 -12.57
N SER B 31 10.75 -8.85 -12.50
CA SER B 31 11.60 -8.77 -13.68
C SER B 31 13.01 -9.29 -13.37
N SER B 32 13.82 -9.42 -14.41
CA SER B 32 15.20 -9.90 -14.25
C SER B 32 16.19 -8.89 -14.81
N LEU B 33 15.68 -7.93 -15.57
CA LEU B 33 16.51 -6.88 -16.16
C LEU B 33 17.17 -6.01 -15.08
N PRO B 34 16.39 -5.51 -14.09
CA PRO B 34 16.94 -4.67 -13.03
C PRO B 34 17.66 -5.48 -11.95
N SER B 35 18.07 -6.70 -12.32
CA SER B 35 18.79 -7.58 -11.40
C SER B 35 17.90 -7.98 -10.23
N THR B 36 17.63 -9.28 -10.11
CA THR B 36 16.79 -9.80 -9.05
C THR B 36 17.57 -9.86 -7.72
N SER B 37 18.64 -10.64 -7.71
CA SER B 37 19.47 -10.77 -6.52
C SER B 37 20.93 -11.02 -6.88
N CYS B 38 21.24 -10.89 -8.16
CA CYS B 38 22.59 -11.09 -8.65
C CYS B 38 23.05 -9.93 -9.54
N PRO B 39 23.40 -8.79 -8.93
CA PRO B 39 23.85 -7.60 -9.67
C PRO B 39 25.34 -7.65 -10.02
N ASP B 40 26.11 -8.35 -9.20
CA ASP B 40 27.55 -8.46 -9.41
C ASP B 40 27.86 -9.07 -10.79
N PRO B 41 27.26 -10.23 -11.14
CA PRO B 41 27.50 -10.87 -12.43
C PRO B 41 26.79 -10.15 -13.57
N VAL B 42 27.24 -10.41 -14.80
CA VAL B 42 26.65 -9.79 -15.97
C VAL B 42 26.53 -10.77 -17.13
N SER B 43 27.67 -11.32 -17.55
CA SER B 43 27.69 -12.28 -18.64
C SER B 43 29.08 -12.86 -18.82
N VAL B 44 30.07 -12.20 -18.23
CA VAL B 44 31.46 -12.64 -18.31
C VAL B 44 31.94 -12.66 -19.76
N SER B 45 32.75 -11.66 -20.12
CA SER B 45 33.27 -11.56 -21.48
C SER B 45 34.54 -12.40 -21.64
N GLU B 46 35.61 -12.01 -20.94
CA GLU B 46 36.87 -12.72 -21.02
C GLU B 46 37.31 -13.22 -19.64
N ASP B 47 36.35 -13.28 -18.71
CA ASP B 47 36.62 -13.73 -17.35
C ASP B 47 37.54 -12.75 -16.61
N PRO B 48 37.27 -12.49 -15.32
CA PRO B 48 38.09 -11.57 -14.51
C PRO B 48 39.56 -12.01 -14.46
N GLY B 49 40.45 -11.08 -14.79
CA GLY B 49 41.87 -11.38 -14.77
C GLY B 49 42.74 -10.15 -14.89
N PRO B 50 42.97 -9.65 -16.13
CA PRO B 50 43.80 -8.46 -16.34
C PRO B 50 43.21 -7.21 -15.72
N SER B 51 42.03 -6.81 -16.18
CA SER B 51 41.36 -5.62 -15.66
C SER B 51 39.85 -5.68 -15.93
N GLY B 52 39.11 -4.83 -15.24
CA GLY B 52 37.67 -4.79 -15.41
C GLY B 52 37.07 -3.44 -15.03
N ASP B 53 36.40 -2.81 -15.98
CA ASP B 53 35.77 -1.50 -15.74
C ASP B 53 34.33 -1.66 -15.29
N GLN B 54 33.51 -2.31 -16.11
CA GLN B 54 32.10 -2.52 -15.78
C GLN B 54 31.73 -3.99 -15.88
N SER B 55 32.56 -4.77 -16.56
CA SER B 55 32.32 -6.19 -16.73
C SER B 55 33.20 -7.02 -15.81
N CYS B 56 33.03 -8.34 -15.86
CA CYS B 56 33.80 -9.27 -15.03
C CYS B 56 33.94 -8.76 -13.60
N SER B 57 34.97 -9.24 -12.90
CA SER B 57 35.21 -8.83 -11.51
C SER B 57 36.46 -7.97 -11.40
N GLY B 58 37.55 -8.45 -11.99
CA GLY B 58 38.80 -7.71 -11.93
C GLY B 58 39.50 -7.83 -10.60
N THR B 59 40.82 -8.02 -10.64
CA THR B 59 41.60 -8.17 -9.42
C THR B 59 42.39 -6.89 -9.10
N ASP B 60 42.01 -5.80 -9.76
CA ASP B 60 42.68 -4.51 -9.55
C ASP B 60 41.98 -3.73 -8.43
N THR B 61 40.80 -4.18 -8.05
CA THR B 61 40.03 -3.52 -7.01
C THR B 61 40.77 -3.56 -5.67
#